data_6O3H
#
_entry.id   6O3H
#
_cell.length_a   1
_cell.length_b   1
_cell.length_c   1
_cell.angle_alpha   90
_cell.angle_beta   90
_cell.angle_gamma   90
#
_symmetry.space_group_name_H-M   'P 1'
#
loop_
_entity.id
_entity.type
_entity.pdbx_description
1 polymer 'Major head protein'
2 polymer 'P74-26 Head Decoration Protein'
#
loop_
_entity_poly.entity_id
_entity_poly.type
_entity_poly.pdbx_seq_one_letter_code
_entity_poly.pdbx_strand_id
1 'polypeptide(L)'
;MRVPININNALARVRDPLSIGGLKFPTTKEIQEAVAAIADKFNQENDLVDRFFPEDSTFASELELYLLRTQDAEQTGMTF
VHQVGSTSLPVEARVAKVDLAKATWSPLAFKESRVWDEKEILYLGRLADEVQAGVINEQIAESLTWLMARMRNRRRWLTW
QVMRTGRITIQPNDPYNPNGLKYVIDYGVTDIELPLPQKFDAKDGNGNSAVDPIQYFRDLIKAATYFPDRRPVAIIVGPG
FDEVLADNTFVQKYVEYEKGWVVGQNTVQPPREVYRQAALDIFKRYTGLEVMVYDKTYRDQDGSVKYWIPVGELIVLNQS
TGPVGRFVYTAHVAGQRNGKVVYATGPYLTVKDHLQDDPPYYAIIAGFHGLPQLSGYNTEDFSFHRFKWLKYANNVQSYL
PPFPPKVEL
;
A,B,C,D,E,F,G
2 'polypeptide(L)'
;MDKIQLFRTIGRVQYWERVPRLHAYGVFALPFPMDPDVEWGNWFAGPHPKAFLVSVHPSGPKAGHVYPTDLSDPDSVANV
IGMVLDGHDYEADHNVTVTLRAAVPIEYVQQGIEAPPLQPDPAVLNAAPQLKLKVIKGHYFFDYTR
;
H,I,J,K,L,M,N
#
# COMPACT_ATOMS: atom_id res chain seq x y z
N MET A 1 48.71 50.86 41.38
CA MET A 1 49.11 52.15 40.88
C MET A 1 48.29 52.51 39.65
N ARG A 2 47.41 53.48 39.79
CA ARG A 2 46.73 54.06 38.64
C ARG A 2 47.31 55.41 38.31
N VAL A 3 47.03 55.88 37.10
CA VAL A 3 47.50 57.21 36.70
C VAL A 3 46.66 58.27 37.41
N PRO A 4 47.30 59.24 38.09
CA PRO A 4 46.51 60.27 38.79
C PRO A 4 45.93 61.31 37.85
N ILE A 5 44.76 61.03 37.27
CA ILE A 5 44.06 61.98 36.42
C ILE A 5 42.63 62.15 36.92
N ASN A 6 41.98 63.18 36.40
CA ASN A 6 40.54 63.35 36.54
C ASN A 6 39.91 62.94 35.22
N ILE A 7 38.93 62.04 35.29
CA ILE A 7 38.43 61.38 34.09
C ILE A 7 37.59 62.32 33.24
N ASN A 8 36.54 62.89 33.85
CA ASN A 8 35.62 63.75 33.11
C ASN A 8 36.28 65.04 32.67
N ASN A 9 37.21 65.56 33.46
CA ASN A 9 37.87 66.81 33.13
C ASN A 9 38.86 66.66 31.98
N ALA A 10 39.34 65.44 31.73
CA ALA A 10 40.30 65.23 30.65
C ALA A 10 39.64 64.98 29.31
N LEU A 11 38.44 64.39 29.30
CA LEU A 11 37.68 64.25 28.06
C LEU A 11 37.24 65.61 27.53
N ALA A 12 36.85 66.50 28.43
CA ALA A 12 36.41 67.84 28.05
C ALA A 12 37.55 68.80 27.83
N ARG A 13 38.79 68.32 27.70
CA ARG A 13 39.94 69.19 27.55
C ARG A 13 40.85 68.79 26.39
N VAL A 14 40.84 67.54 25.95
CA VAL A 14 41.63 67.15 24.77
C VAL A 14 40.71 67.40 23.58
N ARG A 15 40.63 68.67 23.20
CA ARG A 15 39.79 69.20 22.13
C ARG A 15 40.42 70.54 21.78
N ASP A 16 40.91 70.69 20.55
CA ASP A 16 41.65 71.90 20.19
C ASP A 16 40.70 73.09 20.08
N PRO A 17 40.87 74.12 20.90
CA PRO A 17 39.87 75.18 20.95
C PRO A 17 40.09 76.28 19.91
N LEU A 18 41.31 76.41 19.41
CA LEU A 18 41.70 77.50 18.53
C LEU A 18 42.33 76.97 17.24
N SER A 19 41.75 75.91 16.69
CA SER A 19 42.26 75.31 15.47
C SER A 19 41.17 75.30 14.41
N ILE A 20 41.57 75.60 13.17
CA ILE A 20 40.69 75.53 12.01
C ILE A 20 41.38 74.68 10.96
N GLY A 21 40.56 74.11 10.07
CA GLY A 21 41.03 73.16 9.08
C GLY A 21 41.26 73.79 7.72
N GLY A 22 41.18 72.95 6.68
CA GLY A 22 41.32 73.44 5.31
C GLY A 22 40.16 74.33 4.92
N LEU A 23 38.95 73.96 5.33
CA LEU A 23 37.84 74.92 5.39
C LEU A 23 38.21 75.96 6.43
N LYS A 24 38.42 77.20 6.00
CA LYS A 24 39.16 78.18 6.79
C LYS A 24 38.33 78.86 7.87
N PHE A 25 37.18 78.29 8.23
CA PHE A 25 36.29 78.79 9.26
C PHE A 25 35.94 77.62 10.17
N PRO A 26 35.51 77.88 11.41
CA PRO A 26 35.09 76.77 12.28
C PRO A 26 33.79 76.15 11.82
N THR A 27 33.72 74.83 11.92
CA THR A 27 32.66 74.04 11.34
C THR A 27 31.80 73.39 12.42
N THR A 28 30.61 72.97 12.00
CA THR A 28 29.69 72.25 12.87
C THR A 28 30.16 70.81 13.07
N LYS A 29 29.91 70.27 14.26
CA LYS A 29 30.32 68.91 14.58
C LYS A 29 29.53 68.41 15.77
N GLU A 30 29.69 67.11 16.04
CA GLU A 30 29.03 66.43 17.14
C GLU A 30 30.04 65.47 17.75
N ILE A 31 30.13 65.46 19.08
CA ILE A 31 31.21 64.78 19.79
C ILE A 31 30.63 63.87 20.85
N GLN A 32 31.07 62.61 20.88
CA GLN A 32 30.72 61.65 21.91
C GLN A 32 32.00 61.12 22.56
N GLU A 33 31.99 61.03 23.89
CA GLU A 33 33.12 60.50 24.64
C GLU A 33 32.74 59.21 25.34
N ALA A 34 33.71 58.33 25.51
CA ALA A 34 33.52 57.08 26.24
C ALA A 34 34.78 56.76 27.03
N VAL A 35 34.59 56.07 28.15
CA VAL A 35 35.67 55.72 29.06
C VAL A 35 35.78 54.20 29.11
N ALA A 36 37.01 53.69 28.98
CA ALA A 36 37.28 52.27 29.08
C ALA A 36 38.34 52.01 30.13
N ALA A 37 38.29 50.83 30.75
CA ALA A 37 39.24 50.42 31.79
C ALA A 37 39.83 49.09 31.37
N ILE A 38 41.09 49.11 30.94
CA ILE A 38 41.75 47.91 30.43
C ILE A 38 42.40 47.15 31.58
N ALA A 39 42.03 45.89 31.72
CA ALA A 39 42.64 44.99 32.68
C ALA A 39 42.94 43.68 31.99
N ASP A 40 43.69 42.82 32.67
CA ASP A 40 43.94 41.46 32.21
C ASP A 40 43.10 40.54 33.09
N LYS A 41 42.00 40.04 32.52
CA LYS A 41 41.12 39.14 33.25
C LYS A 41 41.73 37.75 33.38
N PHE A 42 42.64 37.39 32.48
CA PHE A 42 43.14 36.03 32.38
C PHE A 42 44.49 35.85 33.05
N ASN A 43 44.72 36.56 34.14
CA ASN A 43 45.91 36.38 34.97
C ASN A 43 45.40 36.36 36.41
N GLN A 44 45.04 35.18 36.87
CA GLN A 44 44.41 35.00 38.17
C GLN A 44 45.39 34.38 39.16
N GLU A 45 45.00 34.39 40.43
CA GLU A 45 45.87 33.96 41.51
C GLU A 45 45.59 32.51 41.90
N ASN A 46 46.66 31.75 42.13
CA ASN A 46 46.60 30.33 42.40
C ASN A 46 46.10 30.10 43.83
N ASP A 47 44.79 30.18 44.01
CA ASP A 47 44.17 29.97 45.32
C ASP A 47 43.82 28.52 45.59
N LEU A 48 44.34 27.59 44.78
CA LEU A 48 44.05 26.18 44.99
C LEU A 48 44.71 25.65 46.24
N VAL A 49 45.97 26.01 46.46
CA VAL A 49 46.80 25.25 47.37
C VAL A 49 46.81 26.02 48.69
N ASP A 50 45.96 27.03 48.78
CA ASP A 50 45.69 27.69 50.04
C ASP A 50 44.97 26.75 50.99
N ARG A 51 44.06 25.93 50.47
CA ARG A 51 43.35 24.97 51.31
C ARG A 51 44.13 23.68 51.53
N PHE A 52 45.16 23.41 50.72
CA PHE A 52 45.93 22.19 50.92
C PHE A 52 46.87 22.26 52.11
N PHE A 53 47.02 23.43 52.74
CA PHE A 53 47.41 23.58 54.15
C PHE A 53 47.18 24.98 54.68
N PRO A 54 46.68 25.10 55.90
CA PRO A 54 46.56 26.40 56.54
C PRO A 54 47.92 26.87 57.06
N GLU A 55 47.89 28.01 57.73
CA GLU A 55 49.09 28.64 58.26
C GLU A 55 49.17 28.42 59.77
N ASP A 56 50.39 28.38 60.28
CA ASP A 56 50.63 28.17 61.70
C ASP A 56 51.83 29.00 62.18
N SER A 57 51.92 29.14 63.49
CA SER A 57 52.94 29.94 64.14
C SER A 57 53.57 29.14 65.26
N THR A 58 54.85 29.40 65.54
CA THR A 58 55.58 28.58 66.49
C THR A 58 56.42 29.34 67.52
N PHE A 59 56.82 30.59 67.27
CA PHE A 59 57.73 31.40 68.09
C PHE A 59 59.08 30.74 68.34
N ALA A 60 59.49 29.77 67.53
CA ALA A 60 60.79 29.14 67.63
C ALA A 60 61.51 29.29 66.31
N SER A 61 62.71 28.73 66.22
CA SER A 61 63.50 28.85 65.01
C SER A 61 63.84 27.52 64.36
N GLU A 62 63.63 26.40 65.05
CA GLU A 62 63.86 25.07 64.52
C GLU A 62 62.83 24.13 65.11
N LEU A 63 62.46 23.13 64.32
CA LEU A 63 61.54 22.09 64.76
C LEU A 63 62.18 20.74 64.50
N GLU A 64 62.16 19.86 65.50
CA GLU A 64 62.74 18.54 65.40
C GLU A 64 61.70 17.47 65.72
N LEU A 65 61.81 16.35 65.04
CA LEU A 65 60.89 15.23 65.21
C LEU A 65 61.69 13.98 65.62
N TYR A 66 61.14 13.24 66.56
CA TYR A 66 61.71 11.97 66.99
C TYR A 66 60.68 10.86 66.87
N LEU A 67 61.12 9.73 66.33
CA LEU A 67 60.27 8.56 66.14
C LEU A 67 60.96 7.36 66.78
N LEU A 68 60.22 6.59 67.57
CA LEU A 68 60.72 5.38 68.21
C LEU A 68 59.90 4.19 67.72
N ARG A 69 60.57 3.20 67.15
CA ARG A 69 59.91 2.04 66.59
C ARG A 69 60.30 0.78 67.35
N THR A 70 59.32 -0.08 67.62
CA THR A 70 59.54 -1.32 68.34
C THR A 70 59.12 -2.50 67.46
N GLN A 71 59.83 -3.62 67.63
CA GLN A 71 59.53 -4.84 66.88
C GLN A 71 59.69 -6.03 67.83
N ASP A 72 58.58 -6.62 68.24
CA ASP A 72 58.62 -7.77 69.13
C ASP A 72 58.95 -9.03 68.36
N ALA A 73 59.10 -10.13 69.09
CA ALA A 73 59.29 -11.44 68.48
C ALA A 73 57.96 -12.18 68.44
N GLU A 74 57.76 -12.97 67.39
CA GLU A 74 56.51 -13.66 67.19
C GLU A 74 56.49 -14.98 67.96
N GLN A 75 55.29 -15.38 68.39
CA GLN A 75 55.11 -16.66 69.07
C GLN A 75 54.90 -17.75 68.02
N THR A 76 56.00 -18.20 67.44
CA THR A 76 56.01 -19.20 66.37
C THR A 76 56.78 -20.42 66.81
N GLY A 77 57.12 -21.27 65.85
CA GLY A 77 58.10 -22.29 66.16
C GLY A 77 57.64 -23.63 66.70
N MET A 78 56.99 -24.46 65.88
CA MET A 78 55.94 -25.41 66.20
C MET A 78 56.00 -26.15 67.55
N THR A 79 56.83 -27.21 67.69
CA THR A 79 57.09 -27.99 68.91
C THR A 79 58.11 -29.07 68.53
N PHE A 80 58.98 -29.51 69.44
CA PHE A 80 59.91 -30.60 69.14
C PHE A 80 59.23 -31.94 69.40
N VAL A 81 59.63 -32.96 68.63
CA VAL A 81 58.99 -34.27 68.63
C VAL A 81 59.70 -35.17 69.64
N HIS A 82 58.93 -35.99 70.37
CA HIS A 82 59.46 -36.79 71.47
C HIS A 82 59.12 -38.27 71.27
N GLN A 83 59.84 -39.11 72.00
CA GLN A 83 59.45 -40.49 72.27
C GLN A 83 59.29 -40.62 73.79
N VAL A 84 58.41 -41.54 74.20
CA VAL A 84 57.81 -41.51 75.54
C VAL A 84 58.86 -41.71 76.64
N GLY A 85 59.82 -42.60 76.44
CA GLY A 85 60.75 -42.88 77.51
C GLY A 85 62.09 -42.17 77.45
N SER A 86 62.11 -40.88 77.08
CA SER A 86 63.37 -40.15 76.98
C SER A 86 63.20 -38.75 77.55
N THR A 87 64.26 -37.97 77.46
CA THR A 87 64.32 -36.63 78.03
C THR A 87 63.99 -35.57 76.98
N SER A 88 63.69 -34.36 77.45
CA SER A 88 63.29 -33.27 76.57
C SER A 88 64.51 -32.63 75.91
N LEU A 89 64.26 -31.58 75.14
CA LEU A 89 65.28 -30.84 74.40
C LEU A 89 65.01 -29.35 74.53
N PRO A 90 66.03 -28.50 74.44
CA PRO A 90 65.83 -27.07 74.66
C PRO A 90 65.31 -26.35 73.42
N VAL A 91 64.75 -25.18 73.68
CA VAL A 91 64.09 -24.34 72.68
C VAL A 91 65.05 -23.24 72.23
N GLU A 92 65.04 -22.91 70.94
CA GLU A 92 65.91 -21.90 70.34
C GLU A 92 65.70 -20.50 70.94
N ALA A 93 66.60 -19.59 70.57
CA ALA A 93 66.58 -18.21 71.03
C ALA A 93 65.92 -17.30 70.00
N ARG A 94 65.10 -16.38 70.48
CA ARG A 94 64.42 -15.40 69.64
C ARG A 94 65.12 -14.05 69.74
N VAL A 95 64.55 -13.05 69.06
CA VAL A 95 65.15 -11.71 69.01
C VAL A 95 64.05 -10.67 68.91
N ALA A 96 64.18 -9.60 69.70
CA ALA A 96 63.38 -8.40 69.58
C ALA A 96 64.31 -7.21 69.39
N LYS A 97 63.77 -6.12 68.84
CA LYS A 97 64.65 -5.01 68.49
C LYS A 97 63.87 -3.70 68.42
N VAL A 98 64.58 -2.60 68.70
CA VAL A 98 64.03 -1.25 68.63
C VAL A 98 65.01 -0.33 67.89
N ASP A 99 64.46 0.62 67.14
CA ASP A 99 65.21 1.67 66.47
C ASP A 99 64.62 3.02 66.83
N LEU A 100 65.36 4.09 66.52
CA LEU A 100 64.84 5.43 66.69
C LEU A 100 65.48 6.38 65.68
N ALA A 101 64.70 7.36 65.23
CA ALA A 101 65.09 8.23 64.14
C ALA A 101 64.76 9.69 64.44
N LYS A 102 65.32 10.58 63.62
CA LYS A 102 65.27 12.02 63.85
C LYS A 102 65.18 12.77 62.53
N ALA A 103 64.36 13.82 62.51
CA ALA A 103 64.30 14.77 61.40
C ALA A 103 64.22 16.19 61.95
N THR A 104 64.67 17.16 61.16
CA THR A 104 64.73 18.57 61.57
C THR A 104 63.95 19.45 60.59
N TRP A 105 64.00 20.76 60.83
CA TRP A 105 63.29 21.77 60.05
C TRP A 105 63.83 23.16 60.41
N SER A 106 63.89 24.06 59.43
CA SER A 106 64.32 25.44 59.66
C SER A 106 63.83 26.34 58.55
N PRO A 107 63.32 27.54 58.86
CA PRO A 107 62.61 28.34 57.87
C PRO A 107 63.52 29.27 57.06
N LEU A 108 62.93 29.86 56.02
CA LEU A 108 63.56 30.88 55.20
C LEU A 108 63.21 32.27 55.69
N ALA A 109 63.80 33.28 55.04
CA ALA A 109 63.62 34.67 55.42
C ALA A 109 63.56 35.53 54.18
N PHE A 110 62.63 36.48 54.17
CA PHE A 110 62.53 37.44 53.07
C PHE A 110 61.89 38.73 53.55
N LYS A 111 62.52 39.85 53.23
CA LYS A 111 61.93 41.16 53.46
C LYS A 111 62.47 42.15 52.44
N GLU A 112 61.79 43.30 52.36
CA GLU A 112 62.07 44.32 51.35
C GLU A 112 61.61 45.68 51.85
N SER A 113 61.94 46.71 51.08
CA SER A 113 61.70 48.08 51.52
C SER A 113 61.43 48.99 50.32
N ARG A 114 60.92 50.19 50.62
CA ARG A 114 60.63 51.22 49.63
C ARG A 114 60.63 52.57 50.33
N VAL A 115 61.09 53.61 49.61
CA VAL A 115 61.28 54.92 50.18
C VAL A 115 60.75 56.00 49.22
N TRP A 116 60.20 57.07 49.79
CA TRP A 116 59.71 58.22 49.03
C TRP A 116 60.49 59.46 49.44
N ASP A 117 61.16 60.10 48.49
CA ASP A 117 62.00 61.26 48.75
C ASP A 117 61.17 62.56 48.78
N GLU A 118 61.87 63.67 49.05
CA GLU A 118 61.23 64.92 49.43
C GLU A 118 60.54 65.63 48.27
N LYS A 119 61.04 65.46 47.05
CA LYS A 119 60.43 66.12 45.89
C LYS A 119 59.01 65.65 45.64
N GLU A 120 58.83 64.34 45.47
CA GLU A 120 57.55 63.82 45.03
C GLU A 120 56.48 63.84 46.12
N ILE A 121 56.83 64.10 47.38
CA ILE A 121 55.83 64.13 48.44
C ILE A 121 54.92 65.35 48.32
N LEU A 122 55.43 66.46 47.76
CA LEU A 122 54.58 67.63 47.57
C LEU A 122 54.61 68.22 46.17
N TYR A 123 55.29 67.60 45.21
CA TYR A 123 55.30 68.07 43.83
C TYR A 123 54.54 67.15 42.88
N LEU A 124 53.42 66.58 43.32
CA LEU A 124 52.57 65.90 42.36
C LEU A 124 51.12 66.01 42.77
N GLY A 125 50.27 66.24 41.77
CA GLY A 125 48.83 66.27 41.91
C GLY A 125 48.20 65.41 40.84
N ARG A 126 47.04 65.85 40.36
CA ARG A 126 46.38 65.19 39.25
C ARG A 126 47.00 65.67 37.94
N LEU A 127 46.36 65.34 36.84
CA LEU A 127 46.83 65.79 35.54
C LEU A 127 45.81 66.64 34.80
N ALA A 128 44.52 66.46 35.05
CA ALA A 128 43.52 67.35 34.47
C ALA A 128 43.37 68.61 35.31
N ASP A 129 42.91 68.47 36.56
CA ASP A 129 42.69 69.61 37.42
C ASP A 129 43.92 69.87 38.30
N GLU A 130 43.77 70.71 39.31
CA GLU A 130 44.82 71.04 40.25
C GLU A 130 44.41 70.63 41.66
N VAL A 131 45.40 70.15 42.44
CA VAL A 131 45.18 69.57 43.76
C VAL A 131 46.26 70.13 44.69
N GLN A 132 45.86 70.43 45.93
CA GLN A 132 46.73 70.99 46.96
C GLN A 132 47.58 69.95 47.68
N ALA A 133 48.32 69.13 46.91
CA ALA A 133 49.40 68.26 47.40
C ALA A 133 48.93 67.24 48.44
N GLY A 134 48.04 66.34 48.02
CA GLY A 134 47.59 65.29 48.91
C GLY A 134 47.42 63.95 48.22
N VAL A 135 48.04 63.81 47.05
CA VAL A 135 47.92 62.59 46.27
C VAL A 135 48.87 61.51 46.79
N ILE A 136 49.92 61.90 47.50
CA ILE A 136 50.85 60.93 48.09
C ILE A 136 50.19 60.10 49.17
N ASN A 137 49.25 60.69 49.92
CA ASN A 137 48.49 59.92 50.90
C ASN A 137 47.59 58.88 50.25
N GLU A 138 47.22 59.08 48.99
CA GLU A 138 46.51 58.07 48.22
C GLU A 138 47.45 57.02 47.66
N GLN A 139 48.62 57.45 47.17
CA GLN A 139 49.53 56.54 46.47
C GLN A 139 50.34 55.68 47.42
N ILE A 140 50.61 56.17 48.64
CA ILE A 140 51.27 55.33 49.63
C ILE A 140 50.34 54.23 50.09
N ALA A 141 49.07 54.55 50.32
CA ALA A 141 48.11 53.58 50.84
C ALA A 141 47.81 52.46 49.84
N GLU A 142 48.04 52.67 48.55
CA GLU A 142 47.98 51.56 47.61
C GLU A 142 49.23 50.72 47.70
N SER A 143 50.39 51.36 47.71
CA SER A 143 51.66 50.65 47.81
C SER A 143 51.82 49.97 49.16
N LEU A 144 51.11 50.44 50.18
CA LEU A 144 51.06 49.74 51.45
C LEU A 144 50.28 48.45 51.33
N THR A 145 49.18 48.48 50.57
CA THR A 145 48.40 47.28 50.29
C THR A 145 49.14 46.35 49.33
N TRP A 146 49.96 46.92 48.45
CA TRP A 146 50.71 46.12 47.49
C TRP A 146 51.76 45.26 48.18
N LEU A 147 52.42 45.78 49.22
CA LEU A 147 53.45 45.03 49.92
C LEU A 147 52.87 43.84 50.67
N MET A 148 51.63 43.93 51.12
CA MET A 148 50.95 42.76 51.67
C MET A 148 50.67 41.73 50.59
N ALA A 149 50.37 42.18 49.37
CA ALA A 149 50.12 41.26 48.27
C ALA A 149 51.39 40.59 47.78
N ARG A 150 52.56 41.18 48.04
CA ARG A 150 53.83 40.55 47.72
C ARG A 150 54.04 39.29 48.53
N MET A 151 53.82 39.40 49.84
CA MET A 151 54.10 38.29 50.75
C MET A 151 53.08 37.17 50.59
N ARG A 152 51.83 37.54 50.33
CA ARG A 152 50.80 36.56 49.98
C ARG A 152 51.13 35.86 48.68
N ASN A 153 51.77 36.56 47.75
CA ASN A 153 52.21 35.94 46.51
C ASN A 153 53.46 35.08 46.73
N ARG A 154 54.32 35.47 47.66
CA ARG A 154 55.55 34.72 47.92
C ARG A 154 55.25 33.43 48.66
N ARG A 155 54.26 33.45 49.55
CA ARG A 155 53.83 32.23 50.23
C ARG A 155 53.29 31.20 49.24
N ARG A 156 52.49 31.65 48.28
CA ARG A 156 51.92 30.74 47.29
C ARG A 156 52.98 30.16 46.36
N TRP A 157 54.05 30.91 46.09
CA TRP A 157 55.07 30.44 45.17
C TRP A 157 55.87 29.29 45.77
N LEU A 158 56.22 29.39 47.05
CA LEU A 158 56.90 28.31 47.73
C LEU A 158 55.98 27.11 47.91
N THR A 159 54.71 27.38 48.19
CA THR A 159 53.69 26.35 48.35
C THR A 159 53.47 25.57 47.06
N TRP A 160 53.35 26.25 45.93
CA TRP A 160 53.19 25.54 44.65
C TRP A 160 54.48 24.87 44.22
N GLN A 161 55.62 25.36 44.70
CA GLN A 161 56.90 24.74 44.35
C GLN A 161 57.05 23.38 45.03
N VAL A 162 56.48 23.22 46.23
CA VAL A 162 56.44 21.92 46.88
C VAL A 162 55.42 21.02 46.20
N MET A 163 54.24 21.57 45.88
CA MET A 163 53.14 20.81 45.33
C MET A 163 53.45 20.26 43.95
N ARG A 164 54.31 20.93 43.20
CA ARG A 164 54.64 20.57 41.83
C ARG A 164 55.87 19.68 41.72
N THR A 165 56.90 19.95 42.52
CA THR A 165 58.14 19.19 42.47
C THR A 165 58.59 18.56 43.77
N GLY A 166 58.09 19.02 44.92
CA GLY A 166 58.65 18.58 46.18
C GLY A 166 60.03 19.11 46.46
N ARG A 167 60.43 20.18 45.78
CA ARG A 167 61.80 20.67 45.75
C ARG A 167 61.71 22.18 45.71
N ILE A 168 62.12 22.87 46.77
CA ILE A 168 62.33 24.32 46.69
C ILE A 168 63.71 24.55 46.10
N THR A 169 63.77 25.18 44.93
CA THR A 169 65.03 25.52 44.30
C THR A 169 65.07 27.02 44.06
N ILE A 170 66.04 27.69 44.69
CA ILE A 170 66.27 29.11 44.48
C ILE A 170 67.69 29.29 43.97
N GLN A 171 67.82 29.97 42.84
CA GLN A 171 69.08 30.19 42.14
C GLN A 171 69.43 31.68 42.18
N PRO A 172 70.69 32.07 41.90
CA PRO A 172 71.02 33.50 41.91
C PRO A 172 70.40 34.26 40.75
N ASN A 173 70.54 33.72 39.53
CA ASN A 173 69.93 34.31 38.35
C ASN A 173 68.46 33.95 38.36
N ASP A 174 67.66 34.77 39.03
CA ASP A 174 66.28 34.42 39.32
C ASP A 174 65.50 35.70 39.50
N PRO A 175 64.23 35.72 39.12
CA PRO A 175 63.39 36.89 39.44
C PRO A 175 63.20 37.01 40.94
N TYR A 176 63.40 38.24 41.43
CA TYR A 176 63.20 38.66 42.82
C TYR A 176 64.13 37.95 43.78
N ASN A 177 65.35 37.66 43.31
CA ASN A 177 66.48 37.28 44.14
C ASN A 177 67.66 38.17 43.75
N PRO A 178 67.65 39.44 44.16
CA PRO A 178 68.76 40.33 43.80
C PRO A 178 70.01 40.05 44.60
N ASN A 179 69.86 39.43 45.76
CA ASN A 179 70.98 39.22 46.64
C ASN A 179 71.80 38.01 46.24
N GLY A 180 71.27 37.17 45.37
CA GLY A 180 72.02 36.09 44.75
C GLY A 180 72.19 34.87 45.63
N LEU A 181 71.12 34.44 46.27
CA LEU A 181 71.21 33.39 47.27
C LEU A 181 71.03 32.02 46.64
N LYS A 182 71.19 30.98 47.45
CA LYS A 182 71.21 29.59 47.00
C LYS A 182 70.45 28.74 47.99
N TYR A 183 69.36 28.13 47.54
CA TYR A 183 68.68 27.13 48.34
C TYR A 183 68.21 26.01 47.43
N VAL A 184 68.49 24.77 47.85
CA VAL A 184 67.95 23.57 47.22
C VAL A 184 67.38 22.75 48.36
N ILE A 185 66.07 22.83 48.55
CA ILE A 185 65.41 22.22 49.71
C ILE A 185 64.63 21.01 49.21
N ASP A 186 65.14 19.82 49.46
CA ASP A 186 64.57 18.59 48.94
C ASP A 186 63.65 18.00 50.01
N TYR A 187 62.35 18.00 49.75
CA TYR A 187 61.48 17.32 50.69
C TYR A 187 61.46 15.83 50.36
N GLY A 188 60.88 15.05 51.26
CA GLY A 188 60.93 13.62 51.10
C GLY A 188 59.80 13.01 50.30
N VAL A 189 59.46 13.59 49.16
CA VAL A 189 58.35 13.11 48.35
C VAL A 189 58.85 11.95 47.49
N THR A 190 58.21 10.78 47.65
CA THR A 190 58.62 9.58 46.95
C THR A 190 57.71 9.36 45.75
N ASP A 191 58.32 9.24 44.57
CA ASP A 191 57.68 8.86 43.31
C ASP A 191 56.53 9.81 42.94
N ILE A 192 56.92 11.06 42.68
CA ILE A 192 55.93 12.11 42.44
C ILE A 192 55.25 11.96 41.08
N GLU A 193 55.87 11.25 40.14
CA GLU A 193 55.29 11.07 38.81
C GLU A 193 54.82 9.64 38.62
N LEU A 194 53.57 9.48 38.24
CA LEU A 194 53.05 8.18 37.84
C LEU A 194 53.48 7.86 36.42
N PRO A 195 53.94 6.64 36.14
CA PRO A 195 54.36 6.31 34.77
C PRO A 195 53.18 5.93 33.90
N LEU A 196 53.23 6.38 32.65
CA LEU A 196 52.22 6.10 31.65
C LEU A 196 52.82 6.31 30.27
N PRO A 197 53.42 5.29 29.65
CA PRO A 197 54.16 5.50 28.41
C PRO A 197 53.29 5.73 27.18
N GLN A 198 52.07 5.19 27.15
CA GLN A 198 51.08 5.52 26.15
C GLN A 198 49.93 6.18 26.89
N LYS A 199 49.58 7.40 26.51
CA LYS A 199 48.97 8.24 27.53
C LYS A 199 47.48 7.97 27.74
N PHE A 200 46.60 8.59 26.96
CA PHE A 200 45.24 8.09 26.74
C PHE A 200 44.75 8.33 25.33
N ASP A 201 45.31 9.29 24.60
CA ASP A 201 44.93 9.62 23.24
C ASP A 201 46.02 9.24 22.25
N ALA A 202 46.73 8.15 22.54
CA ALA A 202 47.72 7.64 21.60
C ALA A 202 47.06 7.19 20.31
N LYS A 203 46.06 6.31 20.44
CA LYS A 203 45.19 5.84 19.35
C LYS A 203 46.01 5.19 18.24
N ASP A 204 46.82 4.21 18.65
CA ASP A 204 47.65 3.47 17.71
C ASP A 204 46.78 2.58 16.84
N GLY A 205 47.14 2.46 15.58
CA GLY A 205 46.37 1.66 14.66
C GLY A 205 45.36 2.49 13.90
N ASN A 206 44.15 1.95 13.73
CA ASN A 206 43.17 2.63 12.89
C ASN A 206 42.42 3.71 13.67
N GLY A 207 41.62 3.31 14.65
CA GLY A 207 40.89 4.27 15.45
C GLY A 207 40.83 3.90 16.91
N ASN A 208 41.32 2.71 17.24
CA ASN A 208 41.23 2.21 18.60
C ASN A 208 42.40 2.70 19.43
N SER A 209 42.11 3.14 20.65
CA SER A 209 43.17 3.62 21.52
C SER A 209 43.81 2.45 22.25
N ALA A 210 44.64 2.73 23.24
CA ALA A 210 45.44 1.70 23.88
C ALA A 210 45.18 1.53 25.37
N VAL A 211 44.86 2.60 26.09
CA VAL A 211 44.83 2.57 27.54
C VAL A 211 43.44 2.98 28.01
N ASP A 212 42.85 2.19 28.91
CA ASP A 212 41.56 2.49 29.50
C ASP A 212 41.77 3.25 30.81
N PRO A 213 41.34 4.52 30.91
CA PRO A 213 41.47 5.23 32.19
C PRO A 213 40.59 4.70 33.29
N ILE A 214 39.45 4.11 32.95
CA ILE A 214 38.63 3.47 33.96
C ILE A 214 39.33 2.25 34.51
N GLN A 215 40.07 1.54 33.66
CA GLN A 215 40.84 0.41 34.15
C GLN A 215 42.15 0.82 34.78
N TYR A 216 42.77 1.91 34.29
CA TYR A 216 44.06 2.36 34.83
C TYR A 216 43.91 2.88 36.26
N PHE A 217 42.89 3.70 36.52
CA PHE A 217 42.65 4.20 37.85
C PHE A 217 41.95 3.19 38.75
N ARG A 218 41.51 2.07 38.20
CA ARG A 218 41.07 0.94 39.02
C ARG A 218 42.22 -0.01 39.30
N ASP A 219 43.19 -0.05 38.39
CA ASP A 219 44.43 -0.80 38.62
C ASP A 219 45.21 -0.20 39.79
N LEU A 220 45.17 1.12 39.94
CA LEU A 220 45.88 1.76 41.04
C LEU A 220 45.22 1.46 42.38
N ILE A 221 43.89 1.43 42.42
CA ILE A 221 43.19 1.15 43.67
C ILE A 221 43.38 -0.30 44.07
N LYS A 222 43.47 -1.20 43.08
CA LYS A 222 43.70 -2.61 43.37
C LYS A 222 45.10 -2.86 43.91
N ALA A 223 46.10 -2.16 43.37
CA ALA A 223 47.48 -2.35 43.79
C ALA A 223 47.83 -1.61 45.07
N ALA A 224 46.85 -1.07 45.78
CA ALA A 224 47.07 -0.43 47.07
C ALA A 224 45.96 -0.80 48.04
N THR A 225 45.54 -2.07 48.03
CA THR A 225 44.58 -2.53 49.02
C THR A 225 45.23 -2.78 50.38
N TYR A 226 46.52 -3.06 50.41
CA TYR A 226 47.26 -3.21 51.65
C TYR A 226 48.32 -2.13 51.79
N PHE A 227 48.26 -1.11 50.94
CA PHE A 227 49.01 0.14 51.07
C PHE A 227 47.99 1.24 51.29
N PRO A 228 47.48 1.40 52.52
CA PRO A 228 46.32 2.29 52.73
C PRO A 228 46.63 3.76 52.55
N ASP A 229 47.91 4.16 52.62
CA ASP A 229 48.31 5.54 52.40
C ASP A 229 48.59 5.83 50.93
N ARG A 230 48.20 4.92 50.04
CA ARG A 230 48.70 4.94 48.68
C ARG A 230 47.60 4.76 47.64
N ARG A 231 46.38 4.39 48.07
CA ARG A 231 45.31 4.34 47.08
C ARG A 231 44.78 5.75 46.80
N PRO A 232 44.41 6.04 45.56
CA PRO A 232 43.87 7.37 45.26
C PRO A 232 42.47 7.57 45.80
N VAL A 233 42.17 8.83 46.12
CA VAL A 233 40.87 9.23 46.64
C VAL A 233 40.19 10.25 45.73
N ALA A 234 40.93 11.25 45.26
CA ALA A 234 40.38 12.25 44.36
C ALA A 234 41.44 12.67 43.36
N ILE A 235 40.97 13.31 42.29
CA ILE A 235 41.83 13.80 41.22
C ILE A 235 41.40 15.23 40.90
N ILE A 236 42.37 16.14 40.80
CA ILE A 236 42.11 17.52 40.43
C ILE A 236 42.74 17.77 39.07
N VAL A 237 41.92 18.21 38.11
CA VAL A 237 42.31 18.23 36.70
C VAL A 237 42.16 19.66 36.18
N GLY A 238 42.85 19.95 35.09
CA GLY A 238 42.63 21.17 34.34
C GLY A 238 41.38 21.12 33.50
N PRO A 239 41.31 21.97 32.47
CA PRO A 239 40.06 22.13 31.70
C PRO A 239 39.64 20.96 30.83
N GLY A 240 40.54 20.45 29.98
CA GLY A 240 40.13 19.56 28.90
C GLY A 240 40.22 18.07 29.18
N PHE A 241 39.53 17.60 30.21
CA PHE A 241 39.60 16.19 30.58
C PHE A 241 38.49 15.37 29.95
N ASP A 242 37.32 15.97 29.77
CA ASP A 242 36.19 15.26 29.16
C ASP A 242 36.42 15.02 27.69
N GLU A 243 37.18 15.88 27.03
CA GLU A 243 37.41 15.72 25.60
C GLU A 243 38.43 14.65 25.30
N VAL A 244 39.22 14.25 26.30
CA VAL A 244 40.09 13.09 26.15
C VAL A 244 39.28 11.81 26.34
N LEU A 245 38.34 11.82 27.28
CA LEU A 245 37.55 10.65 27.58
C LEU A 245 36.57 10.32 26.46
N ALA A 246 36.02 11.35 25.80
CA ALA A 246 35.01 11.11 24.79
C ALA A 246 35.57 10.54 23.49
N ASP A 247 36.86 10.62 23.27
CA ASP A 247 37.49 10.14 22.04
C ASP A 247 38.38 8.93 22.30
N ASN A 248 37.96 8.04 23.19
CA ASN A 248 38.87 7.05 23.76
C ASN A 248 38.65 5.64 23.26
N THR A 249 37.44 5.29 22.78
CA THR A 249 37.04 3.99 22.24
C THR A 249 37.08 2.84 23.25
N PHE A 250 37.52 3.09 24.49
CA PHE A 250 37.28 2.21 25.62
C PHE A 250 36.20 2.78 26.52
N VAL A 251 36.30 4.07 26.85
CA VAL A 251 35.33 4.76 27.67
C VAL A 251 34.00 4.86 26.95
N GLN A 252 34.05 4.89 25.62
CA GLN A 252 32.85 4.97 24.79
C GLN A 252 31.97 3.75 24.97
N LYS A 253 32.58 2.58 25.14
CA LYS A 253 31.81 1.36 25.34
C LYS A 253 31.16 1.32 26.71
N TYR A 254 31.72 2.03 27.68
CA TYR A 254 31.05 2.19 28.96
C TYR A 254 29.83 3.09 28.83
N VAL A 255 29.90 4.10 27.97
CA VAL A 255 28.78 5.01 27.77
C VAL A 255 27.66 4.31 27.03
N GLU A 256 28.03 3.52 26.02
CA GLU A 256 27.05 2.74 25.25
C GLU A 256 26.36 1.69 26.10
N TYR A 257 27.08 1.14 27.09
CA TYR A 257 26.50 0.08 27.91
C TYR A 257 25.43 0.61 28.84
N GLU A 258 25.64 1.77 29.45
CA GLU A 258 24.65 2.26 30.41
C GLU A 258 23.45 2.91 29.75
N LYS A 259 23.44 3.05 28.43
CA LYS A 259 22.29 3.59 27.73
C LYS A 259 21.75 2.65 26.66
N GLY A 260 22.34 1.48 26.48
CA GLY A 260 21.84 0.53 25.51
C GLY A 260 22.12 0.90 24.08
N TRP A 261 23.21 1.60 23.82
CA TRP A 261 23.52 2.06 22.48
C TRP A 261 24.37 1.01 21.78
N VAL A 262 23.72 0.02 21.20
CA VAL A 262 24.35 -0.85 20.21
C VAL A 262 24.25 -0.08 18.90
N VAL A 263 25.35 0.02 18.17
CA VAL A 263 25.39 0.94 17.02
C VAL A 263 24.75 0.30 15.79
N GLY A 264 24.86 -1.02 15.65
CA GLY A 264 24.30 -1.69 14.49
C GLY A 264 22.78 -1.68 14.46
N GLN A 265 22.16 -1.75 15.62
CA GLN A 265 20.71 -1.71 15.75
C GLN A 265 20.37 -0.48 16.58
N ASN A 266 19.08 -0.30 16.89
CA ASN A 266 18.57 0.51 18.00
C ASN A 266 18.82 2.03 17.90
N THR A 267 19.81 2.45 17.11
CA THR A 267 20.34 3.80 16.98
C THR A 267 21.39 3.86 15.88
N VAL A 268 21.52 5.00 15.23
CA VAL A 268 22.79 5.37 14.60
C VAL A 268 23.65 5.98 15.69
N GLN A 269 24.97 5.92 15.54
CA GLN A 269 25.86 6.42 16.59
C GLN A 269 25.69 7.92 16.79
N PRO A 270 25.57 8.38 18.03
CA PRO A 270 25.24 9.78 18.28
C PRO A 270 26.45 10.67 18.06
N PRO A 271 26.27 11.98 17.97
CA PRO A 271 27.44 12.88 18.02
C PRO A 271 28.00 12.99 19.43
N ARG A 272 29.06 13.79 19.58
CA ARG A 272 29.80 13.91 20.82
C ARG A 272 29.13 14.79 21.87
N GLU A 273 27.83 15.08 21.74
CA GLU A 273 27.17 15.97 22.71
C GLU A 273 26.89 15.22 24.02
N VAL A 274 25.99 14.24 23.96
CA VAL A 274 25.66 13.45 25.14
C VAL A 274 26.74 12.40 25.37
N TYR A 275 27.47 12.07 24.31
CA TYR A 275 28.58 11.14 24.30
C TYR A 275 29.76 11.64 25.12
N ARG A 276 29.80 12.94 25.41
CA ARG A 276 30.74 13.58 26.31
C ARG A 276 30.05 14.11 27.57
N GLN A 277 28.75 14.39 27.50
CA GLN A 277 28.03 14.95 28.65
C GLN A 277 27.92 13.95 29.79
N ALA A 278 27.96 12.66 29.49
CA ALA A 278 27.91 11.62 30.51
C ALA A 278 29.28 11.00 30.76
N ALA A 279 30.35 11.62 30.27
CA ALA A 279 31.68 11.05 30.44
C ALA A 279 32.23 11.27 31.84
N LEU A 280 31.68 12.24 32.60
CA LEU A 280 32.12 12.43 33.97
C LEU A 280 31.52 11.40 34.91
N ASP A 281 30.20 11.23 34.85
CA ASP A 281 29.52 10.37 35.81
C ASP A 281 29.88 8.90 35.61
N ILE A 282 30.07 8.48 34.36
CA ILE A 282 30.52 7.13 34.10
C ILE A 282 31.99 6.97 34.49
N PHE A 283 32.76 8.05 34.51
CA PHE A 283 34.09 7.98 35.08
C PHE A 283 34.05 7.96 36.60
N LYS A 284 33.13 8.73 37.20
CA LYS A 284 33.08 8.81 38.65
C LYS A 284 32.48 7.55 39.29
N ARG A 285 31.59 6.86 38.59
CA ARG A 285 30.94 5.70 39.19
C ARG A 285 31.79 4.44 39.07
N TYR A 286 32.59 4.31 38.01
CA TYR A 286 33.34 3.10 37.78
C TYR A 286 34.76 3.16 38.31
N THR A 287 35.25 4.33 38.71
CA THR A 287 36.49 4.44 39.46
C THR A 287 36.25 4.76 40.92
N GLY A 288 35.09 5.31 41.27
CA GLY A 288 34.74 5.56 42.65
C GLY A 288 35.40 6.77 43.28
N LEU A 289 36.28 7.45 42.56
CA LEU A 289 37.01 8.59 43.09
C LEU A 289 36.33 9.89 42.69
N GLU A 290 36.70 10.96 43.41
CA GLU A 290 36.16 12.29 43.15
C GLU A 290 36.99 13.00 42.09
N VAL A 291 36.33 13.90 41.36
CA VAL A 291 36.99 14.71 40.34
C VAL A 291 36.65 16.16 40.61
N MET A 292 37.67 16.99 40.80
CA MET A 292 37.52 18.43 40.90
C MET A 292 38.19 19.08 39.70
N VAL A 293 37.52 20.06 39.12
CA VAL A 293 38.05 20.79 37.98
C VAL A 293 38.59 22.13 38.46
N TYR A 294 39.83 22.44 38.08
CA TYR A 294 40.48 23.70 38.46
C TYR A 294 41.02 24.30 37.17
N ASP A 295 40.19 25.10 36.51
CA ASP A 295 40.52 25.69 35.22
C ASP A 295 41.06 27.12 35.34
N LYS A 296 41.60 27.48 36.50
CA LYS A 296 42.04 28.83 36.77
C LYS A 296 43.36 29.11 36.05
N THR A 297 43.51 30.34 35.57
CA THR A 297 44.50 30.68 34.56
C THR A 297 45.46 31.75 35.07
N TYR A 298 46.63 31.81 34.43
CA TYR A 298 47.55 32.93 34.60
C TYR A 298 48.13 33.26 33.23
N ARG A 299 48.68 34.45 33.12
CA ARG A 299 49.32 34.86 31.87
C ARG A 299 50.83 34.76 32.01
N ASP A 300 51.46 34.16 31.01
CA ASP A 300 52.90 33.95 30.99
C ASP A 300 53.63 35.27 30.79
N GLN A 301 54.94 35.25 31.00
CA GLN A 301 55.77 36.41 30.72
C GLN A 301 55.78 36.76 29.23
N ASP A 302 55.82 35.74 28.38
CA ASP A 302 55.93 35.94 26.94
C ASP A 302 54.73 35.42 26.17
N GLY A 303 54.36 34.16 26.39
CA GLY A 303 53.36 33.50 25.58
C GLY A 303 51.94 33.89 25.93
N SER A 304 51.03 32.97 25.64
CA SER A 304 49.61 33.20 25.84
C SER A 304 49.22 32.76 27.25
N VAL A 305 47.92 32.66 27.49
CA VAL A 305 47.40 32.37 28.81
C VAL A 305 47.56 30.88 29.10
N LYS A 306 48.20 30.56 30.21
CA LYS A 306 48.39 29.18 30.64
C LYS A 306 47.55 28.87 31.85
N TYR A 307 47.38 27.57 32.11
CA TYR A 307 46.62 27.09 33.25
C TYR A 307 47.58 26.76 34.38
N TRP A 308 47.08 26.85 35.61
CA TRP A 308 47.91 26.56 36.78
C TRP A 308 48.29 25.09 36.83
N ILE A 309 47.31 24.21 36.89
CA ILE A 309 47.54 22.81 36.59
C ILE A 309 47.71 22.76 35.08
N PRO A 310 48.83 22.26 34.56
CA PRO A 310 49.07 22.33 33.11
C PRO A 310 48.12 21.47 32.27
N VAL A 311 48.34 21.49 30.96
CA VAL A 311 47.25 21.20 30.03
C VAL A 311 46.94 19.72 29.99
N GLY A 312 47.91 18.90 29.58
CA GLY A 312 47.69 17.47 29.56
C GLY A 312 48.19 16.79 30.81
N GLU A 313 47.91 17.38 31.97
CA GLU A 313 48.43 16.89 33.24
C GLU A 313 47.36 17.01 34.32
N LEU A 314 47.43 16.10 35.29
CA LEU A 314 46.54 16.15 36.44
C LEU A 314 47.31 15.72 37.68
N ILE A 315 46.70 15.97 38.84
CA ILE A 315 47.26 15.49 40.09
C ILE A 315 46.38 14.36 40.61
N VAL A 316 47.01 13.45 41.34
CA VAL A 316 46.32 12.32 41.95
C VAL A 316 46.57 12.41 43.44
N LEU A 317 45.51 12.53 44.22
CA LEU A 317 45.66 12.54 45.67
C LEU A 317 45.71 11.11 46.18
N ASN A 318 45.79 10.98 47.50
CA ASN A 318 45.87 9.70 48.18
C ASN A 318 44.98 9.80 49.40
N GLN A 319 45.22 8.96 50.41
CA GLN A 319 44.27 8.49 51.44
C GLN A 319 43.31 9.51 52.06
N SER A 320 43.65 10.79 52.03
CA SER A 320 42.70 11.83 52.40
C SER A 320 42.84 12.99 51.43
N THR A 321 41.74 13.73 51.26
CA THR A 321 41.75 14.96 50.48
C THR A 321 42.01 16.19 51.33
N GLY A 322 42.36 16.01 52.60
CA GLY A 322 42.56 17.11 53.50
C GLY A 322 43.85 17.86 53.28
N PRO A 323 44.30 18.59 54.30
CA PRO A 323 45.52 19.41 54.15
C PRO A 323 46.78 18.57 54.06
N VAL A 324 47.44 18.64 52.91
CA VAL A 324 48.71 17.96 52.69
C VAL A 324 49.80 18.93 53.11
N GLY A 325 50.12 18.93 54.40
CA GLY A 325 51.21 19.77 54.86
C GLY A 325 50.81 20.83 55.86
N ARG A 326 51.64 21.87 55.98
CA ARG A 326 51.45 22.96 56.92
C ARG A 326 52.41 24.08 56.54
N PHE A 327 51.95 25.32 56.62
CA PHE A 327 52.83 26.47 56.44
C PHE A 327 53.06 27.11 57.80
N VAL A 328 54.33 27.30 58.15
CA VAL A 328 54.69 27.68 59.51
C VAL A 328 55.30 29.06 59.47
N TYR A 329 54.78 29.95 60.31
CA TYR A 329 55.41 31.24 60.56
C TYR A 329 56.29 31.12 61.80
N THR A 330 57.53 31.54 61.68
CA THR A 330 58.42 31.52 62.82
C THR A 330 58.58 32.93 63.36
N ALA A 331 59.40 33.06 64.41
CA ALA A 331 59.45 34.29 65.18
C ALA A 331 60.17 35.40 64.42
N HIS A 332 59.95 36.63 64.89
CA HIS A 332 60.59 37.81 64.34
C HIS A 332 60.66 38.89 65.42
N VAL A 333 61.77 39.63 65.45
CA VAL A 333 61.99 40.66 66.46
C VAL A 333 61.02 41.81 66.21
N ALA A 334 60.02 41.95 67.06
CA ALA A 334 59.17 43.12 67.07
C ALA A 334 59.80 44.18 67.97
N GLY A 335 59.07 45.24 68.29
CA GLY A 335 59.58 46.23 69.19
C GLY A 335 59.56 45.76 70.64
N GLN A 336 60.35 46.45 71.46
CA GLN A 336 60.40 46.16 72.88
C GLN A 336 59.14 46.69 73.59
N ARG A 337 58.92 46.20 74.80
CA ARG A 337 57.79 46.68 75.59
C ARG A 337 58.20 47.35 76.89
N ASN A 338 59.00 46.68 77.71
CA ASN A 338 59.42 47.23 79.01
C ASN A 338 60.90 46.95 79.22
N GLY A 339 61.72 47.26 78.22
CA GLY A 339 63.10 46.86 78.24
C GLY A 339 63.37 45.44 77.84
N LYS A 340 62.31 44.65 77.64
CA LYS A 340 62.42 43.28 77.16
C LYS A 340 62.05 43.25 75.68
N VAL A 341 62.80 42.47 74.91
CA VAL A 341 62.49 42.31 73.49
C VAL A 341 61.24 41.45 73.35
N VAL A 342 60.30 41.91 72.52
CA VAL A 342 59.06 41.19 72.26
C VAL A 342 59.10 40.71 70.83
N TYR A 343 58.58 39.51 70.59
CA TYR A 343 58.66 38.86 69.30
C TYR A 343 57.26 38.72 68.71
N ALA A 344 57.21 38.38 67.42
CA ALA A 344 55.94 38.21 66.73
C ALA A 344 56.15 37.33 65.51
N THR A 345 55.09 36.63 65.12
CA THR A 345 55.08 35.82 63.93
C THR A 345 54.11 36.40 62.90
N GLY A 346 54.29 36.00 61.65
CA GLY A 346 53.43 36.43 60.59
C GLY A 346 54.06 37.57 59.80
N PRO A 347 53.40 37.99 58.73
CA PRO A 347 53.91 39.14 57.97
C PRO A 347 53.72 40.44 58.73
N TYR A 348 54.77 41.26 58.73
CA TYR A 348 54.79 42.51 59.45
C TYR A 348 55.01 43.65 58.47
N LEU A 349 54.82 44.88 58.97
CA LEU A 349 54.85 46.06 58.12
C LEU A 349 55.25 47.23 58.99
N THR A 350 56.47 47.72 58.84
CA THR A 350 57.01 48.76 59.72
C THR A 350 57.12 50.09 58.98
N VAL A 351 56.68 51.14 59.66
CA VAL A 351 56.68 52.51 59.12
C VAL A 351 57.87 53.25 59.72
N LYS A 352 58.64 53.92 58.87
CA LYS A 352 59.76 54.74 59.31
C LYS A 352 59.58 56.14 58.71
N ASP A 353 58.85 57.00 59.40
CA ASP A 353 58.65 58.37 58.95
C ASP A 353 59.82 59.24 59.41
N HIS A 354 60.65 59.64 58.45
CA HIS A 354 61.71 60.62 58.68
C HIS A 354 61.33 61.96 58.10
N LEU A 355 60.05 62.33 58.26
CA LEU A 355 59.49 63.53 57.66
C LEU A 355 60.02 64.83 58.24
N GLN A 356 60.83 64.79 59.30
CA GLN A 356 61.47 65.97 59.84
C GLN A 356 62.96 65.67 59.99
N ASP A 357 63.69 65.82 58.90
CA ASP A 357 65.15 65.98 58.91
C ASP A 357 65.50 66.82 57.68
N ASP A 358 66.79 66.85 57.31
CA ASP A 358 67.18 67.93 56.41
C ASP A 358 66.78 67.66 54.95
N PRO A 359 66.97 66.47 54.37
CA PRO A 359 65.98 66.00 53.41
C PRO A 359 65.02 65.02 54.06
N PRO A 360 63.75 65.40 54.21
CA PRO A 360 62.77 64.46 54.77
C PRO A 360 62.37 63.39 53.76
N TYR A 361 61.96 62.25 54.29
CA TYR A 361 61.56 61.11 53.47
C TYR A 361 60.63 60.22 54.29
N TYR A 362 60.26 59.09 53.70
CA TYR A 362 59.27 58.19 54.29
C TYR A 362 59.53 56.79 53.76
N ALA A 363 59.63 55.82 54.65
CA ALA A 363 60.05 54.47 54.27
C ALA A 363 59.17 53.42 54.93
N ILE A 364 58.93 52.34 54.20
CA ILE A 364 58.15 51.19 54.67
C ILE A 364 59.00 49.94 54.46
N ILE A 365 59.04 49.06 55.46
CA ILE A 365 59.74 47.79 55.38
C ILE A 365 58.74 46.68 55.67
N ALA A 366 58.74 45.64 54.83
CA ALA A 366 57.81 44.53 54.98
C ALA A 366 58.52 43.21 54.74
N GLY A 367 58.17 42.20 55.55
CA GLY A 367 58.66 40.86 55.33
C GLY A 367 58.04 39.90 56.31
N PHE A 368 58.56 38.66 56.34
CA PHE A 368 58.38 37.70 57.44
C PHE A 368 59.35 36.54 57.27
N HIS A 369 59.23 35.59 58.20
CA HIS A 369 60.02 34.38 58.26
C HIS A 369 59.10 33.18 58.18
N GLY A 370 59.51 32.14 57.45
CA GLY A 370 58.70 30.95 57.38
C GLY A 370 59.10 30.05 56.22
N LEU A 371 58.43 28.89 56.18
CA LEU A 371 58.65 27.83 55.20
C LEU A 371 57.52 26.82 55.29
N PRO A 372 57.11 26.18 54.20
CA PRO A 372 56.14 25.09 54.29
C PRO A 372 56.74 23.81 54.83
N GLN A 373 55.86 22.98 55.40
CA GLN A 373 56.25 21.74 56.04
C GLN A 373 55.20 20.68 55.76
N LEU A 374 55.62 19.49 55.31
CA LEU A 374 54.69 18.42 55.02
C LEU A 374 54.13 17.81 56.31
N SER A 375 52.99 17.13 56.15
CA SER A 375 52.17 16.65 57.26
C SER A 375 52.85 15.61 58.14
N GLY A 376 53.15 14.44 57.57
CA GLY A 376 53.73 13.37 58.35
C GLY A 376 54.08 12.18 57.51
N TYR A 377 55.28 11.63 57.70
CA TYR A 377 55.76 10.58 56.83
C TYR A 377 55.30 9.22 57.32
N ASN A 378 55.50 8.20 56.50
CA ASN A 378 55.17 6.84 56.87
C ASN A 378 56.21 6.33 57.86
N THR A 379 55.74 5.86 59.02
CA THR A 379 56.66 5.47 60.08
C THR A 379 57.38 4.17 59.76
N GLU A 380 56.74 3.27 59.01
CA GLU A 380 57.34 1.96 58.70
C GLU A 380 58.57 2.11 57.83
N ASP A 381 58.39 2.64 56.63
CA ASP A 381 59.50 3.07 55.79
C ASP A 381 59.27 4.53 55.46
N PHE A 382 60.32 5.35 55.60
CA PHE A 382 60.16 6.80 55.62
C PHE A 382 59.89 7.31 54.22
N SER A 383 58.61 7.27 53.84
CA SER A 383 58.18 7.65 52.52
C SER A 383 57.00 8.59 52.63
N PHE A 384 56.86 9.45 51.63
CA PHE A 384 55.74 10.37 51.55
C PHE A 384 55.13 10.22 50.17
N HIS A 385 53.84 9.88 50.14
CA HIS A 385 53.07 9.88 48.90
C HIS A 385 51.63 10.22 49.25
N ARG A 386 51.32 11.51 49.21
CA ARG A 386 49.97 12.02 49.29
C ARG A 386 49.46 12.56 47.97
N PHE A 387 50.34 13.14 47.17
CA PHE A 387 49.99 13.66 45.86
C PHE A 387 50.96 13.10 44.84
N LYS A 388 50.45 12.81 43.64
CA LYS A 388 51.27 12.36 42.52
C LYS A 388 50.76 13.02 41.25
N TRP A 389 51.68 13.25 40.32
CA TRP A 389 51.38 13.93 39.06
C TRP A 389 51.34 12.93 37.92
N LEU A 390 50.36 13.10 37.03
CA LEU A 390 50.21 12.22 35.87
C LEU A 390 50.06 13.05 34.61
N LYS A 391 50.83 12.70 33.59
CA LYS A 391 50.68 13.26 32.26
C LYS A 391 49.73 12.36 31.49
N TYR A 392 48.48 12.80 31.31
CA TYR A 392 47.47 11.88 30.82
C TYR A 392 47.21 11.98 29.33
N ALA A 393 47.56 13.09 28.67
CA ALA A 393 47.40 13.19 27.24
C ALA A 393 48.42 14.17 26.69
N ASN A 394 48.46 14.28 25.36
CA ASN A 394 49.41 15.17 24.71
C ASN A 394 48.75 16.30 23.93
N ASN A 395 47.51 16.12 23.47
CA ASN A 395 46.93 17.09 22.54
C ASN A 395 45.65 17.67 23.10
N VAL A 396 45.66 18.06 24.38
CA VAL A 396 44.50 18.68 24.99
C VAL A 396 44.30 20.10 24.49
N GLN A 397 45.37 20.74 24.00
CA GLN A 397 45.29 22.13 23.54
C GLN A 397 44.38 22.31 22.34
N SER A 398 44.28 21.28 21.49
CA SER A 398 43.37 21.33 20.36
C SER A 398 41.91 21.24 20.77
N TYR A 399 41.62 20.88 22.02
CA TYR A 399 40.26 20.87 22.53
C TYR A 399 39.95 22.09 23.36
N LEU A 400 40.79 23.11 23.31
CA LEU A 400 40.62 24.27 24.18
C LEU A 400 40.51 25.55 23.35
N PRO A 401 39.64 26.48 23.75
CA PRO A 401 39.51 27.72 23.00
C PRO A 401 40.70 28.63 23.25
N PRO A 402 41.01 29.53 22.31
CA PRO A 402 42.13 30.45 22.50
C PRO A 402 41.76 31.59 23.45
N PHE A 403 42.71 32.51 23.62
CA PHE A 403 42.60 33.59 24.58
C PHE A 403 42.89 34.93 23.92
N PRO A 404 42.32 36.02 24.45
CA PRO A 404 42.70 37.34 23.96
C PRO A 404 44.12 37.67 24.35
N PRO A 405 44.90 38.28 23.46
CA PRO A 405 46.22 38.76 23.84
C PRO A 405 46.12 39.93 24.81
N LYS A 406 47.22 40.17 25.52
CA LYS A 406 47.22 41.21 26.55
C LYS A 406 47.24 42.58 25.91
N VAL A 407 46.20 43.37 26.17
CA VAL A 407 46.15 44.73 25.67
C VAL A 407 47.14 45.59 26.45
N GLU A 408 47.99 46.30 25.73
CA GLU A 408 49.03 47.12 26.34
C GLU A 408 49.04 48.48 25.67
N LEU A 409 48.74 49.53 26.43
CA LEU A 409 48.68 50.88 25.92
C LEU A 409 50.07 51.40 25.59
N MET B 1 7.53 55.43 -16.41
CA MET B 1 7.15 55.82 -17.76
C MET B 1 6.26 54.81 -18.46
N ARG B 2 5.01 55.19 -18.66
CA ARG B 2 4.13 54.47 -19.56
C ARG B 2 3.90 55.29 -20.82
N VAL B 3 3.52 54.61 -21.88
CA VAL B 3 3.23 55.30 -23.14
C VAL B 3 1.89 56.03 -22.99
N PRO B 4 1.80 57.31 -23.37
CA PRO B 4 0.53 58.03 -23.24
C PRO B 4 -0.49 57.62 -24.30
N ILE B 5 -1.26 56.57 -24.03
CA ILE B 5 -2.34 56.15 -24.92
C ILE B 5 -3.64 56.11 -24.12
N ASN B 6 -4.74 55.80 -24.79
CA ASN B 6 -5.93 55.29 -24.11
C ASN B 6 -6.03 53.80 -24.35
N ILE B 7 -6.29 53.06 -23.27
CA ILE B 7 -6.45 51.61 -23.39
C ILE B 7 -7.76 51.28 -24.10
N ASN B 8 -8.84 51.96 -23.71
CA ASN B 8 -10.16 51.68 -24.27
C ASN B 8 -10.26 52.10 -25.73
N ASN B 9 -9.55 53.15 -26.11
CA ASN B 9 -9.74 53.73 -27.44
C ASN B 9 -8.83 53.10 -28.48
N ALA B 10 -7.64 52.66 -28.10
CA ALA B 10 -6.74 52.05 -29.07
C ALA B 10 -7.19 50.64 -29.45
N LEU B 11 -7.90 49.96 -28.56
CA LEU B 11 -8.44 48.64 -28.88
C LEU B 11 -9.56 48.74 -29.90
N ALA B 12 -10.40 49.77 -29.78
CA ALA B 12 -11.53 49.96 -30.69
C ALA B 12 -11.16 50.72 -31.96
N ARG B 13 -9.87 50.94 -32.21
CA ARG B 13 -9.46 51.70 -33.37
C ARG B 13 -8.49 50.95 -34.29
N VAL B 14 -7.71 50.02 -33.75
CA VAL B 14 -6.81 49.22 -34.60
C VAL B 14 -7.63 48.03 -35.07
N ARG B 15 -8.41 48.28 -36.12
CA ARG B 15 -9.28 47.35 -36.83
C ARG B 15 -9.79 48.07 -38.06
N ASP B 16 -10.06 47.33 -39.12
CA ASP B 16 -10.56 47.95 -40.33
C ASP B 16 -12.03 48.32 -40.16
N PRO B 17 -12.41 49.59 -40.37
CA PRO B 17 -13.83 49.93 -40.40
C PRO B 17 -14.46 49.75 -41.76
N LEU B 18 -13.67 49.44 -42.78
CA LEU B 18 -14.07 49.44 -44.18
C LEU B 18 -13.62 48.16 -44.88
N SER B 19 -13.88 47.01 -44.27
CA SER B 19 -13.46 45.72 -44.81
C SER B 19 -14.66 44.83 -45.01
N ILE B 20 -14.76 44.23 -46.20
CA ILE B 20 -15.73 43.19 -46.50
C ILE B 20 -14.98 41.97 -47.03
N GLY B 21 -15.36 40.80 -46.55
CA GLY B 21 -14.64 39.57 -46.84
C GLY B 21 -15.17 38.85 -48.06
N GLY B 22 -15.15 37.51 -47.98
CA GLY B 22 -15.71 36.72 -49.06
C GLY B 22 -17.23 36.85 -49.14
N LEU B 23 -17.88 36.97 -48.00
CA LEU B 23 -19.23 37.52 -47.97
C LEU B 23 -19.17 38.99 -48.37
N LYS B 24 -20.12 39.41 -49.20
CA LYS B 24 -20.08 40.75 -49.77
C LYS B 24 -20.88 41.76 -48.95
N PHE B 25 -20.94 41.57 -47.64
CA PHE B 25 -21.64 42.49 -46.76
C PHE B 25 -20.98 42.40 -45.39
N PRO B 26 -21.06 43.46 -44.57
CA PRO B 26 -20.48 43.38 -43.22
C PRO B 26 -21.22 42.39 -42.34
N THR B 27 -20.46 41.58 -41.62
CA THR B 27 -21.02 40.50 -40.81
C THR B 27 -21.23 40.96 -39.37
N THR B 28 -22.13 40.27 -38.69
CA THR B 28 -22.32 40.48 -37.26
C THR B 28 -21.20 39.82 -36.50
N LYS B 29 -20.76 40.46 -35.42
CA LYS B 29 -19.66 39.93 -34.63
C LYS B 29 -19.70 40.52 -33.23
N GLU B 30 -19.15 39.77 -32.28
CA GLU B 30 -19.02 40.19 -30.90
C GLU B 30 -17.54 40.21 -30.55
N ILE B 31 -17.11 41.22 -29.79
CA ILE B 31 -15.70 41.49 -29.55
C ILE B 31 -15.45 41.64 -28.06
N GLN B 32 -14.51 40.86 -27.54
CA GLN B 32 -14.01 41.00 -26.18
C GLN B 32 -12.59 41.54 -26.20
N GLU B 33 -12.32 42.53 -25.36
CA GLU B 33 -10.99 43.09 -25.21
C GLU B 33 -10.38 42.68 -23.88
N ALA B 34 -9.06 42.61 -23.84
CA ALA B 34 -8.34 42.27 -22.63
C ALA B 34 -7.11 43.16 -22.51
N VAL B 35 -6.72 43.44 -21.27
CA VAL B 35 -5.62 44.35 -20.95
C VAL B 35 -4.59 43.59 -20.13
N ALA B 36 -3.33 43.73 -20.48
CA ALA B 36 -2.24 43.12 -19.73
C ALA B 36 -1.19 44.17 -19.39
N ALA B 37 -0.59 44.06 -18.21
CA ALA B 37 0.48 44.92 -17.76
C ALA B 37 1.72 44.07 -17.58
N ILE B 38 2.69 44.20 -18.48
CA ILE B 38 3.90 43.38 -18.43
C ILE B 38 4.95 44.10 -17.60
N ALA B 39 5.34 43.48 -16.49
CA ALA B 39 6.41 43.99 -15.64
C ALA B 39 7.20 42.81 -15.12
N ASP B 40 8.52 43.00 -14.97
CA ASP B 40 9.38 41.95 -14.45
C ASP B 40 9.10 41.77 -12.96
N LYS B 41 8.56 40.61 -12.60
CA LYS B 41 8.24 40.30 -11.23
C LYS B 41 9.49 39.94 -10.43
N PHE B 42 10.56 39.50 -11.09
CA PHE B 42 11.74 38.99 -10.43
C PHE B 42 12.84 40.03 -10.30
N ASN B 43 12.50 41.30 -10.39
CA ASN B 43 13.45 42.40 -10.18
C ASN B 43 12.91 43.18 -8.99
N GLN B 44 13.32 42.77 -7.80
CA GLN B 44 12.76 43.27 -6.55
C GLN B 44 13.81 44.10 -5.81
N GLU B 45 13.35 44.86 -4.82
CA GLU B 45 14.18 45.82 -4.13
C GLU B 45 14.74 45.24 -2.83
N ASN B 46 16.04 45.46 -2.62
CA ASN B 46 16.78 44.85 -1.51
C ASN B 46 16.42 45.56 -0.22
N ASP B 47 15.32 45.11 0.39
CA ASP B 47 14.87 45.64 1.67
C ASP B 47 15.48 44.91 2.87
N LEU B 48 16.51 44.10 2.65
CA LEU B 48 17.10 43.28 3.71
C LEU B 48 17.82 44.14 4.73
N VAL B 49 18.71 45.01 4.28
CA VAL B 49 19.64 45.68 5.17
C VAL B 49 19.05 47.06 5.46
N ASP B 50 17.81 47.24 5.02
CA ASP B 50 17.00 48.37 5.49
C ASP B 50 16.72 48.23 6.98
N ARG B 51 16.54 47.00 7.47
CA ARG B 51 16.32 46.78 8.90
C ARG B 51 17.61 46.55 9.67
N PHE B 52 18.70 46.20 9.00
CA PHE B 52 19.97 46.05 9.69
C PHE B 52 20.63 47.37 10.02
N PHE B 53 20.08 48.50 9.54
CA PHE B 53 20.17 49.78 10.20
C PHE B 53 19.14 50.81 9.74
N PRO B 54 18.39 51.39 10.68
CA PRO B 54 17.47 52.48 10.34
C PRO B 54 18.17 53.80 10.11
N GLU B 55 17.41 54.88 10.02
CA GLU B 55 17.92 56.16 9.55
C GLU B 55 17.72 57.24 10.59
N ASP B 56 18.72 58.13 10.70
CA ASP B 56 18.75 59.20 11.69
C ASP B 56 19.28 60.48 11.05
N SER B 57 19.25 61.56 11.82
CA SER B 57 19.64 62.89 11.36
C SER B 57 20.41 63.61 12.46
N THR B 58 21.29 64.53 12.06
CA THR B 58 22.22 65.13 13.01
C THR B 58 22.31 66.66 12.98
N PHE B 59 21.98 67.31 11.85
CA PHE B 59 22.20 68.76 11.63
C PHE B 59 23.65 69.18 11.86
N ALA B 60 24.60 68.30 11.53
CA ALA B 60 26.02 68.61 11.59
C ALA B 60 26.68 67.94 10.39
N SER B 61 28.00 67.99 10.34
CA SER B 61 28.70 67.33 9.24
C SER B 61 29.97 66.61 9.67
N GLU B 62 30.37 66.67 10.94
CA GLU B 62 31.66 66.19 11.38
C GLU B 62 31.55 65.43 12.70
N LEU B 63 30.68 64.42 12.74
CA LEU B 63 30.56 63.53 13.91
C LEU B 63 31.90 62.91 14.29
N GLU B 64 32.22 62.99 15.58
CA GLU B 64 33.53 62.58 16.10
C GLU B 64 33.38 61.74 17.35
N LEU B 65 34.34 60.84 17.56
CA LEU B 65 34.34 59.94 18.71
C LEU B 65 35.69 60.04 19.43
N TYR B 66 35.64 60.25 20.73
CA TYR B 66 36.82 60.24 21.59
C TYR B 66 36.71 59.09 22.57
N LEU B 67 37.76 58.27 22.63
CA LEU B 67 37.82 57.15 23.56
C LEU B 67 39.05 57.29 24.43
N LEU B 68 38.84 57.55 25.71
CA LEU B 68 39.91 57.56 26.70
C LEU B 68 39.90 56.23 27.42
N ARG B 69 41.05 55.56 27.46
CA ARG B 69 41.13 54.25 28.07
C ARG B 69 42.38 54.14 28.93
N THR B 70 42.22 53.52 30.10
CA THR B 70 43.21 53.52 31.16
C THR B 70 43.74 52.11 31.39
N GLN B 71 44.89 52.02 32.06
CA GLN B 71 45.48 50.73 32.40
C GLN B 71 46.26 50.89 33.70
N ASP B 72 45.91 50.10 34.70
CA ASP B 72 46.61 50.18 35.97
C ASP B 72 47.80 49.24 35.99
N ALA B 73 48.66 49.43 36.99
CA ALA B 73 49.74 48.51 37.26
C ALA B 73 49.24 47.34 38.09
N GLU B 74 49.65 46.13 37.72
CA GLU B 74 49.22 44.94 38.44
C GLU B 74 50.05 44.74 39.69
N GLN B 75 49.44 44.09 40.69
CA GLN B 75 50.13 43.78 41.94
C GLN B 75 50.86 42.45 41.79
N THR B 76 52.05 42.53 41.20
CA THR B 76 52.94 41.40 41.01
C THR B 76 54.21 41.63 41.83
N GLY B 77 55.26 40.85 41.53
CA GLY B 77 56.55 41.22 42.06
C GLY B 77 57.13 40.51 43.27
N MET B 78 57.24 39.18 43.24
CA MET B 78 57.02 38.26 44.37
C MET B 78 57.47 38.71 45.76
N THR B 79 58.77 38.68 46.10
CA THR B 79 59.40 39.24 47.32
C THR B 79 60.90 38.98 47.21
N PHE B 80 61.76 39.87 47.72
CA PHE B 80 63.19 39.63 47.66
C PHE B 80 63.63 38.78 48.85
N VAL B 81 64.52 37.83 48.60
CA VAL B 81 64.95 36.86 49.61
C VAL B 81 65.95 37.52 50.56
N HIS B 82 65.86 37.20 51.84
CA HIS B 82 66.69 37.82 52.87
C HIS B 82 67.49 36.77 53.63
N GLN B 83 68.56 37.23 54.26
CA GLN B 83 69.22 36.54 55.35
C GLN B 83 69.02 37.38 56.60
N VAL B 84 68.99 36.73 57.77
CA VAL B 84 68.41 37.30 58.99
C VAL B 84 69.16 38.54 59.46
N GLY B 85 70.48 38.51 59.48
CA GLY B 85 71.21 39.63 60.02
C GLY B 85 71.73 40.63 59.02
N SER B 86 70.96 40.96 57.98
CA SER B 86 71.43 41.86 56.95
C SER B 86 70.37 42.93 56.67
N THR B 87 70.72 43.86 55.80
CA THR B 87 69.86 44.99 55.47
C THR B 87 69.02 44.69 54.23
N SER B 88 67.90 45.39 54.12
CA SER B 88 66.94 45.16 53.05
C SER B 88 67.35 45.89 51.77
N LEU B 89 66.72 45.49 50.67
CA LEU B 89 66.94 46.04 49.33
C LEU B 89 65.68 46.72 48.82
N PRO B 90 65.79 47.74 47.97
CA PRO B 90 64.61 48.46 47.52
C PRO B 90 63.87 47.73 46.39
N VAL B 91 62.63 48.15 46.21
CA VAL B 91 61.68 47.54 45.28
C VAL B 91 61.75 48.27 43.94
N GLU B 92 61.64 47.51 42.84
CA GLU B 92 61.59 48.06 41.49
C GLU B 92 60.38 48.98 41.30
N ALA B 93 60.42 49.75 40.22
CA ALA B 93 59.38 50.72 39.91
C ALA B 93 58.32 50.13 38.99
N ARG B 94 57.08 50.50 39.23
CA ARG B 94 55.96 50.06 38.42
C ARG B 94 55.70 51.10 37.34
N VAL B 95 54.67 50.87 36.51
CA VAL B 95 54.25 51.87 35.53
C VAL B 95 52.76 51.68 35.26
N ALA B 96 52.06 52.81 35.13
CA ALA B 96 50.68 52.83 34.67
C ALA B 96 50.59 53.82 33.52
N LYS B 97 49.58 53.63 32.67
CA LYS B 97 49.55 54.39 31.43
C LYS B 97 48.12 54.56 30.95
N VAL B 98 47.86 55.72 30.32
CA VAL B 98 46.60 56.04 29.67
C VAL B 98 46.91 56.57 28.26
N ASP B 99 45.92 56.44 27.38
CA ASP B 99 45.99 56.96 26.02
C ASP B 99 44.59 57.31 25.55
N LEU B 100 44.52 58.00 24.40
CA LEU B 100 43.25 58.26 23.77
C LEU B 100 43.41 58.29 22.26
N ALA B 101 42.37 57.83 21.56
CA ALA B 101 42.32 57.86 20.10
C ALA B 101 41.04 58.57 19.67
N LYS B 102 40.97 58.85 18.38
CA LYS B 102 39.91 59.67 17.81
C LYS B 102 39.43 59.06 16.51
N ALA B 103 38.11 59.07 16.31
CA ALA B 103 37.47 58.59 15.08
C ALA B 103 36.62 59.70 14.50
N THR B 104 36.76 59.95 13.21
CA THR B 104 36.00 60.99 12.52
C THR B 104 35.08 60.40 11.48
N TRP B 105 34.08 61.19 11.08
CA TRP B 105 33.07 60.73 10.13
C TRP B 105 32.47 61.95 9.43
N SER B 106 32.41 61.90 8.10
CA SER B 106 31.85 63.00 7.30
C SER B 106 31.07 62.43 6.13
N PRO B 107 29.92 63.01 5.78
CA PRO B 107 29.00 62.37 4.83
C PRO B 107 29.41 62.59 3.38
N LEU B 108 28.56 62.10 2.47
CA LEU B 108 28.68 62.30 1.04
C LEU B 108 27.48 63.07 0.52
N ALA B 109 27.67 63.69 -0.65
CA ALA B 109 26.65 64.49 -1.30
C ALA B 109 26.29 63.86 -2.64
N PHE B 110 25.00 63.87 -2.96
CA PHE B 110 24.54 63.48 -4.29
C PHE B 110 23.20 64.13 -4.60
N LYS B 111 23.13 64.78 -5.76
CA LYS B 111 21.87 65.32 -6.26
C LYS B 111 21.90 65.33 -7.79
N GLU B 112 20.74 65.57 -8.38
CA GLU B 112 20.55 65.45 -9.82
C GLU B 112 19.32 66.24 -10.24
N SER B 113 19.19 66.45 -11.55
CA SER B 113 18.15 67.34 -12.06
C SER B 113 17.57 66.80 -13.36
N ARG B 114 16.48 67.43 -13.81
CA ARG B 114 15.80 67.10 -15.05
C ARG B 114 15.02 68.32 -15.51
N VAL B 115 15.04 68.58 -16.82
CA VAL B 115 14.42 69.77 -17.39
C VAL B 115 13.53 69.37 -18.56
N TRP B 116 12.39 70.05 -18.70
CA TRP B 116 11.49 69.91 -19.84
C TRP B 116 11.46 71.23 -20.62
N ASP B 117 11.78 71.15 -21.91
CA ASP B 117 11.88 72.34 -22.75
C ASP B 117 10.50 72.73 -23.29
N GLU B 118 10.48 73.63 -24.27
CA GLU B 118 9.28 74.36 -24.65
C GLU B 118 8.39 73.61 -25.63
N LYS B 119 8.98 72.79 -26.51
CA LYS B 119 8.20 72.08 -27.52
C LYS B 119 7.27 71.06 -26.90
N GLU B 120 7.82 70.14 -26.12
CA GLU B 120 7.04 69.00 -25.63
C GLU B 120 6.06 69.35 -24.52
N ILE B 121 6.09 70.57 -23.98
CA ILE B 121 5.11 70.94 -22.96
C ILE B 121 3.72 71.11 -23.58
N LEU B 122 3.64 71.70 -24.77
CA LEU B 122 2.35 72.02 -25.35
C LEU B 122 2.01 71.18 -26.57
N TYR B 123 2.93 70.36 -27.07
CA TYR B 123 2.72 69.63 -28.31
C TYR B 123 2.31 68.17 -28.13
N LEU B 124 2.41 67.59 -26.94
CA LEU B 124 2.17 66.16 -26.81
C LEU B 124 0.86 65.89 -26.11
N GLY B 125 0.03 65.03 -26.71
CA GLY B 125 -1.19 64.54 -26.11
C GLY B 125 -1.15 63.03 -26.04
N ARG B 126 -2.30 62.38 -25.92
CA ARG B 126 -2.32 60.94 -25.95
C ARG B 126 -2.16 60.44 -27.39
N LEU B 127 -1.96 59.13 -27.53
CA LEU B 127 -1.72 58.55 -28.85
C LEU B 127 -2.98 57.96 -29.47
N ALA B 128 -3.99 57.64 -28.67
CA ALA B 128 -5.25 57.16 -29.25
C ALA B 128 -6.13 58.33 -29.69
N ASP B 129 -6.58 59.15 -28.75
CA ASP B 129 -7.57 60.17 -29.04
C ASP B 129 -6.92 61.52 -29.35
N GLU B 130 -7.75 62.56 -29.35
CA GLU B 130 -7.30 63.95 -29.42
C GLU B 130 -7.43 64.58 -28.03
N VAL B 131 -6.39 65.30 -27.62
CA VAL B 131 -6.26 65.80 -26.26
C VAL B 131 -5.88 67.27 -26.33
N GLN B 132 -6.44 68.08 -25.44
CA GLN B 132 -6.11 69.50 -25.34
C GLN B 132 -4.96 69.77 -24.37
N ALA B 133 -3.83 69.08 -24.57
CA ALA B 133 -2.51 69.38 -23.99
C ALA B 133 -2.54 69.37 -22.46
N GLY B 134 -2.67 68.18 -21.90
CA GLY B 134 -2.58 68.05 -20.45
C GLY B 134 -1.82 66.82 -19.99
N VAL B 135 -1.05 66.23 -20.89
CA VAL B 135 -0.36 64.96 -20.60
C VAL B 135 0.98 65.21 -19.91
N ILE B 136 1.53 66.41 -20.04
CA ILE B 136 2.77 66.76 -19.35
C ILE B 136 2.58 66.77 -17.83
N ASN B 137 1.40 67.20 -17.37
CA ASN B 137 1.12 67.17 -15.94
C ASN B 137 1.01 65.74 -15.41
N GLU B 138 0.56 64.82 -16.26
CA GLU B 138 0.59 63.40 -15.94
C GLU B 138 2.02 62.88 -15.90
N GLN B 139 2.86 63.32 -16.83
CA GLN B 139 4.17 62.73 -17.03
C GLN B 139 5.24 63.29 -16.08
N ILE B 140 5.06 64.52 -15.60
CA ILE B 140 5.99 65.06 -14.60
C ILE B 140 5.77 64.38 -13.25
N ALA B 141 4.52 64.12 -12.89
CA ALA B 141 4.21 63.55 -11.58
C ALA B 141 4.72 62.12 -11.45
N GLU B 142 4.83 61.39 -12.55
CA GLU B 142 5.56 60.13 -12.51
C GLU B 142 7.04 60.38 -12.34
N SER B 143 7.60 61.32 -13.11
CA SER B 143 9.01 61.63 -13.03
C SER B 143 9.37 62.25 -11.69
N LEU B 144 8.41 62.91 -11.05
CA LEU B 144 8.61 63.40 -9.70
C LEU B 144 8.68 62.24 -8.72
N THR B 145 7.89 61.20 -8.97
CA THR B 145 7.91 60.00 -8.13
C THR B 145 9.16 59.16 -8.40
N TRP B 146 9.70 59.23 -9.61
CA TRP B 146 10.84 58.41 -9.97
C TRP B 146 12.10 58.87 -9.27
N LEU B 147 12.28 60.18 -9.10
CA LEU B 147 13.48 60.67 -8.44
C LEU B 147 13.48 60.36 -6.96
N MET B 148 12.30 60.20 -6.35
CA MET B 148 12.24 59.67 -5.01
C MET B 148 12.67 58.21 -4.95
N ALA B 149 12.42 57.44 -6.01
CA ALA B 149 12.90 56.07 -6.07
C ALA B 149 14.39 56.00 -6.37
N ARG B 150 14.95 57.06 -6.98
CA ARG B 150 16.39 57.11 -7.20
C ARG B 150 17.15 57.22 -5.89
N MET B 151 16.66 58.05 -4.98
CA MET B 151 17.37 58.27 -3.72
C MET B 151 17.21 57.08 -2.78
N ARG B 152 16.08 56.38 -2.86
CA ARG B 152 15.92 55.14 -2.10
C ARG B 152 16.79 54.04 -2.67
N ASN B 153 16.99 54.02 -3.98
CA ASN B 153 17.89 53.07 -4.61
C ASN B 153 19.34 53.39 -4.29
N ARG B 154 19.67 54.66 -4.11
CA ARG B 154 21.04 55.04 -3.78
C ARG B 154 21.37 54.77 -2.33
N ARG B 155 20.41 54.98 -1.43
CA ARG B 155 20.60 54.67 -0.01
C ARG B 155 20.86 53.20 0.20
N ARG B 156 20.08 52.34 -0.46
CA ARG B 156 20.26 50.90 -0.32
C ARG B 156 21.52 50.41 -1.01
N TRP B 157 22.08 51.17 -1.96
CA TRP B 157 23.30 50.74 -2.61
C TRP B 157 24.50 50.95 -1.71
N LEU B 158 24.58 52.11 -1.06
CA LEU B 158 25.65 52.37 -0.09
C LEU B 158 25.54 51.45 1.11
N THR B 159 24.30 51.17 1.51
CA THR B 159 24.00 50.22 2.57
C THR B 159 24.49 48.82 2.23
N TRP B 160 24.19 48.35 1.02
CA TRP B 160 24.59 47.00 0.65
C TRP B 160 26.07 46.91 0.34
N GLN B 161 26.69 48.01 -0.07
CA GLN B 161 28.11 48.02 -0.38
C GLN B 161 28.94 47.82 0.88
N VAL B 162 28.47 48.36 2.01
CA VAL B 162 29.10 48.12 3.29
C VAL B 162 28.82 46.70 3.76
N MET B 163 27.58 46.23 3.60
CA MET B 163 27.18 44.92 4.06
C MET B 163 27.86 43.80 3.27
N ARG B 164 28.29 44.07 2.05
CA ARG B 164 28.93 43.06 1.23
C ARG B 164 30.45 43.07 1.37
N THR B 165 31.07 44.25 1.38
CA THR B 165 32.53 44.35 1.44
C THR B 165 33.08 45.23 2.54
N GLY B 166 32.26 46.06 3.19
CA GLY B 166 32.80 47.01 4.14
C GLY B 166 33.62 48.12 3.52
N ARG B 167 33.39 48.40 2.23
CA ARG B 167 34.24 49.29 1.45
C ARG B 167 33.35 50.03 0.45
N ILE B 168 32.99 51.29 0.77
CA ILE B 168 32.37 52.14 -0.25
C ILE B 168 33.45 52.54 -1.24
N THR B 169 33.31 52.09 -2.49
CA THR B 169 34.28 52.40 -3.54
C THR B 169 33.54 53.03 -4.70
N ILE B 170 33.97 54.22 -5.11
CA ILE B 170 33.41 54.94 -6.24
C ILE B 170 34.55 55.32 -7.18
N GLN B 171 34.47 54.84 -8.41
CA GLN B 171 35.48 55.03 -9.44
C GLN B 171 35.02 56.08 -10.45
N PRO B 172 35.92 56.65 -11.28
CA PRO B 172 35.46 57.60 -12.30
C PRO B 172 34.60 56.97 -13.39
N ASN B 173 35.10 55.93 -14.04
CA ASN B 173 34.35 55.25 -15.09
C ASN B 173 33.37 54.30 -14.44
N ASP B 174 32.25 54.86 -14.01
CA ASP B 174 31.31 54.16 -13.15
C ASP B 174 29.91 54.41 -13.68
N PRO B 175 29.00 53.46 -13.50
CA PRO B 175 27.58 53.77 -13.70
C PRO B 175 27.13 54.82 -12.70
N TYR B 176 26.51 55.88 -13.23
CA TYR B 176 25.89 56.97 -12.47
C TYR B 176 26.91 57.78 -11.68
N ASN B 177 28.11 57.94 -12.22
CA ASN B 177 29.10 58.90 -11.74
C ASN B 177 29.59 59.70 -12.94
N PRO B 178 28.84 60.71 -13.37
CA PRO B 178 29.25 61.50 -14.55
C PRO B 178 30.35 62.48 -14.19
N ASN B 179 30.32 62.97 -12.95
CA ASN B 179 31.30 63.93 -12.51
C ASN B 179 32.66 63.28 -12.28
N GLY B 180 32.69 61.97 -12.03
CA GLY B 180 33.93 61.23 -11.97
C GLY B 180 34.68 61.45 -10.67
N LEU B 181 33.97 61.39 -9.55
CA LEU B 181 34.61 61.61 -8.26
C LEU B 181 35.24 60.32 -7.75
N LYS B 182 36.22 60.48 -6.85
CA LYS B 182 36.97 59.38 -6.27
C LYS B 182 36.60 59.25 -4.80
N TYR B 183 36.08 58.08 -4.42
CA TYR B 183 35.91 57.78 -3.02
C TYR B 183 36.24 56.32 -2.75
N VAL B 184 37.12 56.08 -1.79
CA VAL B 184 37.36 54.75 -1.23
C VAL B 184 37.19 54.92 0.27
N ILE B 185 36.07 54.47 0.81
CA ILE B 185 35.75 54.64 2.22
C ILE B 185 35.94 53.29 2.89
N ASP B 186 36.89 53.22 3.81
CA ASP B 186 37.28 51.98 4.47
C ASP B 186 36.63 51.96 5.83
N TYR B 187 35.75 51.00 6.07
CA TYR B 187 35.32 50.78 7.43
C TYR B 187 36.21 49.73 8.08
N GLY B 188 36.06 49.58 9.38
CA GLY B 188 36.98 48.73 10.12
C GLY B 188 36.58 47.27 10.21
N VAL B 189 35.92 46.75 9.18
CA VAL B 189 35.40 45.39 9.21
C VAL B 189 36.56 44.42 9.11
N THR B 190 36.83 43.71 10.21
CA THR B 190 37.94 42.77 10.27
C THR B 190 37.46 41.37 9.92
N ASP B 191 38.12 40.76 8.94
CA ASP B 191 37.91 39.37 8.51
C ASP B 191 36.47 39.12 8.10
N ILE B 192 36.08 39.80 7.01
CA ILE B 192 34.71 39.73 6.53
C ILE B 192 34.42 38.37 5.88
N GLU B 193 35.44 37.64 5.46
CA GLU B 193 35.26 36.34 4.83
C GLU B 193 35.70 35.24 5.80
N LEU B 194 34.85 34.25 5.96
CA LEU B 194 35.17 33.07 6.75
C LEU B 194 35.88 32.04 5.88
N PRO B 195 36.99 31.47 6.36
CA PRO B 195 37.69 30.46 5.54
C PRO B 195 36.97 29.13 5.56
N LEU B 196 36.92 28.50 4.39
CA LEU B 196 36.32 27.19 4.22
C LEU B 196 36.90 26.55 2.96
N PRO B 197 37.99 25.78 3.07
CA PRO B 197 38.62 25.25 1.86
C PRO B 197 37.86 24.11 1.22
N GLN B 198 37.08 23.35 1.99
CA GLN B 198 36.24 22.30 1.46
C GLN B 198 34.79 22.64 1.78
N LYS B 199 33.94 22.61 0.75
CA LYS B 199 32.60 23.15 0.88
C LYS B 199 31.68 22.15 1.57
N PHE B 200 30.45 22.58 1.86
CA PHE B 200 29.47 21.69 2.47
C PHE B 200 28.88 20.71 1.47
N ASP B 201 29.12 20.91 0.17
CA ASP B 201 28.75 19.97 -0.86
C ASP B 201 29.96 19.48 -1.63
N ALA B 202 31.08 19.29 -0.93
CA ALA B 202 32.30 18.84 -1.59
C ALA B 202 32.18 17.38 -2.01
N LYS B 203 31.68 16.54 -1.11
CA LYS B 203 31.38 15.12 -1.32
C LYS B 203 32.63 14.37 -1.76
N ASP B 204 33.57 14.30 -0.83
CA ASP B 204 34.87 13.68 -1.07
C ASP B 204 34.71 12.16 -1.06
N GLY B 205 35.06 11.52 -2.17
CA GLY B 205 35.03 10.08 -2.24
C GLY B 205 33.88 9.53 -3.06
N ASN B 206 33.25 8.48 -2.55
CA ASN B 206 32.22 7.79 -3.31
C ASN B 206 30.86 8.48 -3.17
N GLY B 207 30.32 8.51 -1.96
CA GLY B 207 29.09 9.20 -1.70
C GLY B 207 29.18 10.00 -0.42
N ASN B 208 30.25 9.75 0.33
CA ASN B 208 30.48 10.43 1.59
C ASN B 208 30.97 11.85 1.32
N SER B 209 30.80 12.71 2.31
CA SER B 209 31.23 14.09 2.21
C SER B 209 32.36 14.37 3.18
N ALA B 210 32.92 15.57 3.10
CA ALA B 210 34.15 15.91 3.80
C ALA B 210 33.94 16.76 5.05
N VAL B 211 32.90 17.59 5.09
CA VAL B 211 32.76 18.62 6.13
C VAL B 211 31.44 18.41 6.85
N ASP B 212 31.49 18.39 8.19
CA ASP B 212 30.29 18.44 9.00
C ASP B 212 29.93 19.91 9.19
N PRO B 213 28.84 20.40 8.60
CA PRO B 213 28.51 21.83 8.75
C PRO B 213 27.93 22.17 10.11
N ILE B 214 27.34 21.21 10.81
CA ILE B 214 26.91 21.47 12.19
C ILE B 214 28.12 21.61 13.09
N GLN B 215 29.19 20.86 12.82
CA GLN B 215 30.39 20.99 13.63
C GLN B 215 31.19 22.23 13.28
N TYR B 216 31.07 22.72 12.04
CA TYR B 216 31.79 23.92 11.62
C TYR B 216 31.28 25.15 12.38
N PHE B 217 29.97 25.31 12.46
CA PHE B 217 29.39 26.46 13.14
C PHE B 217 29.49 26.34 14.65
N ARG B 218 29.54 25.11 15.15
CA ARG B 218 29.69 24.92 16.59
C ARG B 218 31.13 25.10 17.04
N ASP B 219 32.07 24.87 16.13
CA ASP B 219 33.46 25.17 16.39
C ASP B 219 33.68 26.68 16.49
N LEU B 220 32.92 27.46 15.72
CA LEU B 220 33.02 28.91 15.79
C LEU B 220 32.46 29.46 17.09
N ILE B 221 31.42 28.81 17.63
CA ILE B 221 30.91 29.20 18.94
C ILE B 221 31.90 28.86 20.03
N LYS B 222 32.64 27.76 19.85
CA LYS B 222 33.67 27.39 20.81
C LYS B 222 34.88 28.32 20.72
N ALA B 223 35.27 28.69 19.50
CA ALA B 223 36.44 29.55 19.28
C ALA B 223 36.18 31.01 19.59
N ALA B 224 35.02 31.34 20.15
CA ALA B 224 34.70 32.70 20.57
C ALA B 224 34.00 32.68 21.92
N THR B 225 34.50 31.85 22.84
CA THR B 225 33.98 31.87 24.20
C THR B 225 34.58 33.01 25.00
N TYR B 226 35.86 33.32 24.76
CA TYR B 226 36.50 34.47 25.36
C TYR B 226 36.59 35.63 24.38
N PHE B 227 35.93 35.51 23.23
CA PHE B 227 35.74 36.58 22.26
C PHE B 227 34.24 36.80 22.16
N PRO B 228 33.63 37.54 23.10
CA PRO B 228 32.16 37.61 23.14
C PRO B 228 31.55 38.40 22.00
N ASP B 229 32.31 39.27 21.34
CA ASP B 229 31.82 40.01 20.19
C ASP B 229 31.97 39.23 18.89
N ARG B 230 32.19 37.93 18.96
CA ARG B 230 32.67 37.17 17.83
C ARG B 230 31.96 35.83 17.68
N ARG B 231 31.06 35.46 18.59
CA ARG B 231 30.36 34.20 18.39
C ARG B 231 29.15 34.41 17.51
N PRO B 232 28.85 33.47 16.61
CA PRO B 232 27.66 33.61 15.77
C PRO B 232 26.37 33.40 16.56
N VAL B 233 25.37 34.23 16.24
CA VAL B 233 24.09 34.18 16.92
C VAL B 233 23.00 33.88 15.91
N ALA B 234 23.21 34.29 14.65
CA ALA B 234 22.25 33.99 13.60
C ALA B 234 22.95 33.91 12.26
N ILE B 235 22.24 33.37 11.27
CA ILE B 235 22.72 33.22 9.90
C ILE B 235 21.55 33.53 8.97
N ILE B 236 21.77 34.38 7.97
CA ILE B 236 20.76 34.70 6.98
C ILE B 236 21.22 34.14 5.64
N VAL B 237 20.42 33.24 5.07
CA VAL B 237 20.82 32.49 3.88
C VAL B 237 19.86 32.85 2.76
N GLY B 238 20.30 32.62 1.52
CA GLY B 238 19.44 32.72 0.36
C GLY B 238 18.52 31.52 0.22
N PRO B 239 18.22 31.15 -1.03
CA PRO B 239 17.21 30.11 -1.28
C PRO B 239 17.59 28.68 -0.89
N GLY B 240 18.72 28.19 -1.38
CA GLY B 240 18.97 26.76 -1.37
C GLY B 240 19.83 26.22 -0.24
N PHE B 241 19.41 26.39 1.00
CA PHE B 241 20.21 25.91 2.12
C PHE B 241 19.75 24.55 2.63
N ASP B 242 18.46 24.25 2.50
CA ASP B 242 17.97 22.97 2.98
C ASP B 242 18.37 21.84 2.05
N GLU B 243 18.50 22.12 0.76
CA GLU B 243 18.91 21.12 -0.21
C GLU B 243 20.39 20.80 -0.14
N VAL B 244 21.16 21.62 0.58
CA VAL B 244 22.57 21.34 0.82
C VAL B 244 22.75 20.50 2.08
N LEU B 245 21.93 20.74 3.09
CA LEU B 245 22.03 20.00 4.34
C LEU B 245 21.59 18.56 4.18
N ALA B 246 20.55 18.32 3.38
CA ALA B 246 19.99 16.98 3.27
C ALA B 246 20.88 16.04 2.47
N ASP B 247 21.82 16.56 1.69
CA ASP B 247 22.68 15.73 0.85
C ASP B 247 24.12 15.73 1.35
N ASN B 248 24.32 15.69 2.66
CA ASN B 248 25.63 15.95 3.22
C ASN B 248 26.24 14.77 3.99
N THR B 249 25.45 13.76 4.36
CA THR B 249 25.86 12.48 4.96
C THR B 249 26.39 12.61 6.39
N PHE B 250 26.61 13.83 6.87
CA PHE B 250 26.83 14.11 8.27
C PHE B 250 25.53 14.53 8.93
N VAL B 251 24.87 15.55 8.34
CA VAL B 251 23.59 16.07 8.81
C VAL B 251 22.53 14.99 8.75
N GLN B 252 22.64 14.09 7.77
CA GLN B 252 21.74 12.94 7.64
C GLN B 252 21.78 12.05 8.87
N LYS B 253 22.97 11.83 9.42
CA LYS B 253 23.10 11.03 10.63
C LYS B 253 22.60 11.77 11.85
N TYR B 254 22.59 13.11 11.83
CA TYR B 254 21.92 13.86 12.88
C TYR B 254 20.41 13.73 12.76
N VAL B 255 19.89 13.66 11.53
CA VAL B 255 18.46 13.51 11.31
C VAL B 255 18.00 12.13 11.74
N GLU B 256 18.75 11.09 11.35
CA GLU B 256 18.45 9.72 11.73
C GLU B 256 18.57 9.50 13.23
N TYR B 257 19.36 10.30 13.94
CA TYR B 257 19.53 10.12 15.37
C TYR B 257 18.28 10.55 16.13
N GLU B 258 17.74 11.72 15.83
CA GLU B 258 16.67 12.27 16.64
C GLU B 258 15.31 11.68 16.37
N LYS B 259 15.20 10.75 15.42
CA LYS B 259 13.93 10.09 15.15
C LYS B 259 14.02 8.58 15.29
N GLY B 260 15.19 8.04 15.64
CA GLY B 260 15.33 6.61 15.78
C GLY B 260 15.43 5.87 14.47
N TRP B 261 15.88 6.53 13.42
CA TRP B 261 15.98 5.91 12.10
C TRP B 261 17.30 5.16 12.00
N VAL B 262 17.27 3.85 12.15
CA VAL B 262 18.34 2.98 11.67
C VAL B 262 17.78 2.42 10.37
N VAL B 263 18.60 2.40 9.32
CA VAL B 263 18.06 2.24 7.97
C VAL B 263 17.68 0.79 7.69
N GLY B 264 18.62 -0.13 7.93
CA GLY B 264 18.39 -1.53 7.59
C GLY B 264 17.37 -2.23 8.46
N GLN B 265 17.01 -1.64 9.60
CA GLN B 265 15.96 -2.15 10.46
C GLN B 265 14.92 -1.06 10.63
N ASN B 266 13.86 -1.35 11.39
CA ASN B 266 12.99 -0.37 12.04
C ASN B 266 12.14 0.49 11.09
N THR B 267 12.51 0.56 9.81
CA THR B 267 12.06 1.48 8.77
C THR B 267 12.70 1.08 7.45
N VAL B 268 12.14 1.59 6.37
CA VAL B 268 12.84 1.69 5.10
C VAL B 268 13.54 3.04 5.12
N GLN B 269 14.53 3.25 4.24
CA GLN B 269 15.15 4.57 4.17
C GLN B 269 14.13 5.59 3.67
N PRO B 270 13.98 6.72 4.35
CA PRO B 270 12.92 7.67 4.01
C PRO B 270 13.22 8.40 2.71
N PRO B 271 12.21 8.97 2.08
CA PRO B 271 12.47 9.84 0.94
C PRO B 271 12.79 11.25 1.43
N ARG B 272 13.22 12.09 0.49
CA ARG B 272 13.74 13.41 0.83
C ARG B 272 12.66 14.41 1.24
N GLU B 273 11.38 14.04 1.25
CA GLU B 273 10.37 15.00 1.68
C GLU B 273 10.37 15.19 3.19
N VAL B 274 10.77 14.16 3.94
CA VAL B 274 10.82 14.21 5.39
C VAL B 274 12.29 14.43 5.77
N TYR B 275 13.18 13.96 4.91
CA TYR B 275 14.61 13.94 5.13
C TYR B 275 15.23 15.32 4.96
N ARG B 276 14.48 16.26 4.38
CA ARG B 276 14.88 17.64 4.17
C ARG B 276 13.98 18.63 4.89
N GLN B 277 12.74 18.25 5.21
CA GLN B 277 11.85 19.11 5.98
C GLN B 277 12.37 19.33 7.41
N ALA B 278 13.01 18.32 7.98
CA ALA B 278 13.53 18.39 9.33
C ALA B 278 14.95 18.93 9.40
N ALA B 279 15.53 19.32 8.26
CA ALA B 279 16.93 19.71 8.24
C ALA B 279 17.17 21.07 8.89
N LEU B 280 16.15 21.92 8.98
CA LEU B 280 16.33 23.21 9.64
C LEU B 280 16.32 23.08 11.16
N ASP B 281 15.34 22.37 11.71
CA ASP B 281 15.19 22.33 13.16
C ASP B 281 16.32 21.58 13.82
N ILE B 282 16.80 20.53 13.17
CA ILE B 282 17.95 19.78 13.68
C ILE B 282 19.22 20.62 13.57
N PHE B 283 19.29 21.48 12.56
CA PHE B 283 20.38 22.47 12.51
C PHE B 283 20.23 23.52 13.60
N LYS B 284 19.01 23.94 13.89
CA LYS B 284 18.79 24.98 14.89
C LYS B 284 18.95 24.46 16.32
N ARG B 285 18.71 23.17 16.54
CA ARG B 285 18.84 22.64 17.90
C ARG B 285 20.30 22.38 18.26
N TYR B 286 21.10 21.90 17.30
CA TYR B 286 22.47 21.51 17.61
C TYR B 286 23.46 22.65 17.49
N THR B 287 23.21 23.62 16.61
CA THR B 287 24.05 24.80 16.56
C THR B 287 23.51 25.94 17.40
N GLY B 288 22.25 25.89 17.80
CA GLY B 288 21.69 26.86 18.72
C GLY B 288 21.42 28.23 18.16
N LEU B 289 21.71 28.48 16.89
CA LEU B 289 21.57 29.79 16.30
C LEU B 289 20.28 29.88 15.48
N GLU B 290 19.99 31.08 14.99
CA GLU B 290 18.78 31.36 14.24
C GLU B 290 19.08 31.39 12.74
N VAL B 291 18.11 30.95 11.95
CA VAL B 291 18.22 30.97 10.50
C VAL B 291 17.10 31.85 9.96
N MET B 292 17.45 32.75 9.05
CA MET B 292 16.49 33.59 8.36
C MET B 292 16.69 33.40 6.85
N VAL B 293 15.60 33.21 6.13
CA VAL B 293 15.66 32.95 4.70
C VAL B 293 15.24 34.23 3.98
N TYR B 294 16.15 34.77 3.17
CA TYR B 294 15.91 35.97 2.37
C TYR B 294 16.13 35.58 0.92
N ASP B 295 15.06 35.17 0.24
CA ASP B 295 15.12 34.65 -1.11
C ASP B 295 14.76 35.69 -2.17
N LYS B 296 14.86 36.97 -1.82
CA LYS B 296 14.43 38.04 -2.70
C LYS B 296 15.44 38.25 -3.81
N THR B 297 14.95 38.63 -5.00
CA THR B 297 15.70 38.53 -6.23
C THR B 297 15.86 39.88 -6.90
N TYR B 298 16.77 39.91 -7.87
CA TYR B 298 16.87 40.98 -8.86
C TYR B 298 17.18 40.33 -10.19
N ARG B 299 17.17 41.12 -11.26
CA ARG B 299 17.54 40.61 -12.56
C ARG B 299 18.88 41.19 -12.98
N ASP B 300 19.78 40.32 -13.44
CA ASP B 300 21.07 40.73 -13.96
C ASP B 300 20.87 41.48 -15.26
N GLN B 301 21.92 42.24 -15.65
CA GLN B 301 21.86 43.06 -16.85
C GLN B 301 21.76 42.21 -18.10
N ASP B 302 22.74 41.33 -18.32
CA ASP B 302 22.70 40.39 -19.43
C ASP B 302 22.15 39.03 -19.01
N GLY B 303 22.49 38.58 -17.81
CA GLY B 303 22.13 37.25 -17.37
C GLY B 303 20.68 37.10 -16.96
N SER B 304 20.42 36.04 -16.22
CA SER B 304 19.09 35.70 -15.77
C SER B 304 18.84 36.32 -14.40
N VAL B 305 17.77 35.85 -13.74
CA VAL B 305 17.46 36.30 -12.39
C VAL B 305 18.52 35.83 -11.42
N LYS B 306 18.93 36.72 -10.52
CA LYS B 306 19.88 36.39 -9.46
C LYS B 306 19.33 36.83 -8.12
N TYR B 307 19.90 36.28 -7.07
CA TYR B 307 19.50 36.57 -5.71
C TYR B 307 20.40 37.65 -5.12
N TRP B 308 19.87 38.37 -4.13
CA TRP B 308 20.66 39.39 -3.46
C TRP B 308 21.78 38.77 -2.64
N ILE B 309 21.41 37.93 -1.67
CA ILE B 309 22.37 37.03 -1.05
C ILE B 309 22.63 35.95 -2.08
N PRO B 310 23.86 35.79 -2.58
CA PRO B 310 24.09 34.90 -3.73
C PRO B 310 23.89 33.43 -3.42
N VAL B 311 24.14 32.58 -4.41
CA VAL B 311 23.51 31.26 -4.45
C VAL B 311 24.15 30.32 -3.43
N GLY B 312 25.47 30.14 -3.51
CA GLY B 312 26.16 29.30 -2.55
C GLY B 312 26.82 30.09 -1.45
N GLU B 313 26.16 31.13 -0.95
CA GLU B 313 26.74 32.02 0.04
C GLU B 313 25.72 32.31 1.13
N LEU B 314 26.23 32.73 2.28
CA LEU B 314 25.39 33.16 3.40
C LEU B 314 26.15 34.18 4.22
N ILE B 315 25.43 34.84 5.11
CA ILE B 315 26.03 35.80 6.03
C ILE B 315 25.89 35.26 7.44
N VAL B 316 26.88 35.57 8.26
CA VAL B 316 26.95 35.11 9.64
C VAL B 316 26.93 36.32 10.54
N LEU B 317 25.87 36.46 11.34
CA LEU B 317 25.85 37.54 12.31
C LEU B 317 26.69 37.18 13.52
N ASN B 318 26.72 38.11 14.47
CA ASN B 318 27.51 37.97 15.69
C ASN B 318 26.62 38.48 16.82
N GLN B 319 27.24 38.83 17.95
CA GLN B 319 26.68 38.88 19.30
C GLN B 319 25.26 39.42 19.49
N SER B 320 24.80 40.30 18.59
CA SER B 320 23.41 40.72 18.60
C SER B 320 22.85 40.66 17.18
N THR B 321 21.56 40.35 17.09
CA THR B 321 20.85 40.35 15.82
C THR B 321 20.10 41.66 15.59
N GLY B 322 20.53 42.74 16.23
CA GLY B 322 19.90 44.02 16.08
C GLY B 322 20.45 44.77 14.88
N PRO B 323 20.23 46.09 14.85
CA PRO B 323 20.73 46.90 13.74
C PRO B 323 22.26 47.02 13.77
N VAL B 324 22.90 46.56 12.69
CA VAL B 324 24.35 46.59 12.56
C VAL B 324 24.70 47.92 11.92
N GLY B 325 24.84 48.96 12.73
CA GLY B 325 25.20 50.26 12.22
C GLY B 325 24.05 51.25 12.28
N ARG B 326 24.14 52.27 11.42
CA ARG B 326 23.19 53.38 11.35
C ARG B 326 23.40 54.15 10.06
N PHE B 327 22.31 54.56 9.41
CA PHE B 327 22.40 55.43 8.25
C PHE B 327 22.01 56.84 8.68
N VAL B 328 22.85 57.82 8.35
CA VAL B 328 22.70 59.16 8.90
C VAL B 328 22.48 60.14 7.76
N TYR B 329 21.41 60.92 7.86
CA TYR B 329 21.22 62.07 7.00
C TYR B 329 21.83 63.29 7.67
N THR B 330 22.45 64.15 6.87
CA THR B 330 22.99 65.40 7.39
C THR B 330 22.27 66.57 6.74
N ALA B 331 22.52 67.76 7.26
CA ALA B 331 21.69 68.91 6.97
C ALA B 331 21.98 69.49 5.59
N HIS B 332 20.92 69.86 4.88
CA HIS B 332 21.03 70.61 3.63
C HIS B 332 20.34 71.95 3.79
N VAL B 333 20.58 72.83 2.82
CA VAL B 333 20.05 74.18 2.84
C VAL B 333 18.66 74.16 2.22
N ALA B 334 17.64 74.36 3.04
CA ALA B 334 16.29 74.61 2.55
C ALA B 334 16.13 76.11 2.31
N GLY B 335 14.91 76.57 2.06
CA GLY B 335 14.70 77.98 1.86
C GLY B 335 14.70 78.77 3.15
N GLN B 336 14.73 80.09 3.02
CA GLN B 336 14.68 80.94 4.19
C GLN B 336 13.24 81.12 4.66
N ARG B 337 13.09 81.58 5.90
CA ARG B 337 11.77 81.80 6.47
C ARG B 337 11.51 83.25 6.81
N ASN B 338 12.39 83.88 7.58
CA ASN B 338 12.25 85.29 7.94
C ASN B 338 13.59 85.99 7.82
N GLY B 339 14.26 85.77 6.69
CA GLY B 339 15.61 86.24 6.51
C GLY B 339 16.68 85.35 7.12
N LYS B 340 16.28 84.30 7.83
CA LYS B 340 17.21 83.34 8.40
C LYS B 340 17.20 82.09 7.54
N VAL B 341 18.39 81.57 7.25
CA VAL B 341 18.52 80.35 6.48
C VAL B 341 18.03 79.18 7.32
N VAL B 342 17.07 78.43 6.79
CA VAL B 342 16.47 77.30 7.49
C VAL B 342 17.00 76.02 6.85
N TYR B 343 17.31 75.04 7.67
CA TYR B 343 17.95 73.81 7.24
C TYR B 343 16.99 72.64 7.38
N ALA B 344 17.31 71.55 6.70
CA ALA B 344 16.51 70.33 6.78
C ALA B 344 17.41 69.14 6.47
N THR B 345 16.94 67.97 6.89
CA THR B 345 17.67 66.71 6.70
C THR B 345 16.79 65.72 5.94
N GLY B 346 17.45 64.79 5.25
CA GLY B 346 16.76 63.78 4.51
C GLY B 346 16.60 64.16 3.06
N PRO B 347 15.90 63.33 2.29
CA PRO B 347 15.75 63.58 0.85
C PRO B 347 14.80 64.74 0.57
N TYR B 348 15.27 65.70 -0.21
CA TYR B 348 14.47 66.85 -0.61
C TYR B 348 14.17 66.78 -2.10
N LEU B 349 13.27 67.64 -2.54
CA LEU B 349 12.76 67.59 -3.90
C LEU B 349 12.26 68.99 -4.26
N THR B 350 13.01 69.71 -5.08
CA THR B 350 12.72 71.11 -5.34
C THR B 350 12.25 71.32 -6.78
N VAL B 351 11.35 72.28 -6.94
CA VAL B 351 10.69 72.58 -8.21
C VAL B 351 11.08 73.99 -8.63
N LYS B 352 11.54 74.14 -9.87
CA LYS B 352 11.86 75.45 -10.45
C LYS B 352 11.04 75.64 -11.71
N ASP B 353 10.01 76.49 -11.62
CA ASP B 353 9.17 76.80 -12.77
C ASP B 353 9.66 78.08 -13.45
N HIS B 354 10.12 77.94 -14.68
CA HIS B 354 10.45 79.08 -15.52
C HIS B 354 9.50 79.12 -16.72
N LEU B 355 8.22 78.88 -16.43
CA LEU B 355 7.18 78.76 -17.45
C LEU B 355 6.81 80.09 -18.09
N GLN B 356 7.35 81.21 -17.60
CA GLN B 356 7.20 82.50 -18.27
C GLN B 356 8.60 83.12 -18.38
N ASP B 357 9.34 82.71 -19.40
CA ASP B 357 10.57 83.39 -19.81
C ASP B 357 10.70 83.18 -21.31
N ASP B 358 11.92 83.39 -21.86
CA ASP B 358 12.02 83.69 -23.30
C ASP B 358 11.76 82.46 -24.17
N PRO B 359 12.39 81.30 -23.96
CA PRO B 359 11.63 80.06 -24.06
C PRO B 359 11.30 79.50 -22.69
N PRO B 360 10.03 79.22 -22.41
CA PRO B 360 9.69 78.64 -21.11
C PRO B 360 10.16 77.21 -20.96
N TYR B 361 10.49 76.85 -19.71
CA TYR B 361 10.90 75.50 -19.37
C TYR B 361 10.47 75.22 -17.94
N TYR B 362 10.93 74.10 -17.41
CA TYR B 362 10.47 73.60 -16.11
C TYR B 362 11.51 72.59 -15.63
N ALA B 363 11.84 72.63 -14.34
CA ALA B 363 12.94 71.82 -13.85
C ALA B 363 12.67 71.30 -12.44
N ILE B 364 13.12 70.07 -12.19
CA ILE B 364 13.08 69.44 -10.88
C ILE B 364 14.51 69.16 -10.46
N ILE B 365 14.83 69.37 -9.18
CA ILE B 365 16.12 69.03 -8.61
C ILE B 365 15.90 68.20 -7.35
N ALA B 366 16.50 67.02 -7.30
CA ALA B 366 16.36 66.10 -6.17
C ALA B 366 17.73 65.64 -5.70
N GLY B 367 17.85 65.42 -4.40
CA GLY B 367 19.08 64.92 -3.81
C GLY B 367 18.96 64.90 -2.31
N PHE B 368 20.08 64.54 -1.66
CA PHE B 368 20.31 64.75 -0.23
C PHE B 368 21.77 64.48 0.10
N HIS B 369 22.10 64.62 1.39
CA HIS B 369 23.42 64.39 1.94
C HIS B 369 23.34 63.27 2.98
N GLY B 370 24.29 62.35 2.93
CA GLY B 370 24.30 61.28 3.93
C GLY B 370 25.32 60.22 3.58
N LEU B 371 25.47 59.28 4.53
CA LEU B 371 26.41 58.17 4.48
C LEU B 371 26.05 57.20 5.59
N PRO B 372 26.32 55.89 5.47
CA PRO B 372 26.11 54.99 6.60
C PRO B 372 27.23 55.05 7.62
N GLN B 373 26.92 54.59 8.83
CA GLN B 373 27.83 54.65 9.96
C GLN B 373 27.68 53.40 10.82
N LEU B 374 28.79 52.73 11.10
CA LEU B 374 28.75 51.56 11.96
C LEU B 374 28.71 51.97 13.43
N SER B 375 27.90 51.26 14.21
CA SER B 375 27.55 51.65 15.57
C SER B 375 28.72 51.65 16.54
N GLY B 376 29.30 50.49 16.81
CA GLY B 376 30.29 50.42 17.87
C GLY B 376 31.46 49.50 17.61
N TYR B 377 32.67 50.03 17.74
CA TYR B 377 33.86 49.23 17.55
C TYR B 377 34.32 48.66 18.90
N ASN B 378 35.39 47.88 18.87
CA ASN B 378 35.92 47.24 20.06
C ASN B 378 36.85 48.23 20.76
N THR B 379 36.57 48.52 22.04
CA THR B 379 37.32 49.53 22.77
C THR B 379 38.72 49.06 23.14
N GLU B 380 38.95 47.76 23.22
CA GLU B 380 40.27 47.27 23.62
C GLU B 380 41.27 47.39 22.47
N ASP B 381 41.02 46.66 21.40
CA ASP B 381 41.77 46.78 20.16
C ASP B 381 40.75 47.02 19.06
N PHE B 382 40.96 48.07 18.28
CA PHE B 382 39.88 48.66 17.48
C PHE B 382 39.53 47.79 16.29
N SER B 383 38.67 46.82 16.51
CA SER B 383 38.26 45.88 15.48
C SER B 383 36.74 45.86 15.38
N PHE B 384 36.25 45.50 14.20
CA PHE B 384 34.82 45.35 13.96
C PHE B 384 34.60 44.04 13.23
N HIS B 385 33.78 43.18 13.82
CA HIS B 385 33.25 42.02 13.11
C HIS B 385 31.89 41.68 13.73
N ARG B 386 30.84 42.20 13.10
CA ARG B 386 29.46 41.86 13.40
C ARG B 386 28.83 40.99 12.34
N PHE B 387 29.35 41.04 11.12
CA PHE B 387 28.83 40.25 10.02
C PHE B 387 30.00 39.67 9.23
N LYS B 388 29.87 38.40 8.85
CA LYS B 388 30.89 37.73 8.06
C LYS B 388 30.21 36.92 6.96
N TRP B 389 30.91 36.77 5.85
CA TRP B 389 30.39 36.09 4.67
C TRP B 389 31.05 34.73 4.52
N LEU B 390 30.23 33.71 4.31
CA LEU B 390 30.71 32.34 4.13
C LEU B 390 30.19 31.80 2.80
N LYS B 391 31.11 31.39 1.94
CA LYS B 391 30.76 30.69 0.70
C LYS B 391 30.68 29.21 1.02
N TYR B 392 29.48 28.72 1.30
CA TYR B 392 29.33 27.40 1.89
C TYR B 392 29.28 26.28 0.87
N ALA B 393 28.85 26.56 -0.36
CA ALA B 393 28.73 25.49 -1.33
C ALA B 393 29.01 26.04 -2.73
N ASN B 394 29.30 25.12 -3.65
CA ASN B 394 29.63 25.49 -5.02
C ASN B 394 28.44 25.36 -5.97
N ASN B 395 27.74 24.25 -5.94
CA ASN B 395 26.69 23.96 -6.92
C ASN B 395 25.35 23.87 -6.19
N VAL B 396 24.68 25.01 -6.10
CA VAL B 396 23.35 25.08 -5.49
C VAL B 396 22.27 25.33 -6.54
N GLN B 397 22.62 25.89 -7.71
CA GLN B 397 21.66 26.12 -8.78
C GLN B 397 21.09 24.85 -9.37
N SER B 398 21.74 23.70 -9.17
CA SER B 398 21.18 22.43 -9.62
C SER B 398 19.95 22.05 -8.81
N TYR B 399 19.82 22.55 -7.59
CA TYR B 399 18.66 22.30 -6.77
C TYR B 399 17.54 23.30 -7.00
N LEU B 400 17.74 24.28 -7.88
CA LEU B 400 16.79 25.37 -8.00
C LEU B 400 15.97 25.27 -9.28
N PRO B 401 14.68 25.60 -9.22
CA PRO B 401 13.87 25.57 -10.43
C PRO B 401 14.20 26.75 -11.32
N PRO B 402 14.03 26.61 -12.64
CA PRO B 402 14.39 27.69 -13.55
C PRO B 402 13.41 28.85 -13.52
N PHE B 403 13.86 29.98 -14.02
CA PHE B 403 13.12 31.21 -14.07
C PHE B 403 12.61 31.49 -15.49
N PRO B 404 11.49 32.19 -15.62
CA PRO B 404 11.02 32.57 -16.95
C PRO B 404 11.95 33.58 -17.58
N PRO B 405 12.10 33.55 -18.90
CA PRO B 405 12.85 34.61 -19.57
C PRO B 405 12.07 35.91 -19.55
N LYS B 406 12.79 37.01 -19.75
CA LYS B 406 12.18 38.33 -19.60
C LYS B 406 11.29 38.64 -20.80
N VAL B 407 10.03 38.98 -20.51
CA VAL B 407 9.05 39.28 -21.55
C VAL B 407 9.33 40.69 -22.06
N GLU B 408 9.68 40.80 -23.33
CA GLU B 408 10.05 42.07 -23.93
C GLU B 408 9.24 42.29 -25.20
N LEU B 409 8.42 43.34 -25.18
CA LEU B 409 7.58 43.67 -26.33
C LEU B 409 8.40 44.23 -27.48
N MET C 1 -37.44 4.03 -29.30
CA MET C 1 -38.63 3.33 -29.77
C MET C 1 -38.94 2.14 -28.89
N ARG C 2 -40.22 1.98 -28.53
CA ARG C 2 -40.70 0.73 -27.95
C ARG C 2 -41.78 0.16 -28.85
N VAL C 3 -41.93 -1.15 -28.80
CA VAL C 3 -42.94 -1.83 -29.62
C VAL C 3 -44.30 -1.64 -28.96
N PRO C 4 -45.32 -1.18 -29.70
CA PRO C 4 -46.64 -0.99 -29.09
C PRO C 4 -47.40 -2.28 -28.87
N ILE C 5 -47.17 -2.93 -27.73
CA ILE C 5 -47.89 -4.13 -27.34
C ILE C 5 -48.45 -3.96 -25.95
N ASN C 6 -49.45 -4.78 -25.63
CA ASN C 6 -49.76 -5.04 -24.23
C ASN C 6 -48.85 -6.13 -23.69
N ILE C 7 -48.28 -5.87 -22.51
CA ILE C 7 -47.52 -6.89 -21.82
C ILE C 7 -48.47 -7.93 -21.22
N ASN C 8 -49.58 -7.46 -20.63
CA ASN C 8 -50.52 -8.35 -19.96
C ASN C 8 -51.26 -9.23 -20.95
N ASN C 9 -51.67 -8.68 -22.08
CA ASN C 9 -52.58 -9.37 -22.98
C ASN C 9 -51.85 -10.26 -23.97
N ALA C 10 -50.55 -10.06 -24.19
CA ALA C 10 -49.82 -10.93 -25.10
C ALA C 10 -49.49 -12.27 -24.46
N LEU C 11 -49.30 -12.30 -23.14
CA LEU C 11 -48.96 -13.55 -22.48
C LEU C 11 -50.17 -14.46 -22.36
N ALA C 12 -51.36 -13.88 -22.17
CA ALA C 12 -52.57 -14.68 -22.12
C ALA C 12 -53.06 -15.12 -23.48
N ARG C 13 -52.44 -14.66 -24.57
CA ARG C 13 -52.92 -14.94 -25.91
C ARG C 13 -52.03 -15.87 -26.70
N VAL C 14 -50.73 -15.87 -26.48
CA VAL C 14 -49.82 -16.75 -27.25
C VAL C 14 -49.83 -18.08 -26.50
N ARG C 15 -50.88 -18.85 -26.76
CA ARG C 15 -51.14 -20.22 -26.34
C ARG C 15 -52.35 -20.69 -27.13
N ASP C 16 -52.25 -21.86 -27.72
CA ASP C 16 -53.31 -22.31 -28.62
C ASP C 16 -54.49 -22.85 -27.81
N PRO C 17 -55.70 -22.29 -27.98
CA PRO C 17 -56.86 -22.82 -27.28
C PRO C 17 -57.57 -23.94 -28.01
N LEU C 18 -57.16 -24.23 -29.24
CA LEU C 18 -57.79 -25.21 -30.11
C LEU C 18 -56.77 -26.19 -30.65
N SER C 19 -55.91 -26.71 -29.78
CA SER C 19 -54.87 -27.64 -30.17
C SER C 19 -54.81 -28.81 -29.21
N ILE C 20 -54.60 -30.00 -29.74
CA ILE C 20 -54.37 -31.20 -28.94
C ILE C 20 -53.03 -31.79 -29.33
N GLY C 21 -52.38 -32.43 -28.38
CA GLY C 21 -51.05 -32.98 -28.57
C GLY C 21 -51.05 -34.39 -29.12
N GLY C 22 -50.03 -35.15 -28.74
CA GLY C 22 -49.97 -36.55 -29.13
C GLY C 22 -51.06 -37.37 -28.48
N LEU C 23 -51.36 -37.08 -27.22
CA LEU C 23 -52.62 -37.54 -26.64
C LEU C 23 -53.77 -36.89 -27.40
N LYS C 24 -54.78 -37.67 -27.74
CA LYS C 24 -55.88 -37.16 -28.55
C LYS C 24 -56.87 -36.30 -27.77
N PHE C 25 -56.59 -35.93 -26.54
CA PHE C 25 -57.54 -35.17 -25.71
C PHE C 25 -56.76 -34.10 -24.97
N PRO C 26 -57.44 -33.02 -24.52
CA PRO C 26 -56.71 -31.95 -23.83
C PRO C 26 -56.28 -32.38 -22.43
N THR C 27 -55.03 -32.10 -22.11
CA THR C 27 -54.40 -32.57 -20.88
C THR C 27 -54.50 -31.53 -19.78
N THR C 28 -54.24 -31.99 -18.55
CA THR C 28 -54.07 -31.09 -17.43
C THR C 28 -52.65 -30.53 -17.42
N LYS C 29 -52.52 -29.26 -17.10
CA LYS C 29 -51.23 -28.59 -17.12
C LYS C 29 -51.30 -27.37 -16.23
N GLU C 30 -50.18 -26.64 -16.18
CA GLU C 30 -50.06 -25.45 -15.36
C GLU C 30 -49.04 -24.53 -16.00
N ILE C 31 -49.34 -23.23 -16.03
CA ILE C 31 -48.64 -22.25 -16.84
C ILE C 31 -48.28 -21.04 -15.98
N GLN C 32 -47.01 -20.64 -16.00
CA GLN C 32 -46.57 -19.40 -15.38
C GLN C 32 -45.93 -18.49 -16.44
N GLU C 33 -46.08 -17.19 -16.23
CA GLU C 33 -45.57 -16.19 -17.16
C GLU C 33 -44.58 -15.27 -16.46
N ALA C 34 -43.64 -14.72 -17.24
CA ALA C 34 -42.66 -13.81 -16.70
C ALA C 34 -42.28 -12.79 -17.77
N VAL C 35 -41.88 -11.60 -17.31
CA VAL C 35 -41.62 -10.46 -18.19
C VAL C 35 -40.21 -9.95 -17.91
N ALA C 36 -39.41 -9.82 -18.97
CA ALA C 36 -38.08 -9.23 -18.86
C ALA C 36 -37.97 -7.99 -19.74
N ALA C 37 -37.17 -7.04 -19.30
CA ALA C 37 -36.86 -5.85 -20.09
C ALA C 37 -35.37 -5.82 -20.34
N ILE C 38 -34.98 -5.75 -21.60
CA ILE C 38 -33.57 -5.84 -22.00
C ILE C 38 -33.10 -4.46 -22.43
N ALA C 39 -32.11 -3.93 -21.72
CA ALA C 39 -31.48 -2.67 -22.05
C ALA C 39 -29.99 -2.79 -21.79
N ASP C 40 -29.18 -2.20 -22.66
CA ASP C 40 -27.73 -2.22 -22.49
C ASP C 40 -27.37 -1.30 -21.34
N LYS C 41 -26.85 -1.88 -20.27
CA LYS C 41 -26.53 -1.15 -19.06
C LYS C 41 -25.20 -0.41 -19.17
N PHE C 42 -24.35 -0.81 -20.11
CA PHE C 42 -22.97 -0.36 -20.16
C PHE C 42 -22.70 0.56 -21.34
N ASN C 43 -23.71 1.27 -21.79
CA ASN C 43 -23.57 2.29 -22.84
C ASN C 43 -24.02 3.60 -22.20
N GLN C 44 -23.09 4.26 -21.52
CA GLN C 44 -23.41 5.47 -20.77
C GLN C 44 -22.91 6.70 -21.49
N GLU C 45 -23.45 7.85 -21.08
CA GLU C 45 -23.20 9.12 -21.76
C GLU C 45 -22.09 9.89 -21.05
N ASN C 46 -21.22 10.51 -21.84
CA ASN C 46 -20.00 11.15 -21.33
C ASN C 46 -20.38 12.46 -20.63
N ASP C 47 -20.73 12.33 -19.35
CA ASP C 47 -21.09 13.46 -18.52
C ASP C 47 -19.91 14.13 -17.85
N LEU C 48 -18.69 13.79 -18.26
CA LEU C 48 -17.50 14.35 -17.62
C LEU C 48 -17.31 15.81 -17.98
N VAL C 49 -17.34 16.12 -19.26
CA VAL C 49 -16.78 17.38 -19.74
C VAL C 49 -17.95 18.36 -19.89
N ASP C 50 -19.10 17.97 -19.37
CA ASP C 50 -20.19 18.92 -19.21
C ASP C 50 -19.82 19.98 -18.18
N ARG C 51 -19.06 19.60 -17.14
CA ARG C 51 -18.65 20.56 -16.13
C ARG C 51 -17.37 21.28 -16.48
N PHE C 52 -16.55 20.73 -17.38
CA PHE C 52 -15.30 21.39 -17.73
C PHE C 52 -15.48 22.53 -18.70
N PHE C 53 -16.68 22.69 -19.26
CA PHE C 53 -17.21 23.99 -19.68
C PHE C 53 -18.72 24.00 -19.84
N PRO C 54 -19.37 24.98 -19.24
CA PRO C 54 -20.80 25.17 -19.49
C PRO C 54 -21.04 25.87 -20.82
N GLU C 55 -22.29 26.20 -21.09
CA GLU C 55 -22.72 26.66 -22.40
C GLU C 55 -23.25 28.08 -22.31
N ASP C 56 -22.97 28.87 -23.35
CA ASP C 56 -23.41 30.26 -23.44
C ASP C 56 -23.93 30.57 -24.83
N SER C 57 -24.40 31.80 -24.99
CA SER C 57 -25.08 32.27 -26.19
C SER C 57 -24.56 33.65 -26.53
N THR C 58 -24.57 34.00 -27.82
CA THR C 58 -23.95 35.25 -28.25
C THR C 58 -24.84 36.18 -29.06
N PHE C 59 -25.87 35.66 -29.75
CA PHE C 59 -26.68 36.41 -30.74
C PHE C 59 -25.84 37.10 -31.81
N ALA C 60 -24.70 36.51 -32.15
CA ALA C 60 -23.82 37.03 -33.18
C ALA C 60 -23.27 35.84 -33.94
N SER C 61 -22.42 36.09 -34.92
CA SER C 61 -21.93 35.02 -35.77
C SER C 61 -20.41 34.92 -35.81
N GLU C 62 -19.68 35.87 -35.24
CA GLU C 62 -18.25 35.76 -35.09
C GLU C 62 -17.85 36.28 -33.72
N LEU C 63 -16.79 35.72 -33.17
CA LEU C 63 -16.20 36.21 -31.94
C LEU C 63 -14.75 36.56 -32.19
N GLU C 64 -14.34 37.73 -31.71
CA GLU C 64 -13.00 38.23 -31.89
C GLU C 64 -12.43 38.67 -30.55
N LEU C 65 -11.12 38.49 -30.40
CA LEU C 65 -10.42 38.85 -29.18
C LEU C 65 -9.30 39.82 -29.51
N TYR C 66 -9.22 40.90 -28.73
CA TYR C 66 -8.15 41.88 -28.86
C TYR C 66 -7.45 42.01 -27.52
N LEU C 67 -6.11 42.03 -27.57
CA LEU C 67 -5.29 42.07 -26.36
C LEU C 67 -4.30 43.21 -26.49
N LEU C 68 -4.46 44.22 -25.65
CA LEU C 68 -3.47 45.28 -25.52
C LEU C 68 -2.62 44.98 -24.30
N ARG C 69 -1.31 44.92 -24.50
CA ARG C 69 -0.38 44.66 -23.42
C ARG C 69 0.72 45.70 -23.43
N THR C 70 1.02 46.24 -22.24
CA THR C 70 1.92 47.38 -22.10
C THR C 70 3.17 46.97 -21.34
N GLN C 71 4.26 47.68 -21.60
CA GLN C 71 5.53 47.44 -20.91
C GLN C 71 6.11 48.78 -20.52
N ASP C 72 6.02 49.11 -19.23
CA ASP C 72 6.47 50.40 -18.74
C ASP C 72 7.98 50.39 -18.52
N ALA C 73 8.52 51.56 -18.17
CA ALA C 73 9.92 51.68 -17.81
C ALA C 73 10.08 51.47 -16.31
N GLU C 74 11.14 50.75 -15.92
CA GLU C 74 11.36 50.48 -14.52
C GLU C 74 12.05 51.66 -13.85
N GLN C 75 11.89 51.74 -12.53
CA GLN C 75 12.46 52.83 -11.75
C GLN C 75 13.86 52.44 -11.25
N THR C 76 14.79 52.44 -12.20
CA THR C 76 16.21 52.22 -11.94
C THR C 76 16.95 53.55 -12.07
N GLY C 77 18.29 53.49 -12.03
CA GLY C 77 19.02 54.67 -12.41
C GLY C 77 19.91 55.39 -11.40
N MET C 78 20.58 54.66 -10.51
CA MET C 78 20.70 54.95 -9.08
C MET C 78 20.63 56.41 -8.62
N THR C 79 21.69 57.23 -8.80
CA THR C 79 21.75 58.68 -8.55
C THR C 79 23.16 59.13 -8.95
N PHE C 80 23.36 60.39 -9.36
CA PHE C 80 24.69 60.87 -9.71
C PHE C 80 25.37 61.48 -8.48
N VAL C 81 26.68 61.28 -8.39
CA VAL C 81 27.46 61.73 -7.24
C VAL C 81 27.75 63.22 -7.37
N HIS C 82 27.67 63.96 -6.26
CA HIS C 82 27.77 65.42 -6.26
C HIS C 82 28.81 65.88 -5.24
N GLN C 83 29.36 67.06 -5.48
CA GLN C 83 30.10 67.82 -4.48
C GLN C 83 29.30 69.09 -4.17
N VAL C 84 29.38 69.55 -2.92
CA VAL C 84 28.35 70.39 -2.32
C VAL C 84 28.23 71.74 -3.01
N GLY C 85 29.36 72.41 -3.25
CA GLY C 85 29.28 73.74 -3.81
C GLY C 85 29.23 73.84 -5.32
N SER C 86 28.64 72.86 -5.98
CA SER C 86 28.59 72.83 -7.43
C SER C 86 27.15 72.58 -7.90
N THR C 87 26.96 72.60 -9.22
CA THR C 87 25.65 72.48 -9.83
C THR C 87 25.39 71.04 -10.28
N SER C 88 24.11 70.68 -10.33
CA SER C 88 23.70 69.32 -10.61
C SER C 88 23.68 69.03 -12.11
N LEU C 89 23.57 67.74 -12.43
CA LEU C 89 23.66 67.20 -13.77
C LEU C 89 22.34 66.56 -14.20
N PRO C 90 22.04 66.51 -15.50
CA PRO C 90 20.76 65.98 -15.94
C PRO C 90 20.74 64.46 -15.99
N VAL C 91 19.52 63.94 -16.12
CA VAL C 91 19.20 62.51 -16.06
C VAL C 91 18.99 61.98 -17.47
N GLU C 92 19.50 60.77 -17.73
CA GLU C 92 19.31 60.09 -19.01
C GLU C 92 17.83 59.75 -19.27
N ALA C 93 17.56 59.32 -20.51
CA ALA C 93 16.22 59.05 -20.98
C ALA C 93 15.86 57.57 -20.83
N ARG C 94 14.56 57.28 -20.90
CA ARG C 94 13.98 55.97 -20.65
C ARG C 94 13.30 55.49 -21.95
N VAL C 95 12.59 54.36 -21.87
CA VAL C 95 11.85 53.83 -23.00
C VAL C 95 10.67 53.02 -22.49
N ALA C 96 9.54 53.12 -23.19
CA ALA C 96 8.37 52.31 -22.92
C ALA C 96 7.74 51.91 -24.25
N LYS C 97 6.93 50.85 -24.22
CA LYS C 97 6.41 50.30 -25.47
C LYS C 97 5.12 49.52 -25.22
N VAL C 98 4.33 49.38 -26.29
CA VAL C 98 3.07 48.65 -26.28
C VAL C 98 2.97 47.78 -27.52
N ASP C 99 2.21 46.69 -27.41
CA ASP C 99 1.89 45.81 -28.53
C ASP C 99 0.45 45.37 -28.45
N LEU C 100 -0.08 44.87 -29.56
CA LEU C 100 -1.45 44.39 -29.61
C LEU C 100 -1.55 43.19 -30.55
N ALA C 101 -2.51 42.32 -30.26
CA ALA C 101 -2.70 41.09 -31.03
C ALA C 101 -4.18 40.77 -31.11
N LYS C 102 -4.50 39.76 -31.94
CA LYS C 102 -5.85 39.52 -32.43
C LYS C 102 -6.08 38.03 -32.58
N ALA C 103 -7.29 37.58 -32.26
CA ALA C 103 -7.71 36.20 -32.49
C ALA C 103 -9.16 36.19 -32.97
N THR C 104 -9.49 35.21 -33.81
CA THR C 104 -10.82 35.08 -34.39
C THR C 104 -11.43 33.71 -34.07
N TRP C 105 -12.69 33.54 -34.46
CA TRP C 105 -13.52 32.39 -34.11
C TRP C 105 -14.76 32.40 -34.97
N SER C 106 -15.27 31.21 -35.30
CA SER C 106 -16.49 31.10 -36.08
C SER C 106 -17.14 29.75 -35.81
N PRO C 107 -18.47 29.66 -35.70
CA PRO C 107 -19.11 28.43 -35.24
C PRO C 107 -19.33 27.43 -36.36
N LEU C 108 -19.97 26.31 -36.00
CA LEU C 108 -20.46 25.32 -36.94
C LEU C 108 -21.98 25.25 -36.89
N ALA C 109 -22.55 24.63 -37.92
CA ALA C 109 -23.98 24.45 -38.07
C ALA C 109 -24.30 22.98 -38.27
N PHE C 110 -25.40 22.52 -37.67
CA PHE C 110 -25.89 21.17 -37.91
C PHE C 110 -27.37 21.09 -37.59
N LYS C 111 -28.16 20.53 -38.52
CA LYS C 111 -29.58 20.27 -38.28
C LYS C 111 -30.05 19.08 -39.11
N GLU C 112 -31.26 18.62 -38.80
CA GLU C 112 -31.83 17.41 -39.40
C GLU C 112 -33.35 17.45 -39.26
N SER C 113 -34.02 16.50 -39.90
CA SER C 113 -35.48 16.50 -39.96
C SER C 113 -36.04 15.09 -40.05
N ARG C 114 -37.34 14.97 -39.75
CA ARG C 114 -38.07 13.72 -39.85
C ARG C 114 -39.53 14.02 -40.15
N VAL C 115 -40.17 13.17 -40.97
CA VAL C 115 -41.54 13.37 -41.41
C VAL C 115 -42.35 12.08 -41.21
N TRP C 116 -43.59 12.24 -40.73
CA TRP C 116 -44.56 11.16 -40.63
C TRP C 116 -45.65 11.36 -41.68
N ASP C 117 -46.05 10.27 -42.34
CA ASP C 117 -47.00 10.35 -43.44
C ASP C 117 -48.41 9.95 -43.00
N GLU C 118 -49.30 9.86 -43.99
CA GLU C 118 -50.74 9.80 -43.74
C GLU C 118 -51.21 8.41 -43.36
N LYS C 119 -50.50 7.38 -43.78
CA LYS C 119 -50.86 6.01 -43.41
C LYS C 119 -50.67 5.78 -41.91
N GLU C 120 -49.44 5.95 -41.42
CA GLU C 120 -49.11 5.55 -40.07
C GLU C 120 -49.64 6.49 -38.98
N ILE C 121 -50.26 7.61 -39.34
CA ILE C 121 -50.91 8.43 -38.33
C ILE C 121 -52.17 7.75 -37.81
N LEU C 122 -53.04 7.29 -38.73
CA LEU C 122 -54.32 6.74 -38.32
C LEU C 122 -54.49 5.25 -38.62
N TYR C 123 -53.40 4.51 -38.83
CA TYR C 123 -53.52 3.07 -39.02
C TYR C 123 -52.85 2.22 -37.95
N LEU C 124 -51.84 2.70 -37.25
CA LEU C 124 -51.12 1.85 -36.32
C LEU C 124 -51.73 1.98 -34.94
N GLY C 125 -52.02 0.84 -34.33
CA GLY C 125 -52.46 0.76 -32.96
C GLY C 125 -51.50 -0.09 -32.17
N ARG C 126 -51.99 -0.78 -31.15
CA ARG C 126 -51.16 -1.74 -30.43
C ARG C 126 -51.10 -3.05 -31.21
N LEU C 127 -50.54 -4.08 -30.60
CA LEU C 127 -50.41 -5.36 -31.27
C LEU C 127 -51.15 -6.48 -30.57
N ALA C 128 -51.38 -6.38 -29.26
CA ALA C 128 -52.25 -7.34 -28.60
C ALA C 128 -53.71 -6.96 -28.77
N ASP C 129 -54.12 -5.82 -28.22
CA ASP C 129 -55.51 -5.40 -28.28
C ASP C 129 -55.75 -4.52 -29.51
N GLU C 130 -56.87 -3.82 -29.54
CA GLU C 130 -57.20 -2.88 -30.60
C GLU C 130 -57.53 -1.53 -29.98
N VAL C 131 -57.00 -0.47 -30.61
CA VAL C 131 -57.05 0.89 -30.09
C VAL C 131 -57.56 1.78 -31.22
N GLN C 132 -58.27 2.85 -30.87
CA GLN C 132 -58.94 3.72 -31.84
C GLN C 132 -58.09 4.93 -32.21
N ALA C 133 -56.94 4.64 -32.84
CA ALA C 133 -56.14 5.58 -33.64
C ALA C 133 -55.66 6.81 -32.85
N GLY C 134 -54.83 6.55 -31.84
CA GLY C 134 -54.15 7.63 -31.14
C GLY C 134 -52.73 7.28 -30.77
N VAL C 135 -52.21 6.23 -31.40
CA VAL C 135 -50.95 5.65 -30.97
C VAL C 135 -49.74 6.33 -31.63
N ILE C 136 -49.94 7.04 -32.74
CA ILE C 136 -48.85 7.79 -33.34
C ILE C 136 -48.43 8.97 -32.47
N ASN C 137 -49.31 9.44 -31.58
CA ASN C 137 -48.92 10.48 -30.63
C ASN C 137 -47.93 9.95 -29.61
N GLU C 138 -48.05 8.67 -29.26
CA GLU C 138 -47.08 8.02 -28.39
C GLU C 138 -45.74 7.88 -29.09
N GLN C 139 -45.74 7.71 -30.40
CA GLN C 139 -44.51 7.52 -31.16
C GLN C 139 -43.85 8.84 -31.55
N ILE C 140 -44.64 9.91 -31.72
CA ILE C 140 -44.06 11.22 -31.99
C ILE C 140 -43.36 11.77 -30.76
N ALA C 141 -43.96 11.59 -29.57
CA ALA C 141 -43.41 12.14 -28.35
C ALA C 141 -42.08 11.49 -27.95
N GLU C 142 -41.90 10.21 -28.27
CA GLU C 142 -40.62 9.57 -28.04
C GLU C 142 -39.57 10.09 -29.02
N SER C 143 -39.94 10.20 -30.29
CA SER C 143 -39.01 10.71 -31.29
C SER C 143 -38.74 12.19 -31.11
N LEU C 144 -39.63 12.90 -30.41
CA LEU C 144 -39.40 14.31 -30.13
C LEU C 144 -38.36 14.46 -29.02
N THR C 145 -38.40 13.54 -28.05
CA THR C 145 -37.38 13.50 -27.00
C THR C 145 -36.08 12.91 -27.53
N TRP C 146 -36.16 12.07 -28.56
CA TRP C 146 -34.97 11.48 -29.15
C TRP C 146 -34.12 12.51 -29.88
N LEU C 147 -34.75 13.46 -30.56
CA LEU C 147 -33.99 14.45 -31.30
C LEU C 147 -33.32 15.46 -30.38
N MET C 148 -33.88 15.69 -29.19
CA MET C 148 -33.19 16.48 -28.19
C MET C 148 -31.93 15.79 -27.70
N ALA C 149 -31.98 14.46 -27.58
CA ALA C 149 -30.81 13.69 -27.18
C ALA C 149 -29.75 13.62 -28.27
N ARG C 150 -30.12 13.89 -29.51
CA ARG C 150 -29.16 13.93 -30.59
C ARG C 150 -28.26 15.14 -30.47
N MET C 151 -28.85 16.31 -30.26
CA MET C 151 -28.10 17.55 -30.16
C MET C 151 -27.29 17.61 -28.87
N ARG C 152 -27.80 16.99 -27.81
CA ARG C 152 -27.02 16.80 -26.59
C ARG C 152 -25.82 15.89 -26.83
N ASN C 153 -25.94 14.96 -27.78
CA ASN C 153 -24.88 14.01 -28.08
C ASN C 153 -23.85 14.58 -29.06
N ARG C 154 -24.28 15.46 -29.97
CA ARG C 154 -23.32 16.06 -30.89
C ARG C 154 -22.47 17.13 -30.21
N ARG C 155 -23.06 17.80 -29.21
CA ARG C 155 -22.31 18.75 -28.41
C ARG C 155 -21.18 18.07 -27.66
N ARG C 156 -21.48 16.99 -26.95
CA ARG C 156 -20.48 16.25 -26.19
C ARG C 156 -19.46 15.56 -27.08
N TRP C 157 -19.79 15.34 -28.36
CA TRP C 157 -18.80 14.77 -29.28
C TRP C 157 -17.74 15.78 -29.65
N LEU C 158 -18.17 16.99 -30.03
CA LEU C 158 -17.23 18.07 -30.35
C LEU C 158 -16.45 18.50 -29.12
N THR C 159 -17.13 18.50 -27.98
CA THR C 159 -16.50 18.77 -26.68
C THR C 159 -15.38 17.79 -26.38
N TRP C 160 -15.64 16.49 -26.54
CA TRP C 160 -14.62 15.50 -26.25
C TRP C 160 -13.57 15.43 -27.34
N GLN C 161 -13.91 15.85 -28.56
CA GLN C 161 -12.94 15.88 -29.65
C GLN C 161 -11.87 16.94 -29.41
N VAL C 162 -12.22 18.01 -28.68
CA VAL C 162 -11.24 19.02 -28.28
C VAL C 162 -10.44 18.54 -27.07
N MET C 163 -11.15 18.00 -26.08
CA MET C 163 -10.56 17.58 -24.82
C MET C 163 -9.54 16.46 -25.01
N ARG C 164 -9.69 15.68 -26.07
CA ARG C 164 -8.79 14.57 -26.36
C ARG C 164 -7.59 15.02 -27.18
N THR C 165 -7.81 15.81 -28.23
CA THR C 165 -6.75 16.14 -29.17
C THR C 165 -6.52 17.63 -29.40
N GLY C 166 -7.44 18.50 -29.00
CA GLY C 166 -7.32 19.90 -29.37
C GLY C 166 -7.58 20.16 -30.83
N ARG C 167 -8.27 19.25 -31.50
CA ARG C 167 -8.50 19.29 -32.94
C ARG C 167 -9.93 18.87 -33.17
N ILE C 168 -10.68 19.62 -33.97
CA ILE C 168 -11.95 19.15 -34.51
C ILE C 168 -11.69 18.68 -35.93
N THR C 169 -11.88 17.39 -36.19
CA THR C 169 -11.70 16.82 -37.52
C THR C 169 -13.02 16.21 -37.97
N ILE C 170 -13.54 16.70 -39.09
CA ILE C 170 -14.73 16.16 -39.71
C ILE C 170 -14.39 15.82 -41.15
N GLN C 171 -14.61 14.58 -41.52
CA GLN C 171 -14.25 14.01 -42.82
C GLN C 171 -15.52 13.58 -43.54
N PRO C 172 -15.46 13.38 -44.88
CA PRO C 172 -16.68 12.97 -45.60
C PRO C 172 -17.13 11.56 -45.25
N ASN C 173 -16.24 10.59 -45.33
CA ASN C 173 -16.54 9.22 -44.90
C ASN C 173 -16.50 9.21 -43.39
N ASP C 174 -17.67 9.38 -42.77
CA ASP C 174 -17.78 9.55 -41.34
C ASP C 174 -19.20 9.20 -40.92
N PRO C 175 -19.38 8.63 -39.73
CA PRO C 175 -20.74 8.41 -39.23
C PRO C 175 -21.45 9.73 -38.94
N TYR C 176 -22.71 9.78 -39.36
CA TYR C 176 -23.65 10.88 -39.14
C TYR C 176 -23.16 12.17 -39.79
N ASN C 177 -22.43 12.03 -40.89
CA ASN C 177 -22.13 13.11 -41.81
C ASN C 177 -22.62 12.69 -43.20
N PRO C 178 -23.95 12.70 -43.43
CA PRO C 178 -24.44 12.32 -44.77
C PRO C 178 -24.13 13.38 -45.79
N ASN C 179 -24.05 14.62 -45.34
CA ASN C 179 -23.81 15.78 -46.17
C ASN C 179 -22.34 15.86 -46.57
N GLY C 180 -21.47 15.15 -45.84
CA GLY C 180 -20.10 14.89 -46.22
C GLY C 180 -19.18 16.09 -46.32
N LEU C 181 -18.94 16.77 -45.21
CA LEU C 181 -18.25 18.05 -45.23
C LEU C 181 -16.84 17.94 -44.65
N LYS C 182 -16.00 18.89 -45.03
CA LYS C 182 -14.62 18.99 -44.59
C LYS C 182 -14.50 20.07 -43.53
N TYR C 183 -14.02 19.68 -42.35
CA TYR C 183 -13.68 20.65 -41.32
C TYR C 183 -12.47 20.14 -40.56
N VAL C 184 -11.41 20.95 -40.52
CA VAL C 184 -10.24 20.69 -39.68
C VAL C 184 -10.03 21.95 -38.85
N ILE C 185 -10.60 21.98 -37.65
CA ILE C 185 -10.53 23.14 -36.77
C ILE C 185 -9.43 22.89 -35.74
N ASP C 186 -8.41 23.75 -35.75
CA ASP C 186 -7.24 23.57 -34.91
C ASP C 186 -7.22 24.64 -33.83
N TYR C 187 -7.15 24.22 -32.57
CA TYR C 187 -6.98 25.18 -31.50
C TYR C 187 -5.50 25.32 -31.16
N GLY C 188 -5.19 26.29 -30.31
CA GLY C 188 -3.81 26.54 -29.97
C GLY C 188 -3.33 25.80 -28.74
N VAL C 189 -3.64 24.51 -28.65
CA VAL C 189 -3.20 23.71 -27.51
C VAL C 189 -1.74 23.36 -27.69
N THR C 190 -0.93 23.67 -26.67
CA THR C 190 0.52 23.49 -26.74
C THR C 190 0.92 22.34 -25.81
N ASP C 191 1.59 21.34 -26.41
CA ASP C 191 2.16 20.18 -25.71
C ASP C 191 1.08 19.40 -24.94
N ILE C 192 0.13 18.85 -25.71
CA ILE C 192 -0.97 18.10 -25.11
C ILE C 192 -0.50 16.75 -24.57
N GLU C 193 0.62 16.22 -25.07
CA GLU C 193 1.12 14.92 -24.67
C GLU C 193 2.36 15.09 -23.81
N LEU C 194 2.23 14.73 -22.53
CA LEU C 194 3.40 14.70 -21.66
C LEU C 194 4.32 13.56 -22.07
N PRO C 195 5.62 13.80 -22.22
CA PRO C 195 6.52 12.74 -22.69
C PRO C 195 6.89 11.78 -21.56
N LEU C 196 6.83 10.49 -21.86
CA LEU C 196 7.16 9.43 -20.92
C LEU C 196 7.53 8.17 -21.69
N PRO C 197 8.83 7.89 -21.88
CA PRO C 197 9.23 6.80 -22.78
C PRO C 197 9.24 5.41 -22.17
N GLN C 198 9.13 5.29 -20.84
CA GLN C 198 9.03 4.00 -20.16
C GLN C 198 7.96 4.16 -19.11
N LYS C 199 6.82 3.47 -19.27
CA LYS C 199 5.54 3.99 -18.80
C LYS C 199 5.42 4.14 -17.28
N PHE C 200 5.05 3.06 -16.56
CA PHE C 200 5.39 2.90 -15.15
C PHE C 200 5.67 1.47 -14.77
N ASP C 201 5.17 0.48 -15.52
CA ASP C 201 5.38 -0.93 -15.26
C ASP C 201 6.27 -1.55 -16.33
N ALA C 202 7.33 -0.84 -16.72
CA ALA C 202 8.29 -1.39 -17.67
C ALA C 202 9.03 -2.57 -17.05
N LYS C 203 9.50 -2.41 -15.82
CA LYS C 203 9.94 -3.48 -14.92
C LYS C 203 11.10 -4.28 -15.53
N ASP C 204 12.21 -3.59 -15.71
CA ASP C 204 13.39 -4.20 -16.32
C ASP C 204 14.14 -5.04 -15.29
N GLY C 205 14.60 -6.22 -15.72
CA GLY C 205 15.48 -7.01 -14.92
C GLY C 205 14.79 -8.07 -14.08
N ASN C 206 14.95 -8.00 -12.76
CA ASN C 206 14.39 -9.01 -11.88
C ASN C 206 12.92 -8.69 -11.58
N GLY C 207 12.68 -7.60 -10.84
CA GLY C 207 11.34 -7.14 -10.58
C GLY C 207 11.24 -5.64 -10.46
N ASN C 208 12.36 -4.96 -10.66
CA ASN C 208 12.44 -3.54 -10.38
C ASN C 208 11.96 -2.71 -11.57
N SER C 209 11.08 -1.75 -11.30
CA SER C 209 10.57 -0.90 -12.35
C SER C 209 11.55 0.23 -12.64
N ALA C 210 11.23 1.04 -13.63
CA ALA C 210 12.17 2.02 -14.16
C ALA C 210 11.87 3.45 -13.74
N VAL C 211 10.62 3.79 -13.44
CA VAL C 211 10.21 5.18 -13.24
C VAL C 211 9.46 5.28 -11.91
N ASP C 212 9.89 6.22 -11.07
CA ASP C 212 9.15 6.58 -9.87
C ASP C 212 8.04 7.55 -10.26
N PRO C 213 6.76 7.23 -10.01
CA PRO C 213 5.68 8.14 -10.38
C PRO C 213 5.50 9.33 -9.46
N ILE C 214 5.72 9.13 -8.15
CA ILE C 214 5.61 10.24 -7.22
C ILE C 214 6.75 11.22 -7.45
N GLN C 215 7.92 10.73 -7.84
CA GLN C 215 9.00 11.62 -8.22
C GLN C 215 8.76 12.25 -9.59
N TYR C 216 7.99 11.57 -10.44
CA TYR C 216 7.69 12.11 -11.77
C TYR C 216 6.77 13.33 -11.67
N PHE C 217 5.73 13.24 -10.85
CA PHE C 217 4.77 14.33 -10.73
C PHE C 217 5.24 15.41 -9.78
N ARG C 218 6.13 15.08 -8.83
CA ARG C 218 6.78 16.12 -8.04
C ARG C 218 7.73 16.93 -8.91
N ASP C 219 8.35 16.30 -9.91
CA ASP C 219 9.23 16.98 -10.83
C ASP C 219 8.48 17.99 -11.69
N LEU C 220 7.26 17.65 -12.09
CA LEU C 220 6.46 18.59 -12.88
C LEU C 220 5.98 19.78 -12.04
N ILE C 221 5.76 19.56 -10.74
CA ILE C 221 5.38 20.67 -9.88
C ILE C 221 6.56 21.58 -9.63
N LYS C 222 7.76 21.01 -9.45
CA LYS C 222 8.94 21.83 -9.20
C LYS C 222 9.37 22.59 -10.45
N ALA C 223 9.30 21.96 -11.62
CA ALA C 223 9.76 22.62 -12.84
C ALA C 223 8.78 23.68 -13.34
N ALA C 224 7.67 23.91 -12.66
CA ALA C 224 6.74 24.98 -12.99
C ALA C 224 6.31 25.73 -11.74
N THR C 225 7.27 26.00 -10.85
CA THR C 225 6.98 26.86 -9.71
C THR C 225 6.90 28.33 -10.12
N TYR C 226 7.56 28.70 -11.21
CA TYR C 226 7.48 30.05 -11.74
C TYR C 226 6.74 30.10 -13.06
N PHE C 227 6.12 28.99 -13.45
CA PHE C 227 5.19 28.91 -14.58
C PHE C 227 3.84 28.53 -13.98
N PRO C 228 3.08 29.51 -13.45
CA PRO C 228 1.90 29.17 -12.64
C PRO C 228 0.77 28.54 -13.42
N ASP C 229 0.73 28.71 -14.74
CA ASP C 229 -0.27 28.08 -15.59
C ASP C 229 0.13 26.70 -16.07
N ARG C 230 1.15 26.11 -15.45
CA ARG C 230 1.77 24.93 -16.03
C ARG C 230 2.07 23.87 -14.97
N ARG C 231 1.80 24.15 -13.69
CA ARG C 231 1.98 23.04 -12.76
C ARG C 231 0.67 22.26 -12.60
N PRO C 232 0.73 20.95 -12.42
CA PRO C 232 -0.50 20.17 -12.27
C PRO C 232 -1.18 20.40 -10.93
N VAL C 233 -2.50 20.29 -10.96
CA VAL C 233 -3.33 20.47 -9.77
C VAL C 233 -4.19 19.25 -9.49
N ALA C 234 -4.81 18.67 -10.52
CA ALA C 234 -5.58 17.46 -10.35
C ALA C 234 -5.36 16.54 -11.54
N ILE C 235 -5.78 15.28 -11.37
CA ILE C 235 -5.65 14.23 -12.37
C ILE C 235 -6.95 13.43 -12.39
N ILE C 236 -7.46 13.15 -13.58
CA ILE C 236 -8.65 12.31 -13.73
C ILE C 236 -8.25 11.07 -14.51
N VAL C 237 -8.46 9.90 -13.90
CA VAL C 237 -7.99 8.63 -14.45
C VAL C 237 -9.20 7.75 -14.69
N GLY C 238 -9.03 6.71 -15.49
CA GLY C 238 -10.01 5.67 -15.63
C GLY C 238 -10.03 4.71 -14.46
N PRO C 239 -10.43 3.46 -14.71
CA PRO C 239 -10.61 2.51 -13.61
C PRO C 239 -9.33 2.03 -12.91
N GLY C 240 -8.37 1.50 -13.66
CA GLY C 240 -7.27 0.76 -13.08
C GLY C 240 -6.00 1.54 -12.78
N PHE C 241 -6.03 2.43 -11.80
CA PHE C 241 -4.88 3.27 -11.51
C PHE C 241 -4.13 2.84 -10.27
N ASP C 242 -4.83 2.41 -9.22
CA ASP C 242 -4.17 1.88 -8.03
C ASP C 242 -3.51 0.53 -8.30
N GLU C 243 -3.97 -0.19 -9.31
CA GLU C 243 -3.37 -1.48 -9.64
C GLU C 243 -1.98 -1.31 -10.25
N VAL C 244 -1.75 -0.20 -10.93
CA VAL C 244 -0.43 0.06 -11.49
C VAL C 244 0.52 0.58 -10.42
N LEU C 245 -0.01 1.36 -9.48
CA LEU C 245 0.81 1.93 -8.43
C LEU C 245 1.29 0.86 -7.44
N ALA C 246 0.44 -0.12 -7.14
CA ALA C 246 0.80 -1.12 -6.15
C ALA C 246 1.81 -2.14 -6.68
N ASP C 247 2.02 -2.20 -7.99
CA ASP C 247 2.99 -3.12 -8.58
C ASP C 247 4.22 -2.40 -9.11
N ASN C 248 4.63 -1.30 -8.46
CA ASN C 248 5.60 -0.39 -9.05
C ASN C 248 6.97 -0.44 -8.40
N THR C 249 7.07 -0.88 -7.15
CA THR C 249 8.31 -1.03 -6.34
C THR C 249 8.99 0.28 -5.99
N PHE C 250 8.50 1.41 -6.50
CA PHE C 250 8.85 2.71 -5.97
C PHE C 250 7.79 3.20 -4.99
N VAL C 251 6.51 3.07 -5.39
CA VAL C 251 5.39 3.45 -4.55
C VAL C 251 5.34 2.61 -3.30
N GLN C 252 5.74 1.34 -3.42
CA GLN C 252 5.69 0.40 -2.31
C GLN C 252 6.62 0.82 -1.19
N LYS C 253 7.76 1.42 -1.54
CA LYS C 253 8.66 1.95 -0.53
C LYS C 253 8.08 3.18 0.17
N TYR C 254 7.25 3.96 -0.53
CA TYR C 254 6.49 4.99 0.16
C TYR C 254 5.39 4.38 1.00
N VAL C 255 4.81 3.26 0.55
CA VAL C 255 3.77 2.58 1.30
C VAL C 255 4.36 1.93 2.55
N GLU C 256 5.51 1.28 2.41
CA GLU C 256 6.20 0.65 3.53
C GLU C 256 6.68 1.66 4.54
N TYR C 257 6.99 2.88 4.11
CA TYR C 257 7.56 3.87 5.02
C TYR C 257 6.53 4.40 6.01
N GLU C 258 5.31 4.66 5.56
CA GLU C 258 4.33 5.27 6.44
C GLU C 258 3.70 4.29 7.41
N LYS C 259 3.94 2.99 7.25
CA LYS C 259 3.40 2.00 8.16
C LYS C 259 4.49 1.25 8.92
N GLY C 260 5.74 1.64 8.76
CA GLY C 260 6.82 1.00 9.49
C GLY C 260 7.18 -0.37 8.99
N TRP C 261 6.74 -0.72 7.78
CA TRP C 261 7.00 -2.05 7.24
C TRP C 261 8.42 -2.12 6.69
N VAL C 262 9.30 -2.78 7.41
CA VAL C 262 10.54 -3.28 6.86
C VAL C 262 10.24 -4.73 6.50
N VAL C 263 10.84 -5.22 5.41
CA VAL C 263 10.41 -6.52 4.89
C VAL C 263 11.20 -7.65 5.55
N GLY C 264 12.50 -7.45 5.77
CA GLY C 264 13.30 -8.48 6.39
C GLY C 264 12.96 -8.73 7.84
N GLN C 265 12.51 -7.71 8.54
CA GLN C 265 12.04 -7.85 9.91
C GLN C 265 10.55 -7.56 9.94
N ASN C 266 9.96 -7.64 11.13
CA ASN C 266 8.72 -6.97 11.52
C ASN C 266 7.45 -7.49 10.83
N THR C 267 7.60 -8.20 9.71
CA THR C 267 6.54 -8.56 8.76
C THR C 267 7.08 -9.53 7.72
N VAL C 268 6.26 -10.50 7.33
CA VAL C 268 6.35 -11.04 5.97
C VAL C 268 5.73 -9.99 5.06
N GLN C 269 6.20 -9.94 3.80
CA GLN C 269 5.73 -8.90 2.88
C GLN C 269 4.23 -9.05 2.62
N PRO C 270 3.48 -7.96 2.64
CA PRO C 270 2.03 -8.06 2.76
C PRO C 270 1.39 -8.50 1.46
N PRO C 271 0.15 -8.97 1.50
CA PRO C 271 -0.60 -9.18 0.26
C PRO C 271 -1.03 -7.84 -0.32
N ARG C 272 -1.47 -7.90 -1.57
CA ARG C 272 -1.84 -6.71 -2.33
C ARG C 272 -3.15 -6.08 -1.91
N GLU C 273 -3.78 -6.52 -0.81
CA GLU C 273 -4.96 -5.83 -0.30
C GLU C 273 -4.59 -4.45 0.24
N VAL C 274 -3.86 -4.41 1.36
CA VAL C 274 -3.49 -3.17 2.02
C VAL C 274 -2.45 -2.41 1.20
N TYR C 275 -1.63 -3.16 0.48
CA TYR C 275 -0.55 -2.74 -0.41
C TYR C 275 -1.08 -1.95 -1.61
N ARG C 276 -2.38 -2.06 -1.90
CA ARG C 276 -3.08 -1.28 -2.90
C ARG C 276 -4.16 -0.38 -2.31
N GLN C 277 -4.70 -0.74 -1.14
CA GLN C 277 -5.77 0.04 -0.51
C GLN C 277 -5.28 1.43 -0.11
N ALA C 278 -4.02 1.56 0.28
CA ALA C 278 -3.45 2.83 0.67
C ALA C 278 -2.64 3.48 -0.44
N ALA C 279 -2.73 2.96 -1.67
CA ALA C 279 -1.92 3.49 -2.77
C ALA C 279 -2.42 4.84 -3.27
N LEU C 280 -3.68 5.17 -3.03
CA LEU C 280 -4.17 6.51 -3.36
C LEU C 280 -3.60 7.57 -2.44
N ASP C 281 -3.81 7.39 -1.14
CA ASP C 281 -3.55 8.46 -0.18
C ASP C 281 -2.07 8.74 -0.01
N ILE C 282 -1.22 7.74 -0.24
CA ILE C 282 0.20 7.99 -0.21
C ILE C 282 0.65 8.67 -1.50
N PHE C 283 -0.05 8.40 -2.60
CA PHE C 283 0.18 9.16 -3.82
C PHE C 283 -0.37 10.57 -3.71
N LYS C 284 -1.46 10.76 -2.98
CA LYS C 284 -2.05 12.09 -2.86
C LYS C 284 -1.25 12.98 -1.91
N ARG C 285 -0.81 12.44 -0.78
CA ARG C 285 -0.12 13.26 0.22
C ARG C 285 1.29 13.63 -0.20
N TYR C 286 1.99 12.74 -0.90
CA TYR C 286 3.35 13.03 -1.32
C TYR C 286 3.42 13.74 -2.66
N THR C 287 2.28 14.09 -3.25
CA THR C 287 2.24 14.97 -4.41
C THR C 287 1.36 16.19 -4.23
N GLY C 288 0.39 16.14 -3.31
CA GLY C 288 -0.46 17.29 -3.06
C GLY C 288 -1.60 17.49 -4.03
N LEU C 289 -1.69 16.68 -5.07
CA LEU C 289 -2.70 16.86 -6.10
C LEU C 289 -3.91 15.96 -5.85
N GLU C 290 -5.04 16.33 -6.45
CA GLU C 290 -6.26 15.59 -6.31
C GLU C 290 -6.38 14.54 -7.41
N VAL C 291 -7.12 13.48 -7.12
CA VAL C 291 -7.38 12.41 -8.06
C VAL C 291 -8.89 12.19 -8.13
N MET C 292 -9.44 12.23 -9.34
CA MET C 292 -10.84 11.88 -9.58
C MET C 292 -10.89 10.64 -10.45
N VAL C 293 -11.68 9.66 -10.05
CA VAL C 293 -11.84 8.43 -10.82
C VAL C 293 -13.09 8.55 -11.66
N TYR C 294 -12.93 8.50 -12.98
CA TYR C 294 -14.04 8.57 -13.92
C TYR C 294 -14.10 7.22 -14.64
N ASP C 295 -14.94 6.33 -14.12
CA ASP C 295 -15.00 4.94 -14.57
C ASP C 295 -16.16 4.68 -15.53
N LYS C 296 -16.54 5.68 -16.31
CA LYS C 296 -17.77 5.61 -17.08
C LYS C 296 -17.50 5.04 -18.47
N THR C 297 -18.46 4.28 -18.97
CA THR C 297 -18.25 3.34 -20.06
C THR C 297 -19.18 3.61 -21.23
N TYR C 298 -18.75 3.15 -22.41
CA TYR C 298 -19.60 3.15 -23.59
C TYR C 298 -19.34 1.86 -24.35
N ARG C 299 -20.35 1.41 -25.09
CA ARG C 299 -20.19 0.19 -25.88
C ARG C 299 -19.72 0.56 -27.28
N ASP C 300 -18.68 -0.12 -27.74
CA ASP C 300 -18.13 0.07 -29.08
C ASP C 300 -19.13 -0.47 -30.11
N GLN C 301 -18.88 -0.09 -31.37
CA GLN C 301 -19.67 -0.62 -32.49
C GLN C 301 -19.53 -2.13 -32.60
N ASP C 302 -18.30 -2.60 -32.83
CA ASP C 302 -18.03 -4.02 -33.02
C ASP C 302 -17.57 -4.70 -31.74
N GLY C 303 -16.61 -4.10 -31.06
CA GLY C 303 -15.97 -4.73 -29.92
C GLY C 303 -16.80 -4.70 -28.65
N SER C 304 -16.08 -4.74 -27.53
CA SER C 304 -16.70 -4.84 -26.23
C SER C 304 -16.91 -3.44 -25.64
N VAL C 305 -17.23 -3.40 -24.35
CA VAL C 305 -17.39 -2.15 -23.65
C VAL C 305 -16.03 -1.48 -23.48
N LYS C 306 -15.94 -0.21 -23.88
CA LYS C 306 -14.74 0.58 -23.66
C LYS C 306 -15.03 1.69 -22.66
N TYR C 307 -13.97 2.15 -22.01
CA TYR C 307 -14.06 3.28 -21.10
C TYR C 307 -13.89 4.57 -21.89
N TRP C 308 -14.47 5.64 -21.35
CA TRP C 308 -14.37 6.94 -22.02
C TRP C 308 -12.94 7.46 -21.99
N ILE C 309 -12.41 7.66 -20.80
CA ILE C 309 -10.96 7.81 -20.68
C ILE C 309 -10.31 6.46 -20.98
N PRO C 310 -9.38 6.37 -21.93
CA PRO C 310 -8.81 5.06 -22.28
C PRO C 310 -8.00 4.46 -21.14
N VAL C 311 -7.54 3.23 -21.39
CA VAL C 311 -7.32 2.28 -20.30
C VAL C 311 -6.06 2.64 -19.53
N GLY C 312 -4.93 2.76 -20.21
CA GLY C 312 -3.70 3.13 -19.55
C GLY C 312 -3.37 4.59 -19.73
N GLU C 313 -4.37 5.46 -19.67
CA GLU C 313 -4.20 6.88 -19.93
C GLU C 313 -4.94 7.70 -18.89
N LEU C 314 -4.39 8.85 -18.57
CA LEU C 314 -5.01 9.81 -17.67
C LEU C 314 -4.88 11.21 -18.26
N ILE C 315 -5.57 12.17 -17.65
CA ILE C 315 -5.43 13.56 -18.02
C ILE C 315 -4.75 14.30 -16.86
N VAL C 316 -4.00 15.32 -17.20
CA VAL C 316 -3.29 16.14 -16.24
C VAL C 316 -3.86 17.54 -16.35
N LEU C 317 -4.50 18.01 -15.28
CA LEU C 317 -4.98 19.37 -15.24
C LEU C 317 -3.83 20.31 -14.89
N ASN C 318 -4.17 21.58 -14.69
CA ASN C 318 -3.22 22.64 -14.40
C ASN C 318 -3.94 23.61 -13.46
N GLN C 319 -3.47 24.86 -13.44
CA GLN C 319 -3.58 25.84 -12.36
C GLN C 319 -4.88 25.91 -11.56
N SER C 320 -6.01 25.53 -12.16
CA SER C 320 -7.25 25.38 -11.42
C SER C 320 -8.03 24.20 -11.99
N THR C 321 -8.99 23.72 -11.22
CA THR C 321 -9.87 22.64 -11.63
C THR C 321 -11.25 23.14 -12.02
N GLY C 322 -11.35 24.40 -12.44
CA GLY C 322 -12.61 24.97 -12.85
C GLY C 322 -12.92 24.64 -14.29
N PRO C 323 -13.88 25.35 -14.89
CA PRO C 323 -14.22 25.11 -16.30
C PRO C 323 -13.10 25.59 -17.22
N VAL C 324 -12.74 24.73 -18.17
CA VAL C 324 -11.68 25.01 -19.12
C VAL C 324 -12.31 25.16 -20.48
N GLY C 325 -12.64 26.40 -20.85
CA GLY C 325 -13.30 26.59 -22.13
C GLY C 325 -14.71 27.11 -22.00
N ARG C 326 -15.48 27.02 -23.08
CA ARG C 326 -16.87 27.44 -23.15
C ARG C 326 -17.46 26.90 -24.44
N PHE C 327 -18.71 26.44 -24.40
CA PHE C 327 -19.40 26.00 -25.61
C PHE C 327 -20.41 27.07 -25.99
N VAL C 328 -20.14 27.77 -27.08
CA VAL C 328 -20.88 28.97 -27.43
C VAL C 328 -21.97 28.61 -28.43
N TYR C 329 -23.23 28.88 -28.06
CA TYR C 329 -24.30 28.84 -29.04
C TYR C 329 -24.34 30.17 -29.77
N THR C 330 -24.59 30.12 -31.07
CA THR C 330 -24.77 31.34 -31.83
C THR C 330 -26.22 31.41 -32.31
N ALA C 331 -26.54 32.45 -33.07
CA ALA C 331 -27.93 32.78 -33.35
C ALA C 331 -28.44 32.03 -34.56
N HIS C 332 -29.69 31.58 -34.48
CA HIS C 332 -30.41 31.03 -35.62
C HIS C 332 -31.69 31.81 -35.84
N VAL C 333 -32.19 31.74 -37.07
CA VAL C 333 -33.37 32.50 -37.46
C VAL C 333 -34.61 31.84 -36.89
N ALA C 334 -35.35 32.58 -36.06
CA ALA C 334 -36.67 32.19 -35.62
C ALA C 334 -37.70 32.97 -36.44
N GLY C 335 -38.97 32.84 -36.07
CA GLY C 335 -40.01 33.56 -36.79
C GLY C 335 -40.03 35.04 -36.47
N GLN C 336 -40.92 35.75 -37.16
CA GLN C 336 -41.07 37.18 -36.93
C GLN C 336 -41.97 37.44 -35.72
N ARG C 337 -41.96 38.68 -35.25
CA ARG C 337 -42.87 39.10 -34.19
C ARG C 337 -43.77 40.24 -34.62
N ASN C 338 -43.21 41.28 -35.24
CA ASN C 338 -43.99 42.42 -35.73
C ASN C 338 -43.53 42.80 -37.12
N GLY C 339 -43.31 41.80 -37.97
CA GLY C 339 -42.68 42.03 -39.25
C GLY C 339 -41.17 42.11 -39.20
N LYS C 340 -40.57 42.06 -38.02
CA LYS C 340 -39.13 42.05 -37.85
C LYS C 340 -38.66 40.65 -37.50
N VAL C 341 -37.53 40.25 -38.08
CA VAL C 341 -37.00 38.90 -37.86
C VAL C 341 -36.45 38.80 -36.44
N VAL C 342 -36.89 37.79 -35.71
CA VAL C 342 -36.41 37.52 -34.36
C VAL C 342 -35.50 36.32 -34.42
N TYR C 343 -34.45 36.34 -33.59
CA TYR C 343 -33.43 35.32 -33.59
C TYR C 343 -33.47 34.56 -32.27
N ALA C 344 -32.76 33.43 -32.24
CA ALA C 344 -32.70 32.61 -31.04
C ALA C 344 -31.39 31.82 -31.07
N THR C 345 -30.99 31.38 -29.87
CA THR C 345 -29.76 30.62 -29.68
C THR C 345 -30.07 29.32 -28.96
N GLY C 346 -29.23 28.32 -29.21
CA GLY C 346 -29.39 27.04 -28.57
C GLY C 346 -30.17 26.08 -29.43
N PRO C 347 -30.42 24.88 -28.94
CA PRO C 347 -31.12 23.86 -29.74
C PRO C 347 -32.60 24.18 -29.88
N TYR C 348 -33.09 24.14 -31.12
CA TYR C 348 -34.48 24.43 -31.43
C TYR C 348 -35.15 23.17 -31.99
N LEU C 349 -36.47 23.24 -32.02
CA LEU C 349 -37.30 22.08 -32.37
C LEU C 349 -38.58 22.62 -32.97
N THR C 350 -38.66 22.66 -34.30
CA THR C 350 -39.75 23.34 -34.99
C THR C 350 -40.74 22.35 -35.57
N VAL C 351 -42.03 22.61 -35.32
CA VAL C 351 -43.12 21.76 -35.77
C VAL C 351 -43.68 22.32 -37.07
N LYS C 352 -43.83 21.47 -38.08
CA LYS C 352 -44.48 21.83 -39.34
C LYS C 352 -45.65 20.87 -39.57
N ASP C 353 -46.84 21.26 -39.13
CA ASP C 353 -48.02 20.42 -39.27
C ASP C 353 -48.71 20.72 -40.60
N HIS C 354 -48.57 19.82 -41.56
CA HIS C 354 -49.34 19.85 -42.79
C HIS C 354 -50.52 18.90 -42.73
N LEU C 355 -51.14 18.76 -41.56
CA LEU C 355 -52.20 17.80 -41.32
C LEU C 355 -53.49 18.11 -42.05
N GLN C 356 -53.61 19.29 -42.68
CA GLN C 356 -54.78 19.64 -43.49
C GLN C 356 -54.28 20.11 -44.84
N ASP C 357 -53.98 19.15 -45.71
CA ASP C 357 -53.79 19.36 -47.15
C ASP C 357 -54.03 18.01 -47.82
N ASP C 358 -53.68 17.89 -49.11
CA ASP C 358 -54.25 16.77 -49.82
C ASP C 358 -53.51 15.45 -49.57
N PRO C 359 -52.17 15.37 -49.56
CA PRO C 359 -51.50 14.31 -48.78
C PRO C 359 -51.05 14.79 -47.42
N PRO C 360 -51.93 14.77 -46.39
CA PRO C 360 -51.56 15.37 -45.10
C PRO C 360 -50.44 14.62 -44.39
N TYR C 361 -49.51 15.38 -43.81
CA TYR C 361 -48.35 14.80 -43.14
C TYR C 361 -47.96 15.72 -41.98
N TYR C 362 -46.77 15.47 -41.42
CA TYR C 362 -46.35 16.12 -40.19
C TYR C 362 -44.84 16.00 -40.09
N ALA C 363 -44.15 17.09 -39.78
CA ALA C 363 -42.69 17.09 -39.82
C ALA C 363 -42.13 17.84 -38.61
N ILE C 364 -40.91 17.45 -38.23
CA ILE C 364 -40.14 18.09 -37.17
C ILE C 364 -38.77 18.41 -37.74
N ILE C 365 -38.29 19.62 -37.49
CA ILE C 365 -36.92 20.02 -37.85
C ILE C 365 -36.20 20.45 -36.58
N ALA C 366 -35.02 19.88 -36.35
CA ALA C 366 -34.24 20.17 -35.16
C ALA C 366 -32.77 20.37 -35.52
N GLY C 367 -32.10 21.22 -34.76
CA GLY C 367 -30.70 21.51 -34.95
C GLY C 367 -30.30 22.68 -34.08
N PHE C 368 -29.04 23.10 -34.21
CA PHE C 368 -28.59 24.42 -33.75
C PHE C 368 -27.25 24.78 -34.39
N HIS C 369 -26.70 25.89 -33.93
CA HIS C 369 -25.44 26.46 -34.37
C HIS C 369 -24.52 26.61 -33.17
N GLY C 370 -23.25 26.26 -33.33
CA GLY C 370 -22.32 26.40 -32.23
C GLY C 370 -21.02 25.68 -32.49
N LEU C 371 -20.10 25.86 -31.52
CA LEU C 371 -18.74 25.33 -31.50
C LEU C 371 -18.18 25.61 -30.10
N PRO C 372 -17.26 24.80 -29.57
CA PRO C 372 -16.62 25.15 -28.30
C PRO C 372 -15.49 26.15 -28.47
N GLN C 373 -15.28 26.93 -27.42
CA GLN C 373 -14.25 27.97 -27.39
C GLN C 373 -13.46 27.86 -26.10
N LEU C 374 -12.13 27.86 -26.21
CA LEU C 374 -11.27 27.79 -25.04
C LEU C 374 -11.30 29.10 -24.25
N SER C 375 -11.13 29.00 -22.94
CA SER C 375 -11.28 30.13 -22.02
C SER C 375 -10.26 31.22 -22.23
N GLY C 376 -8.99 30.94 -21.94
CA GLY C 376 -8.01 32.00 -21.99
C GLY C 376 -6.61 31.55 -22.31
N TYR C 377 -6.01 32.17 -23.32
CA TYR C 377 -4.62 31.92 -23.65
C TYR C 377 -3.72 32.78 -22.78
N ASN C 378 -2.45 32.42 -22.73
CA ASN C 378 -1.49 33.18 -21.93
C ASN C 378 -1.13 34.47 -22.67
N THR C 379 -1.18 35.59 -21.93
CA THR C 379 -1.02 36.90 -22.55
C THR C 379 0.43 37.17 -22.94
N GLU C 380 1.40 36.56 -22.26
CA GLU C 380 2.80 36.81 -22.56
C GLU C 380 3.22 36.09 -23.82
N ASP C 381 3.15 34.76 -23.81
CA ASP C 381 3.36 33.95 -24.99
C ASP C 381 2.06 33.23 -25.29
N PHE C 382 1.57 33.34 -26.52
CA PHE C 382 0.22 32.87 -26.84
C PHE C 382 0.23 31.35 -26.92
N SER C 383 0.10 30.74 -25.75
CA SER C 383 0.14 29.29 -25.62
C SER C 383 -0.97 28.86 -24.67
N PHE C 384 -1.45 27.65 -24.88
CA PHE C 384 -2.51 27.08 -24.04
C PHE C 384 -2.05 25.73 -23.52
N HIS C 385 -2.05 25.59 -22.20
CA HIS C 385 -1.92 24.28 -21.57
C HIS C 385 -2.62 24.32 -20.22
N ARG C 386 -3.88 23.90 -20.21
CA ARG C 386 -4.63 23.62 -19.00
C ARG C 386 -4.83 22.12 -18.79
N PHE C 387 -5.06 21.38 -19.86
CA PHE C 387 -5.16 19.93 -19.81
C PHE C 387 -4.05 19.32 -20.64
N LYS C 388 -3.51 18.20 -20.16
CA LYS C 388 -2.51 17.43 -20.91
C LYS C 388 -2.80 15.95 -20.72
N TRP C 389 -2.31 15.14 -21.66
CA TRP C 389 -2.57 13.71 -21.68
C TRP C 389 -1.29 12.92 -21.41
N LEU C 390 -1.43 11.86 -20.63
CA LEU C 390 -0.31 10.99 -20.28
C LEU C 390 -0.72 9.55 -20.42
N LYS C 391 0.11 8.75 -21.09
CA LYS C 391 -0.08 7.31 -21.21
C LYS C 391 0.77 6.64 -20.13
N TYR C 392 0.14 6.22 -19.04
CA TYR C 392 0.92 5.85 -17.87
C TYR C 392 1.25 4.37 -17.79
N ALA C 393 0.55 3.50 -18.51
CA ALA C 393 0.83 2.08 -18.45
C ALA C 393 0.42 1.43 -19.76
N ASN C 394 0.62 0.11 -19.84
CA ASN C 394 0.29 -0.64 -21.04
C ASN C 394 -0.61 -1.83 -20.80
N ASN C 395 -0.50 -2.48 -19.65
CA ASN C 395 -1.31 -3.66 -19.33
C ASN C 395 -2.17 -3.33 -18.12
N VAL C 396 -3.32 -2.72 -18.37
CA VAL C 396 -4.24 -2.36 -17.31
C VAL C 396 -5.52 -3.18 -17.36
N GLN C 397 -5.96 -3.63 -18.54
CA GLN C 397 -7.13 -4.50 -18.67
C GLN C 397 -6.95 -5.84 -17.99
N SER C 398 -5.71 -6.28 -17.78
CA SER C 398 -5.45 -7.48 -16.99
C SER C 398 -5.81 -7.30 -15.52
N TYR C 399 -5.96 -6.06 -15.06
CA TYR C 399 -6.46 -5.76 -13.74
C TYR C 399 -7.95 -5.44 -13.73
N LEU C 400 -8.63 -5.61 -14.86
CA LEU C 400 -10.00 -5.13 -14.99
C LEU C 400 -10.95 -6.28 -15.28
N PRO C 401 -12.16 -6.24 -14.73
CA PRO C 401 -13.13 -7.32 -14.98
C PRO C 401 -13.76 -7.18 -16.35
N PRO C 402 -14.14 -8.29 -16.97
CA PRO C 402 -14.76 -8.23 -18.30
C PRO C 402 -16.22 -7.79 -18.22
N PHE C 403 -16.83 -7.65 -19.39
CA PHE C 403 -18.17 -7.11 -19.52
C PHE C 403 -19.09 -8.11 -20.20
N PRO C 404 -20.39 -8.04 -19.92
CA PRO C 404 -21.34 -8.89 -20.64
C PRO C 404 -21.45 -8.47 -22.09
N PRO C 405 -21.66 -9.42 -23.01
CA PRO C 405 -21.95 -9.04 -24.39
C PRO C 405 -23.34 -8.44 -24.51
N LYS C 406 -23.59 -7.81 -25.65
CA LYS C 406 -24.86 -7.12 -25.88
C LYS C 406 -25.92 -8.12 -26.30
N VAL C 407 -27.00 -8.20 -25.53
CA VAL C 407 -28.10 -9.10 -25.85
C VAL C 407 -28.90 -8.53 -26.99
N GLU C 408 -29.10 -9.33 -28.05
CA GLU C 408 -29.88 -8.91 -29.20
C GLU C 408 -30.97 -9.94 -29.45
N LEU C 409 -32.22 -9.47 -29.52
CA LEU C 409 -33.34 -10.37 -29.75
C LEU C 409 -33.50 -10.69 -31.24
N MET D 1 -33.93 -57.32 6.11
CA MET D 1 -34.01 -58.77 6.21
C MET D 1 -33.01 -59.33 7.18
N ARG D 2 -33.49 -59.96 8.24
CA ARG D 2 -32.64 -60.72 9.13
C ARG D 2 -33.02 -62.19 9.07
N VAL D 3 -32.07 -63.03 9.47
CA VAL D 3 -32.34 -64.48 9.52
C VAL D 3 -33.24 -64.77 10.71
N PRO D 4 -34.36 -65.44 10.52
CA PRO D 4 -35.26 -65.74 11.65
C PRO D 4 -34.75 -66.85 12.55
N ILE D 5 -33.91 -66.50 13.54
CA ILE D 5 -33.44 -67.46 14.52
C ILE D 5 -33.79 -66.94 15.91
N ASN D 6 -33.59 -67.80 16.92
CA ASN D 6 -33.33 -67.33 18.27
C ASN D 6 -31.85 -67.03 18.44
N ILE D 7 -31.57 -65.94 19.13
CA ILE D 7 -30.19 -65.63 19.49
C ILE D 7 -29.78 -66.43 20.72
N ASN D 8 -30.63 -66.41 21.75
CA ASN D 8 -30.29 -66.98 23.04
C ASN D 8 -30.23 -68.51 22.99
N ASN D 9 -30.94 -69.12 22.04
CA ASN D 9 -31.13 -70.56 22.03
C ASN D 9 -30.24 -71.27 21.03
N ALA D 10 -29.73 -70.57 20.02
CA ALA D 10 -28.78 -71.18 19.10
C ALA D 10 -27.41 -71.35 19.76
N LEU D 11 -27.08 -70.46 20.70
CA LEU D 11 -25.83 -70.59 21.44
C LEU D 11 -25.88 -71.78 22.38
N ALA D 12 -27.04 -72.05 22.98
CA ALA D 12 -27.21 -73.19 23.86
C ALA D 12 -27.34 -74.51 23.11
N ARG D 13 -27.39 -74.48 21.78
CA ARG D 13 -27.65 -75.68 21.00
C ARG D 13 -26.51 -76.05 20.07
N VAL D 14 -25.73 -75.08 19.59
CA VAL D 14 -24.56 -75.38 18.74
C VAL D 14 -23.40 -75.57 19.71
N ARG D 15 -23.30 -76.78 20.25
CA ARG D 15 -22.24 -77.31 21.09
C ARG D 15 -22.48 -78.81 21.20
N ASP D 16 -21.41 -79.58 21.22
CA ASP D 16 -21.56 -81.03 21.12
C ASP D 16 -22.00 -81.63 22.44
N PRO D 17 -23.09 -82.40 22.47
CA PRO D 17 -23.50 -83.04 23.71
C PRO D 17 -22.90 -84.43 23.90
N LEU D 18 -22.43 -85.04 22.82
CA LEU D 18 -22.01 -86.44 22.82
C LEU D 18 -20.60 -86.58 22.25
N SER D 19 -19.67 -85.76 22.73
CA SER D 19 -18.29 -85.81 22.27
C SER D 19 -17.35 -85.91 23.45
N ILE D 20 -16.29 -86.70 23.28
CA ILE D 20 -15.18 -86.74 24.23
C ILE D 20 -13.89 -86.52 23.45
N GLY D 21 -12.88 -86.01 24.14
CA GLY D 21 -11.63 -85.61 23.52
C GLY D 21 -10.56 -86.68 23.62
N GLY D 22 -9.30 -86.22 23.69
CA GLY D 22 -8.21 -87.15 23.90
C GLY D 22 -8.26 -87.78 25.28
N LEU D 23 -8.69 -87.01 26.27
CA LEU D 23 -9.13 -87.59 27.53
C LEU D 23 -10.41 -88.36 27.27
N LYS D 24 -10.52 -89.57 27.83
CA LYS D 24 -11.62 -90.46 27.51
C LYS D 24 -12.83 -90.25 28.42
N PHE D 25 -13.02 -89.04 28.93
CA PHE D 25 -14.14 -88.74 29.80
C PHE D 25 -14.48 -87.26 29.64
N PRO D 26 -15.72 -86.86 29.89
CA PRO D 26 -16.04 -85.42 29.83
C PRO D 26 -15.36 -84.63 30.92
N THR D 27 -14.82 -83.48 30.53
CA THR D 27 -14.03 -82.65 31.41
C THR D 27 -14.85 -81.49 31.97
N THR D 28 -14.37 -80.94 33.07
CA THR D 28 -14.97 -79.76 33.65
C THR D 28 -14.59 -78.53 32.84
N LYS D 29 -15.56 -77.67 32.57
CA LYS D 29 -15.32 -76.46 31.79
C LYS D 29 -16.39 -75.43 32.15
N GLU D 30 -16.26 -74.25 31.57
CA GLU D 30 -17.15 -73.13 31.85
C GLU D 30 -17.27 -72.30 30.58
N ILE D 31 -18.46 -71.75 30.35
CA ILE D 31 -18.82 -71.16 29.07
C ILE D 31 -19.42 -69.78 29.29
N GLN D 32 -18.96 -68.80 28.51
CA GLN D 32 -19.58 -67.48 28.43
C GLN D 32 -20.00 -67.22 27.00
N GLU D 33 -21.28 -66.93 26.79
CA GLU D 33 -21.78 -66.60 25.47
C GLU D 33 -21.73 -65.10 25.22
N ALA D 34 -21.63 -64.73 23.96
CA ALA D 34 -21.58 -63.33 23.56
C ALA D 34 -22.37 -63.12 22.28
N VAL D 35 -22.93 -61.92 22.13
CA VAL D 35 -23.83 -61.59 21.04
C VAL D 35 -23.33 -60.31 20.37
N ALA D 36 -23.12 -60.35 19.06
CA ALA D 36 -22.72 -59.19 18.30
C ALA D 36 -23.68 -58.95 17.14
N ALA D 37 -23.81 -57.69 16.73
CA ALA D 37 -24.64 -57.32 15.60
C ALA D 37 -23.79 -56.53 14.62
N ILE D 38 -23.68 -57.04 13.39
CA ILE D 38 -22.84 -56.42 12.38
C ILE D 38 -23.70 -55.58 11.45
N ALA D 39 -23.37 -54.30 11.36
CA ALA D 39 -24.00 -53.38 10.42
C ALA D 39 -22.94 -52.44 9.91
N ASP D 40 -22.96 -52.16 8.60
CA ASP D 40 -21.98 -51.27 8.01
C ASP D 40 -22.29 -49.84 8.43
N LYS D 41 -21.35 -49.23 9.15
CA LYS D 41 -21.54 -47.92 9.75
C LYS D 41 -21.14 -46.80 8.80
N PHE D 42 -20.28 -47.07 7.83
CA PHE D 42 -19.75 -46.06 6.94
C PHE D 42 -20.41 -46.08 5.57
N ASN D 43 -21.60 -46.67 5.48
CA ASN D 43 -22.42 -46.62 4.29
C ASN D 43 -23.68 -45.84 4.66
N GLN D 44 -23.57 -44.52 4.57
CA GLN D 44 -24.62 -43.61 4.99
C GLN D 44 -25.37 -43.07 3.77
N GLU D 45 -26.53 -42.49 4.03
CA GLU D 45 -27.37 -41.96 2.97
C GLU D 45 -26.97 -40.54 2.64
N ASN D 46 -27.11 -40.19 1.35
CA ASN D 46 -26.73 -38.85 0.88
C ASN D 46 -27.80 -37.86 1.35
N ASP D 47 -27.69 -37.43 2.60
CA ASP D 47 -28.63 -36.52 3.22
C ASP D 47 -28.41 -35.07 2.83
N LEU D 48 -27.49 -34.80 1.91
CA LEU D 48 -27.11 -33.42 1.58
C LEU D 48 -28.20 -32.71 0.82
N VAL D 49 -28.62 -33.27 -0.31
CA VAL D 49 -29.33 -32.48 -1.30
C VAL D 49 -30.82 -32.40 -1.00
N ASP D 50 -31.25 -32.93 0.15
CA ASP D 50 -32.61 -32.71 0.62
C ASP D 50 -32.82 -31.25 1.03
N ARG D 51 -31.76 -30.56 1.44
CA ARG D 51 -31.88 -29.13 1.72
C ARG D 51 -31.59 -28.28 0.50
N PHE D 52 -30.92 -28.81 -0.52
CA PHE D 52 -30.71 -28.04 -1.74
C PHE D 52 -31.96 -27.94 -2.59
N PHE D 53 -33.01 -28.69 -2.26
CA PHE D 53 -34.40 -28.35 -2.56
C PHE D 53 -35.38 -29.19 -1.78
N PRO D 54 -36.42 -28.58 -1.22
CA PRO D 54 -37.51 -29.37 -0.65
C PRO D 54 -38.41 -29.97 -1.71
N GLU D 55 -39.52 -30.56 -1.29
CA GLU D 55 -40.40 -31.29 -2.19
C GLU D 55 -41.79 -30.68 -2.19
N ASP D 56 -42.41 -30.64 -3.37
CA ASP D 56 -43.72 -30.02 -3.58
C ASP D 56 -44.61 -30.95 -4.39
N SER D 57 -45.86 -30.51 -4.58
CA SER D 57 -46.88 -31.30 -5.23
C SER D 57 -47.77 -30.39 -6.06
N THR D 58 -48.19 -30.86 -7.23
CA THR D 58 -48.88 -30.02 -8.20
C THR D 58 -50.28 -30.47 -8.60
N PHE D 59 -50.62 -31.75 -8.47
CA PHE D 59 -51.87 -32.37 -8.94
C PHE D 59 -52.11 -32.18 -10.45
N ALA D 60 -51.07 -31.92 -11.23
CA ALA D 60 -51.19 -31.74 -12.68
C ALA D 60 -50.17 -32.66 -13.35
N SER D 61 -50.12 -32.59 -14.69
CA SER D 61 -49.24 -33.48 -15.43
C SER D 61 -48.19 -32.77 -16.26
N GLU D 62 -48.33 -31.46 -16.47
CA GLU D 62 -47.35 -30.69 -17.22
C GLU D 62 -47.19 -29.33 -16.57
N LEU D 63 -45.99 -28.77 -16.69
CA LEU D 63 -45.70 -27.42 -16.26
C LEU D 63 -45.13 -26.64 -17.44
N GLU D 64 -45.57 -25.39 -17.57
CA GLU D 64 -45.15 -24.55 -18.68
C GLU D 64 -44.74 -23.17 -18.18
N LEU D 65 -43.75 -22.59 -18.84
CA LEU D 65 -43.20 -21.29 -18.48
C LEU D 65 -43.09 -20.45 -19.74
N TYR D 66 -43.69 -19.27 -19.73
CA TYR D 66 -43.60 -18.32 -20.83
C TYR D 66 -42.84 -17.09 -20.39
N LEU D 67 -42.00 -16.56 -21.28
CA LEU D 67 -41.16 -15.41 -20.97
C LEU D 67 -41.21 -14.44 -22.14
N LEU D 68 -42.04 -13.41 -22.02
CA LEU D 68 -42.07 -12.33 -22.99
C LEU D 68 -41.02 -11.29 -22.60
N ARG D 69 -40.10 -10.99 -23.51
CA ARG D 69 -39.04 -10.05 -23.21
C ARG D 69 -38.88 -9.06 -24.35
N THR D 70 -38.74 -7.78 -24.00
CA THR D 70 -38.73 -6.69 -24.95
C THR D 70 -37.32 -6.18 -25.17
N GLN D 71 -37.17 -5.28 -26.14
CA GLN D 71 -35.90 -4.60 -26.37
C GLN D 71 -36.20 -3.27 -27.04
N ASP D 72 -36.10 -2.19 -26.27
CA ASP D 72 -36.36 -0.87 -26.85
C ASP D 72 -35.17 -0.42 -27.68
N ALA D 73 -35.44 0.49 -28.61
CA ALA D 73 -34.38 1.09 -29.40
C ALA D 73 -33.71 2.21 -28.61
N GLU D 74 -32.39 2.23 -28.61
CA GLU D 74 -31.63 3.22 -27.89
C GLU D 74 -31.67 4.57 -28.59
N GLN D 75 -31.25 5.61 -27.87
CA GLN D 75 -31.21 6.96 -28.40
C GLN D 75 -29.79 7.31 -28.79
N THR D 76 -29.37 6.82 -29.96
CA THR D 76 -28.09 7.12 -30.58
C THR D 76 -28.34 7.94 -31.83
N GLY D 77 -27.29 8.13 -32.64
CA GLY D 77 -27.55 8.72 -33.94
C GLY D 77 -26.94 10.06 -34.28
N MET D 78 -25.71 10.33 -33.85
CA MET D 78 -25.29 11.58 -33.21
C MET D 78 -25.99 12.88 -33.61
N THR D 79 -25.74 13.45 -34.82
CA THR D 79 -26.52 14.53 -35.46
C THR D 79 -25.91 14.77 -36.85
N PHE D 80 -26.72 15.13 -37.84
CA PHE D 80 -26.21 15.32 -39.19
C PHE D 80 -25.61 16.71 -39.35
N VAL D 81 -24.50 16.79 -40.09
CA VAL D 81 -23.75 18.03 -40.28
C VAL D 81 -24.42 18.89 -41.34
N HIS D 82 -24.40 20.21 -41.17
CA HIS D 82 -25.11 21.11 -42.07
C HIS D 82 -24.24 22.31 -42.39
N GLN D 83 -24.65 23.06 -43.41
CA GLN D 83 -24.22 24.42 -43.69
C GLN D 83 -25.46 25.30 -43.65
N VAL D 84 -25.27 26.62 -43.55
CA VAL D 84 -26.34 27.52 -43.10
C VAL D 84 -27.45 27.65 -44.14
N GLY D 85 -27.08 27.91 -45.39
CA GLY D 85 -28.10 28.24 -46.38
C GLY D 85 -28.65 27.11 -47.19
N SER D 86 -28.95 25.97 -46.58
CA SER D 86 -29.34 24.78 -47.33
C SER D 86 -30.43 24.03 -46.58
N THR D 87 -30.91 22.97 -47.22
CA THR D 87 -32.01 22.16 -46.71
C THR D 87 -31.49 21.00 -45.88
N SER D 88 -32.33 20.53 -44.96
CA SER D 88 -32.00 19.45 -44.06
C SER D 88 -32.05 18.11 -44.79
N LEU D 89 -31.75 17.04 -44.06
CA LEU D 89 -31.76 15.67 -44.57
C LEU D 89 -32.53 14.77 -43.62
N PRO D 90 -33.19 13.73 -44.13
CA PRO D 90 -34.03 12.91 -43.26
C PRO D 90 -33.23 11.98 -42.38
N VAL D 91 -33.79 11.72 -41.21
CA VAL D 91 -33.15 10.94 -40.16
C VAL D 91 -33.50 9.47 -40.34
N GLU D 92 -32.49 8.59 -40.24
CA GLU D 92 -32.63 7.16 -40.49
C GLU D 92 -33.61 6.49 -39.52
N ALA D 93 -33.94 5.24 -39.84
CA ALA D 93 -34.95 4.47 -39.13
C ALA D 93 -34.32 3.63 -38.03
N ARG D 94 -35.11 3.36 -37.00
CA ARG D 94 -34.73 2.60 -35.82
C ARG D 94 -35.48 1.28 -35.83
N VAL D 95 -35.15 0.41 -34.87
CA VAL D 95 -35.86 -0.86 -34.73
C VAL D 95 -35.91 -1.23 -33.25
N ALA D 96 -37.11 -1.53 -32.77
CA ALA D 96 -37.33 -2.18 -31.49
C ALA D 96 -37.93 -3.55 -31.74
N LYS D 97 -37.80 -4.44 -30.77
CA LYS D 97 -38.21 -5.82 -31.01
C LYS D 97 -38.63 -6.50 -29.72
N VAL D 98 -39.52 -7.48 -29.85
CA VAL D 98 -39.96 -8.32 -28.75
C VAL D 98 -39.88 -9.77 -29.17
N ASP D 99 -39.48 -10.63 -28.23
CA ASP D 99 -39.53 -12.08 -28.40
C ASP D 99 -40.27 -12.69 -27.23
N LEU D 100 -40.70 -13.93 -27.40
CA LEU D 100 -41.18 -14.70 -26.26
C LEU D 100 -40.78 -16.15 -26.42
N ALA D 101 -40.56 -16.81 -25.28
CA ALA D 101 -40.00 -18.16 -25.26
C ALA D 101 -40.80 -19.05 -24.31
N LYS D 102 -40.64 -20.35 -24.49
CA LYS D 102 -41.46 -21.35 -23.83
C LYS D 102 -40.59 -22.43 -23.21
N ALA D 103 -40.93 -22.80 -21.98
CA ALA D 103 -40.32 -23.92 -21.28
C ALA D 103 -41.40 -24.93 -20.92
N THR D 104 -41.05 -26.21 -20.97
CA THR D 104 -41.99 -27.27 -20.58
C THR D 104 -41.34 -28.17 -19.54
N TRP D 105 -42.16 -29.04 -18.95
CA TRP D 105 -41.74 -29.95 -17.89
C TRP D 105 -42.80 -31.03 -17.74
N SER D 106 -42.36 -32.28 -17.53
CA SER D 106 -43.26 -33.39 -17.32
C SER D 106 -42.51 -34.47 -16.55
N PRO D 107 -43.17 -35.19 -15.63
CA PRO D 107 -42.43 -36.05 -14.70
C PRO D 107 -42.01 -37.40 -15.24
N LEU D 108 -41.46 -38.23 -14.36
CA LEU D 108 -41.19 -39.64 -14.61
C LEU D 108 -42.11 -40.50 -13.75
N ALA D 109 -42.07 -41.80 -14.01
CA ALA D 109 -42.92 -42.77 -13.34
C ALA D 109 -42.07 -43.96 -12.92
N PHE D 110 -42.27 -44.42 -11.69
CA PHE D 110 -41.63 -45.65 -11.23
C PHE D 110 -42.46 -46.30 -10.15
N LYS D 111 -42.73 -47.60 -10.32
CA LYS D 111 -43.37 -48.41 -9.28
C LYS D 111 -42.90 -49.85 -9.42
N GLU D 112 -43.25 -50.64 -8.40
CA GLU D 112 -42.71 -51.99 -8.24
C GLU D 112 -43.66 -52.77 -7.35
N SER D 113 -43.59 -54.11 -7.45
CA SER D 113 -44.49 -54.99 -6.72
C SER D 113 -43.71 -56.13 -6.08
N ARG D 114 -44.41 -56.89 -5.22
CA ARG D 114 -43.86 -58.08 -4.59
C ARG D 114 -45.01 -58.97 -4.14
N VAL D 115 -44.86 -60.27 -4.32
CA VAL D 115 -45.90 -61.25 -4.00
C VAL D 115 -45.32 -62.36 -3.13
N TRP D 116 -46.13 -62.85 -2.18
CA TRP D 116 -45.78 -63.98 -1.34
C TRP D 116 -46.72 -65.14 -1.62
N ASP D 117 -46.15 -66.30 -1.98
CA ASP D 117 -46.95 -67.45 -2.38
C ASP D 117 -47.46 -68.21 -1.17
N GLU D 118 -48.08 -69.37 -1.42
CA GLU D 118 -48.89 -70.05 -0.42
C GLU D 118 -48.09 -70.96 0.49
N LYS D 119 -46.96 -71.49 0.01
CA LYS D 119 -46.11 -72.36 0.81
C LYS D 119 -45.56 -71.62 2.02
N GLU D 120 -44.85 -70.53 1.78
CA GLU D 120 -44.09 -69.87 2.85
C GLU D 120 -44.94 -69.13 3.86
N ILE D 121 -46.24 -68.92 3.60
CA ILE D 121 -47.06 -68.20 4.57
C ILE D 121 -47.28 -69.02 5.84
N LEU D 122 -47.33 -70.35 5.72
CA LEU D 122 -47.44 -71.18 6.91
C LEU D 122 -46.43 -72.32 6.98
N TYR D 123 -45.39 -72.33 6.14
CA TYR D 123 -44.31 -73.29 6.24
C TYR D 123 -42.98 -72.62 6.56
N LEU D 124 -42.97 -71.60 7.41
CA LEU D 124 -41.70 -71.14 7.95
C LEU D 124 -41.90 -70.59 9.36
N GLY D 125 -41.01 -71.00 10.25
CA GLY D 125 -40.94 -70.47 11.60
C GLY D 125 -39.56 -69.92 11.84
N ARG D 126 -39.05 -70.03 13.06
CA ARG D 126 -37.66 -69.68 13.32
C ARG D 126 -36.75 -70.83 12.92
N LEU D 127 -35.49 -70.76 13.34
CA LEU D 127 -34.53 -71.79 13.01
C LEU D 127 -33.98 -72.51 14.24
N ALA D 128 -34.00 -71.86 15.40
CA ALA D 128 -33.65 -72.58 16.63
C ALA D 128 -34.85 -73.33 17.19
N ASP D 129 -35.91 -72.62 17.58
CA ASP D 129 -37.01 -73.24 18.30
C ASP D 129 -38.12 -73.66 17.33
N GLU D 130 -39.29 -73.95 17.89
CA GLU D 130 -40.47 -74.31 17.12
C GLU D 130 -41.54 -73.23 17.28
N VAL D 131 -42.15 -72.85 16.16
CA VAL D 131 -43.07 -71.72 16.07
C VAL D 131 -44.30 -72.16 15.29
N GLN D 132 -45.47 -71.70 15.72
CA GLN D 132 -46.74 -72.08 15.11
C GLN D 132 -47.23 -71.10 14.04
N ALA D 133 -46.39 -70.88 13.02
CA ALA D 133 -46.73 -70.22 11.75
C ALA D 133 -47.24 -68.79 11.94
N GLY D 134 -46.34 -67.92 12.38
CA GLY D 134 -46.67 -66.52 12.50
C GLY D 134 -45.55 -65.57 12.11
N VAL D 135 -44.57 -66.06 11.37
CA VAL D 135 -43.34 -65.30 11.12
C VAL D 135 -43.46 -64.42 9.88
N ILE D 136 -44.39 -64.74 8.98
CA ILE D 136 -44.61 -63.92 7.78
C ILE D 136 -45.16 -62.55 8.15
N ASN D 137 -45.89 -62.44 9.26
CA ASN D 137 -46.32 -61.14 9.76
C ASN D 137 -45.15 -60.28 10.24
N GLU D 138 -44.00 -60.89 10.51
CA GLU D 138 -42.76 -60.18 10.84
C GLU D 138 -41.93 -59.89 9.59
N GLN D 139 -42.02 -60.74 8.58
CA GLN D 139 -41.21 -60.59 7.38
C GLN D 139 -41.88 -59.70 6.34
N ILE D 140 -43.21 -59.58 6.35
CA ILE D 140 -43.87 -58.62 5.48
C ILE D 140 -43.64 -57.21 5.98
N ALA D 141 -43.71 -57.00 7.30
CA ALA D 141 -43.60 -55.66 7.87
C ALA D 141 -42.20 -55.07 7.67
N GLU D 142 -41.19 -55.91 7.52
CA GLU D 142 -39.89 -55.41 7.09
C GLU D 142 -39.93 -54.99 5.63
N SER D 143 -40.42 -55.89 4.76
CA SER D 143 -40.42 -55.62 3.32
C SER D 143 -41.40 -54.51 2.95
N LEU D 144 -42.39 -54.27 3.80
CA LEU D 144 -43.23 -53.08 3.65
C LEU D 144 -42.43 -51.83 3.92
N THR D 145 -41.69 -51.81 5.04
CA THR D 145 -40.83 -50.69 5.41
C THR D 145 -39.69 -50.52 4.41
N TRP D 146 -39.22 -51.62 3.83
CA TRP D 146 -38.13 -51.56 2.87
C TRP D 146 -38.52 -50.82 1.60
N LEU D 147 -39.77 -50.98 1.15
CA LEU D 147 -40.19 -50.35 -0.10
C LEU D 147 -40.41 -48.85 0.06
N MET D 148 -40.73 -48.39 1.28
CA MET D 148 -40.73 -46.96 1.55
C MET D 148 -39.33 -46.39 1.44
N ALA D 149 -38.31 -47.16 1.84
CA ALA D 149 -36.94 -46.71 1.67
C ALA D 149 -36.49 -46.76 0.22
N ARG D 150 -37.12 -47.58 -0.61
CA ARG D 150 -36.75 -47.66 -2.03
C ARG D 150 -37.13 -46.38 -2.76
N MET D 151 -38.29 -45.83 -2.44
CA MET D 151 -38.76 -44.62 -3.12
C MET D 151 -37.99 -43.40 -2.65
N ARG D 152 -37.58 -43.38 -1.38
CA ARG D 152 -36.67 -42.35 -0.91
C ARG D 152 -35.29 -42.51 -1.53
N ASN D 153 -34.85 -43.75 -1.75
CA ASN D 153 -33.56 -43.99 -2.39
C ASN D 153 -33.61 -43.70 -3.88
N ARG D 154 -34.79 -43.73 -4.49
CA ARG D 154 -34.86 -43.39 -5.90
C ARG D 154 -34.86 -41.88 -6.09
N ARG D 155 -35.48 -41.16 -5.17
CA ARG D 155 -35.55 -39.70 -5.25
C ARG D 155 -34.17 -39.09 -5.15
N ARG D 156 -33.37 -39.54 -4.18
CA ARG D 156 -32.04 -38.99 -3.97
C ARG D 156 -31.09 -39.32 -5.12
N TRP D 157 -31.35 -40.39 -5.86
CA TRP D 157 -30.50 -40.72 -7.00
C TRP D 157 -30.70 -39.73 -8.14
N LEU D 158 -31.96 -39.47 -8.50
CA LEU D 158 -32.28 -38.50 -9.54
C LEU D 158 -31.89 -37.09 -9.11
N THR D 159 -32.11 -36.77 -7.84
CA THR D 159 -31.71 -35.50 -7.26
C THR D 159 -30.20 -35.28 -7.33
N TRP D 160 -29.41 -36.30 -6.98
CA TRP D 160 -27.96 -36.17 -7.06
C TRP D 160 -27.44 -36.24 -8.48
N GLN D 161 -28.19 -36.85 -9.39
CA GLN D 161 -27.77 -36.95 -10.79
C GLN D 161 -27.79 -35.59 -11.47
N VAL D 162 -28.67 -34.70 -11.01
CA VAL D 162 -28.69 -33.32 -11.48
C VAL D 162 -27.58 -32.52 -10.81
N MET D 163 -27.42 -32.68 -9.49
CA MET D 163 -26.44 -31.94 -8.71
C MET D 163 -25.01 -32.29 -9.11
N ARG D 164 -24.78 -33.47 -9.68
CA ARG D 164 -23.45 -33.91 -10.07
C ARG D 164 -23.15 -33.64 -11.54
N THR D 165 -24.08 -33.96 -12.44
CA THR D 165 -23.85 -33.79 -13.87
C THR D 165 -24.84 -32.87 -14.57
N GLY D 166 -26.01 -32.61 -13.98
CA GLY D 166 -27.03 -31.86 -14.69
C GLY D 166 -27.71 -32.62 -15.80
N ARG D 167 -27.57 -33.94 -15.83
CA ARG D 167 -28.00 -34.79 -16.94
C ARG D 167 -28.56 -36.06 -16.34
N ILE D 168 -29.89 -36.19 -16.32
CA ILE D 168 -30.48 -37.49 -16.00
C ILE D 168 -30.28 -38.41 -17.21
N THR D 169 -29.62 -39.53 -17.00
CA THR D 169 -29.52 -40.57 -18.03
C THR D 169 -30.03 -41.88 -17.46
N ILE D 170 -30.89 -42.54 -18.23
CA ILE D 170 -31.37 -43.88 -17.91
C ILE D 170 -31.23 -44.72 -19.16
N GLN D 171 -30.38 -45.70 -19.13
CA GLN D 171 -30.06 -46.58 -20.24
C GLN D 171 -30.79 -47.91 -20.08
N PRO D 172 -30.95 -48.71 -21.17
CA PRO D 172 -31.61 -50.02 -21.02
C PRO D 172 -30.86 -51.01 -20.15
N ASN D 173 -29.60 -51.28 -20.48
CA ASN D 173 -28.78 -52.17 -19.67
C ASN D 173 -28.29 -51.38 -18.47
N ASP D 174 -29.00 -51.52 -17.36
CA ASP D 174 -28.80 -50.63 -16.23
C ASP D 174 -29.25 -51.35 -14.97
N PRO D 175 -28.66 -51.04 -13.82
CA PRO D 175 -29.26 -51.49 -12.57
C PRO D 175 -30.64 -50.89 -12.35
N TYR D 176 -31.59 -51.77 -12.05
CA TYR D 176 -32.97 -51.45 -11.67
C TYR D 176 -33.73 -50.77 -12.80
N ASN D 177 -33.36 -51.09 -14.03
CA ASN D 177 -34.15 -50.80 -15.22
C ASN D 177 -34.35 -52.11 -15.99
N PRO D 178 -35.23 -53.00 -15.51
CA PRO D 178 -35.46 -54.25 -16.23
C PRO D 178 -36.29 -54.04 -17.47
N ASN D 179 -37.00 -52.93 -17.51
CA ASN D 179 -37.96 -52.63 -18.55
C ASN D 179 -37.29 -51.99 -19.75
N GLY D 180 -36.02 -51.60 -19.61
CA GLY D 180 -35.18 -51.28 -20.74
C GLY D 180 -35.36 -49.89 -21.29
N LEU D 181 -35.89 -48.97 -20.50
CA LEU D 181 -36.37 -47.69 -21.02
C LEU D 181 -35.21 -46.74 -21.35
N LYS D 182 -35.56 -45.65 -22.02
CA LYS D 182 -34.61 -44.66 -22.51
C LYS D 182 -35.01 -43.29 -22.01
N TYR D 183 -34.13 -42.65 -21.24
CA TYR D 183 -34.34 -41.26 -20.84
C TYR D 183 -33.00 -40.56 -20.80
N VAL D 184 -32.85 -39.50 -21.58
CA VAL D 184 -31.72 -38.58 -21.46
C VAL D 184 -32.33 -37.20 -21.22
N ILE D 185 -32.35 -36.76 -19.98
CA ILE D 185 -33.02 -35.53 -19.61
C ILE D 185 -31.96 -34.48 -19.31
N ASP D 186 -31.82 -33.50 -20.20
CA ASP D 186 -30.78 -32.50 -20.13
C ASP D 186 -31.34 -31.27 -19.44
N TYR D 187 -30.71 -30.84 -18.35
CA TYR D 187 -31.13 -29.59 -17.75
C TYR D 187 -30.28 -28.47 -18.32
N GLY D 188 -30.34 -27.29 -17.71
CA GLY D 188 -29.68 -26.14 -18.30
C GLY D 188 -28.41 -25.70 -17.63
N VAL D 189 -27.73 -26.62 -16.94
CA VAL D 189 -26.53 -26.26 -16.17
C VAL D 189 -25.39 -25.97 -17.13
N THR D 190 -24.94 -24.72 -17.14
CA THR D 190 -23.94 -24.25 -18.08
C THR D 190 -22.57 -24.26 -17.41
N ASP D 191 -21.63 -25.00 -17.99
CA ASP D 191 -20.23 -25.06 -17.59
C ASP D 191 -20.09 -25.52 -16.14
N ILE D 192 -20.49 -26.78 -15.92
CA ILE D 192 -20.55 -27.30 -14.56
C ILE D 192 -19.17 -27.55 -13.98
N GLU D 193 -18.13 -27.64 -14.80
CA GLU D 193 -16.77 -27.83 -14.33
C GLU D 193 -15.99 -26.53 -14.46
N LEU D 194 -15.29 -26.15 -13.39
CA LEU D 194 -14.40 -25.00 -13.43
C LEU D 194 -13.02 -25.42 -13.92
N PRO D 195 -12.39 -24.63 -14.79
CA PRO D 195 -11.07 -25.02 -15.31
C PRO D 195 -9.95 -24.67 -14.34
N LEU D 196 -9.03 -25.62 -14.15
CA LEU D 196 -7.89 -25.46 -13.24
C LEU D 196 -6.80 -26.45 -13.62
N PRO D 197 -5.85 -26.05 -14.46
CA PRO D 197 -4.87 -27.04 -14.97
C PRO D 197 -3.79 -27.43 -13.98
N GLN D 198 -3.49 -26.60 -12.98
CA GLN D 198 -2.56 -26.95 -11.91
C GLN D 198 -3.32 -26.71 -10.61
N LYS D 199 -3.58 -27.80 -9.87
CA LYS D 199 -4.75 -27.83 -8.99
C LYS D 199 -4.69 -26.87 -7.80
N PHE D 200 -4.08 -27.28 -6.69
CA PHE D 200 -3.53 -26.35 -5.70
C PHE D 200 -2.23 -26.84 -5.09
N ASP D 201 -1.97 -28.15 -5.11
CA ASP D 201 -0.80 -28.75 -4.49
C ASP D 201 0.16 -29.28 -5.54
N ALA D 202 0.35 -28.51 -6.62
CA ALA D 202 1.27 -28.92 -7.67
C ALA D 202 2.70 -28.95 -7.16
N LYS D 203 3.07 -27.92 -6.40
CA LYS D 203 4.39 -27.78 -5.75
C LYS D 203 5.51 -27.84 -6.79
N ASP D 204 5.42 -26.95 -7.77
CA ASP D 204 6.37 -26.92 -8.87
C ASP D 204 7.69 -26.31 -8.37
N GLY D 205 8.74 -27.11 -8.40
CA GLY D 205 10.02 -26.64 -7.90
C GLY D 205 10.43 -27.34 -6.62
N ASN D 206 10.95 -26.57 -5.66
CA ASN D 206 11.49 -27.16 -4.45
C ASN D 206 10.39 -27.49 -3.45
N GLY D 207 9.67 -26.48 -3.00
CA GLY D 207 8.55 -26.67 -2.09
C GLY D 207 7.47 -25.67 -2.37
N ASN D 208 7.75 -24.77 -3.30
CA ASN D 208 6.82 -23.69 -3.64
C ASN D 208 5.74 -24.21 -4.58
N SER D 209 4.50 -23.90 -4.25
CA SER D 209 3.39 -24.29 -5.11
C SER D 209 3.20 -23.24 -6.21
N ALA D 210 2.17 -23.41 -7.02
CA ALA D 210 1.99 -22.60 -8.20
C ALA D 210 0.72 -21.76 -8.20
N VAL D 211 -0.29 -22.10 -7.42
CA VAL D 211 -1.58 -21.45 -7.46
C VAL D 211 -1.98 -21.03 -6.05
N ASP D 212 -2.27 -19.76 -5.86
CA ASP D 212 -2.81 -19.26 -4.60
C ASP D 212 -4.32 -19.45 -4.60
N PRO D 213 -4.88 -20.22 -3.67
CA PRO D 213 -6.34 -20.39 -3.64
C PRO D 213 -7.08 -19.18 -3.13
N ILE D 214 -6.46 -18.37 -2.28
CA ILE D 214 -7.09 -17.13 -1.87
C ILE D 214 -7.16 -16.17 -3.05
N GLN D 215 -6.15 -16.20 -3.92
CA GLN D 215 -6.19 -15.38 -5.12
C GLN D 215 -7.17 -15.96 -6.15
N TYR D 216 -7.26 -17.29 -6.22
CA TYR D 216 -8.05 -17.93 -7.27
C TYR D 216 -9.54 -17.68 -7.09
N PHE D 217 -10.05 -17.81 -5.86
CA PHE D 217 -11.46 -17.58 -5.61
C PHE D 217 -11.80 -16.11 -5.51
N ARG D 218 -10.83 -15.26 -5.23
CA ARG D 218 -11.04 -13.83 -5.31
C ARG D 218 -10.97 -13.34 -6.75
N ASP D 219 -10.28 -14.09 -7.61
CA ASP D 219 -10.30 -13.81 -9.04
C ASP D 219 -11.67 -14.14 -9.63
N LEU D 220 -12.34 -15.18 -9.11
CA LEU D 220 -13.67 -15.51 -9.59
C LEU D 220 -14.71 -14.49 -9.13
N ILE D 221 -14.56 -13.94 -7.92
CA ILE D 221 -15.45 -12.88 -7.50
C ILE D 221 -15.19 -11.61 -8.33
N LYS D 222 -13.92 -11.38 -8.67
CA LYS D 222 -13.58 -10.20 -9.48
C LYS D 222 -14.07 -10.35 -10.92
N ALA D 223 -14.02 -11.56 -11.46
CA ALA D 223 -14.48 -11.78 -12.83
C ALA D 223 -15.99 -11.88 -12.96
N ALA D 224 -16.73 -11.69 -11.88
CA ALA D 224 -18.18 -11.70 -11.90
C ALA D 224 -18.73 -10.48 -11.17
N THR D 225 -18.16 -9.32 -11.44
CA THR D 225 -18.72 -8.08 -10.90
C THR D 225 -19.94 -7.65 -11.69
N TYR D 226 -19.94 -7.87 -12.99
CA TYR D 226 -21.07 -7.54 -13.84
C TYR D 226 -21.80 -8.81 -14.31
N PHE D 227 -21.53 -9.93 -13.65
CA PHE D 227 -22.23 -11.20 -13.84
C PHE D 227 -22.85 -11.56 -12.50
N PRO D 228 -23.97 -10.92 -12.11
CA PRO D 228 -24.41 -11.02 -10.71
C PRO D 228 -24.96 -12.37 -10.32
N ASP D 229 -25.36 -13.21 -11.26
CA ASP D 229 -25.83 -14.55 -10.98
C ASP D 229 -24.70 -15.57 -10.93
N ARG D 230 -23.46 -15.12 -10.88
CA ARG D 230 -22.33 -15.93 -11.25
C ARG D 230 -21.16 -15.77 -10.28
N ARG D 231 -21.26 -14.89 -9.28
CA ARG D 231 -20.15 -14.86 -8.36
C ARG D 231 -20.35 -15.89 -7.24
N PRO D 232 -19.27 -16.51 -6.77
CA PRO D 232 -19.41 -17.50 -5.69
C PRO D 232 -19.80 -16.87 -4.36
N VAL D 233 -20.62 -17.59 -3.61
CA VAL D 233 -21.09 -17.16 -2.30
C VAL D 233 -20.69 -18.13 -1.20
N ALA D 234 -20.80 -19.44 -1.45
CA ALA D 234 -20.37 -20.44 -0.49
C ALA D 234 -19.71 -21.59 -1.22
N ILE D 235 -19.04 -22.45 -0.45
CA ILE D 235 -18.36 -23.64 -0.95
C ILE D 235 -18.65 -24.78 0.02
N ILE D 236 -19.04 -25.94 -0.51
CA ILE D 236 -19.23 -27.13 0.32
C ILE D 236 -18.17 -28.14 -0.09
N VAL D 237 -17.33 -28.54 0.87
CA VAL D 237 -16.15 -29.34 0.60
C VAL D 237 -16.30 -30.67 1.34
N GLY D 238 -15.49 -31.64 0.96
CA GLY D 238 -15.32 -32.84 1.73
C GLY D 238 -14.39 -32.63 2.91
N PRO D 239 -13.74 -33.70 3.37
CA PRO D 239 -12.94 -33.62 4.60
C PRO D 239 -11.59 -32.92 4.46
N GLY D 240 -10.84 -33.19 3.39
CA GLY D 240 -9.42 -32.84 3.36
C GLY D 240 -9.08 -31.51 2.72
N PHE D 241 -9.68 -30.43 3.20
CA PHE D 241 -9.47 -29.11 2.61
C PHE D 241 -8.52 -28.25 3.42
N ASP D 242 -8.55 -28.35 4.75
CA ASP D 242 -7.61 -27.60 5.57
C ASP D 242 -6.20 -28.13 5.45
N GLU D 243 -6.04 -29.42 5.11
CA GLU D 243 -4.71 -29.98 4.96
C GLU D 243 -4.05 -29.50 3.67
N VAL D 244 -4.84 -29.16 2.67
CA VAL D 244 -4.30 -28.62 1.43
C VAL D 244 -3.80 -27.19 1.66
N LEU D 245 -4.52 -26.42 2.46
CA LEU D 245 -4.18 -25.02 2.67
C LEU D 245 -2.92 -24.84 3.50
N ALA D 246 -2.61 -25.79 4.37
CA ALA D 246 -1.44 -25.64 5.23
C ALA D 246 -0.14 -25.99 4.52
N ASP D 247 -0.18 -26.75 3.43
CA ASP D 247 1.02 -27.17 2.72
C ASP D 247 1.23 -26.37 1.45
N ASN D 248 0.94 -25.08 1.48
CA ASN D 248 0.68 -24.34 0.26
C ASN D 248 1.79 -23.39 -0.15
N THR D 249 2.48 -22.74 0.80
CA THR D 249 3.46 -21.67 0.61
C THR D 249 2.88 -20.42 -0.05
N PHE D 250 1.56 -20.31 -0.15
CA PHE D 250 0.88 -19.05 -0.41
C PHE D 250 -0.04 -18.65 0.73
N VAL D 251 -0.94 -19.56 1.12
CA VAL D 251 -1.80 -19.41 2.30
C VAL D 251 -0.96 -19.25 3.55
N GLN D 252 0.21 -19.89 3.57
CA GLN D 252 1.13 -19.81 4.69
C GLN D 252 1.59 -18.39 4.98
N LYS D 253 1.92 -17.64 3.93
CA LYS D 253 2.32 -16.25 4.09
C LYS D 253 1.18 -15.35 4.51
N TYR D 254 -0.07 -15.73 4.22
CA TYR D 254 -1.21 -15.01 4.78
C TYR D 254 -1.35 -15.26 6.27
N VAL D 255 -1.00 -16.47 6.72
CA VAL D 255 -1.07 -16.78 8.15
C VAL D 255 0.02 -16.05 8.90
N GLU D 256 1.21 -16.01 8.33
CA GLU D 256 2.35 -15.32 8.93
C GLU D 256 2.14 -13.81 8.95
N TYR D 257 1.37 -13.28 7.99
CA TYR D 257 1.12 -11.84 7.97
C TYR D 257 0.18 -11.42 9.10
N GLU D 258 -0.89 -12.17 9.32
CA GLU D 258 -1.89 -11.72 10.28
C GLU D 258 -1.49 -11.94 11.74
N LYS D 259 -0.38 -12.63 11.99
CA LYS D 259 0.03 -12.89 13.36
C LYS D 259 1.41 -12.33 13.68
N GLY D 260 2.04 -11.61 12.75
CA GLY D 260 3.34 -11.05 13.01
C GLY D 260 4.46 -12.06 12.97
N TRP D 261 4.22 -13.23 12.40
CA TRP D 261 5.23 -14.27 12.34
C TRP D 261 6.17 -13.96 11.18
N VAL D 262 7.31 -13.35 11.48
CA VAL D 262 8.43 -13.30 10.56
C VAL D 262 9.35 -14.39 11.07
N VAL D 263 9.84 -15.24 10.16
CA VAL D 263 10.35 -16.56 10.57
C VAL D 263 11.74 -16.45 11.19
N GLY D 264 12.65 -15.71 10.55
CA GLY D 264 14.03 -15.68 11.01
C GLY D 264 14.24 -14.96 12.33
N GLN D 265 13.27 -14.13 12.74
CA GLN D 265 13.28 -13.42 14.00
C GLN D 265 12.02 -13.77 14.75
N ASN D 266 11.84 -13.17 15.93
CA ASN D 266 10.55 -13.01 16.62
C ASN D 266 9.92 -14.31 17.14
N THR D 267 10.34 -15.46 16.59
CA THR D 267 9.87 -16.82 16.83
C THR D 267 10.70 -17.81 16.03
N VAL D 268 10.79 -19.04 16.49
CA VAL D 268 11.03 -20.15 15.58
C VAL D 268 9.72 -20.47 14.88
N GLN D 269 9.81 -20.97 13.62
CA GLN D 269 8.63 -21.19 12.81
C GLN D 269 7.70 -22.22 13.48
N PRO D 270 6.40 -21.98 13.50
CA PRO D 270 5.50 -22.80 14.28
C PRO D 270 5.28 -24.15 13.63
N PRO D 271 4.77 -25.14 14.37
CA PRO D 271 4.38 -26.40 13.73
C PRO D 271 3.07 -26.22 12.98
N ARG D 272 2.69 -27.29 12.26
CA ARG D 272 1.49 -27.27 11.43
C ARG D 272 0.19 -27.21 12.22
N GLU D 273 0.22 -27.33 13.55
CA GLU D 273 -1.00 -27.47 14.31
C GLU D 273 -1.76 -26.15 14.43
N VAL D 274 -1.04 -25.05 14.60
CA VAL D 274 -1.65 -23.72 14.53
C VAL D 274 -1.71 -23.24 13.09
N TYR D 275 -0.80 -23.75 12.27
CA TYR D 275 -0.59 -23.33 10.89
C TYR D 275 -1.69 -23.88 9.98
N ARG D 276 -2.44 -24.87 10.47
CA ARG D 276 -3.65 -25.40 9.86
C ARG D 276 -4.91 -24.93 10.57
N GLN D 277 -4.83 -24.68 11.87
CA GLN D 277 -5.98 -24.22 12.63
C GLN D 277 -6.40 -22.81 12.22
N ALA D 278 -5.47 -21.98 11.81
CA ALA D 278 -5.77 -20.63 11.38
C ALA D 278 -6.05 -20.54 9.89
N ALA D 279 -5.93 -21.63 9.15
CA ALA D 279 -6.14 -21.58 7.70
C ALA D 279 -7.61 -21.49 7.31
N LEU D 280 -8.53 -21.79 8.24
CA LEU D 280 -9.95 -21.66 7.96
C LEU D 280 -10.37 -20.20 7.84
N ASP D 281 -10.18 -19.43 8.90
CA ASP D 281 -10.73 -18.08 8.94
C ASP D 281 -9.98 -17.13 8.02
N ILE D 282 -8.68 -17.37 7.82
CA ILE D 282 -7.91 -16.57 6.88
C ILE D 282 -8.37 -16.84 5.45
N PHE D 283 -8.84 -18.05 5.17
CA PHE D 283 -9.54 -18.29 3.91
C PHE D 283 -10.88 -17.58 3.88
N LYS D 284 -11.58 -17.53 5.02
CA LYS D 284 -12.89 -16.90 5.05
C LYS D 284 -12.82 -15.38 5.09
N ARG D 285 -11.76 -14.81 5.66
CA ARG D 285 -11.67 -13.36 5.73
C ARG D 285 -11.23 -12.74 4.42
N TYR D 286 -10.35 -13.41 3.68
CA TYR D 286 -9.77 -12.84 2.48
C TYR D 286 -10.48 -13.26 1.21
N THR D 287 -11.47 -14.15 1.31
CA THR D 287 -12.38 -14.43 0.20
C THR D 287 -13.82 -14.06 0.50
N GLY D 288 -14.18 -13.88 1.76
CA GLY D 288 -15.50 -13.41 2.13
C GLY D 288 -16.61 -14.43 2.05
N LEU D 289 -16.31 -15.66 1.65
CA LEU D 289 -17.34 -16.66 1.39
C LEU D 289 -17.48 -17.63 2.55
N GLU D 290 -18.56 -18.40 2.52
CA GLU D 290 -18.86 -19.40 3.53
C GLU D 290 -18.32 -20.76 3.12
N VAL D 291 -17.96 -21.57 4.12
CA VAL D 291 -17.50 -22.93 3.89
C VAL D 291 -18.29 -23.86 4.79
N MET D 292 -18.93 -24.86 4.19
CA MET D 292 -19.57 -25.96 4.92
C MET D 292 -18.85 -27.25 4.56
N VAL D 293 -18.69 -28.13 5.54
CA VAL D 293 -18.02 -29.41 5.33
C VAL D 293 -19.08 -30.51 5.33
N TYR D 294 -19.04 -31.35 4.30
CA TYR D 294 -19.93 -32.50 4.19
C TYR D 294 -19.03 -33.72 4.04
N ASP D 295 -18.74 -34.36 5.17
CA ASP D 295 -17.86 -35.53 5.22
C ASP D 295 -18.64 -36.84 5.31
N LYS D 296 -19.85 -36.86 4.77
CA LYS D 296 -20.71 -38.02 4.91
C LYS D 296 -20.38 -39.05 3.84
N THR D 297 -20.45 -40.32 4.22
CA THR D 297 -19.75 -41.38 3.53
C THR D 297 -20.71 -42.41 2.95
N TYR D 298 -20.18 -43.20 2.02
CA TYR D 298 -20.85 -44.40 1.54
C TYR D 298 -19.77 -45.42 1.21
N ARG D 299 -20.11 -46.69 1.32
CA ARG D 299 -19.16 -47.74 0.98
C ARG D 299 -19.30 -48.11 -0.49
N ASP D 300 -18.18 -48.13 -1.18
CA ASP D 300 -18.13 -48.49 -2.59
C ASP D 300 -18.46 -49.98 -2.76
N GLN D 301 -18.82 -50.34 -3.99
CA GLN D 301 -19.13 -51.73 -4.30
C GLN D 301 -17.91 -52.62 -4.16
N ASP D 302 -16.78 -52.19 -4.71
CA ASP D 302 -15.54 -52.96 -4.65
C ASP D 302 -14.54 -52.39 -3.66
N GLY D 303 -14.26 -51.11 -3.76
CA GLY D 303 -13.22 -50.48 -2.98
C GLY D 303 -13.62 -50.20 -1.54
N SER D 304 -12.96 -49.21 -0.97
CA SER D 304 -13.16 -48.84 0.42
C SER D 304 -14.25 -47.78 0.51
N VAL D 305 -14.34 -47.15 1.68
CA VAL D 305 -15.37 -46.14 1.93
C VAL D 305 -15.03 -44.87 1.15
N LYS D 306 -16.03 -44.29 0.50
CA LYS D 306 -15.88 -43.05 -0.23
C LYS D 306 -16.83 -42.00 0.32
N TYR D 307 -16.48 -40.74 0.06
CA TYR D 307 -17.32 -39.62 0.43
C TYR D 307 -18.25 -39.28 -0.74
N TRP D 308 -19.40 -38.69 -0.42
CA TRP D 308 -20.36 -38.33 -1.46
C TRP D 308 -19.81 -37.23 -2.36
N ILE D 309 -19.35 -36.14 -1.76
CA ILE D 309 -18.52 -35.18 -2.46
C ILE D 309 -17.15 -35.84 -2.56
N PRO D 310 -16.61 -36.06 -3.76
CA PRO D 310 -15.35 -36.79 -3.89
C PRO D 310 -14.18 -36.03 -3.28
N VAL D 311 -13.03 -36.71 -3.26
CA VAL D 311 -11.99 -36.41 -2.27
C VAL D 311 -11.28 -35.12 -2.60
N GLY D 312 -10.72 -35.02 -3.81
CA GLY D 312 -10.08 -33.79 -4.22
C GLY D 312 -10.99 -32.88 -5.02
N GLU D 313 -12.25 -32.77 -4.60
CA GLU D 313 -13.24 -31.99 -5.32
C GLU D 313 -14.11 -31.22 -4.34
N LEU D 314 -14.72 -30.15 -4.84
CA LEU D 314 -15.65 -29.34 -4.06
C LEU D 314 -16.67 -28.71 -5.00
N ILE D 315 -17.79 -28.28 -4.41
CA ILE D 315 -18.82 -27.57 -5.16
C ILE D 315 -18.76 -26.09 -4.81
N VAL D 316 -19.15 -25.27 -5.77
CA VAL D 316 -19.10 -23.82 -5.64
C VAL D 316 -20.51 -23.30 -5.88
N LEU D 317 -21.11 -22.68 -4.88
CA LEU D 317 -22.42 -22.08 -5.07
C LEU D 317 -22.27 -20.72 -5.75
N ASN D 318 -23.42 -20.09 -5.98
CA ASN D 318 -23.49 -18.79 -6.65
C ASN D 318 -24.51 -17.98 -5.86
N GLN D 319 -25.06 -16.94 -6.50
CA GLN D 319 -25.61 -15.71 -5.90
C GLN D 319 -26.43 -15.85 -4.62
N SER D 320 -27.05 -16.99 -4.39
CA SER D 320 -27.69 -17.27 -3.10
C SER D 320 -27.37 -18.70 -2.69
N THR D 321 -27.38 -18.94 -1.39
CA THR D 321 -27.18 -20.28 -0.83
C THR D 321 -28.49 -21.00 -0.55
N GLY D 322 -29.58 -20.58 -1.19
CA GLY D 322 -30.88 -21.17 -0.94
C GLY D 322 -31.06 -22.47 -1.68
N PRO D 323 -32.30 -22.97 -1.73
CA PRO D 323 -32.57 -24.21 -2.45
C PRO D 323 -32.41 -24.05 -3.96
N VAL D 324 -31.51 -24.84 -4.53
CA VAL D 324 -31.19 -24.78 -5.96
C VAL D 324 -32.12 -25.78 -6.63
N GLY D 325 -33.32 -25.33 -6.98
CA GLY D 325 -34.25 -26.18 -7.67
C GLY D 325 -35.45 -26.54 -6.81
N ARG D 326 -36.10 -27.65 -7.19
CA ARG D 326 -37.31 -28.16 -6.55
C ARG D 326 -37.56 -29.58 -7.03
N PHE D 327 -38.09 -30.42 -6.15
CA PHE D 327 -38.52 -31.77 -6.51
C PHE D 327 -40.04 -31.81 -6.42
N VAL D 328 -40.69 -32.32 -7.46
CA VAL D 328 -42.13 -32.16 -7.61
C VAL D 328 -42.77 -33.55 -7.69
N TYR D 329 -43.70 -33.83 -6.79
CA TYR D 329 -44.55 -35.00 -6.91
C TYR D 329 -45.76 -34.62 -7.74
N THR D 330 -45.99 -35.31 -8.84
CA THR D 330 -47.22 -35.09 -9.58
C THR D 330 -48.29 -36.07 -9.11
N ALA D 331 -49.45 -36.02 -9.76
CA ALA D 331 -50.60 -36.77 -9.27
C ALA D 331 -50.58 -38.21 -9.74
N HIS D 332 -51.09 -39.09 -8.89
CA HIS D 332 -51.39 -40.47 -9.24
C HIS D 332 -52.84 -40.78 -8.91
N VAL D 333 -53.31 -41.91 -9.41
CA VAL D 333 -54.70 -42.32 -9.26
C VAL D 333 -54.84 -43.05 -7.93
N ALA D 334 -55.54 -42.43 -6.98
CA ALA D 334 -55.92 -43.12 -5.76
C ALA D 334 -57.26 -43.81 -6.00
N GLY D 335 -57.88 -44.33 -4.94
CA GLY D 335 -59.17 -44.97 -5.09
C GLY D 335 -60.29 -43.96 -5.26
N GLN D 336 -61.49 -44.48 -5.50
CA GLN D 336 -62.65 -43.61 -5.58
C GLN D 336 -63.16 -43.31 -4.17
N ARG D 337 -64.06 -42.32 -4.08
CA ARG D 337 -64.71 -42.02 -2.82
C ARG D 337 -66.22 -42.13 -2.90
N ASN D 338 -66.84 -41.50 -3.89
CA ASN D 338 -68.29 -41.57 -4.08
C ASN D 338 -68.62 -41.70 -5.56
N GLY D 339 -67.91 -42.59 -6.25
CA GLY D 339 -68.02 -42.65 -7.69
C GLY D 339 -67.16 -41.65 -8.42
N LYS D 340 -66.42 -40.82 -7.70
CA LYS D 340 -65.50 -39.86 -8.30
C LYS D 340 -64.08 -40.32 -8.05
N VAL D 341 -63.27 -40.33 -9.10
CA VAL D 341 -61.88 -40.77 -9.02
C VAL D 341 -61.09 -39.73 -8.22
N VAL D 342 -60.59 -40.13 -7.07
CA VAL D 342 -59.81 -39.25 -6.22
C VAL D 342 -58.33 -39.45 -6.56
N TYR D 343 -57.58 -38.35 -6.62
CA TYR D 343 -56.18 -38.37 -6.99
C TYR D 343 -55.32 -38.06 -5.77
N ALA D 344 -54.04 -38.41 -5.87
CA ALA D 344 -53.12 -38.14 -4.78
C ALA D 344 -51.73 -37.93 -5.34
N THR D 345 -50.88 -37.27 -4.55
CA THR D 345 -49.50 -37.01 -4.90
C THR D 345 -48.58 -37.59 -3.85
N GLY D 346 -47.41 -38.06 -4.28
CA GLY D 346 -46.41 -38.56 -3.38
C GLY D 346 -46.33 -40.07 -3.37
N PRO D 347 -45.45 -40.62 -2.54
CA PRO D 347 -45.24 -42.07 -2.55
C PRO D 347 -46.41 -42.81 -1.88
N TYR D 348 -47.00 -43.74 -2.63
CA TYR D 348 -48.14 -44.52 -2.16
C TYR D 348 -47.72 -45.95 -1.90
N LEU D 349 -48.65 -46.70 -1.29
CA LEU D 349 -48.36 -48.05 -0.82
C LEU D 349 -49.68 -48.80 -0.71
N THR D 350 -49.91 -49.74 -1.63
CA THR D 350 -51.19 -50.45 -1.71
C THR D 350 -51.03 -51.91 -1.30
N VAL D 351 -52.05 -52.43 -0.63
CA VAL D 351 -52.08 -53.80 -0.14
C VAL D 351 -53.13 -54.57 -0.93
N LYS D 352 -52.74 -55.69 -1.52
CA LYS D 352 -53.65 -56.57 -2.24
C LYS D 352 -53.67 -57.93 -1.57
N ASP D 353 -54.65 -58.16 -0.71
CA ASP D 353 -54.77 -59.44 -0.01
C ASP D 353 -55.70 -60.36 -0.78
N HIS D 354 -55.11 -61.35 -1.45
CA HIS D 354 -55.85 -62.43 -2.10
C HIS D 354 -55.76 -63.70 -1.28
N LEU D 355 -55.85 -63.57 0.04
CA LEU D 355 -55.64 -64.69 0.96
C LEU D 355 -56.78 -65.69 0.96
N GLN D 356 -57.88 -65.44 0.26
CA GLN D 356 -58.94 -66.42 0.11
C GLN D 356 -59.26 -66.55 -1.38
N ASP D 357 -58.47 -67.36 -2.07
CA ASP D 357 -58.78 -67.90 -3.37
C ASP D 357 -57.97 -69.20 -3.49
N ASP D 358 -57.92 -69.78 -4.69
CA ASP D 358 -57.54 -71.19 -4.69
C ASP D 358 -56.02 -71.39 -4.59
N PRO D 359 -55.14 -70.64 -5.27
CA PRO D 359 -53.79 -70.45 -4.73
C PRO D 359 -53.66 -69.14 -3.98
N PRO D 360 -54.02 -69.09 -2.68
CA PRO D 360 -54.05 -67.81 -1.96
C PRO D 360 -52.67 -67.18 -1.78
N TYR D 361 -52.63 -65.86 -1.89
CA TYR D 361 -51.37 -65.13 -1.88
C TYR D 361 -51.61 -63.73 -1.33
N TYR D 362 -50.58 -62.89 -1.44
CA TYR D 362 -50.57 -61.57 -0.83
C TYR D 362 -49.62 -60.70 -1.63
N ALA D 363 -49.93 -59.41 -1.74
CA ALA D 363 -49.15 -58.56 -2.63
C ALA D 363 -49.08 -57.14 -2.11
N ILE D 364 -47.94 -56.50 -2.38
CA ILE D 364 -47.70 -55.09 -2.06
C ILE D 364 -47.24 -54.40 -3.34
N ILE D 365 -47.79 -53.23 -3.63
CA ILE D 365 -47.35 -52.39 -4.74
C ILE D 365 -47.05 -51.00 -4.19
N ALA D 366 -45.89 -50.44 -4.57
CA ALA D 366 -45.51 -49.10 -4.17
C ALA D 366 -44.88 -48.37 -5.34
N GLY D 367 -45.11 -47.06 -5.39
CA GLY D 367 -44.45 -46.22 -6.37
C GLY D 367 -44.84 -44.76 -6.15
N PHE D 368 -44.40 -43.90 -7.06
CA PHE D 368 -44.97 -42.57 -7.27
C PHE D 368 -44.48 -42.00 -8.59
N HIS D 369 -44.95 -40.79 -8.90
CA HIS D 369 -44.61 -40.04 -10.10
C HIS D 369 -43.89 -38.76 -9.69
N GLY D 370 -42.81 -38.43 -10.37
CA GLY D 370 -42.13 -37.18 -10.07
C GLY D 370 -40.82 -37.04 -10.81
N LEU D 371 -40.18 -35.90 -10.57
CA LEU D 371 -38.92 -35.50 -11.19
C LEU D 371 -38.44 -34.24 -10.47
N PRO D 372 -37.14 -33.95 -10.51
CA PRO D 372 -36.67 -32.64 -10.02
C PRO D 372 -36.72 -31.57 -11.09
N GLN D 373 -36.85 -30.33 -10.63
CA GLN D 373 -36.97 -29.17 -11.49
C GLN D 373 -36.16 -28.02 -10.93
N LEU D 374 -35.42 -27.32 -11.79
CA LEU D 374 -34.63 -26.17 -11.37
C LEU D 374 -35.52 -24.95 -11.17
N SER D 375 -35.05 -24.03 -10.33
CA SER D 375 -35.87 -22.91 -9.89
C SER D 375 -36.07 -21.88 -11.00
N GLY D 376 -34.99 -21.26 -11.46
CA GLY D 376 -35.16 -20.20 -12.43
C GLY D 376 -33.91 -19.84 -13.21
N TYR D 377 -34.05 -19.72 -14.52
CA TYR D 377 -32.91 -19.49 -15.40
C TYR D 377 -32.74 -18.00 -15.65
N ASN D 378 -31.68 -17.66 -16.38
CA ASN D 378 -31.38 -16.27 -16.70
C ASN D 378 -32.26 -15.81 -17.87
N THR D 379 -32.97 -14.70 -17.67
CA THR D 379 -33.93 -14.25 -18.66
C THR D 379 -33.29 -13.50 -19.82
N GLU D 380 -32.06 -13.00 -19.67
CA GLU D 380 -31.40 -12.35 -20.79
C GLU D 380 -30.95 -13.37 -21.83
N ASP D 381 -30.05 -14.25 -21.44
CA ASP D 381 -29.66 -15.40 -22.24
C ASP D 381 -29.86 -16.63 -21.38
N PHE D 382 -30.47 -17.66 -21.96
CA PHE D 382 -31.06 -18.76 -21.19
C PHE D 382 -29.95 -19.66 -20.67
N SER D 383 -29.38 -19.29 -19.53
CA SER D 383 -28.29 -20.02 -18.92
C SER D 383 -28.56 -20.20 -17.43
N PHE D 384 -28.09 -21.32 -16.89
CA PHE D 384 -28.22 -21.64 -15.48
C PHE D 384 -26.83 -21.98 -14.95
N HIS D 385 -26.41 -21.28 -13.91
CA HIS D 385 -25.22 -21.65 -13.14
C HIS D 385 -25.41 -21.16 -11.71
N ARG D 386 -25.91 -22.06 -10.86
CA ARG D 386 -25.94 -21.85 -9.43
C ARG D 386 -24.98 -22.76 -8.69
N PHE D 387 -24.47 -23.80 -9.34
CA PHE D 387 -23.49 -24.70 -8.75
C PHE D 387 -22.50 -25.11 -9.82
N LYS D 388 -21.23 -25.17 -9.44
CA LYS D 388 -20.18 -25.67 -10.32
C LYS D 388 -19.26 -26.57 -9.51
N TRP D 389 -18.49 -27.39 -10.22
CA TRP D 389 -17.64 -28.40 -9.62
C TRP D 389 -16.19 -28.09 -9.91
N LEU D 390 -15.36 -28.13 -8.88
CA LEU D 390 -13.93 -27.82 -9.00
C LEU D 390 -13.11 -28.95 -8.43
N LYS D 391 -12.15 -29.42 -9.22
CA LYS D 391 -11.16 -30.40 -8.75
C LYS D 391 -9.99 -29.61 -8.16
N TYR D 392 -9.97 -29.48 -6.84
CA TYR D 392 -9.03 -28.55 -6.24
C TYR D 392 -7.66 -29.16 -5.96
N ALA D 393 -7.57 -30.48 -5.80
CA ALA D 393 -6.28 -31.09 -5.51
C ALA D 393 -6.30 -32.56 -5.92
N ASN D 394 -5.11 -33.12 -6.14
CA ASN D 394 -4.96 -34.52 -6.55
C ASN D 394 -4.75 -35.44 -5.35
N ASN D 395 -3.68 -35.22 -4.59
CA ASN D 395 -3.26 -36.15 -3.54
C ASN D 395 -3.82 -35.69 -2.21
N VAL D 396 -5.09 -36.03 -1.97
CA VAL D 396 -5.76 -35.64 -0.75
C VAL D 396 -5.91 -36.82 0.22
N GLN D 397 -5.99 -38.06 -0.28
CA GLN D 397 -6.12 -39.22 0.58
C GLN D 397 -4.87 -39.53 1.38
N SER D 398 -3.74 -38.89 1.07
CA SER D 398 -2.56 -38.97 1.93
C SER D 398 -2.79 -38.24 3.25
N TYR D 399 -3.73 -37.31 3.30
CA TYR D 399 -4.06 -36.59 4.52
C TYR D 399 -5.24 -37.21 5.26
N LEU D 400 -5.67 -38.40 4.87
CA LEU D 400 -6.91 -38.91 5.41
C LEU D 400 -6.70 -40.21 6.17
N PRO D 401 -7.42 -40.40 7.28
CA PRO D 401 -7.30 -41.65 8.01
C PRO D 401 -7.98 -42.78 7.27
N PRO D 402 -7.55 -44.03 7.47
CA PRO D 402 -8.17 -45.16 6.78
C PRO D 402 -9.51 -45.52 7.42
N PHE D 403 -10.19 -46.47 6.78
CA PHE D 403 -11.49 -46.93 7.20
C PHE D 403 -11.45 -48.43 7.50
N PRO D 404 -12.33 -48.90 8.37
CA PRO D 404 -12.45 -50.35 8.59
C PRO D 404 -12.96 -51.04 7.35
N PRO D 405 -12.47 -52.24 7.05
CA PRO D 405 -13.03 -52.99 5.92
C PRO D 405 -14.41 -53.53 6.23
N LYS D 406 -15.08 -54.00 5.19
CA LYS D 406 -16.44 -54.50 5.33
C LYS D 406 -16.40 -55.92 5.88
N VAL D 407 -16.95 -56.11 7.06
CA VAL D 407 -17.03 -57.44 7.66
C VAL D 407 -18.17 -58.18 6.98
N GLU D 408 -17.84 -59.26 6.27
CA GLU D 408 -18.81 -60.01 5.51
C GLU D 408 -18.81 -61.45 6.02
N LEU D 409 -19.89 -61.82 6.71
CA LEU D 409 -19.98 -63.13 7.35
C LEU D 409 -20.12 -64.27 6.35
N MET E 1 17.61 -66.62 54.03
CA MET E 1 18.62 -67.35 54.77
C MET E 1 19.67 -66.44 55.36
N ARG E 2 19.78 -66.44 56.69
CA ARG E 2 20.88 -65.79 57.37
C ARG E 2 21.76 -66.84 58.04
N VAL E 3 23.00 -66.46 58.31
CA VAL E 3 23.91 -67.35 59.03
C VAL E 3 23.49 -67.39 60.49
N PRO E 4 23.33 -68.57 61.08
CA PRO E 4 22.90 -68.65 62.48
C PRO E 4 24.01 -68.30 63.46
N ILE E 5 24.17 -67.01 63.77
CA ILE E 5 25.19 -66.55 64.71
C ILE E 5 24.52 -65.69 65.78
N ASN E 6 25.26 -65.45 66.86
CA ASN E 6 25.01 -64.29 67.70
C ASN E 6 25.85 -63.12 67.22
N ILE E 7 25.20 -61.97 67.06
CA ILE E 7 25.91 -60.75 66.71
C ILE E 7 26.73 -60.27 67.89
N ASN E 8 26.09 -60.18 69.06
CA ASN E 8 26.72 -59.55 70.23
C ASN E 8 27.83 -60.43 70.80
N ASN E 9 27.69 -61.75 70.70
CA ASN E 9 28.64 -62.66 71.32
C ASN E 9 29.87 -62.89 70.47
N ALA E 10 29.75 -62.78 69.15
CA ALA E 10 30.90 -63.00 68.29
C ALA E 10 31.82 -61.79 68.23
N LEU E 11 31.27 -60.59 68.45
CA LEU E 11 32.10 -59.41 68.54
C LEU E 11 32.95 -59.42 69.80
N ALA E 12 32.38 -59.87 70.91
CA ALA E 12 33.11 -59.95 72.17
C ALA E 12 34.04 -61.15 72.24
N ARG E 13 34.11 -61.98 71.20
CA ARG E 13 34.92 -63.18 71.23
C ARG E 13 36.10 -63.13 70.27
N VAL E 14 35.99 -62.44 69.14
CA VAL E 14 37.10 -62.37 68.17
C VAL E 14 37.97 -61.21 68.63
N ARG E 15 38.84 -61.51 69.59
CA ARG E 15 39.88 -60.66 70.15
C ARG E 15 40.76 -61.55 71.02
N ASP E 16 42.06 -61.29 71.02
CA ASP E 16 42.98 -62.21 71.68
C ASP E 16 42.96 -61.98 73.19
N PRO E 17 42.83 -63.04 74.00
CA PRO E 17 42.97 -62.89 75.44
C PRO E 17 44.37 -63.12 75.98
N LEU E 18 45.27 -63.70 75.18
CA LEU E 18 46.60 -64.11 75.64
C LEU E 18 47.67 -63.67 74.66
N SER E 19 47.63 -62.40 74.25
CA SER E 19 48.60 -61.87 73.32
C SER E 19 49.30 -60.66 73.92
N ILE E 20 50.62 -60.64 73.82
CA ILE E 20 51.42 -59.47 74.16
C ILE E 20 52.18 -59.03 72.91
N GLY E 21 52.42 -57.73 72.80
CA GLY E 21 53.07 -57.17 71.63
C GLY E 21 54.57 -57.29 71.68
N GLY E 22 55.24 -56.36 71.00
CA GLY E 22 56.68 -56.26 71.13
C GLY E 22 57.09 -55.79 72.50
N LEU E 23 56.26 -54.99 73.15
CA LEU E 23 56.37 -54.75 74.57
C LEU E 23 56.05 -56.03 75.31
N LYS E 24 56.79 -56.31 76.38
CA LYS E 24 56.68 -57.59 77.07
C LYS E 24 55.52 -57.66 78.06
N PHE E 25 54.50 -56.80 77.96
CA PHE E 25 53.47 -56.74 78.97
C PHE E 25 52.18 -56.27 78.32
N PRO E 26 51.01 -56.62 78.87
CA PRO E 26 49.76 -56.16 78.27
C PRO E 26 49.55 -54.66 78.45
N THR E 27 48.91 -54.06 77.47
CA THR E 27 48.75 -52.61 77.39
C THR E 27 47.29 -52.23 77.61
N THR E 28 47.10 -50.94 77.89
CA THR E 28 45.76 -50.38 77.94
C THR E 28 45.24 -50.15 76.52
N LYS E 29 43.93 -50.25 76.37
CA LYS E 29 43.31 -50.08 75.07
C LYS E 29 41.85 -49.68 75.26
N GLU E 30 41.16 -49.51 74.14
CA GLU E 30 39.76 -49.12 74.13
C GLU E 30 39.14 -49.62 72.83
N ILE E 31 37.97 -50.25 72.93
CA ILE E 31 37.41 -51.03 71.83
C ILE E 31 35.98 -50.58 71.58
N GLN E 32 35.67 -50.27 70.32
CA GLN E 32 34.31 -50.06 69.86
C GLN E 32 33.95 -51.15 68.85
N GLU E 33 32.73 -51.66 68.92
CA GLU E 33 32.22 -52.62 67.96
C GLU E 33 31.15 -51.97 67.10
N ALA E 34 31.02 -52.44 65.86
CA ALA E 34 30.03 -51.91 64.93
C ALA E 34 29.41 -53.05 64.15
N VAL E 35 28.12 -52.91 63.84
CA VAL E 35 27.33 -53.96 63.21
C VAL E 35 26.71 -53.41 61.93
N ALA E 36 26.97 -54.07 60.81
CA ALA E 36 26.37 -53.71 59.54
C ALA E 36 25.61 -54.90 58.95
N ALA E 37 24.72 -54.60 58.01
CA ALA E 37 23.94 -55.62 57.31
C ALA E 37 23.87 -55.24 55.85
N ILE E 38 24.41 -56.09 54.98
CA ILE E 38 24.58 -55.78 53.58
C ILE E 38 23.40 -56.36 52.80
N ALA E 39 22.69 -55.49 52.08
CA ALA E 39 21.55 -55.89 51.28
C ALA E 39 21.57 -55.11 49.97
N ASP E 40 21.24 -55.80 48.88
CA ASP E 40 21.18 -55.17 47.56
C ASP E 40 19.93 -54.30 47.49
N LYS E 41 20.14 -52.99 47.37
CA LYS E 41 19.04 -52.04 47.29
C LYS E 41 18.39 -52.03 45.91
N PHE E 42 19.10 -52.48 44.88
CA PHE E 42 18.70 -52.28 43.51
C PHE E 42 18.22 -53.57 42.84
N ASN E 43 17.68 -54.48 43.63
CA ASN E 43 17.04 -55.68 43.12
C ASN E 43 15.62 -55.65 43.68
N GLN E 44 14.69 -55.13 42.90
CA GLN E 44 13.34 -54.83 43.35
C GLN E 44 12.35 -55.69 42.56
N GLU E 45 11.08 -55.60 42.96
CA GLU E 45 10.05 -56.43 42.38
C GLU E 45 9.48 -55.76 41.12
N ASN E 46 8.38 -56.30 40.62
CA ASN E 46 7.74 -55.85 39.39
C ASN E 46 6.26 -55.57 39.68
N ASP E 47 6.00 -54.75 40.70
CA ASP E 47 4.66 -54.39 41.14
C ASP E 47 3.86 -53.55 40.14
N LEU E 48 4.40 -53.28 38.95
CA LEU E 48 3.66 -52.57 37.92
C LEU E 48 2.44 -53.36 37.45
N VAL E 49 2.65 -54.61 37.05
CA VAL E 49 1.64 -55.28 36.23
C VAL E 49 0.59 -55.99 37.08
N ASP E 50 0.70 -55.87 38.41
CA ASP E 50 -0.34 -56.38 39.29
C ASP E 50 -1.64 -55.59 39.11
N ARG E 51 -1.54 -54.29 38.87
CA ARG E 51 -2.75 -53.51 38.60
C ARG E 51 -3.28 -53.73 37.20
N PHE E 52 -2.45 -54.20 36.27
CA PHE E 52 -2.91 -54.39 34.90
C PHE E 52 -3.79 -55.62 34.73
N PHE E 53 -3.92 -56.46 35.78
CA PHE E 53 -5.06 -57.33 36.01
C PHE E 53 -5.09 -57.97 37.40
N PRO E 54 -6.25 -58.01 38.04
CA PRO E 54 -6.39 -58.77 39.29
C PRO E 54 -6.52 -60.26 39.05
N GLU E 55 -6.85 -61.01 40.10
CA GLU E 55 -6.80 -62.46 40.07
C GLU E 55 -8.14 -63.05 40.49
N ASP E 56 -8.55 -64.13 39.81
CA ASP E 56 -9.82 -64.80 40.06
C ASP E 56 -9.63 -66.31 40.21
N SER E 57 -10.65 -66.94 40.78
CA SER E 57 -10.72 -68.38 40.92
C SER E 57 -11.89 -68.92 40.10
N THR E 58 -11.79 -70.17 39.66
CA THR E 58 -12.85 -70.70 38.82
C THR E 58 -13.38 -72.08 39.24
N PHE E 59 -12.55 -72.89 39.91
CA PHE E 59 -12.81 -74.30 40.23
C PHE E 59 -13.13 -75.16 39.00
N ALA E 60 -12.67 -74.75 37.81
CA ALA E 60 -12.80 -75.57 36.62
C ALA E 60 -11.43 -75.71 35.97
N SER E 61 -11.37 -76.28 34.78
CA SER E 61 -10.09 -76.47 34.11
C SER E 61 -10.09 -76.02 32.67
N GLU E 62 -11.23 -75.62 32.11
CA GLU E 62 -11.28 -75.04 30.77
C GLU E 62 -12.29 -73.89 30.78
N LEU E 63 -12.04 -72.90 29.94
CA LEU E 63 -13.00 -71.83 29.70
C LEU E 63 -13.23 -71.75 28.20
N GLU E 64 -14.48 -71.52 27.81
CA GLU E 64 -14.88 -71.46 26.41
C GLU E 64 -15.74 -70.22 26.17
N LEU E 65 -15.61 -69.68 24.97
CA LEU E 65 -16.32 -68.47 24.59
C LEU E 65 -17.07 -68.72 23.30
N TYR E 66 -18.34 -68.37 23.27
CA TYR E 66 -19.17 -68.48 22.07
C TYR E 66 -19.68 -67.11 21.70
N LEU E 67 -19.41 -66.70 20.46
CA LEU E 67 -19.88 -65.42 19.93
C LEU E 67 -20.77 -65.69 18.73
N LEU E 68 -22.04 -65.32 18.84
CA LEU E 68 -22.96 -65.34 17.72
C LEU E 68 -23.06 -63.93 17.15
N ARG E 69 -22.81 -63.80 15.86
CA ARG E 69 -22.89 -62.48 15.24
C ARG E 69 -23.66 -62.56 13.94
N THR E 70 -24.47 -61.54 13.68
CA THR E 70 -25.48 -61.54 12.63
C THR E 70 -25.21 -60.42 11.63
N GLN E 71 -25.47 -60.69 10.36
CA GLN E 71 -25.36 -59.68 9.30
C GLN E 71 -26.66 -59.67 8.52
N ASP E 72 -27.41 -58.59 8.65
CA ASP E 72 -28.70 -58.48 7.97
C ASP E 72 -28.51 -58.03 6.53
N ALA E 73 -29.60 -57.68 5.87
CA ALA E 73 -29.57 -57.13 4.53
C ALA E 73 -29.80 -55.62 4.60
N GLU E 74 -29.11 -54.90 3.73
CA GLU E 74 -29.29 -53.45 3.69
C GLU E 74 -30.49 -53.09 2.85
N GLN E 75 -31.01 -51.88 3.09
CA GLN E 75 -32.18 -51.38 2.35
C GLN E 75 -31.68 -50.63 1.11
N THR E 76 -31.27 -51.41 0.12
CA THR E 76 -30.81 -50.93 -1.17
C THR E 76 -31.78 -51.38 -2.24
N GLY E 77 -31.39 -51.20 -3.51
CA GLY E 77 -32.20 -51.78 -4.57
C GLY E 77 -33.09 -50.86 -5.38
N MET E 78 -32.54 -49.76 -5.90
CA MET E 78 -33.13 -48.41 -5.91
C MET E 78 -34.65 -48.31 -6.11
N THR E 79 -35.19 -48.47 -7.34
CA THR E 79 -36.62 -48.61 -7.69
C THR E 79 -36.72 -48.83 -9.21
N PHE E 80 -37.65 -49.67 -9.68
CA PHE E 80 -37.77 -49.96 -11.10
C PHE E 80 -38.59 -48.90 -11.82
N VAL E 81 -38.15 -48.52 -13.02
CA VAL E 81 -38.75 -47.43 -13.80
C VAL E 81 -40.05 -47.91 -14.44
N HIS E 82 -41.06 -47.04 -14.51
CA HIS E 82 -42.39 -47.37 -15.02
C HIS E 82 -42.81 -46.35 -16.08
N GLN E 83 -43.87 -46.70 -16.81
CA GLN E 83 -44.68 -45.76 -17.58
C GLN E 83 -46.13 -45.99 -17.17
N VAL E 84 -46.95 -44.94 -17.30
CA VAL E 84 -48.17 -44.78 -16.52
C VAL E 84 -49.21 -45.87 -16.81
N GLY E 85 -49.44 -46.18 -18.08
CA GLY E 85 -50.54 -47.07 -18.38
C GLY E 85 -50.23 -48.56 -18.41
N SER E 86 -49.35 -49.04 -17.54
CA SER E 86 -48.89 -50.41 -17.64
C SER E 86 -48.80 -51.04 -16.26
N THR E 87 -48.42 -52.32 -16.24
CA THR E 87 -48.36 -53.11 -15.02
C THR E 87 -46.93 -53.20 -14.51
N SER E 88 -46.80 -53.37 -13.19
CA SER E 88 -45.54 -53.31 -12.49
C SER E 88 -44.70 -54.57 -12.74
N LEU E 89 -43.54 -54.62 -12.09
CA LEU E 89 -42.60 -55.73 -12.19
C LEU E 89 -42.08 -56.05 -10.80
N PRO E 90 -41.76 -57.32 -10.52
CA PRO E 90 -41.42 -57.72 -9.15
C PRO E 90 -39.99 -57.34 -8.78
N VAL E 91 -39.67 -57.60 -7.52
CA VAL E 91 -38.44 -57.16 -6.87
C VAL E 91 -37.55 -58.38 -6.60
N GLU E 92 -36.24 -58.23 -6.84
CA GLU E 92 -35.29 -59.32 -6.62
C GLU E 92 -35.15 -59.68 -5.13
N ALA E 93 -34.34 -60.71 -4.89
CA ALA E 93 -34.22 -61.35 -3.59
C ALA E 93 -33.00 -60.83 -2.83
N ARG E 94 -33.19 -60.61 -1.53
CA ARG E 94 -32.13 -60.15 -0.64
C ARG E 94 -31.44 -61.36 -0.01
N VAL E 95 -30.44 -61.13 0.83
CA VAL E 95 -29.75 -62.20 1.53
C VAL E 95 -29.30 -61.69 2.89
N ALA E 96 -29.45 -62.53 3.91
CA ALA E 96 -28.91 -62.28 5.24
C ALA E 96 -28.16 -63.51 5.68
N LYS E 97 -27.33 -63.36 6.71
CA LYS E 97 -26.49 -64.48 7.15
C LYS E 97 -26.05 -64.28 8.59
N VAL E 98 -25.71 -65.41 9.22
CA VAL E 98 -25.21 -65.45 10.60
C VAL E 98 -24.00 -66.37 10.67
N ASP E 99 -23.11 -66.08 11.61
CA ASP E 99 -21.96 -66.91 11.92
C ASP E 99 -21.86 -67.11 13.42
N LEU E 100 -21.06 -68.10 13.83
CA LEU E 100 -20.71 -68.24 15.23
C LEU E 100 -19.33 -68.86 15.34
N ALA E 101 -18.58 -68.43 16.36
CA ALA E 101 -17.18 -68.81 16.54
C ALA E 101 -16.93 -69.28 17.97
N LYS E 102 -15.71 -69.73 18.22
CA LYS E 102 -15.37 -70.40 19.47
C LYS E 102 -13.91 -70.19 19.84
N ALA E 103 -13.67 -69.79 21.08
CA ALA E 103 -12.33 -69.71 21.65
C ALA E 103 -12.26 -70.54 22.93
N THR E 104 -11.07 -71.04 23.25
CA THR E 104 -10.84 -71.90 24.41
C THR E 104 -9.75 -71.31 25.31
N TRP E 105 -9.45 -72.04 26.39
CA TRP E 105 -8.48 -71.64 27.41
C TRP E 105 -8.20 -72.84 28.31
N SER E 106 -6.95 -72.99 28.76
CA SER E 106 -6.59 -74.04 29.71
C SER E 106 -5.31 -73.64 30.44
N PRO E 107 -5.22 -73.84 31.75
CA PRO E 107 -4.11 -73.29 32.53
C PRO E 107 -2.90 -74.21 32.57
N LEU E 108 -1.80 -73.67 33.11
CA LEU E 108 -0.57 -74.42 33.33
C LEU E 108 -0.46 -74.89 34.77
N ALA E 109 0.50 -75.80 34.99
CA ALA E 109 0.74 -76.41 36.28
C ALA E 109 2.20 -76.20 36.67
N PHE E 110 2.44 -75.94 37.95
CA PHE E 110 3.80 -75.81 38.47
C PHE E 110 3.83 -76.01 39.97
N LYS E 111 4.67 -76.94 40.43
CA LYS E 111 4.92 -77.12 41.85
C LYS E 111 6.34 -77.62 42.05
N GLU E 112 6.76 -77.67 43.32
CA GLU E 112 8.14 -77.97 43.69
C GLU E 112 8.17 -78.43 45.14
N SER E 113 9.29 -79.01 45.54
CA SER E 113 9.41 -79.62 46.86
C SER E 113 10.79 -79.39 47.45
N ARG E 114 10.90 -79.61 48.76
CA ARG E 114 12.17 -79.49 49.49
C ARG E 114 12.15 -80.36 50.73
N VAL E 115 13.20 -81.16 50.90
CA VAL E 115 13.29 -82.14 51.99
C VAL E 115 14.48 -81.80 52.88
N TRP E 116 14.31 -81.98 54.19
CA TRP E 116 15.39 -81.90 55.17
C TRP E 116 15.68 -83.28 55.73
N ASP E 117 16.92 -83.73 55.62
CA ASP E 117 17.29 -85.06 56.07
C ASP E 117 17.60 -85.07 57.56
N GLU E 118 18.17 -86.18 58.03
CA GLU E 118 18.16 -86.53 59.45
C GLU E 118 19.32 -85.92 60.22
N LYS E 119 20.45 -85.67 59.57
CA LYS E 119 21.63 -85.11 60.24
C LYS E 119 21.35 -83.74 60.83
N GLU E 120 21.03 -82.78 59.96
CA GLU E 120 21.03 -81.38 60.38
C GLU E 120 19.85 -80.98 61.24
N ILE E 121 18.86 -81.86 61.45
CA ILE E 121 17.75 -81.51 62.32
C ILE E 121 18.20 -81.41 63.78
N LEU E 122 19.14 -82.25 64.19
CA LEU E 122 19.68 -82.15 65.54
C LEU E 122 21.19 -81.95 65.58
N TYR E 123 21.83 -81.62 64.46
CA TYR E 123 23.26 -81.36 64.44
C TYR E 123 23.62 -79.94 64.02
N LEU E 124 22.79 -78.94 64.35
CA LEU E 124 23.23 -77.57 64.13
C LEU E 124 22.61 -76.65 65.17
N GLY E 125 23.44 -75.75 65.68
CA GLY E 125 23.05 -74.68 66.57
C GLY E 125 23.50 -73.35 65.99
N ARG E 126 23.85 -72.43 66.89
CA ARG E 126 24.40 -71.16 66.45
C ARG E 126 25.88 -71.32 66.17
N LEU E 127 26.58 -70.20 65.96
CA LEU E 127 28.01 -70.23 65.70
C LEU E 127 28.82 -69.52 66.77
N ALA E 128 28.22 -68.59 67.52
CA ALA E 128 28.92 -68.02 68.66
C ALA E 128 28.75 -68.90 69.89
N ASP E 129 27.51 -69.06 70.37
CA ASP E 129 27.27 -69.78 71.62
C ASP E 129 26.89 -71.23 71.38
N GLU E 130 26.39 -71.88 72.42
CA GLU E 130 25.94 -73.26 72.38
C GLU E 130 24.44 -73.32 72.66
N VAL E 131 23.72 -74.05 71.81
CA VAL E 131 22.27 -74.12 71.81
C VAL E 131 21.89 -75.59 71.74
N GLN E 132 20.75 -75.95 72.36
CA GLN E 132 20.30 -77.34 72.46
C GLN E 132 19.35 -77.74 71.32
N ALA E 133 19.83 -77.53 70.08
CA ALA E 133 19.32 -78.16 68.85
C ALA E 133 17.84 -77.85 68.60
N GLY E 134 17.57 -76.58 68.33
CA GLY E 134 16.23 -76.15 67.97
C GLY E 134 16.21 -75.12 66.85
N VAL E 135 17.25 -75.14 66.02
CA VAL E 135 17.51 -74.05 65.09
C VAL E 135 16.91 -74.31 63.70
N ILE E 136 16.58 -75.56 63.39
CA ILE E 136 15.90 -75.87 62.12
C ILE E 136 14.50 -75.28 62.09
N ASN E 137 13.85 -75.14 63.25
CA ASN E 137 12.53 -74.52 63.31
C ASN E 137 12.59 -73.05 62.90
N GLU E 138 13.72 -72.39 63.14
CA GLU E 138 13.97 -71.08 62.57
C GLU E 138 14.20 -71.15 61.06
N GLN E 139 14.86 -72.21 60.60
CA GLN E 139 15.26 -72.33 59.20
C GLN E 139 14.17 -72.93 58.32
N ILE E 140 13.27 -73.73 58.90
CA ILE E 140 12.10 -74.19 58.15
C ILE E 140 11.16 -73.02 57.87
N ALA E 141 10.92 -72.18 58.88
CA ALA E 141 9.94 -71.10 58.77
C ALA E 141 10.34 -70.05 57.75
N GLU E 142 11.63 -69.81 57.58
CA GLU E 142 12.08 -68.89 56.54
C GLU E 142 11.90 -69.51 55.17
N SER E 143 12.32 -70.77 55.00
CA SER E 143 12.17 -71.46 53.72
C SER E 143 10.70 -71.69 53.38
N LEU E 144 9.85 -71.78 54.40
CA LEU E 144 8.42 -71.88 54.17
C LEU E 144 7.87 -70.57 53.63
N THR E 145 8.41 -69.44 54.10
CA THR E 145 8.04 -68.13 53.58
C THR E 145 8.69 -67.86 52.23
N TRP E 146 9.85 -68.45 51.99
CA TRP E 146 10.52 -68.34 50.70
C TRP E 146 9.70 -69.01 49.60
N LEU E 147 8.96 -70.07 49.91
CA LEU E 147 8.14 -70.71 48.89
C LEU E 147 6.87 -69.92 48.59
N MET E 148 6.33 -69.20 49.57
CA MET E 148 5.22 -68.30 49.28
C MET E 148 5.66 -67.12 48.42
N ALA E 149 6.86 -66.58 48.70
CA ALA E 149 7.43 -65.54 47.86
C ALA E 149 7.93 -66.08 46.53
N ARG E 150 8.10 -67.41 46.44
CA ARG E 150 8.54 -68.03 45.20
C ARG E 150 7.43 -67.98 44.16
N MET E 151 6.24 -68.48 44.52
CA MET E 151 5.11 -68.58 43.60
C MET E 151 4.60 -67.20 43.19
N ARG E 152 4.76 -66.21 44.06
CA ARG E 152 4.42 -64.84 43.70
C ARG E 152 5.33 -64.30 42.60
N ASN E 153 6.59 -64.74 42.59
CA ASN E 153 7.51 -64.38 41.54
C ASN E 153 7.22 -65.13 40.24
N ARG E 154 6.62 -66.31 40.34
CA ARG E 154 6.27 -67.08 39.15
C ARG E 154 5.05 -66.53 38.44
N ARG E 155 4.07 -66.03 39.22
CA ARG E 155 2.91 -65.37 38.65
C ARG E 155 3.30 -64.12 37.88
N ARG E 156 4.14 -63.28 38.48
CA ARG E 156 4.58 -62.05 37.84
C ARG E 156 5.45 -62.30 36.62
N TRP E 157 6.10 -63.45 36.53
CA TRP E 157 6.89 -63.76 35.34
C TRP E 157 5.99 -64.05 34.15
N LEU E 158 4.96 -64.88 34.35
CA LEU E 158 4.02 -65.20 33.29
C LEU E 158 3.22 -63.97 32.89
N THR E 159 2.80 -63.19 33.88
CA THR E 159 2.11 -61.93 33.67
C THR E 159 2.93 -60.95 32.82
N TRP E 160 4.22 -60.82 33.12
CA TRP E 160 5.07 -59.92 32.35
C TRP E 160 5.43 -60.49 30.98
N GLN E 161 5.44 -61.82 30.85
CA GLN E 161 5.75 -62.47 29.57
C GLN E 161 4.67 -62.21 28.53
N VAL E 162 3.45 -61.89 28.96
CA VAL E 162 2.38 -61.50 28.06
C VAL E 162 2.45 -60.00 27.78
N MET E 163 2.68 -59.21 28.83
CA MET E 163 2.77 -57.76 28.72
C MET E 163 3.96 -57.33 27.88
N ARG E 164 4.99 -58.16 27.78
CA ARG E 164 6.17 -57.87 26.98
C ARG E 164 6.05 -58.35 25.54
N THR E 165 5.52 -59.56 25.35
CA THR E 165 5.47 -60.18 24.03
C THR E 165 4.10 -60.70 23.60
N GLY E 166 3.15 -60.89 24.51
CA GLY E 166 1.92 -61.59 24.15
C GLY E 166 2.10 -63.06 23.90
N ARG E 167 3.20 -63.65 24.36
CA ARG E 167 3.59 -65.02 24.04
C ARG E 167 4.21 -65.61 25.31
N ILE E 168 3.54 -66.58 25.93
CA ILE E 168 4.20 -67.38 26.96
C ILE E 168 5.07 -68.40 26.22
N THR E 169 6.39 -68.25 26.32
CA THR E 169 7.32 -69.18 25.70
C THR E 169 8.17 -69.82 26.77
N ILE E 170 8.08 -71.15 26.88
CA ILE E 170 8.89 -71.94 27.80
C ILE E 170 9.66 -72.96 26.97
N GLN E 171 10.97 -73.00 27.16
CA GLN E 171 11.89 -73.83 26.41
C GLN E 171 12.54 -74.83 27.35
N PRO E 172 13.16 -75.92 26.82
CA PRO E 172 13.80 -76.89 27.72
C PRO E 172 15.03 -76.35 28.43
N ASN E 173 15.92 -75.72 27.67
CA ASN E 173 17.11 -75.11 28.24
C ASN E 173 16.72 -73.73 28.75
N ASP E 174 16.27 -73.69 30.01
CA ASP E 174 15.67 -72.51 30.58
C ASP E 174 15.89 -72.58 32.08
N PRO E 175 16.09 -71.45 32.75
CA PRO E 175 16.12 -71.46 34.21
C PRO E 175 14.77 -71.84 34.78
N TYR E 176 14.82 -72.65 35.85
CA TYR E 176 13.65 -73.11 36.61
C TYR E 176 12.71 -73.94 35.76
N ASN E 177 13.29 -74.68 34.81
CA ASN E 177 12.58 -75.67 33.99
C ASN E 177 13.44 -76.93 33.95
N PRO E 178 13.42 -77.75 35.00
CA PRO E 178 14.26 -78.95 35.01
C PRO E 178 13.67 -80.06 34.16
N ASN E 179 12.33 -80.11 34.12
CA ASN E 179 11.67 -81.20 33.43
C ASN E 179 11.76 -81.06 31.92
N GLY E 180 12.09 -79.87 31.40
CA GLY E 180 12.41 -79.72 30.00
C GLY E 180 11.20 -79.61 29.11
N LEU E 181 10.22 -78.82 29.52
CA LEU E 181 8.93 -78.77 28.86
C LEU E 181 8.89 -77.69 27.79
N LYS E 182 7.93 -77.84 26.88
CA LYS E 182 7.73 -76.95 25.75
C LYS E 182 6.34 -76.33 25.84
N TYR E 183 6.28 -75.01 25.90
CA TYR E 183 5.02 -74.30 25.78
C TYR E 183 5.23 -73.04 24.97
N VAL E 184 4.44 -72.88 23.90
CA VAL E 184 4.39 -71.66 23.12
C VAL E 184 2.92 -71.26 23.12
N ILE E 185 2.54 -70.32 23.99
CA ILE E 185 1.15 -69.97 24.23
C ILE E 185 0.92 -68.62 23.57
N ASP E 186 0.40 -68.64 22.35
CA ASP E 186 0.18 -67.44 21.56
C ASP E 186 -1.14 -66.82 21.97
N TYR E 187 -1.11 -65.58 22.45
CA TYR E 187 -2.38 -64.90 22.62
C TYR E 187 -2.75 -64.15 21.34
N GLY E 188 -3.86 -63.43 21.40
CA GLY E 188 -4.36 -62.79 20.20
C GLY E 188 -3.85 -61.38 19.99
N VAL E 189 -2.68 -61.06 20.51
CA VAL E 189 -2.15 -59.70 20.41
C VAL E 189 -1.65 -59.48 18.99
N THR E 190 -2.22 -58.48 18.32
CA THR E 190 -1.95 -58.22 16.91
C THR E 190 -1.07 -56.99 16.78
N ASP E 191 0.11 -57.18 16.17
CA ASP E 191 1.08 -56.13 15.85
C ASP E 191 1.53 -55.39 17.11
N ILE E 192 2.20 -56.13 17.99
CA ILE E 192 2.62 -55.58 19.27
C ILE E 192 3.80 -54.63 19.12
N GLU E 193 4.58 -54.73 18.06
CA GLU E 193 5.76 -53.91 17.86
C GLU E 193 5.43 -52.75 16.93
N LEU E 194 5.51 -51.53 17.44
CA LEU E 194 5.32 -50.37 16.59
C LEU E 194 6.53 -50.19 15.67
N PRO E 195 6.31 -49.78 14.42
CA PRO E 195 7.44 -49.63 13.49
C PRO E 195 8.14 -48.28 13.68
N LEU E 196 9.46 -48.33 13.72
CA LEU E 196 10.28 -47.13 13.85
C LEU E 196 11.66 -47.45 13.29
N PRO E 197 11.86 -47.37 11.97
CA PRO E 197 13.14 -47.80 11.40
C PRO E 197 14.27 -46.83 11.66
N GLN E 198 13.99 -45.56 11.93
CA GLN E 198 14.97 -44.61 12.42
C GLN E 198 14.46 -44.08 13.76
N LYS E 199 15.30 -44.18 14.78
CA LYS E 199 14.85 -43.93 16.14
C LYS E 199 14.89 -42.43 16.45
N PHE E 200 14.53 -42.09 17.69
CA PHE E 200 14.40 -40.69 18.08
C PHE E 200 15.76 -40.03 18.29
N ASP E 201 16.85 -40.78 18.25
CA ASP E 201 18.20 -40.27 18.35
C ASP E 201 19.03 -40.64 17.12
N ALA E 202 18.45 -40.46 15.93
CA ALA E 202 19.17 -40.81 14.71
C ALA E 202 20.27 -39.80 14.41
N LYS E 203 19.91 -38.51 14.40
CA LYS E 203 20.81 -37.37 14.23
C LYS E 203 21.58 -37.48 12.91
N ASP E 204 20.81 -37.40 11.83
CA ASP E 204 21.33 -37.60 10.49
C ASP E 204 22.04 -36.33 10.04
N GLY E 205 23.32 -36.46 9.71
CA GLY E 205 24.08 -35.33 9.20
C GLY E 205 24.81 -34.57 10.29
N ASN E 206 24.52 -33.27 10.40
CA ASN E 206 25.30 -32.42 11.29
C ASN E 206 24.82 -32.53 12.74
N GLY E 207 23.61 -32.03 13.00
CA GLY E 207 23.06 -32.14 14.34
C GLY E 207 21.57 -32.42 14.33
N ASN E 208 20.97 -32.40 13.14
CA ASN E 208 19.52 -32.51 13.02
C ASN E 208 19.11 -33.98 12.99
N SER E 209 18.06 -34.30 13.72
CA SER E 209 17.58 -35.67 13.74
C SER E 209 16.57 -35.90 12.62
N ALA E 210 16.00 -37.10 12.59
CA ALA E 210 15.17 -37.51 11.48
C ALA E 210 13.68 -37.63 11.81
N VAL E 211 13.33 -37.85 13.07
CA VAL E 211 11.96 -38.16 13.44
C VAL E 211 11.48 -37.14 14.46
N ASP E 212 10.36 -36.50 14.17
CA ASP E 212 9.63 -35.71 15.15
C ASP E 212 8.77 -36.67 15.97
N PRO E 213 9.09 -36.88 17.25
CA PRO E 213 8.33 -37.85 18.04
C PRO E 213 6.95 -37.37 18.42
N ILE E 214 6.72 -36.06 18.47
CA ILE E 214 5.38 -35.56 18.70
C ILE E 214 4.52 -35.80 17.45
N GLN E 215 5.13 -35.69 16.27
CA GLN E 215 4.42 -35.99 15.04
C GLN E 215 4.18 -37.48 14.89
N TYR E 216 5.08 -38.30 15.43
CA TYR E 216 4.90 -39.75 15.41
C TYR E 216 3.68 -40.17 16.24
N PHE E 217 3.49 -39.53 17.39
CA PHE E 217 2.43 -39.91 18.31
C PHE E 217 1.12 -39.18 18.05
N ARG E 218 1.10 -38.20 17.15
CA ARG E 218 -0.17 -37.68 16.67
C ARG E 218 -0.61 -38.36 15.38
N ASP E 219 0.36 -38.90 14.63
CA ASP E 219 0.03 -39.73 13.47
C ASP E 219 -0.66 -41.02 13.90
N LEU E 220 -0.26 -41.58 15.04
CA LEU E 220 -0.94 -42.77 15.55
C LEU E 220 -2.34 -42.45 16.07
N ILE E 221 -2.56 -41.24 16.56
CA ILE E 221 -3.91 -40.84 16.94
C ILE E 221 -4.74 -40.56 15.70
N LYS E 222 -4.12 -40.00 14.67
CA LYS E 222 -4.81 -39.71 13.42
C LYS E 222 -5.24 -40.99 12.70
N ALA E 223 -4.41 -42.03 12.75
CA ALA E 223 -4.73 -43.27 12.07
C ALA E 223 -5.65 -44.19 12.88
N ALA E 224 -6.28 -43.67 13.93
CA ALA E 224 -7.22 -44.42 14.73
C ALA E 224 -8.43 -43.57 15.07
N THR E 225 -8.89 -42.76 14.11
CA THR E 225 -10.11 -41.99 14.34
C THR E 225 -11.34 -42.87 14.21
N TYR E 226 -11.35 -43.79 13.25
CA TYR E 226 -12.43 -44.74 13.10
C TYR E 226 -12.07 -46.10 13.67
N PHE E 227 -11.00 -46.16 14.46
CA PHE E 227 -10.54 -47.34 15.17
C PHE E 227 -10.52 -46.97 16.65
N PRO E 228 -11.65 -47.07 17.34
CA PRO E 228 -11.71 -46.55 18.72
C PRO E 228 -10.90 -47.34 19.73
N ASP E 229 -10.70 -48.64 19.50
CA ASP E 229 -9.92 -49.47 20.40
C ASP E 229 -8.43 -49.45 20.08
N ARG E 230 -7.99 -48.45 19.31
CA ARG E 230 -6.66 -48.48 18.71
C ARG E 230 -5.96 -47.13 18.85
N ARG E 231 -6.64 -46.09 19.33
CA ARG E 231 -6.00 -44.83 19.67
C ARG E 231 -5.22 -44.98 20.98
N PRO E 232 -4.13 -44.24 21.15
CA PRO E 232 -3.42 -44.28 22.42
C PRO E 232 -3.96 -43.30 23.45
N VAL E 233 -3.85 -43.71 24.71
CA VAL E 233 -4.29 -42.91 25.84
C VAL E 233 -3.11 -42.57 26.76
N ALA E 234 -2.24 -43.53 27.03
CA ALA E 234 -1.11 -43.31 27.91
C ALA E 234 0.12 -44.00 27.37
N ILE E 235 1.28 -43.60 27.90
CA ILE E 235 2.57 -44.20 27.59
C ILE E 235 3.32 -44.37 28.91
N ILE E 236 3.87 -45.55 29.15
CA ILE E 236 4.67 -45.79 30.34
C ILE E 236 6.10 -46.06 29.91
N VAL E 237 7.05 -45.29 30.44
CA VAL E 237 8.44 -45.30 30.01
C VAL E 237 9.30 -45.61 31.24
N GLY E 238 10.56 -45.96 31.00
CA GLY E 238 11.55 -46.06 32.04
C GLY E 238 12.16 -44.71 32.40
N PRO E 239 13.41 -44.73 32.85
CA PRO E 239 14.02 -43.49 33.36
C PRO E 239 14.36 -42.41 32.34
N GLY E 240 15.06 -42.76 31.25
CA GLY E 240 15.69 -41.75 30.43
C GLY E 240 14.89 -41.26 29.24
N PHE E 241 13.71 -40.70 29.47
CA PHE E 241 12.85 -40.26 28.39
C PHE E 241 12.93 -38.76 28.14
N ASP E 242 13.24 -37.98 29.18
CA ASP E 242 13.50 -36.56 28.98
C ASP E 242 14.84 -36.31 28.31
N GLU E 243 15.83 -37.16 28.57
CA GLU E 243 17.16 -36.97 28.02
C GLU E 243 17.21 -37.21 26.51
N VAL E 244 16.25 -37.97 25.97
CA VAL E 244 16.18 -38.19 24.54
C VAL E 244 15.36 -37.09 23.86
N LEU E 245 14.31 -36.62 24.52
CA LEU E 245 13.49 -35.55 23.96
C LEU E 245 14.23 -34.22 23.92
N ALA E 246 15.07 -33.96 24.92
CA ALA E 246 15.79 -32.69 25.00
C ALA E 246 16.98 -32.61 24.06
N ASP E 247 17.24 -33.66 23.26
CA ASP E 247 18.38 -33.69 22.36
C ASP E 247 17.94 -34.01 20.94
N ASN E 248 16.73 -33.61 20.56
CA ASN E 248 16.10 -34.13 19.35
C ASN E 248 16.11 -33.15 18.19
N THR E 249 16.11 -31.84 18.46
CA THR E 249 16.10 -30.70 17.53
C THR E 249 14.77 -30.52 16.82
N PHE E 250 13.83 -31.45 17.00
CA PHE E 250 12.44 -31.20 16.67
C PHE E 250 11.67 -30.73 17.90
N VAL E 251 11.89 -31.41 19.02
CA VAL E 251 11.20 -31.10 20.28
C VAL E 251 11.65 -29.76 20.81
N GLN E 252 12.90 -29.39 20.51
CA GLN E 252 13.45 -28.10 20.95
C GLN E 252 12.69 -26.95 20.34
N LYS E 253 12.32 -27.07 19.07
CA LYS E 253 11.55 -26.04 18.39
C LYS E 253 10.13 -25.93 18.92
N TYR E 254 9.61 -26.97 19.57
CA TYR E 254 8.36 -26.83 20.29
C TYR E 254 8.56 -26.11 21.62
N VAL E 255 9.70 -26.31 22.26
CA VAL E 255 10.00 -25.63 23.52
C VAL E 255 10.26 -24.15 23.26
N GLU E 256 10.99 -23.85 22.19
CA GLU E 256 11.29 -22.48 21.82
C GLU E 256 10.06 -21.73 21.35
N TYR E 257 9.11 -22.43 20.74
CA TYR E 257 7.90 -21.78 20.23
C TYR E 257 7.00 -21.32 21.36
N GLU E 258 6.85 -22.11 22.41
CA GLU E 258 5.98 -21.72 23.51
C GLU E 258 6.67 -20.78 24.50
N LYS E 259 7.91 -20.40 24.25
CA LYS E 259 8.61 -19.46 25.10
C LYS E 259 9.18 -18.28 24.33
N GLY E 260 9.23 -18.34 23.01
CA GLY E 260 9.73 -17.22 22.23
C GLY E 260 11.23 -17.11 22.20
N TRP E 261 11.92 -18.24 22.08
CA TRP E 261 13.38 -18.26 22.05
C TRP E 261 13.83 -18.41 20.60
N VAL E 262 14.56 -17.42 20.11
CA VAL E 262 15.15 -17.52 18.78
C VAL E 262 16.60 -17.03 18.86
N VAL E 263 17.54 -17.98 18.71
CA VAL E 263 18.85 -17.97 19.36
C VAL E 263 19.66 -16.71 19.04
N GLY E 264 19.56 -16.21 17.81
CA GLY E 264 20.27 -15.00 17.45
C GLY E 264 19.71 -13.73 18.08
N GLN E 265 18.53 -13.80 18.71
CA GLN E 265 17.92 -12.66 19.37
C GLN E 265 17.42 -13.08 20.73
N ASN E 266 16.96 -12.11 21.52
CA ASN E 266 16.00 -12.29 22.60
C ASN E 266 16.54 -13.09 23.80
N THR E 267 17.65 -13.81 23.64
CA THR E 267 18.29 -14.78 24.51
C THR E 267 19.58 -15.27 23.85
N VAL E 268 20.53 -15.69 24.69
CA VAL E 268 21.51 -16.67 24.26
C VAL E 268 20.85 -18.05 24.36
N GLN E 269 21.39 -19.04 23.62
CA GLN E 269 20.77 -20.36 23.64
C GLN E 269 20.84 -20.96 25.03
N PRO E 270 19.76 -21.53 25.54
CA PRO E 270 19.66 -21.82 26.96
C PRO E 270 20.47 -23.04 27.33
N PRO E 271 20.83 -23.20 28.60
CA PRO E 271 21.44 -24.45 29.05
C PRO E 271 20.41 -25.56 29.06
N ARG E 272 20.91 -26.79 29.13
CA ARG E 272 20.06 -27.97 29.03
C ARG E 272 19.16 -28.19 30.25
N GLU E 273 19.01 -27.31 31.23
CA GLU E 273 18.07 -27.58 32.32
C GLU E 273 16.64 -27.40 31.86
N VAL E 274 16.27 -26.15 31.53
CA VAL E 274 14.90 -25.80 31.14
C VAL E 274 14.55 -26.42 29.80
N TYR E 275 15.55 -26.50 28.92
CA TYR E 275 15.63 -27.25 27.67
C TYR E 275 15.32 -28.74 27.85
N ARG E 276 15.46 -29.27 29.06
CA ARG E 276 15.00 -30.59 29.45
C ARG E 276 13.86 -30.57 30.45
N GLN E 277 13.72 -29.50 31.25
CA GLN E 277 12.70 -29.44 32.28
C GLN E 277 11.30 -29.35 31.69
N ALA E 278 11.17 -28.76 30.50
CA ALA E 278 9.87 -28.59 29.87
C ALA E 278 9.60 -29.61 28.78
N ALA E 279 10.41 -30.67 28.69
CA ALA E 279 10.23 -31.66 27.63
C ALA E 279 9.15 -32.69 27.95
N LEU E 280 8.60 -32.71 29.16
CA LEU E 280 7.43 -33.55 29.42
C LEU E 280 6.14 -32.84 29.06
N ASP E 281 5.96 -31.62 29.59
CA ASP E 281 4.67 -30.93 29.47
C ASP E 281 4.38 -30.54 28.03
N ILE E 282 5.41 -30.13 27.29
CA ILE E 282 5.21 -29.78 25.89
C ILE E 282 4.99 -31.04 25.06
N PHE E 283 5.52 -32.17 25.51
CA PHE E 283 5.14 -33.45 24.93
C PHE E 283 3.71 -33.83 25.29
N LYS E 284 3.27 -33.51 26.50
CA LYS E 284 1.93 -33.91 26.93
C LYS E 284 0.84 -32.99 26.40
N ARG E 285 1.17 -31.76 26.03
CA ARG E 285 0.16 -30.87 25.47
C ARG E 285 -0.07 -31.14 23.99
N TYR E 286 0.99 -31.38 23.24
CA TYR E 286 0.87 -31.53 21.80
C TYR E 286 0.57 -32.95 21.35
N THR E 287 0.58 -33.92 22.26
CA THR E 287 0.03 -35.23 21.99
C THR E 287 -1.22 -35.54 22.80
N GLY E 288 -1.47 -34.80 23.87
CA GLY E 288 -2.70 -34.94 24.63
C GLY E 288 -2.78 -36.18 25.50
N LEU E 289 -1.71 -36.96 25.61
CA LEU E 289 -1.73 -38.23 26.33
C LEU E 289 -0.97 -38.11 27.64
N GLU E 290 -1.08 -39.16 28.44
CA GLU E 290 -0.47 -39.23 29.76
C GLU E 290 0.83 -40.01 29.71
N VAL E 291 1.78 -39.62 30.55
CA VAL E 291 3.05 -40.32 30.66
C VAL E 291 3.26 -40.70 32.12
N MET E 292 3.39 -41.99 32.38
CA MET E 292 3.75 -42.50 33.69
C MET E 292 5.18 -43.01 33.63
N VAL E 293 5.96 -42.70 34.66
CA VAL E 293 7.35 -43.10 34.74
C VAL E 293 7.46 -44.26 35.72
N TYR E 294 8.07 -45.36 35.28
CA TYR E 294 8.25 -46.55 36.10
C TYR E 294 9.75 -46.86 36.12
N ASP E 295 10.42 -46.44 37.18
CA ASP E 295 11.88 -46.49 37.27
C ASP E 295 12.36 -47.66 38.12
N LYS E 296 11.51 -48.63 38.38
CA LYS E 296 11.83 -49.69 39.32
C LYS E 296 12.77 -50.70 38.66
N THR E 297 13.71 -51.21 39.44
CA THR E 297 14.91 -51.89 38.93
C THR E 297 14.93 -53.35 39.36
N TYR E 298 15.93 -54.06 38.83
CA TYR E 298 16.31 -55.40 39.30
C TYR E 298 17.76 -55.60 38.89
N ARG E 299 18.40 -56.59 39.52
CA ARG E 299 19.79 -56.89 39.23
C ARG E 299 19.89 -58.10 38.31
N ASP E 300 20.66 -57.95 37.23
CA ASP E 300 20.93 -59.07 36.34
C ASP E 300 21.89 -60.04 37.02
N GLN E 301 21.92 -61.28 36.52
CA GLN E 301 22.87 -62.27 37.01
C GLN E 301 24.30 -61.87 36.66
N ASP E 302 24.58 -61.73 35.37
CA ASP E 302 25.93 -61.39 34.93
C ASP E 302 26.17 -59.89 35.03
N GLY E 303 25.36 -59.10 34.35
CA GLY E 303 25.58 -57.67 34.23
C GLY E 303 25.17 -56.89 35.47
N SER E 304 24.91 -55.61 35.24
CA SER E 304 24.63 -54.66 36.29
C SER E 304 23.13 -54.55 36.56
N VAL E 305 22.76 -53.50 37.29
CA VAL E 305 21.36 -53.22 37.56
C VAL E 305 20.66 -52.83 36.27
N LYS E 306 19.52 -53.45 36.01
CA LYS E 306 18.70 -53.13 34.85
C LYS E 306 17.32 -52.71 35.31
N TYR E 307 16.56 -52.16 34.38
CA TYR E 307 15.21 -51.67 34.63
C TYR E 307 14.20 -52.68 34.11
N TRP E 308 13.02 -52.70 34.76
CA TRP E 308 11.99 -53.64 34.35
C TRP E 308 11.46 -53.32 32.97
N ILE E 309 11.00 -52.09 32.76
CA ILE E 309 10.80 -51.57 31.42
C ILE E 309 12.19 -51.23 30.91
N PRO E 310 12.68 -51.86 29.84
CA PRO E 310 14.08 -51.66 29.43
C PRO E 310 14.35 -50.23 28.97
N VAL E 311 15.63 -49.98 28.70
CA VAL E 311 16.17 -48.63 28.80
C VAL E 311 15.70 -47.76 27.65
N GLY E 312 15.88 -48.23 26.42
CA GLY E 312 15.43 -47.48 25.26
C GLY E 312 14.11 -47.97 24.71
N GLU E 313 13.16 -48.28 25.58
CA GLU E 313 11.87 -48.80 25.16
C GLU E 313 10.76 -48.17 25.98
N LEU E 314 9.53 -48.29 25.47
CA LEU E 314 8.34 -47.82 26.14
C LEU E 314 7.14 -48.63 25.69
N ILE E 315 6.07 -48.55 26.47
CA ILE E 315 4.81 -49.19 26.09
C ILE E 315 3.82 -48.10 25.72
N VAL E 316 2.88 -48.44 24.85
CA VAL E 316 1.83 -47.54 24.43
C VAL E 316 0.52 -48.23 24.75
N LEU E 317 -0.22 -47.69 25.72
CA LEU E 317 -1.53 -48.23 25.99
C LEU E 317 -2.50 -47.79 24.91
N ASN E 318 -3.65 -48.47 24.85
CA ASN E 318 -4.73 -48.12 23.96
C ASN E 318 -5.94 -47.78 24.81
N GLN E 319 -7.13 -47.75 24.21
CA GLN E 319 -8.31 -46.96 24.59
C GLN E 319 -8.62 -46.76 26.07
N SER E 320 -8.20 -47.67 26.94
CA SER E 320 -8.33 -47.46 28.38
C SER E 320 -7.05 -47.83 29.08
N THR E 321 -6.81 -47.19 30.22
CA THR E 321 -5.68 -47.50 31.08
C THR E 321 -6.07 -48.45 32.21
N GLY E 322 -7.17 -49.18 32.05
CA GLY E 322 -7.64 -50.09 33.06
C GLY E 322 -6.92 -51.43 33.00
N PRO E 323 -7.46 -52.44 33.68
CA PRO E 323 -6.83 -53.76 33.69
C PRO E 323 -6.95 -54.44 32.34
N VAL E 324 -5.80 -54.81 31.77
CA VAL E 324 -5.72 -55.48 30.48
C VAL E 324 -5.61 -56.97 30.79
N GLY E 325 -6.75 -57.64 30.86
CA GLY E 325 -6.75 -59.07 31.06
C GLY E 325 -7.22 -59.48 32.43
N ARG E 326 -6.80 -60.69 32.83
CA ARG E 326 -7.18 -61.30 34.09
C ARG E 326 -6.24 -62.46 34.38
N PHE E 327 -5.94 -62.68 35.66
CA PHE E 327 -5.23 -63.88 36.06
C PHE E 327 -6.21 -64.83 36.74
N VAL E 328 -6.13 -66.11 36.40
CA VAL E 328 -7.13 -67.06 36.83
C VAL E 328 -6.44 -68.17 37.60
N TYR E 329 -6.79 -68.32 38.87
CA TYR E 329 -6.42 -69.53 39.60
C TYR E 329 -7.46 -70.60 39.32
N THR E 330 -7.00 -71.82 39.08
CA THR E 330 -7.91 -72.93 38.86
C THR E 330 -7.78 -73.92 40.02
N ALA E 331 -8.53 -75.02 39.92
CA ALA E 331 -8.68 -75.93 41.05
C ALA E 331 -7.51 -76.90 41.13
N HIS E 332 -7.06 -77.16 42.35
CA HIS E 332 -6.14 -78.25 42.64
C HIS E 332 -6.81 -79.21 43.62
N VAL E 333 -6.25 -80.42 43.69
CA VAL E 333 -6.75 -81.45 44.59
C VAL E 333 -6.23 -81.16 46.00
N ALA E 334 -7.13 -80.83 46.91
CA ALA E 334 -6.82 -80.78 48.32
C ALA E 334 -7.20 -82.11 48.96
N GLY E 335 -7.19 -82.17 50.29
CA GLY E 335 -7.55 -83.38 50.99
C GLY E 335 -9.03 -83.69 50.93
N GLN E 336 -9.41 -84.76 51.60
CA GLN E 336 -10.80 -85.15 51.72
C GLN E 336 -11.40 -84.60 53.01
N ARG E 337 -12.72 -84.62 53.09
CA ARG E 337 -13.39 -84.20 54.31
C ARG E 337 -14.25 -85.30 54.92
N ASN E 338 -15.09 -85.97 54.14
CA ASN E 338 -15.93 -87.04 54.64
C ASN E 338 -15.96 -88.19 53.64
N GLY E 339 -14.79 -88.57 53.13
CA GLY E 339 -14.71 -89.55 52.08
C GLY E 339 -14.91 -89.00 50.69
N LYS E 340 -15.26 -87.73 50.56
CA LYS E 340 -15.37 -87.07 49.28
C LYS E 340 -14.15 -86.18 49.07
N VAL E 341 -13.68 -86.14 47.82
CA VAL E 341 -12.54 -85.29 47.47
C VAL E 341 -12.98 -83.83 47.52
N VAL E 342 -12.20 -83.01 48.21
CA VAL E 342 -12.47 -81.59 48.33
C VAL E 342 -11.35 -80.83 47.62
N TYR E 343 -11.73 -79.84 46.82
CA TYR E 343 -10.82 -79.11 45.95
C TYR E 343 -10.58 -77.71 46.51
N ALA E 344 -9.58 -77.04 45.94
CA ALA E 344 -9.24 -75.68 46.34
C ALA E 344 -8.53 -75.00 45.19
N THR E 345 -8.54 -73.66 45.22
CA THR E 345 -7.88 -72.85 44.21
C THR E 345 -6.79 -71.99 44.86
N GLY E 346 -5.81 -71.63 44.05
CA GLY E 346 -4.76 -70.74 44.49
C GLY E 346 -3.54 -71.49 44.99
N PRO E 347 -2.55 -70.75 45.50
CA PRO E 347 -1.32 -71.39 45.99
C PRO E 347 -1.54 -72.12 47.30
N TYR E 348 -0.97 -73.32 47.40
CA TYR E 348 -1.10 -74.18 48.56
C TYR E 348 0.28 -74.52 49.10
N LEU E 349 0.31 -75.18 50.25
CA LEU E 349 1.56 -75.42 50.97
C LEU E 349 1.32 -76.60 51.91
N THR E 350 1.93 -77.75 51.60
CA THR E 350 1.65 -78.98 52.33
C THR E 350 2.85 -79.43 53.15
N VAL E 351 2.59 -79.92 54.35
CA VAL E 351 3.59 -80.41 55.27
C VAL E 351 3.53 -81.93 55.29
N LYS E 352 4.66 -82.58 55.02
CA LYS E 352 4.79 -84.03 55.07
C LYS E 352 5.81 -84.40 56.13
N ASP E 353 5.36 -84.60 57.36
CA ASP E 353 6.26 -84.96 58.46
C ASP E 353 6.45 -86.48 58.47
N HIS E 354 7.61 -86.91 57.97
CA HIS E 354 8.05 -88.29 58.13
C HIS E 354 9.06 -88.41 59.25
N LEU E 355 8.86 -87.66 60.33
CA LEU E 355 9.81 -87.56 61.43
C LEU E 355 9.87 -88.81 62.30
N GLN E 356 9.03 -89.82 62.06
CA GLN E 356 9.09 -91.08 62.80
C GLN E 356 9.11 -92.21 61.78
N ASP E 357 10.31 -92.50 61.26
CA ASP E 357 10.63 -93.71 60.52
C ASP E 357 12.14 -93.86 60.60
N ASP E 358 12.72 -94.77 59.82
CA ASP E 358 14.06 -95.20 60.21
C ASP E 358 15.14 -94.21 59.74
N PRO E 359 15.13 -93.66 58.52
CA PRO E 359 15.77 -92.34 58.31
C PRO E 359 14.74 -91.21 58.37
N PRO E 360 14.42 -90.68 59.56
CA PRO E 360 13.35 -89.66 59.64
C PRO E 360 13.73 -88.36 58.97
N TYR E 361 12.74 -87.72 58.38
CA TYR E 361 12.96 -86.53 57.57
C TYR E 361 11.70 -85.68 57.56
N TYR E 362 11.71 -84.61 56.76
CA TYR E 362 10.65 -83.62 56.78
C TYR E 362 10.66 -82.93 55.42
N ALA E 363 9.48 -82.78 54.82
CA ALA E 363 9.40 -82.26 53.46
C ALA E 363 8.24 -81.29 53.35
N ILE E 364 8.38 -80.36 52.41
CA ILE E 364 7.37 -79.36 52.08
C ILE E 364 7.14 -79.42 50.57
N ILE E 365 5.89 -79.30 50.15
CA ILE E 365 5.53 -79.22 48.74
C ILE E 365 4.65 -77.98 48.55
N ALA E 366 4.94 -77.18 47.53
CA ALA E 366 4.18 -75.98 47.24
C ALA E 366 4.01 -75.82 45.75
N GLY E 367 2.87 -75.26 45.35
CA GLY E 367 2.60 -74.98 43.94
C GLY E 367 1.21 -74.43 43.79
N PHE E 368 0.78 -74.24 42.52
CA PHE E 368 -0.62 -74.05 42.14
C PHE E 368 -0.78 -74.23 40.65
N HIS E 369 -2.01 -74.03 40.18
CA HIS E 369 -2.40 -74.10 38.79
C HIS E 369 -2.99 -72.77 38.37
N GLY E 370 -2.68 -72.33 37.17
CA GLY E 370 -3.25 -71.09 36.68
C GLY E 370 -2.50 -70.56 35.48
N LEU E 371 -3.09 -69.52 34.89
CA LEU E 371 -2.56 -68.86 33.70
C LEU E 371 -3.26 -67.53 33.55
N PRO E 372 -2.60 -66.52 32.96
CA PRO E 372 -3.31 -65.26 32.68
C PRO E 372 -4.19 -65.34 31.46
N GLN E 373 -5.27 -64.56 31.48
CA GLN E 373 -6.27 -64.56 30.42
C GLN E 373 -6.62 -63.14 30.02
N LEU E 374 -6.62 -62.86 28.71
CA LEU E 374 -7.00 -61.55 28.22
C LEU E 374 -8.50 -61.34 28.34
N SER E 375 -8.89 -60.10 28.60
CA SER E 375 -10.29 -59.74 28.86
C SER E 375 -11.22 -59.95 27.67
N GLY E 376 -11.01 -59.20 26.60
CA GLY E 376 -11.98 -59.23 25.51
C GLY E 376 -11.41 -58.77 24.18
N TYR E 377 -11.85 -59.41 23.11
CA TYR E 377 -11.30 -59.14 21.79
C TYR E 377 -12.31 -58.32 20.99
N ASN E 378 -11.97 -58.05 19.74
CA ASN E 378 -12.86 -57.34 18.84
C ASN E 378 -13.79 -58.35 18.18
N THR E 379 -15.09 -58.07 18.25
CA THR E 379 -16.09 -59.00 17.73
C THR E 379 -16.20 -58.98 16.22
N GLU E 380 -15.71 -57.93 15.56
CA GLU E 380 -15.85 -57.85 14.11
C GLU E 380 -14.77 -58.69 13.42
N ASP E 381 -13.52 -58.31 13.60
CA ASP E 381 -12.38 -59.15 13.25
C ASP E 381 -11.62 -59.43 14.52
N PHE E 382 -11.35 -60.70 14.78
CA PHE E 382 -10.93 -61.13 16.11
C PHE E 382 -9.50 -60.72 16.41
N SER E 383 -9.32 -59.49 16.89
CA SER E 383 -8.01 -58.92 17.10
C SER E 383 -7.96 -58.25 18.46
N PHE E 384 -6.76 -58.18 19.02
CA PHE E 384 -6.52 -57.59 20.34
C PHE E 384 -5.33 -56.66 20.23
N HIS E 385 -5.53 -55.40 20.62
CA HIS E 385 -4.41 -54.48 20.80
C HIS E 385 -4.81 -53.45 21.86
N ARG E 386 -4.38 -53.71 23.09
CA ARG E 386 -4.47 -52.76 24.18
C ARG E 386 -3.12 -52.17 24.56
N PHE E 387 -2.04 -52.85 24.23
CA PHE E 387 -0.70 -52.39 24.54
C PHE E 387 0.22 -52.70 23.37
N LYS E 388 1.14 -51.77 23.09
CA LYS E 388 2.14 -51.95 22.04
C LYS E 388 3.46 -51.39 22.52
N TRP E 389 4.54 -51.99 22.01
CA TRP E 389 5.90 -51.67 22.43
C TRP E 389 6.62 -50.88 21.35
N LEU E 390 7.41 -49.89 21.78
CA LEU E 390 8.16 -49.05 20.87
C LEU E 390 9.60 -48.91 21.37
N LYS E 391 10.55 -49.23 20.50
CA LYS E 391 11.98 -49.07 20.78
C LYS E 391 12.41 -47.71 20.25
N TYR E 392 12.45 -46.72 21.13
CA TYR E 392 12.54 -45.33 20.70
C TYR E 392 13.96 -44.78 20.60
N ALA E 393 14.93 -45.39 21.28
CA ALA E 393 16.30 -44.87 21.27
C ALA E 393 17.27 -46.00 21.55
N ASN E 394 18.54 -45.76 21.19
CA ASN E 394 19.60 -46.74 21.36
C ASN E 394 20.47 -46.47 22.59
N ASN E 395 21.09 -45.29 22.65
CA ASN E 395 22.07 -44.98 23.69
C ASN E 395 21.40 -44.08 24.72
N VAL E 396 20.75 -44.71 25.70
CA VAL E 396 20.13 -43.98 26.79
C VAL E 396 20.91 -44.14 28.10
N GLN E 397 21.64 -45.25 28.27
CA GLN E 397 22.46 -45.43 29.47
C GLN E 397 23.64 -44.47 29.54
N SER E 398 24.00 -43.83 28.43
CA SER E 398 24.97 -42.74 28.48
C SER E 398 24.43 -41.51 29.19
N TYR E 399 23.11 -41.39 29.32
CA TYR E 399 22.49 -40.32 30.08
C TYR E 399 22.21 -40.71 31.53
N LEU E 400 22.52 -41.94 31.92
CA LEU E 400 22.05 -42.41 33.20
C LEU E 400 23.18 -42.51 34.21
N PRO E 401 22.92 -42.16 35.47
CA PRO E 401 23.94 -42.30 36.51
C PRO E 401 24.21 -43.76 36.81
N PRO E 402 25.47 -44.12 37.05
CA PRO E 402 25.82 -45.54 37.25
C PRO E 402 25.41 -46.02 38.63
N PHE E 403 25.51 -47.34 38.80
CA PHE E 403 25.07 -48.03 39.99
C PHE E 403 26.24 -48.62 40.76
N PRO E 404 26.10 -48.78 42.08
CA PRO E 404 27.12 -49.49 42.85
C PRO E 404 27.16 -50.96 42.45
N PRO E 405 28.33 -51.56 42.37
CA PRO E 405 28.40 -53.01 42.19
C PRO E 405 27.91 -53.74 43.43
N LYS E 406 27.55 -55.00 43.25
CA LYS E 406 26.97 -55.78 44.34
C LYS E 406 28.06 -56.16 45.33
N VAL E 407 27.86 -55.78 46.59
CA VAL E 407 28.85 -56.06 47.63
C VAL E 407 28.82 -57.54 47.96
N GLU E 408 29.98 -58.18 47.88
CA GLU E 408 30.09 -59.63 48.03
C GLU E 408 31.10 -59.92 49.13
N LEU E 409 30.62 -60.41 50.27
CA LEU E 409 31.49 -60.75 51.39
C LEU E 409 32.29 -62.02 51.10
N MET F 1 58.28 -11.63 73.35
CA MET F 1 59.55 -10.96 73.58
C MET F 1 59.51 -9.51 73.15
N ARG F 2 59.49 -8.61 74.12
CA ARG F 2 59.72 -7.21 73.85
C ARG F 2 61.00 -6.78 74.53
N VAL F 3 61.67 -5.79 73.95
CA VAL F 3 62.90 -5.25 74.53
C VAL F 3 62.55 -4.53 75.82
N PRO F 4 63.24 -4.79 76.93
CA PRO F 4 62.91 -4.11 78.18
C PRO F 4 63.39 -2.66 78.20
N ILE F 5 62.56 -1.75 77.71
CA ILE F 5 62.86 -0.32 77.76
C ILE F 5 61.72 0.40 78.48
N ASN F 6 61.92 1.69 78.70
CA ASN F 6 60.82 2.63 78.86
C ASN F 6 60.63 3.41 77.57
N ILE F 7 59.37 3.58 77.19
CA ILE F 7 59.05 4.34 75.99
C ILE F 7 59.29 5.82 76.21
N ASN F 8 58.69 6.38 77.27
CA ASN F 8 58.74 7.82 77.49
C ASN F 8 60.12 8.27 77.95
N ASN F 9 60.84 7.42 78.66
CA ASN F 9 62.11 7.82 79.26
C ASN F 9 63.27 7.75 78.29
N ALA F 10 63.09 7.10 77.14
CA ALA F 10 64.17 6.99 76.17
C ALA F 10 64.08 8.06 75.08
N LEU F 11 62.87 8.52 74.77
CA LEU F 11 62.72 9.63 73.83
C LEU F 11 63.24 10.93 74.42
N ALA F 12 63.08 11.12 75.73
CA ALA F 12 63.61 12.28 76.42
C ALA F 12 65.10 12.18 76.71
N ARG F 13 65.76 11.11 76.28
CA ARG F 13 67.15 10.88 76.64
C ARG F 13 68.08 10.83 75.44
N VAL F 14 67.61 10.42 74.26
CA VAL F 14 68.46 10.43 73.06
C VAL F 14 68.25 11.81 72.43
N ARG F 15 68.97 12.79 72.96
CA ARG F 15 69.05 14.17 72.51
C ARG F 15 70.20 14.81 73.26
N ASP F 16 70.97 15.62 72.58
CA ASP F 16 72.22 16.07 73.17
C ASP F 16 71.97 17.20 74.17
N PRO F 17 72.57 17.15 75.35
CA PRO F 17 72.41 18.23 76.31
C PRO F 17 73.46 19.32 76.15
N LEU F 18 74.56 19.03 75.48
CA LEU F 18 75.75 19.89 75.44
C LEU F 18 76.25 20.07 74.02
N SER F 19 75.35 20.43 73.11
CA SER F 19 75.67 20.55 71.69
C SER F 19 75.49 21.98 71.22
N ILE F 20 76.54 22.55 70.64
CA ILE F 20 76.45 23.84 69.97
C ILE F 20 76.83 23.65 68.51
N GLY F 21 76.27 24.49 67.64
CA GLY F 21 76.43 24.38 66.21
C GLY F 21 77.47 25.33 65.66
N GLY F 22 77.28 25.72 64.39
CA GLY F 22 78.14 26.72 63.80
C GLY F 22 77.93 28.09 64.42
N LEU F 23 76.71 28.38 64.84
CA LEU F 23 76.46 29.48 65.76
C LEU F 23 76.98 29.06 67.14
N LYS F 24 77.73 29.93 67.80
CA LYS F 24 78.46 29.57 69.00
C LYS F 24 77.59 29.49 70.26
N PHE F 25 76.27 29.47 70.16
CA PHE F 25 75.41 29.49 71.32
C PHE F 25 74.26 28.53 71.10
N PRO F 26 73.59 28.07 72.16
CA PRO F 26 72.43 27.20 71.97
C PRO F 26 71.26 27.94 71.35
N THR F 27 70.57 27.25 70.46
CA THR F 27 69.44 27.82 69.73
C THR F 27 68.12 27.34 70.32
N THR F 28 67.08 28.13 70.08
CA THR F 28 65.73 27.72 70.42
C THR F 28 65.27 26.64 69.46
N LYS F 29 64.44 25.72 69.96
CA LYS F 29 63.94 24.64 69.14
C LYS F 29 62.61 24.17 69.71
N GLU F 30 62.06 23.12 69.09
CA GLU F 30 60.76 22.58 69.47
C GLU F 30 60.71 21.14 69.00
N ILE F 31 60.28 20.24 69.88
CA ILE F 31 60.44 18.80 69.69
C ILE F 31 59.10 18.10 69.85
N GLN F 32 58.75 17.28 68.86
CA GLN F 32 57.61 16.37 68.95
C GLN F 32 58.12 14.94 68.86
N GLU F 33 57.61 14.08 69.74
CA GLU F 33 57.99 12.67 69.78
C GLU F 33 56.85 11.81 69.25
N ALA F 34 57.22 10.67 68.65
CA ALA F 34 56.24 9.73 68.12
C ALA F 34 56.73 8.31 68.37
N VAL F 35 55.78 7.40 68.56
CA VAL F 35 56.07 6.01 68.92
C VAL F 35 55.33 5.10 67.95
N ALA F 36 56.06 4.15 67.36
CA ALA F 36 55.47 3.16 66.46
C ALA F 36 55.75 1.75 66.97
N ALA F 37 54.79 0.86 66.74
CA ALA F 37 54.94 -0.56 67.06
C ALA F 37 54.77 -1.35 65.77
N ILE F 38 55.76 -2.16 65.44
CA ILE F 38 55.82 -2.85 64.16
C ILE F 38 55.49 -4.32 64.38
N ALA F 39 54.44 -4.79 63.70
CA ALA F 39 54.03 -6.17 63.76
C ALA F 39 53.64 -6.63 62.36
N ASP F 40 53.91 -7.90 62.07
CA ASP F 40 53.53 -8.47 60.78
C ASP F 40 52.04 -8.78 60.82
N LYS F 41 51.26 -8.04 60.04
CA LYS F 41 49.82 -8.24 59.99
C LYS F 41 49.44 -9.47 59.17
N PHE F 42 50.30 -9.88 58.24
CA PHE F 42 49.93 -10.87 57.24
C PHE F 42 50.50 -12.25 57.54
N ASN F 43 50.77 -12.55 58.81
CA ASN F 43 51.17 -13.87 59.24
C ASN F 43 50.12 -14.30 60.27
N GLN F 44 49.04 -14.88 59.79
CA GLN F 44 47.88 -15.17 60.62
C GLN F 44 47.76 -16.66 60.91
N GLU F 45 46.96 -16.98 61.92
CA GLU F 45 46.84 -18.34 62.43
C GLU F 45 45.76 -19.10 61.70
N ASN F 46 46.04 -20.36 61.39
CA ASN F 46 45.13 -21.22 60.62
C ASN F 46 44.01 -21.72 61.53
N ASP F 47 43.08 -20.82 61.82
CA ASP F 47 41.94 -21.11 62.68
C ASP F 47 40.80 -21.80 61.94
N LEU F 48 41.00 -22.19 60.68
CA LEU F 48 39.96 -22.85 59.91
C LEU F 48 39.64 -24.23 60.47
N VAL F 49 40.66 -25.01 60.77
CA VAL F 49 40.47 -26.46 60.81
C VAL F 49 40.21 -26.86 62.25
N ASP F 50 39.96 -25.88 63.11
CA ASP F 50 39.41 -26.15 64.42
C ASP F 50 38.00 -26.71 64.31
N ARG F 51 37.17 -26.12 63.44
CA ARG F 51 35.80 -26.59 63.29
C ARG F 51 35.72 -27.94 62.58
N PHE F 52 36.75 -28.31 61.82
CA PHE F 52 36.68 -29.56 61.08
C PHE F 52 36.88 -30.78 61.96
N PHE F 53 37.45 -30.61 63.16
CA PHE F 53 37.23 -31.51 64.29
C PHE F 53 37.63 -30.97 65.66
N PRO F 54 36.74 -31.08 66.63
CA PRO F 54 37.08 -30.72 68.01
C PRO F 54 37.94 -31.77 68.69
N GLU F 55 38.15 -31.62 69.99
CA GLU F 55 39.13 -32.42 70.71
C GLU F 55 38.48 -33.21 71.83
N ASP F 56 39.04 -34.40 72.09
CA ASP F 56 38.54 -35.34 73.09
C ASP F 56 39.70 -36.03 73.79
N SER F 57 39.37 -36.72 74.88
CA SER F 57 40.35 -37.39 75.73
C SER F 57 39.90 -38.83 75.99
N THR F 58 40.87 -39.71 76.24
CA THR F 58 40.54 -41.13 76.31
C THR F 58 41.11 -41.89 77.50
N PHE F 59 42.23 -41.42 78.08
CA PHE F 59 43.02 -42.10 79.12
C PHE F 59 43.51 -43.49 78.72
N ALA F 60 43.53 -43.84 77.44
CA ALA F 60 44.10 -45.09 76.97
C ALA F 60 45.29 -44.75 76.07
N SER F 61 45.88 -45.77 75.47
CA SER F 61 46.97 -45.56 74.54
C SER F 61 46.80 -46.30 73.23
N GLU F 62 45.74 -47.09 73.09
CA GLU F 62 45.42 -47.77 71.84
C GLU F 62 43.91 -47.73 71.66
N LEU F 63 43.46 -47.56 70.42
CA LEU F 63 42.04 -47.61 70.11
C LEU F 63 41.82 -48.63 69.00
N GLU F 64 40.85 -49.51 69.20
CA GLU F 64 40.57 -50.59 68.28
C GLU F 64 39.11 -50.56 67.83
N LEU F 65 38.89 -50.81 66.55
CA LEU F 65 37.55 -50.84 65.96
C LEU F 65 37.28 -52.21 65.38
N TYR F 66 36.11 -52.75 65.68
CA TYR F 66 35.65 -54.03 65.12
C TYR F 66 34.34 -53.81 64.38
N LEU F 67 34.25 -54.35 63.17
CA LEU F 67 33.04 -54.27 62.36
C LEU F 67 32.62 -55.66 61.94
N LEU F 68 31.43 -56.08 62.37
CA LEU F 68 30.80 -57.30 61.88
C LEU F 68 29.76 -56.93 60.85
N ARG F 69 29.81 -57.56 59.68
CA ARG F 69 28.82 -57.31 58.67
C ARG F 69 28.40 -58.61 58.00
N THR F 70 27.09 -58.71 57.74
CA THR F 70 26.45 -59.94 57.27
C THR F 70 25.87 -59.72 55.89
N GLN F 71 25.67 -60.81 55.16
CA GLN F 71 25.04 -60.77 53.85
C GLN F 71 24.09 -61.96 53.77
N ASP F 72 22.80 -61.70 53.91
CA ASP F 72 21.82 -62.77 53.88
C ASP F 72 21.54 -63.18 52.44
N ALA F 73 20.73 -64.22 52.29
CA ALA F 73 20.37 -64.71 50.98
C ALA F 73 19.07 -64.07 50.52
N GLU F 74 18.99 -63.81 49.21
CA GLU F 74 17.81 -63.22 48.63
C GLU F 74 16.79 -64.29 48.29
N GLN F 75 15.50 -63.97 48.46
CA GLN F 75 14.42 -64.89 48.13
C GLN F 75 14.15 -64.80 46.63
N THR F 76 14.99 -65.49 45.87
CA THR F 76 14.92 -65.50 44.42
C THR F 76 14.23 -66.77 43.94
N GLY F 77 14.30 -67.02 42.64
CA GLY F 77 13.77 -68.24 42.07
C GLY F 77 12.34 -68.07 41.60
N MET F 78 11.98 -68.83 40.57
CA MET F 78 10.65 -68.62 40.01
C MET F 78 9.64 -69.64 40.50
N THR F 79 9.63 -70.86 39.95
CA THR F 79 8.98 -72.11 40.40
C THR F 79 9.31 -73.11 39.29
N PHE F 80 9.34 -74.41 39.55
CA PHE F 80 9.59 -75.35 38.47
C PHE F 80 8.28 -75.78 37.81
N VAL F 81 8.34 -75.96 36.49
CA VAL F 81 7.16 -76.21 35.68
C VAL F 81 6.74 -77.67 35.81
N HIS F 82 5.43 -77.93 35.90
CA HIS F 82 4.92 -79.24 36.24
C HIS F 82 3.81 -79.65 35.26
N GLN F 83 3.54 -80.95 35.22
CA GLN F 83 2.35 -81.50 34.60
C GLN F 83 1.37 -81.84 35.73
N VAL F 84 0.19 -82.36 35.42
CA VAL F 84 -0.82 -82.55 36.44
C VAL F 84 -0.56 -83.79 37.27
N GLY F 85 -0.26 -84.91 36.59
CA GLY F 85 -0.15 -86.16 37.32
C GLY F 85 1.24 -86.76 37.43
N SER F 86 2.25 -85.94 37.67
CA SER F 86 3.62 -86.41 37.84
C SER F 86 4.17 -85.93 39.18
N THR F 87 5.39 -86.36 39.49
CA THR F 87 6.00 -86.06 40.78
C THR F 87 6.78 -84.75 40.71
N SER F 88 6.97 -84.14 41.88
CA SER F 88 7.62 -82.85 41.99
C SER F 88 9.14 -83.02 42.02
N LEU F 89 9.85 -81.91 42.08
CA LEU F 89 11.30 -81.85 41.95
C LEU F 89 11.91 -80.98 43.05
N PRO F 90 13.14 -81.26 43.47
CA PRO F 90 13.72 -80.49 44.57
C PRO F 90 14.29 -79.15 44.11
N VAL F 91 14.54 -78.31 45.07
CA VAL F 91 14.96 -76.93 44.89
C VAL F 91 16.45 -76.82 45.19
N GLU F 92 17.14 -75.95 44.45
CA GLU F 92 18.57 -75.70 44.66
C GLU F 92 18.83 -75.04 46.01
N ALA F 93 20.13 -74.94 46.34
CA ALA F 93 20.60 -74.45 47.62
C ALA F 93 21.02 -72.99 47.54
N ARG F 94 21.04 -72.35 48.71
CA ARG F 94 21.32 -70.92 48.86
C ARG F 94 22.64 -70.75 49.60
N VAL F 95 23.03 -69.49 49.82
CA VAL F 95 24.25 -69.18 50.56
C VAL F 95 24.08 -67.84 51.26
N ALA F 96 24.55 -67.78 52.49
CA ALA F 96 24.69 -66.54 53.24
C ALA F 96 26.09 -66.53 53.84
N LYS F 97 26.57 -65.34 54.23
CA LYS F 97 27.96 -65.23 54.63
C LYS F 97 28.15 -64.04 55.54
N VAL F 98 29.22 -64.11 56.34
CA VAL F 98 29.60 -63.07 57.29
C VAL F 98 31.09 -62.78 57.13
N ASP F 99 31.49 -61.61 57.66
CA ASP F 99 32.88 -61.18 57.68
C ASP F 99 33.09 -60.27 58.87
N LEU F 100 34.37 -60.07 59.23
CA LEU F 100 34.73 -59.13 60.28
C LEU F 100 36.14 -58.61 60.04
N ALA F 101 36.35 -57.33 60.37
CA ALA F 101 37.61 -56.65 60.11
C ALA F 101 37.99 -55.81 61.32
N LYS F 102 39.20 -55.26 61.28
CA LYS F 102 39.80 -54.65 62.45
C LYS F 102 40.66 -53.46 62.05
N ALA F 103 40.58 -52.38 62.83
CA ALA F 103 41.41 -51.20 62.66
C ALA F 103 42.07 -50.84 63.98
N THR F 104 43.19 -50.13 63.89
CA THR F 104 43.99 -49.74 65.04
C THR F 104 44.24 -48.24 65.04
N TRP F 105 44.68 -47.73 66.19
CA TRP F 105 45.05 -46.33 66.35
C TRP F 105 45.94 -46.19 67.57
N SER F 106 46.97 -45.33 67.46
CA SER F 106 47.87 -45.10 68.58
C SER F 106 48.53 -43.74 68.41
N PRO F 107 48.71 -42.94 69.48
CA PRO F 107 49.06 -41.53 69.34
C PRO F 107 50.55 -41.24 69.16
N LEU F 108 50.91 -39.96 69.16
CA LEU F 108 52.28 -39.49 69.17
C LEU F 108 52.56 -38.67 70.43
N ALA F 109 53.86 -38.49 70.71
CA ALA F 109 54.33 -37.78 71.88
C ALA F 109 55.24 -36.65 71.46
N PHE F 110 55.08 -35.49 72.09
CA PHE F 110 55.99 -34.37 71.85
C PHE F 110 56.04 -33.43 73.04
N LYS F 111 57.26 -33.10 73.48
CA LYS F 111 57.47 -32.15 74.57
C LYS F 111 58.82 -31.45 74.40
N GLU F 112 59.04 -30.42 75.20
CA GLU F 112 60.19 -29.53 75.08
C GLU F 112 60.41 -28.82 76.41
N SER F 113 61.52 -28.09 76.50
CA SER F 113 61.91 -27.45 77.75
C SER F 113 62.73 -26.19 77.50
N ARG F 114 62.92 -25.41 78.57
CA ARG F 114 63.71 -24.18 78.54
C ARG F 114 64.20 -23.88 79.95
N VAL F 115 65.45 -23.40 80.07
CA VAL F 115 66.08 -23.17 81.36
C VAL F 115 66.66 -21.76 81.41
N TRP F 116 66.67 -21.17 82.61
CA TRP F 116 67.28 -19.86 82.86
C TRP F 116 68.37 -19.99 83.92
N ASP F 117 69.60 -19.66 83.54
CA ASP F 117 70.75 -19.77 84.43
C ASP F 117 70.84 -18.56 85.36
N GLU F 118 71.93 -18.49 86.12
CA GLU F 118 72.01 -17.68 87.33
C GLU F 118 72.47 -16.24 87.07
N LYS F 119 73.17 -15.99 85.97
CA LYS F 119 73.56 -14.63 85.62
C LYS F 119 72.34 -13.75 85.39
N GLU F 120 71.51 -14.11 84.41
CA GLU F 120 70.45 -13.22 83.99
C GLU F 120 69.26 -13.15 84.93
N ILE F 121 69.22 -13.94 86.01
CA ILE F 121 68.08 -13.84 86.93
C ILE F 121 68.15 -12.56 87.74
N LEU F 122 69.36 -12.15 88.15
CA LEU F 122 69.50 -10.91 88.91
C LEU F 122 70.43 -9.90 88.26
N TYR F 123 70.80 -10.07 86.99
CA TYR F 123 71.60 -9.08 86.29
C TYR F 123 70.89 -8.50 85.07
N LEU F 124 69.58 -8.30 85.12
CA LEU F 124 68.94 -7.57 84.05
C LEU F 124 67.78 -6.75 84.57
N GLY F 125 67.77 -5.48 84.17
CA GLY F 125 66.65 -4.57 84.39
C GLY F 125 66.19 -4.06 83.05
N ARG F 126 65.63 -2.86 83.01
CA ARG F 126 65.23 -2.25 81.75
C ARG F 126 66.44 -1.64 81.05
N LEU F 127 66.18 -0.86 80.00
CA LEU F 127 67.25 -0.22 79.26
C LEU F 127 67.26 1.30 79.39
N ALA F 128 66.10 1.91 79.64
CA ALA F 128 66.09 3.35 79.89
C ALA F 128 66.44 3.65 81.34
N ASP F 129 65.61 3.21 82.28
CA ASP F 129 65.79 3.57 83.68
C ASP F 129 66.64 2.51 84.40
N GLU F 130 66.62 2.56 85.72
CA GLU F 130 67.25 1.56 86.58
C GLU F 130 66.17 0.84 87.37
N VAL F 131 66.32 -0.49 87.45
CA VAL F 131 65.30 -1.37 88.03
C VAL F 131 66.00 -2.32 89.00
N GLN F 132 65.33 -2.65 90.10
CA GLN F 132 65.89 -3.49 91.16
C GLN F 132 65.65 -4.99 90.95
N ALA F 133 66.00 -5.49 89.76
CA ALA F 133 66.16 -6.91 89.43
C ALA F 133 64.87 -7.72 89.66
N GLY F 134 63.87 -7.41 88.86
CA GLY F 134 62.65 -8.20 88.85
C GLY F 134 62.04 -8.39 87.48
N VAL F 135 62.84 -8.16 86.43
CA VAL F 135 62.32 -8.18 85.06
C VAL F 135 62.22 -9.61 84.55
N ILE F 136 62.92 -10.55 85.18
CA ILE F 136 62.80 -11.97 84.87
C ILE F 136 61.38 -12.48 85.10
N ASN F 137 60.69 -11.95 86.12
CA ASN F 137 59.30 -12.32 86.35
C ASN F 137 58.40 -11.86 85.23
N GLU F 138 58.76 -10.76 84.57
CA GLU F 138 58.03 -10.31 83.38
C GLU F 138 58.35 -11.17 82.18
N GLN F 139 59.59 -11.64 82.07
CA GLN F 139 60.05 -12.33 80.87
C GLN F 139 59.79 -13.82 80.90
N ILE F 140 59.72 -14.43 82.10
CA ILE F 140 59.31 -15.82 82.18
C ILE F 140 57.80 -15.94 81.93
N ALA F 141 57.02 -14.97 82.41
CA ALA F 141 55.58 -15.00 82.22
C ALA F 141 55.19 -14.91 80.75
N GLU F 142 56.00 -14.21 79.93
CA GLU F 142 55.78 -14.26 78.50
C GLU F 142 56.23 -15.59 77.92
N SER F 143 57.38 -16.09 78.37
CA SER F 143 57.90 -17.35 77.84
C SER F 143 57.07 -18.54 78.29
N LEU F 144 56.32 -18.39 79.39
CA LEU F 144 55.40 -19.43 79.81
C LEU F 144 54.19 -19.48 78.88
N THR F 145 53.66 -18.31 78.53
CA THR F 145 52.53 -18.20 77.60
C THR F 145 52.93 -18.63 76.19
N TRP F 146 54.19 -18.43 75.83
CA TRP F 146 54.66 -18.82 74.51
C TRP F 146 54.66 -20.33 74.33
N LEU F 147 54.96 -21.09 75.38
CA LEU F 147 54.98 -22.54 75.22
C LEU F 147 53.57 -23.13 75.12
N MET F 148 52.57 -22.44 75.67
CA MET F 148 51.18 -22.79 75.38
C MET F 148 50.85 -22.54 73.91
N ALA F 149 51.42 -21.49 73.33
CA ALA F 149 51.19 -21.21 71.91
C ALA F 149 51.96 -22.12 70.98
N ARG F 150 52.82 -22.99 71.50
CA ARG F 150 53.53 -23.98 70.70
C ARG F 150 52.70 -25.23 70.51
N MET F 151 52.05 -25.68 71.58
CA MET F 151 51.28 -26.91 71.55
C MET F 151 49.99 -26.74 70.76
N ARG F 152 49.43 -25.53 70.77
CA ARG F 152 48.32 -25.20 69.89
C ARG F 152 48.79 -25.11 68.44
N ASN F 153 50.04 -24.69 68.23
CA ASN F 153 50.60 -24.58 66.90
C ASN F 153 50.99 -25.94 66.35
N ARG F 154 51.40 -26.87 67.21
CA ARG F 154 51.75 -28.21 66.76
C ARG F 154 50.50 -29.01 66.42
N ARG F 155 49.43 -28.79 67.19
CA ARG F 155 48.15 -29.45 66.92
C ARG F 155 47.60 -29.04 65.56
N ARG F 156 47.61 -27.74 65.26
CA ARG F 156 47.11 -27.27 63.97
C ARG F 156 47.99 -27.69 62.81
N TRP F 157 49.26 -28.00 63.04
CA TRP F 157 50.11 -28.51 61.97
C TRP F 157 49.73 -29.94 61.63
N LEU F 158 49.52 -30.78 62.65
CA LEU F 158 49.13 -32.17 62.45
C LEU F 158 47.75 -32.24 61.81
N THR F 159 46.82 -31.44 62.33
CA THR F 159 45.45 -31.37 61.82
C THR F 159 45.38 -30.94 60.37
N TRP F 160 46.15 -29.91 59.99
CA TRP F 160 46.12 -29.44 58.61
C TRP F 160 46.86 -30.41 57.67
N GLN F 161 47.83 -31.16 58.21
CA GLN F 161 48.55 -32.12 57.41
C GLN F 161 47.66 -33.29 56.99
N VAL F 162 46.64 -33.60 57.79
CA VAL F 162 45.66 -34.59 57.42
C VAL F 162 44.71 -34.04 56.37
N MET F 163 44.24 -32.81 56.59
CA MET F 163 43.27 -32.17 55.70
C MET F 163 43.86 -31.92 54.32
N ARG F 164 45.18 -31.78 54.23
CA ARG F 164 45.85 -31.45 52.98
C ARG F 164 46.27 -32.68 52.19
N THR F 165 46.78 -33.71 52.87
CA THR F 165 47.25 -34.92 52.20
C THR F 165 46.68 -36.22 52.75
N GLY F 166 46.16 -36.24 53.97
CA GLY F 166 45.83 -37.52 54.59
C GLY F 166 47.04 -38.33 54.98
N ARG F 167 48.18 -37.66 55.20
CA ARG F 167 49.47 -38.32 55.38
C ARG F 167 50.26 -37.48 56.36
N ILE F 168 50.45 -37.95 57.59
CA ILE F 168 51.40 -37.32 58.50
C ILE F 168 52.78 -37.87 58.15
N THR F 169 53.60 -37.06 57.50
CA THR F 169 54.97 -37.46 57.16
C THR F 169 55.93 -36.57 57.93
N ILE F 170 56.76 -37.18 58.77
CA ILE F 170 57.76 -36.49 59.57
C ILE F 170 59.11 -37.10 59.24
N GLN F 171 59.93 -36.36 58.54
CA GLN F 171 61.29 -36.71 58.16
C GLN F 171 62.27 -36.21 59.21
N PRO F 172 63.51 -36.75 59.26
CA PRO F 172 64.48 -36.24 60.25
C PRO F 172 64.94 -34.82 59.98
N ASN F 173 65.37 -34.54 58.75
CA ASN F 173 65.78 -33.19 58.37
C ASN F 173 64.53 -32.37 58.17
N ASP F 174 64.09 -31.73 59.25
CA ASP F 174 62.77 -31.10 59.30
C ASP F 174 62.81 -30.04 60.38
N PRO F 175 62.08 -28.95 60.23
CA PRO F 175 61.99 -27.96 61.31
C PRO F 175 61.32 -28.55 62.54
N TYR F 176 61.96 -28.29 63.68
CA TYR F 176 61.50 -28.68 65.02
C TYR F 176 61.42 -30.20 65.16
N ASN F 177 62.35 -30.88 64.51
CA ASN F 177 62.62 -32.29 64.71
C ASN F 177 64.13 -32.47 64.89
N PRO F 178 64.69 -32.07 66.05
CA PRO F 178 66.11 -32.28 66.28
C PRO F 178 66.42 -33.72 66.60
N ASN F 179 65.41 -34.45 67.06
CA ASN F 179 65.60 -35.80 67.51
C ASN F 179 65.71 -36.77 66.35
N GLY F 180 65.26 -36.36 65.17
CA GLY F 180 65.53 -37.08 63.94
C GLY F 180 64.66 -38.30 63.76
N LEU F 181 63.37 -38.15 64.00
CA LEU F 181 62.47 -39.29 64.01
C LEU F 181 61.77 -39.45 62.67
N LYS F 182 61.55 -40.71 62.29
CA LYS F 182 60.82 -41.08 61.09
C LYS F 182 59.39 -41.39 61.44
N TYR F 183 58.45 -40.74 60.74
CA TYR F 183 57.04 -41.12 60.83
C TYR F 183 56.40 -40.94 59.47
N VAL F 184 55.71 -41.97 59.00
CA VAL F 184 54.86 -41.91 57.82
C VAL F 184 53.54 -42.52 58.25
N ILE F 185 52.58 -41.67 58.63
CA ILE F 185 51.29 -42.10 59.15
C ILE F 185 50.27 -41.96 58.04
N ASP F 186 49.89 -43.07 57.43
CA ASP F 186 48.98 -43.07 56.29
C ASP F 186 47.56 -43.22 56.82
N TYR F 187 46.72 -42.24 56.56
CA TYR F 187 45.31 -42.49 56.83
C TYR F 187 44.68 -43.12 55.59
N GLY F 188 43.36 -43.27 55.64
CA GLY F 188 42.69 -43.98 54.57
C GLY F 188 41.85 -43.10 53.67
N VAL F 189 42.32 -41.90 53.37
CA VAL F 189 41.55 -40.98 52.53
C VAL F 189 41.72 -41.39 51.08
N THR F 190 40.62 -41.71 50.43
CA THR F 190 40.63 -42.31 49.10
C THR F 190 40.43 -41.24 48.04
N ASP F 191 41.39 -41.12 47.13
CA ASP F 191 41.37 -40.26 45.95
C ASP F 191 41.17 -38.79 46.35
N ILE F 192 42.19 -38.28 47.05
CA ILE F 192 42.11 -36.93 47.61
C ILE F 192 42.25 -35.87 46.54
N GLU F 193 42.77 -36.20 45.36
CA GLU F 193 42.92 -35.25 44.26
C GLU F 193 41.91 -35.58 43.18
N LEU F 194 40.98 -34.66 42.94
CA LEU F 194 40.05 -34.82 41.84
C LEU F 194 40.77 -34.62 40.51
N PRO F 195 40.54 -35.49 39.52
CA PRO F 195 41.22 -35.31 38.23
C PRO F 195 40.61 -34.17 37.43
N LEU F 196 41.48 -33.39 36.80
CA LEU F 196 41.11 -32.25 35.98
C LEU F 196 42.28 -31.96 35.04
N PRO F 197 42.34 -32.61 33.88
CA PRO F 197 43.53 -32.47 33.02
C PRO F 197 43.64 -31.13 32.32
N GLN F 198 42.58 -30.33 32.29
CA GLN F 198 42.62 -28.98 31.77
C GLN F 198 41.89 -28.07 32.74
N LYS F 199 42.49 -26.93 33.04
CA LYS F 199 42.03 -26.07 34.11
C LYS F 199 40.75 -25.33 33.69
N PHE F 200 40.21 -24.55 34.62
CA PHE F 200 39.06 -23.71 34.31
C PHE F 200 39.44 -22.48 33.51
N ASP F 201 40.73 -22.24 33.31
CA ASP F 201 41.25 -21.10 32.55
C ASP F 201 42.25 -21.57 31.50
N ALA F 202 41.92 -22.64 30.78
CA ALA F 202 42.84 -23.17 29.79
C ALA F 202 42.91 -22.28 28.55
N LYS F 203 41.76 -21.84 28.06
CA LYS F 203 41.59 -20.92 26.94
C LYS F 203 42.25 -21.47 25.66
N ASP F 204 41.68 -22.57 25.20
CA ASP F 204 42.19 -23.26 24.03
C ASP F 204 41.74 -22.51 22.77
N GLY F 205 42.70 -22.08 21.98
CA GLY F 205 42.41 -21.46 20.70
C GLY F 205 42.42 -19.94 20.79
N ASN F 206 41.33 -19.32 20.35
CA ASN F 206 41.31 -17.87 20.23
C ASN F 206 41.02 -17.19 21.57
N GLY F 207 39.83 -17.43 22.12
CA GLY F 207 39.49 -16.84 23.40
C GLY F 207 38.64 -17.74 24.26
N ASN F 208 38.25 -18.88 23.71
CA ASN F 208 37.30 -19.76 24.36
C ASN F 208 38.01 -20.81 25.21
N SER F 209 37.48 -21.08 26.38
CA SER F 209 38.09 -22.07 27.25
C SER F 209 37.62 -23.46 26.88
N ALA F 210 38.09 -24.46 27.61
CA ALA F 210 37.82 -25.84 27.28
C ALA F 210 36.98 -26.58 28.30
N VAL F 211 36.78 -26.03 29.49
CA VAL F 211 36.08 -26.72 30.57
C VAL F 211 34.95 -25.82 31.06
N ASP F 212 33.74 -26.37 31.06
CA ASP F 212 32.61 -25.74 31.73
C ASP F 212 32.63 -26.15 33.19
N PRO F 213 32.93 -25.25 34.11
CA PRO F 213 33.06 -25.65 35.52
C PRO F 213 31.72 -25.83 36.22
N ILE F 214 30.69 -25.12 35.77
CA ILE F 214 29.37 -25.30 36.34
C ILE F 214 28.82 -26.66 35.95
N GLN F 215 29.11 -27.10 34.73
CA GLN F 215 28.77 -28.46 34.34
C GLN F 215 29.65 -29.48 35.06
N TYR F 216 30.91 -29.10 35.34
CA TYR F 216 31.88 -30.02 35.93
C TYR F 216 31.45 -30.46 37.34
N PHE F 217 31.14 -29.50 38.21
CA PHE F 217 30.70 -29.85 39.55
C PHE F 217 29.33 -30.48 39.54
N ARG F 218 28.50 -30.17 38.54
CA ARG F 218 27.21 -30.80 38.42
C ARG F 218 27.33 -32.21 37.85
N ASP F 219 28.39 -32.45 37.08
CA ASP F 219 28.71 -33.80 36.62
C ASP F 219 29.11 -34.68 37.79
N LEU F 220 29.79 -34.10 38.78
CA LEU F 220 30.13 -34.85 39.99
C LEU F 220 28.90 -35.14 40.84
N ILE F 221 27.92 -34.24 40.85
CA ILE F 221 26.72 -34.48 41.64
C ILE F 221 25.86 -35.57 41.00
N LYS F 222 25.83 -35.60 39.66
CA LYS F 222 25.05 -36.62 38.96
C LYS F 222 25.68 -38.00 39.09
N ALA F 223 27.01 -38.06 39.14
CA ALA F 223 27.71 -39.33 39.25
C ALA F 223 27.73 -39.90 40.66
N ALA F 224 27.03 -39.27 41.60
CA ALA F 224 26.99 -39.73 42.98
C ALA F 224 25.55 -39.77 43.48
N THR F 225 24.60 -40.12 42.59
CA THR F 225 23.22 -40.26 43.04
C THR F 225 23.04 -41.52 43.88
N TYR F 226 23.79 -42.57 43.58
CA TYR F 226 23.72 -43.80 44.36
C TYR F 226 25.00 -44.04 45.15
N PHE F 227 25.84 -43.01 45.26
CA PHE F 227 27.02 -42.97 46.11
C PHE F 227 26.81 -41.82 47.08
N PRO F 228 25.99 -41.98 48.12
CA PRO F 228 25.53 -40.81 48.89
C PRO F 228 26.60 -40.17 49.75
N ASP F 229 27.69 -40.86 50.04
CA ASP F 229 28.81 -40.28 50.77
C ASP F 229 29.80 -39.55 49.88
N ARG F 230 29.42 -39.27 48.65
CA ARG F 230 30.37 -38.89 47.62
C ARG F 230 29.87 -37.72 46.79
N ARG F 231 28.66 -37.22 47.04
CA ARG F 231 28.34 -36.00 46.31
C ARG F 231 28.79 -34.77 47.09
N PRO F 232 29.25 -33.73 46.40
CA PRO F 232 29.69 -32.52 47.09
C PRO F 232 28.53 -31.73 47.67
N VAL F 233 28.79 -31.11 48.81
CA VAL F 233 27.83 -30.25 49.48
C VAL F 233 28.32 -28.81 49.52
N ALA F 234 29.61 -28.59 49.78
CA ALA F 234 30.15 -27.25 49.83
C ALA F 234 31.59 -27.25 49.35
N ILE F 235 32.05 -26.05 49.00
CA ILE F 235 33.42 -25.80 48.56
C ILE F 235 33.97 -24.66 49.39
N ILE F 236 35.21 -24.78 49.85
CA ILE F 236 35.92 -23.67 50.47
C ILE F 236 37.10 -23.31 49.59
N VAL F 237 37.18 -22.03 49.20
CA VAL F 237 38.14 -21.57 48.20
C VAL F 237 38.98 -20.45 48.84
N GLY F 238 40.11 -20.14 48.20
CA GLY F 238 40.85 -18.94 48.48
C GLY F 238 40.24 -17.71 47.84
N PRO F 239 41.04 -16.67 47.63
CA PRO F 239 40.49 -15.38 47.19
C PRO F 239 40.08 -15.31 45.72
N GLY F 240 40.89 -15.84 44.81
CA GLY F 240 40.71 -15.56 43.40
C GLY F 240 39.81 -16.49 42.63
N PHE F 241 38.60 -16.74 43.13
CA PHE F 241 37.72 -17.70 42.50
C PHE F 241 36.78 -17.06 41.50
N ASP F 242 36.31 -15.85 41.78
CA ASP F 242 35.43 -15.17 40.84
C ASP F 242 36.17 -14.65 39.63
N GLU F 243 37.46 -14.36 39.79
CA GLU F 243 38.26 -13.89 38.67
C GLU F 243 38.50 -15.01 37.67
N VAL F 244 38.55 -16.25 38.13
CA VAL F 244 38.63 -17.39 37.24
C VAL F 244 37.29 -17.58 36.52
N LEU F 245 36.18 -17.43 37.24
CA LEU F 245 34.87 -17.68 36.66
C LEU F 245 34.46 -16.63 35.63
N ALA F 246 34.85 -15.37 35.84
CA ALA F 246 34.38 -14.31 34.96
C ALA F 246 35.04 -14.33 33.60
N ASP F 247 36.18 -14.99 33.45
CA ASP F 247 36.93 -15.00 32.21
C ASP F 247 36.89 -16.36 31.52
N ASN F 248 35.73 -17.01 31.53
CA ASN F 248 35.67 -18.44 31.25
C ASN F 248 35.00 -18.82 29.93
N THR F 249 34.13 -17.97 29.38
CA THR F 249 33.38 -18.13 28.12
C THR F 249 32.35 -19.27 28.13
N PHE F 250 32.28 -20.07 29.19
CA PHE F 250 31.14 -20.93 29.48
C PHE F 250 30.26 -20.33 30.54
N VAL F 251 30.87 -19.86 31.63
CA VAL F 251 30.15 -19.23 32.73
C VAL F 251 29.54 -17.92 32.28
N GLN F 252 30.20 -17.26 31.33
CA GLN F 252 29.73 -16.00 30.77
C GLN F 252 28.38 -16.16 30.09
N LYS F 253 28.20 -17.27 29.35
CA LYS F 253 26.93 -17.57 28.71
C LYS F 253 25.84 -17.90 29.71
N TYR F 254 26.19 -18.33 30.92
CA TYR F 254 25.20 -18.44 31.98
C TYR F 254 24.83 -17.08 32.57
N VAL F 255 25.79 -16.15 32.60
CA VAL F 255 25.53 -14.81 33.12
C VAL F 255 24.65 -14.04 32.14
N GLU F 256 24.91 -14.21 30.85
CA GLU F 256 24.12 -13.57 29.81
C GLU F 256 22.69 -14.09 29.77
N TYR F 257 22.48 -15.37 30.09
CA TYR F 257 21.16 -15.98 29.94
C TYR F 257 20.19 -15.47 31.00
N GLU F 258 20.65 -15.27 32.23
CA GLU F 258 19.74 -14.86 33.29
C GLU F 258 19.39 -13.38 33.25
N LYS F 259 19.97 -12.62 32.31
CA LYS F 259 19.64 -11.21 32.17
C LYS F 259 19.19 -10.83 30.78
N GLY F 260 19.40 -11.68 29.77
CA GLY F 260 18.96 -11.38 28.44
C GLY F 260 19.99 -10.73 27.55
N TRP F 261 21.27 -11.03 27.77
CA TRP F 261 22.34 -10.32 27.08
C TRP F 261 22.81 -11.14 25.88
N VAL F 262 22.16 -10.95 24.75
CA VAL F 262 22.74 -11.32 23.47
C VAL F 262 23.64 -10.15 23.09
N VAL F 263 24.89 -10.44 22.72
CA VAL F 263 25.90 -9.39 22.60
C VAL F 263 25.76 -8.62 21.30
N GLY F 264 25.45 -9.31 20.20
CA GLY F 264 25.35 -8.64 18.91
C GLY F 264 24.17 -7.70 18.79
N GLN F 265 23.18 -7.82 19.67
CA GLN F 265 22.04 -6.92 19.74
C GLN F 265 21.96 -6.40 21.16
N ASN F 266 20.94 -5.58 21.43
CA ASN F 266 20.33 -5.41 22.76
C ASN F 266 21.20 -4.72 23.81
N THR F 267 22.53 -4.74 23.64
CA THR F 267 23.58 -4.32 24.56
C THR F 267 24.92 -4.40 23.85
N VAL F 268 25.80 -3.44 24.13
CA VAL F 268 27.23 -3.70 23.96
C VAL F 268 27.64 -4.62 25.10
N GLN F 269 28.70 -5.41 24.90
CA GLN F 269 29.11 -6.38 25.91
C GLN F 269 29.55 -5.66 27.19
N PRO F 270 29.12 -6.12 28.36
CA PRO F 270 29.29 -5.35 29.59
C PRO F 270 30.74 -5.35 30.04
N PRO F 271 31.13 -4.42 30.91
CA PRO F 271 32.44 -4.51 31.54
C PRO F 271 32.50 -5.66 32.54
N ARG F 272 33.70 -5.97 33.00
CA ARG F 272 33.92 -7.07 33.93
C ARG F 272 33.49 -6.77 35.35
N GLU F 273 32.86 -5.63 35.64
CA GLU F 273 32.35 -5.38 36.98
C GLU F 273 31.09 -6.19 37.23
N VAL F 274 30.04 -5.96 36.43
CA VAL F 274 28.78 -6.69 36.57
C VAL F 274 28.96 -8.14 36.13
N TYR F 275 29.92 -8.37 35.25
CA TYR F 275 30.20 -9.67 34.67
C TYR F 275 30.84 -10.62 35.68
N ARG F 276 31.36 -10.08 36.79
CA ARG F 276 31.98 -10.82 37.88
C ARG F 276 31.20 -10.71 39.19
N GLN F 277 30.45 -9.62 39.37
CA GLN F 277 29.64 -9.43 40.58
C GLN F 277 28.53 -10.47 40.67
N ALA F 278 28.04 -10.96 39.54
CA ALA F 278 27.00 -11.98 39.51
C ALA F 278 27.55 -13.38 39.32
N ALA F 279 28.87 -13.57 39.43
CA ALA F 279 29.46 -14.87 39.12
C ALA F 279 29.31 -15.88 40.25
N LEU F 280 29.22 -15.43 41.50
CA LEU F 280 29.03 -16.36 42.61
C LEU F 280 27.65 -16.96 42.62
N ASP F 281 26.62 -16.12 42.48
CA ASP F 281 25.25 -16.58 42.66
C ASP F 281 24.80 -17.49 41.52
N ILE F 282 25.33 -17.30 40.32
CA ILE F 282 24.99 -18.19 39.22
C ILE F 282 25.72 -19.52 39.39
N PHE F 283 26.88 -19.52 40.05
CA PHE F 283 27.52 -20.77 40.40
C PHE F 283 26.77 -21.48 41.52
N LYS F 284 26.15 -20.71 42.42
CA LYS F 284 25.40 -21.32 43.52
C LYS F 284 24.02 -21.78 43.09
N ARG F 285 23.41 -21.13 42.10
CA ARG F 285 22.07 -21.51 41.68
C ARG F 285 22.09 -22.71 40.74
N TYR F 286 23.13 -22.85 39.93
CA TYR F 286 23.15 -23.88 38.91
C TYR F 286 23.96 -25.12 39.31
N THR F 287 24.68 -25.06 40.43
CA THR F 287 25.27 -26.26 41.02
C THR F 287 24.64 -26.62 42.35
N GLY F 288 23.92 -25.70 42.99
CA GLY F 288 23.18 -25.98 44.20
C GLY F 288 24.00 -26.05 45.47
N LEU F 289 25.32 -26.00 45.38
CA LEU F 289 26.20 -26.19 46.52
C LEU F 289 26.60 -24.85 47.12
N GLU F 290 27.33 -24.91 48.23
CA GLU F 290 27.73 -23.73 48.97
C GLU F 290 29.19 -23.39 48.70
N VAL F 291 29.51 -22.10 48.80
CA VAL F 291 30.87 -21.60 48.62
C VAL F 291 31.22 -20.77 49.84
N MET F 292 32.31 -21.13 50.52
CA MET F 292 32.84 -20.35 51.64
C MET F 292 34.22 -19.85 51.26
N VAL F 293 34.51 -18.60 51.58
CA VAL F 293 35.78 -17.99 51.22
C VAL F 293 36.66 -17.93 52.46
N TYR F 294 37.85 -18.50 52.37
CA TYR F 294 38.83 -18.49 53.45
C TYR F 294 40.08 -17.82 52.89
N ASP F 295 40.17 -16.51 53.05
CA ASP F 295 41.23 -15.70 52.48
C ASP F 295 42.39 -15.46 53.45
N LYS F 296 42.48 -16.26 54.51
CA LYS F 296 43.41 -16.00 55.59
C LYS F 296 44.83 -16.41 55.19
N THR F 297 45.81 -15.65 55.66
CA THR F 297 47.15 -15.66 55.10
C THR F 297 48.19 -16.07 56.14
N TYR F 298 49.42 -16.27 55.64
CA TYR F 298 50.60 -16.44 56.47
C TYR F 298 51.80 -16.00 55.65
N ARG F 299 52.91 -15.77 56.33
CA ARG F 299 54.13 -15.32 55.67
C ARG F 299 55.13 -16.46 55.57
N ASP F 300 55.61 -16.70 54.36
CA ASP F 300 56.59 -17.74 54.09
C ASP F 300 57.94 -17.34 54.67
N GLN F 301 58.85 -18.31 54.75
CA GLN F 301 60.18 -18.06 55.28
C GLN F 301 60.99 -17.19 54.34
N ASP F 302 61.23 -17.66 53.12
CA ASP F 302 61.92 -16.86 52.13
C ASP F 302 60.94 -16.09 51.24
N GLY F 303 59.81 -16.70 50.92
CA GLY F 303 58.87 -16.12 49.99
C GLY F 303 58.05 -14.99 50.58
N SER F 304 57.03 -14.61 49.84
CA SER F 304 56.13 -13.54 50.22
C SER F 304 55.00 -14.10 51.08
N VAL F 305 53.96 -13.28 51.27
CA VAL F 305 52.76 -13.71 51.97
C VAL F 305 52.02 -14.74 51.12
N LYS F 306 51.64 -15.86 51.73
CA LYS F 306 50.89 -16.90 51.06
C LYS F 306 49.58 -17.16 51.79
N TYR F 307 48.66 -17.82 51.09
CA TYR F 307 47.38 -18.18 51.65
C TYR F 307 47.43 -19.60 52.18
N TRP F 308 46.57 -19.89 53.16
CA TRP F 308 46.52 -21.23 53.74
C TRP F 308 45.98 -22.24 52.74
N ILE F 309 44.78 -21.99 52.22
CA ILE F 309 44.31 -22.68 51.02
C ILE F 309 45.01 -22.01 49.86
N PRO F 310 45.83 -22.74 49.09
CA PRO F 310 46.63 -22.10 48.04
C PRO F 310 45.77 -21.53 46.92
N VAL F 311 46.46 -20.86 46.00
CA VAL F 311 45.82 -19.82 45.18
C VAL F 311 44.93 -20.45 44.13
N GLY F 312 45.46 -21.38 43.33
CA GLY F 312 44.65 -22.05 42.35
C GLY F 312 44.15 -23.41 42.80
N GLU F 313 43.75 -23.53 44.06
CA GLU F 313 43.33 -24.79 44.64
C GLU F 313 42.11 -24.56 45.53
N LEU F 314 41.32 -25.63 45.71
CA LEU F 314 40.14 -25.57 46.56
C LEU F 314 39.88 -26.95 47.15
N ILE F 315 39.02 -26.98 48.17
CA ILE F 315 38.61 -28.23 48.79
C ILE F 315 37.14 -28.47 48.49
N VAL F 316 36.78 -29.74 48.43
CA VAL F 316 35.44 -30.17 48.07
C VAL F 316 34.91 -31.01 49.22
N LEU F 317 33.95 -30.48 49.96
CA LEU F 317 33.34 -31.22 51.06
C LEU F 317 32.23 -32.10 50.53
N ASN F 318 32.29 -33.39 50.86
CA ASN F 318 31.24 -34.34 50.54
C ASN F 318 30.15 -34.29 51.61
N GLN F 319 29.37 -35.36 51.73
CA GLN F 319 27.97 -35.39 52.17
C GLN F 319 27.54 -34.49 53.33
N SER F 320 28.45 -34.13 54.23
CA SER F 320 28.11 -33.22 55.30
C SER F 320 29.20 -32.17 55.45
N THR F 321 28.83 -31.00 55.96
CA THR F 321 29.76 -29.94 56.29
C THR F 321 30.07 -29.89 57.77
N GLY F 322 29.83 -30.98 58.49
CA GLY F 322 30.15 -31.05 59.89
C GLY F 322 31.60 -31.43 60.11
N PRO F 323 31.94 -31.81 61.34
CA PRO F 323 33.33 -32.13 61.65
C PRO F 323 33.78 -33.43 61.00
N VAL F 324 34.98 -33.39 60.41
CA VAL F 324 35.53 -34.51 59.67
C VAL F 324 36.70 -35.07 60.48
N GLY F 325 36.44 -36.04 61.32
CA GLY F 325 37.49 -36.60 62.16
C GLY F 325 37.36 -36.19 63.62
N ARG F 326 38.47 -36.31 64.33
CA ARG F 326 38.57 -35.98 65.76
C ARG F 326 40.05 -35.92 66.16
N PHE F 327 40.40 -34.98 67.03
CA PHE F 327 41.73 -34.92 67.61
C PHE F 327 41.65 -35.45 69.03
N VAL F 328 42.49 -36.42 69.35
CA VAL F 328 42.34 -37.16 70.61
C VAL F 328 43.57 -36.93 71.48
N TYR F 329 43.34 -36.55 72.74
CA TYR F 329 44.41 -36.48 73.72
C TYR F 329 44.44 -37.77 74.51
N THR F 330 45.62 -38.34 74.67
CA THR F 330 45.77 -39.55 75.45
C THR F 330 46.47 -39.22 76.77
N ALA F 331 46.67 -40.25 77.59
CA ALA F 331 47.04 -40.04 78.98
C ALA F 331 48.51 -39.72 79.14
N HIS F 332 48.81 -38.85 80.09
CA HIS F 332 50.16 -38.48 80.46
C HIS F 332 50.34 -38.65 81.96
N VAL F 333 51.54 -39.06 82.36
CA VAL F 333 51.84 -39.33 83.76
C VAL F 333 51.96 -38.00 84.50
N ALA F 334 50.98 -37.68 85.33
CA ALA F 334 51.09 -36.59 86.29
C ALA F 334 51.79 -37.12 87.54
N GLY F 335 51.79 -36.34 88.62
CA GLY F 335 52.39 -36.78 89.85
C GLY F 335 51.53 -37.78 90.60
N GLN F 336 52.01 -38.17 91.77
CA GLN F 336 51.24 -39.05 92.64
C GLN F 336 50.39 -38.23 93.59
N ARG F 337 49.38 -38.87 94.17
CA ARG F 337 48.51 -38.18 95.12
C ARG F 337 48.53 -38.82 96.49
N ASN F 338 48.37 -40.13 96.59
CA ASN F 338 48.44 -40.85 97.86
C ASN F 338 49.25 -42.11 97.70
N GLY F 339 50.41 -41.99 97.04
CA GLY F 339 51.19 -43.15 96.68
C GLY F 339 50.77 -43.81 95.39
N LYS F 340 49.67 -43.39 94.80
CA LYS F 340 49.16 -43.92 93.54
C LYS F 340 49.45 -42.95 92.42
N VAL F 341 49.87 -43.49 91.27
CA VAL F 341 50.17 -42.67 90.12
C VAL F 341 48.88 -42.12 89.54
N VAL F 342 48.83 -40.79 89.36
CA VAL F 342 47.67 -40.11 88.80
C VAL F 342 48.02 -39.67 87.39
N TYR F 343 47.04 -39.74 86.50
CA TYR F 343 47.24 -39.45 85.09
C TYR F 343 46.39 -38.25 84.70
N ALA F 344 46.69 -37.71 83.52
CA ALA F 344 45.98 -36.55 83.01
C ALA F 344 46.16 -36.49 81.50
N THR F 345 45.16 -35.96 80.81
CA THR F 345 45.23 -35.78 79.37
C THR F 345 45.30 -34.30 79.02
N GLY F 346 45.73 -34.03 77.79
CA GLY F 346 45.79 -32.67 77.30
C GLY F 346 47.15 -32.07 77.53
N PRO F 347 47.33 -30.80 77.14
CA PRO F 347 48.64 -30.16 77.30
C PRO F 347 48.92 -29.81 78.75
N TYR F 348 50.13 -30.16 79.20
CA TYR F 348 50.56 -29.92 80.57
C TYR F 348 51.72 -28.93 80.55
N LEU F 349 52.05 -28.43 81.74
CA LEU F 349 53.08 -27.40 81.87
C LEU F 349 53.67 -27.54 83.27
N THR F 350 54.82 -28.21 83.38
CA THR F 350 55.43 -28.50 84.66
C THR F 350 56.55 -27.51 84.95
N VAL F 351 56.66 -27.11 86.21
CA VAL F 351 57.59 -26.10 86.67
C VAL F 351 58.59 -26.75 87.62
N LYS F 352 59.88 -26.59 87.34
CA LYS F 352 60.94 -27.10 88.20
C LYS F 352 61.81 -25.95 88.67
N ASP F 353 61.65 -25.55 89.93
CA ASP F 353 62.44 -24.48 90.51
C ASP F 353 63.64 -25.06 91.27
N HIS F 354 64.82 -24.94 90.70
CA HIS F 354 66.07 -25.27 91.36
C HIS F 354 66.79 -24.02 91.83
N LEU F 355 66.02 -23.05 92.33
CA LEU F 355 66.52 -21.75 92.72
C LEU F 355 67.37 -21.77 93.97
N GLN F 356 67.48 -22.92 94.65
CA GLN F 356 68.40 -23.07 95.79
C GLN F 356 69.22 -24.34 95.58
N ASP F 357 70.27 -24.22 94.79
CA ASP F 357 71.40 -25.13 94.78
C ASP F 357 72.61 -24.31 94.36
N ASP F 358 73.71 -24.96 94.00
CA ASP F 358 74.94 -24.18 93.97
C ASP F 358 75.09 -23.35 92.68
N PRO F 359 74.81 -23.85 91.48
CA PRO F 359 74.34 -22.95 90.40
C PRO F 359 72.82 -22.90 90.31
N PRO F 360 72.15 -22.02 91.06
CA PRO F 360 70.68 -22.02 91.06
C PRO F 360 70.08 -21.61 89.72
N TYR F 361 69.13 -22.41 89.23
CA TYR F 361 68.53 -22.22 87.92
C TYR F 361 67.03 -22.45 88.03
N TYR F 362 66.35 -22.52 86.88
CA TYR F 362 64.91 -22.56 86.83
C TYR F 362 64.49 -23.07 85.45
N ALA F 363 63.52 -23.99 85.41
CA ALA F 363 63.16 -24.63 84.16
C ALA F 363 61.65 -24.72 84.02
N ILE F 364 61.21 -24.87 82.77
CA ILE F 364 59.81 -25.04 82.38
C ILE F 364 59.76 -26.15 81.34
N ILE F 365 58.85 -27.11 81.51
CA ILE F 365 58.67 -28.21 80.57
C ILE F 365 57.21 -28.26 80.14
N ALA F 366 56.97 -28.29 78.83
CA ALA F 366 55.63 -28.35 78.27
C ALA F 366 55.56 -29.45 77.21
N GLY F 367 54.40 -30.09 77.12
CA GLY F 367 54.16 -31.07 76.07
C GLY F 367 52.77 -31.66 76.20
N PHE F 368 52.49 -32.68 75.38
CA PHE F 368 51.38 -33.63 75.58
C PHE F 368 51.50 -34.79 74.60
N HIS F 369 50.53 -35.70 74.71
CA HIS F 369 50.40 -36.89 73.89
C HIS F 369 49.13 -36.76 73.07
N GLY F 370 49.18 -37.08 71.79
CA GLY F 370 47.99 -37.03 70.97
C GLY F 370 48.28 -37.31 69.51
N LEU F 371 47.18 -37.43 68.75
CA LEU F 371 47.17 -37.62 67.30
C LEU F 371 45.75 -37.41 66.81
N PRO F 372 45.54 -36.92 65.58
CA PRO F 372 44.17 -36.86 65.04
C PRO F 372 43.68 -38.22 64.58
N GLN F 373 42.35 -38.34 64.54
CA GLN F 373 41.70 -39.58 64.16
C GLN F 373 40.50 -39.27 63.29
N LEU F 374 40.35 -39.97 62.18
CA LEU F 374 39.18 -39.80 61.33
C LEU F 374 37.99 -40.56 61.92
N SER F 375 36.79 -40.05 61.68
CA SER F 375 35.62 -40.49 62.42
C SER F 375 35.14 -41.87 61.97
N GLY F 376 34.74 -42.01 60.72
CA GLY F 376 34.15 -43.27 60.29
C GLY F 376 34.34 -43.57 58.83
N TYR F 377 34.60 -44.83 58.50
CA TYR F 377 34.81 -45.23 57.13
C TYR F 377 33.55 -45.92 56.60
N ASN F 378 33.56 -46.20 55.31
CA ASN F 378 32.42 -46.85 54.66
C ASN F 378 32.43 -48.34 54.97
N THR F 379 31.32 -48.84 55.49
CA THR F 379 31.26 -50.24 55.94
C THR F 379 31.26 -51.23 54.78
N GLU F 380 30.85 -50.81 53.59
CA GLU F 380 30.79 -51.74 52.47
C GLU F 380 32.19 -52.03 51.94
N ASP F 381 32.85 -51.01 51.42
CA ASP F 381 34.26 -51.06 51.08
C ASP F 381 34.93 -49.91 51.82
N PHE F 382 36.01 -50.22 52.54
CA PHE F 382 36.52 -49.32 53.58
C PHE F 382 37.23 -48.14 52.91
N SER F 383 36.42 -47.15 52.54
CA SER F 383 36.88 -45.97 51.83
C SER F 383 36.46 -44.74 52.61
N PHE F 384 37.33 -43.72 52.59
CA PHE F 384 37.04 -42.45 53.21
C PHE F 384 37.19 -41.37 52.15
N HIS F 385 36.10 -40.65 51.89
CA HIS F 385 36.14 -39.51 50.98
C HIS F 385 35.13 -38.48 51.48
N ARG F 386 35.61 -37.58 52.34
CA ARG F 386 34.85 -36.45 52.82
C ARG F 386 35.38 -35.11 52.34
N PHE F 387 36.66 -35.06 52.02
CA PHE F 387 37.29 -33.86 51.51
C PHE F 387 38.20 -34.25 50.37
N LYS F 388 38.15 -33.48 49.29
CA LYS F 388 39.01 -33.71 48.13
C LYS F 388 39.54 -32.38 47.63
N TRP F 389 40.73 -32.42 47.06
CA TRP F 389 41.43 -31.24 46.60
C TRP F 389 41.39 -31.13 45.08
N LEU F 390 41.13 -29.92 44.58
CA LEU F 390 41.03 -29.67 43.15
C LEU F 390 41.93 -28.50 42.80
N LYS F 391 42.93 -28.75 41.94
CA LYS F 391 43.74 -27.69 41.34
C LYS F 391 42.98 -27.17 40.12
N TYR F 392 42.30 -26.04 40.28
CA TYR F 392 41.32 -25.62 39.27
C TYR F 392 41.86 -24.62 38.25
N ALA F 393 42.94 -23.91 38.56
CA ALA F 393 43.48 -22.92 37.62
C ALA F 393 44.95 -22.71 37.94
N ASN F 394 45.61 -21.93 37.09
CA ASN F 394 47.05 -21.69 37.20
C ASN F 394 47.39 -20.23 37.50
N ASN F 395 46.94 -19.31 36.66
CA ASN F 395 47.38 -17.92 36.73
C ASN F 395 46.37 -17.10 37.52
N VAL F 396 46.29 -17.37 38.82
CA VAL F 396 45.31 -16.73 39.67
C VAL F 396 45.99 -15.60 40.43
N GLN F 397 47.31 -15.72 40.63
CA GLN F 397 48.06 -14.66 41.28
C GLN F 397 48.15 -13.39 40.46
N SER F 398 47.94 -13.47 39.15
CA SER F 398 47.85 -12.27 38.32
C SER F 398 46.57 -11.49 38.59
N TYR F 399 45.58 -12.08 39.23
CA TYR F 399 44.34 -11.41 39.59
C TYR F 399 44.37 -10.85 41.00
N LEU F 400 45.53 -10.81 41.64
CA LEU F 400 45.56 -10.56 43.08
C LEU F 400 46.45 -9.37 43.41
N PRO F 401 46.11 -8.60 44.44
CA PRO F 401 46.96 -7.47 44.81
C PRO F 401 48.23 -7.95 45.48
N PRO F 402 49.32 -7.20 45.37
CA PRO F 402 50.57 -7.60 46.02
C PRO F 402 50.50 -7.37 47.53
N PHE F 403 51.51 -7.90 48.21
CA PHE F 403 51.57 -7.77 49.65
C PHE F 403 52.76 -6.91 50.07
N PRO F 404 52.64 -6.19 51.20
CA PRO F 404 53.79 -5.43 51.71
C PRO F 404 54.90 -6.37 52.17
N PRO F 405 56.15 -6.04 51.89
CA PRO F 405 57.26 -6.79 52.47
C PRO F 405 57.36 -6.54 53.96
N LYS F 406 58.02 -7.46 54.65
CA LYS F 406 58.10 -7.40 56.11
C LYS F 406 59.11 -6.35 56.54
N VAL F 407 58.66 -5.43 57.38
CA VAL F 407 59.52 -4.35 57.87
C VAL F 407 60.43 -4.90 58.96
N GLU F 408 61.73 -4.71 58.79
CA GLU F 408 62.74 -5.28 59.68
C GLU F 408 63.61 -4.16 60.23
N LEU F 409 63.53 -3.95 61.55
CA LEU F 409 64.37 -2.94 62.21
C LEU F 409 65.82 -3.38 62.26
N MET G 1 2.64 106.04 -30.20
CA MET G 1 2.96 106.63 -28.91
C MET G 1 2.55 108.09 -28.87
N ARG G 2 2.90 108.76 -27.77
CA ARG G 2 2.64 110.18 -27.63
C ARG G 2 3.79 110.79 -26.85
N VAL G 3 4.19 112.00 -27.25
CA VAL G 3 5.24 112.73 -26.56
C VAL G 3 4.71 113.10 -25.19
N PRO G 4 5.39 112.72 -24.11
CA PRO G 4 4.83 112.95 -22.77
C PRO G 4 4.94 114.39 -22.34
N ILE G 5 3.94 115.19 -22.72
CA ILE G 5 3.88 116.59 -22.32
C ILE G 5 2.61 116.79 -21.51
N ASN G 6 2.44 118.01 -21.01
CA ASN G 6 1.17 118.46 -20.46
C ASN G 6 0.60 119.49 -21.42
N ILE G 7 -0.62 119.22 -21.91
CA ILE G 7 -1.21 120.03 -22.97
C ILE G 7 -1.55 121.43 -22.45
N ASN G 8 -2.14 121.50 -21.26
CA ASN G 8 -2.65 122.77 -20.74
C ASN G 8 -1.50 123.70 -20.35
N ASN G 9 -0.41 123.15 -19.80
CA ASN G 9 0.70 124.02 -19.40
C ASN G 9 1.50 124.50 -20.61
N ALA G 10 1.78 123.61 -21.57
CA ALA G 10 2.67 123.94 -22.68
C ALA G 10 2.13 125.01 -23.60
N LEU G 11 0.81 125.22 -23.62
CA LEU G 11 0.25 126.36 -24.32
C LEU G 11 0.55 127.65 -23.57
N ALA G 12 0.53 127.60 -22.24
CA ALA G 12 0.83 128.79 -21.44
C ALA G 12 2.33 129.09 -21.38
N ARG G 13 3.18 128.07 -21.44
CA ARG G 13 4.61 128.30 -21.19
C ARG G 13 5.31 128.96 -22.37
N VAL G 14 4.85 128.74 -23.60
CA VAL G 14 5.53 129.33 -24.77
C VAL G 14 4.86 130.69 -24.97
N ARG G 15 5.26 131.64 -24.13
CA ARG G 15 4.76 133.02 -24.07
C ARG G 15 5.80 133.80 -23.30
N ASP G 16 6.27 134.90 -23.86
CA ASP G 16 7.27 135.70 -23.16
C ASP G 16 6.61 136.46 -22.02
N PRO G 17 7.01 136.22 -20.76
CA PRO G 17 6.36 136.91 -19.64
C PRO G 17 6.81 138.35 -19.46
N LEU G 18 7.91 138.76 -20.10
CA LEU G 18 8.51 140.07 -19.90
C LEU G 18 8.77 140.74 -21.25
N SER G 19 7.78 140.74 -22.12
CA SER G 19 7.87 141.37 -23.43
C SER G 19 6.93 142.56 -23.49
N ILE G 20 7.46 143.73 -23.84
CA ILE G 20 6.69 144.96 -24.00
C ILE G 20 6.89 145.47 -25.41
N GLY G 21 5.79 145.72 -26.11
CA GLY G 21 5.83 146.07 -27.53
C GLY G 21 6.05 147.54 -27.79
N GLY G 22 5.44 148.01 -28.90
CA GLY G 22 5.58 149.41 -29.27
C GLY G 22 4.85 150.35 -28.33
N LEU G 23 3.73 149.91 -27.79
CA LEU G 23 3.17 150.55 -26.60
C LEU G 23 4.11 150.24 -25.43
N LYS G 24 4.31 151.23 -24.57
CA LYS G 24 5.31 151.11 -23.53
C LYS G 24 4.79 150.42 -22.27
N PHE G 25 3.74 149.63 -22.37
CA PHE G 25 3.13 148.98 -21.24
C PHE G 25 2.47 147.68 -21.73
N PRO G 26 2.27 146.71 -20.84
CA PRO G 26 1.59 145.48 -21.26
C PRO G 26 0.12 145.70 -21.57
N THR G 27 -0.37 144.96 -22.55
CA THR G 27 -1.72 145.12 -23.07
C THR G 27 -2.63 144.00 -22.60
N THR G 28 -3.93 144.27 -22.66
CA THR G 28 -4.92 143.24 -22.42
C THR G 28 -5.13 142.43 -23.68
N LYS G 29 -5.39 141.14 -23.52
CA LYS G 29 -5.50 140.25 -24.66
C LYS G 29 -6.36 139.06 -24.27
N GLU G 30 -6.91 138.40 -25.29
CA GLU G 30 -7.73 137.21 -25.09
C GLU G 30 -7.19 136.14 -26.03
N ILE G 31 -6.95 134.95 -25.47
CA ILE G 31 -6.19 133.90 -26.13
C ILE G 31 -7.08 132.68 -26.32
N GLN G 32 -7.18 132.21 -27.55
CA GLN G 32 -7.83 130.94 -27.86
C GLN G 32 -6.79 129.85 -27.97
N GLU G 33 -7.05 128.72 -27.31
CA GLU G 33 -6.17 127.56 -27.35
C GLU G 33 -6.77 126.50 -28.24
N ALA G 34 -5.96 125.95 -29.15
CA ALA G 34 -6.41 124.94 -30.09
C ALA G 34 -5.42 123.79 -30.09
N VAL G 35 -5.95 122.58 -30.03
CA VAL G 35 -5.14 121.35 -29.99
C VAL G 35 -5.49 120.52 -31.21
N ALA G 36 -4.49 120.17 -31.99
CA ALA G 36 -4.67 119.39 -33.21
C ALA G 36 -3.96 118.04 -33.08
N ALA G 37 -4.62 116.99 -33.55
CA ALA G 37 -4.05 115.65 -33.57
C ALA G 37 -3.86 115.25 -35.03
N ILE G 38 -2.63 115.37 -35.52
CA ILE G 38 -2.32 115.09 -36.91
C ILE G 38 -1.98 113.62 -37.06
N ALA G 39 -2.71 112.94 -37.94
CA ALA G 39 -2.44 111.57 -38.31
C ALA G 39 -2.49 111.44 -39.83
N ASP G 40 -1.75 110.46 -40.35
CA ASP G 40 -1.78 110.18 -41.78
C ASP G 40 -3.13 109.56 -42.12
N LYS G 41 -3.99 110.34 -42.78
CA LYS G 41 -5.33 109.87 -43.10
C LYS G 41 -5.32 108.84 -44.22
N PHE G 42 -4.28 108.80 -45.04
CA PHE G 42 -4.23 107.91 -46.18
C PHE G 42 -3.63 106.55 -45.87
N ASN G 43 -3.21 106.31 -44.63
CA ASN G 43 -2.69 105.01 -44.22
C ASN G 43 -3.71 104.37 -43.30
N GLN G 44 -4.68 103.70 -43.89
CA GLN G 44 -5.82 103.14 -43.16
C GLN G 44 -5.73 101.62 -43.09
N GLU G 45 -6.56 101.05 -42.23
CA GLU G 45 -6.56 99.61 -42.00
C GLU G 45 -7.39 98.89 -43.04
N ASN G 46 -7.15 97.58 -43.16
CA ASN G 46 -7.89 96.73 -44.08
C ASN G 46 -8.99 96.05 -43.25
N ASP G 47 -10.07 96.79 -43.02
CA ASP G 47 -11.19 96.32 -42.22
C ASP G 47 -12.18 95.48 -43.02
N LEU G 48 -11.91 95.25 -44.31
CA LEU G 48 -12.84 94.49 -45.14
C LEU G 48 -12.89 93.03 -44.76
N VAL G 49 -11.73 92.46 -44.41
CA VAL G 49 -11.60 91.02 -44.25
C VAL G 49 -11.78 90.58 -42.80
N ASP G 50 -12.14 91.50 -41.92
CA ASP G 50 -12.45 91.11 -40.55
C ASP G 50 -13.78 90.36 -40.50
N ARG G 51 -14.69 90.67 -41.42
CA ARG G 51 -16.00 90.03 -41.46
C ARG G 51 -16.00 88.78 -42.33
N PHE G 52 -15.02 88.60 -43.20
CA PHE G 52 -15.01 87.42 -44.06
C PHE G 52 -14.68 86.13 -43.34
N PHE G 53 -14.20 86.19 -42.09
CA PHE G 53 -14.36 85.13 -41.08
C PHE G 53 -14.05 85.57 -39.67
N PRO G 54 -14.83 85.12 -38.68
CA PRO G 54 -14.49 85.37 -37.28
C PRO G 54 -13.49 84.37 -36.73
N GLU G 55 -13.27 84.41 -35.43
CA GLU G 55 -12.16 83.73 -34.79
C GLU G 55 -12.63 82.67 -33.80
N ASP G 56 -11.84 81.59 -33.68
CA ASP G 56 -12.10 80.51 -32.72
C ASP G 56 -10.87 80.13 -31.91
N SER G 57 -10.98 79.06 -31.13
CA SER G 57 -9.93 78.65 -30.20
C SER G 57 -10.10 77.18 -29.88
N THR G 58 -9.02 76.40 -29.98
CA THR G 58 -9.11 74.95 -29.93
C THR G 58 -8.43 74.28 -28.75
N PHE G 59 -7.47 74.95 -28.09
CA PHE G 59 -6.57 74.38 -27.07
C PHE G 59 -5.76 73.19 -27.58
N ALA G 60 -5.53 73.09 -28.88
CA ALA G 60 -4.77 71.98 -29.44
C ALA G 60 -3.85 72.53 -30.51
N SER G 61 -2.76 71.80 -30.77
CA SER G 61 -1.70 72.30 -31.62
C SER G 61 -1.82 71.86 -33.07
N GLU G 62 -2.75 70.96 -33.38
CA GLU G 62 -3.00 70.52 -34.75
C GLU G 62 -4.49 70.26 -34.89
N LEU G 63 -5.00 70.53 -36.09
CA LEU G 63 -6.41 70.30 -36.41
C LEU G 63 -6.50 69.40 -37.63
N GLU G 64 -7.28 68.34 -37.53
CA GLU G 64 -7.48 67.41 -38.63
C GLU G 64 -8.95 67.43 -39.05
N LEU G 65 -9.17 67.20 -40.33
CA LEU G 65 -10.50 67.20 -40.92
C LEU G 65 -10.76 65.84 -41.53
N TYR G 66 -11.84 65.19 -41.09
CA TYR G 66 -12.28 63.92 -41.66
C TYR G 66 -13.66 64.11 -42.26
N LEU G 67 -13.83 63.67 -43.50
CA LEU G 67 -15.07 63.85 -44.24
C LEU G 67 -15.57 62.48 -44.69
N LEU G 68 -16.57 61.95 -44.00
CA LEU G 68 -17.26 60.73 -44.41
C LEU G 68 -18.39 61.11 -45.35
N ARG G 69 -18.26 60.78 -46.63
CA ARG G 69 -19.29 61.08 -47.60
C ARG G 69 -19.82 59.78 -48.21
N THR G 70 -21.15 59.71 -48.37
CA THR G 70 -21.83 58.51 -48.81
C THR G 70 -22.59 58.78 -50.09
N GLN G 71 -22.44 57.89 -51.06
CA GLN G 71 -23.23 57.91 -52.29
C GLN G 71 -24.23 56.76 -52.20
N ASP G 72 -25.43 57.05 -51.74
CA ASP G 72 -26.44 56.02 -51.57
C ASP G 72 -27.06 55.63 -52.91
N ALA G 73 -27.87 54.58 -52.87
CA ALA G 73 -28.53 54.09 -54.07
C ALA G 73 -29.77 54.91 -54.36
N GLU G 74 -29.92 55.33 -55.61
CA GLU G 74 -31.09 56.09 -56.02
C GLU G 74 -32.30 55.17 -56.14
N GLN G 75 -33.48 55.72 -55.86
CA GLN G 75 -34.72 54.95 -55.93
C GLN G 75 -35.32 55.05 -57.34
N THR G 76 -34.57 54.50 -58.28
CA THR G 76 -35.02 54.31 -59.65
C THR G 76 -35.67 52.94 -59.78
N GLY G 77 -35.88 52.45 -61.01
CA GLY G 77 -36.45 51.13 -61.13
C GLY G 77 -37.96 51.10 -60.98
N MET G 78 -38.67 51.57 -62.02
CA MET G 78 -40.04 52.05 -61.98
C MET G 78 -41.07 51.07 -61.38
N THR G 79 -41.51 50.06 -62.15
CA THR G 79 -42.32 48.90 -61.75
C THR G 79 -42.46 48.01 -62.99
N PHE G 80 -42.42 46.69 -62.85
CA PHE G 80 -42.61 45.81 -64.00
C PHE G 80 -44.08 45.75 -64.41
N VAL G 81 -44.30 45.48 -65.69
CA VAL G 81 -45.65 45.40 -66.24
C VAL G 81 -46.18 43.98 -66.04
N HIS G 82 -47.36 43.87 -65.44
CA HIS G 82 -47.93 42.61 -65.03
C HIS G 82 -49.24 42.37 -65.77
N GLN G 83 -49.77 41.17 -65.65
CA GLN G 83 -51.15 40.87 -65.95
C GLN G 83 -51.68 40.00 -64.81
N VAL G 84 -53.00 40.04 -64.61
CA VAL G 84 -53.62 39.67 -63.33
C VAL G 84 -53.46 38.20 -62.96
N GLY G 85 -53.28 37.30 -63.93
CA GLY G 85 -53.27 35.89 -63.58
C GLY G 85 -51.92 35.22 -63.57
N SER G 86 -50.84 35.98 -63.41
CA SER G 86 -49.51 35.44 -63.52
C SER G 86 -48.69 35.80 -62.29
N THR G 87 -47.50 35.21 -62.21
CA THR G 87 -46.59 35.44 -61.09
C THR G 87 -45.61 36.56 -61.40
N SER G 88 -45.06 37.14 -60.34
CA SER G 88 -44.21 38.32 -60.47
C SER G 88 -42.80 37.93 -60.92
N LEU G 89 -41.93 38.93 -61.01
CA LEU G 89 -40.54 38.82 -61.41
C LEU G 89 -39.68 39.61 -60.43
N PRO G 90 -38.42 39.21 -60.23
CA PRO G 90 -37.62 39.86 -59.18
C PRO G 90 -37.07 41.21 -59.61
N VAL G 91 -36.63 41.97 -58.61
CA VAL G 91 -36.16 43.33 -58.76
C VAL G 91 -34.64 43.32 -58.81
N GLU G 92 -34.06 44.14 -59.71
CA GLU G 92 -32.63 44.19 -59.96
C GLU G 92 -31.84 44.62 -58.72
N ALA G 93 -30.52 44.43 -58.80
CA ALA G 93 -29.62 44.67 -57.69
C ALA G 93 -29.02 46.07 -57.76
N ARG G 94 -29.06 46.78 -56.64
CA ARG G 94 -28.63 48.17 -56.54
C ARG G 94 -27.19 48.24 -56.06
N VAL G 95 -26.63 49.45 -56.04
CA VAL G 95 -25.28 49.68 -55.55
C VAL G 95 -25.26 50.93 -54.66
N ALA G 96 -24.68 50.80 -53.49
CA ALA G 96 -24.36 51.93 -52.62
C ALA G 96 -22.88 51.88 -52.30
N LYS G 97 -22.31 53.04 -51.97
CA LYS G 97 -20.89 53.08 -51.70
C LYS G 97 -20.56 54.23 -50.75
N VAL G 98 -19.47 54.07 -50.00
CA VAL G 98 -18.99 55.09 -49.08
C VAL G 98 -17.55 55.44 -49.44
N ASP G 99 -17.05 56.49 -48.81
CA ASP G 99 -15.75 57.08 -49.11
C ASP G 99 -15.42 58.04 -47.99
N LEU G 100 -14.15 58.11 -47.60
CA LEU G 100 -13.77 59.05 -46.56
C LEU G 100 -12.34 59.55 -46.77
N ALA G 101 -12.14 60.84 -46.50
CA ALA G 101 -10.91 61.54 -46.84
C ALA G 101 -10.42 62.34 -45.64
N LYS G 102 -9.22 62.92 -45.77
CA LYS G 102 -8.49 63.48 -44.65
C LYS G 102 -7.73 64.73 -45.07
N ALA G 103 -7.82 65.78 -44.25
CA ALA G 103 -6.98 66.97 -44.38
C ALA G 103 -6.42 67.34 -43.02
N THR G 104 -5.22 67.90 -43.02
CA THR G 104 -4.55 68.33 -41.79
C THR G 104 -4.23 69.81 -41.86
N TRP G 105 -3.83 70.35 -40.71
CA TRP G 105 -3.75 71.79 -40.52
C TRP G 105 -2.88 72.06 -39.29
N SER G 106 -1.94 73.01 -39.41
CA SER G 106 -1.08 73.33 -38.28
C SER G 106 -0.69 74.80 -38.29
N PRO G 107 -0.76 75.48 -37.15
CA PRO G 107 -0.71 76.94 -37.12
C PRO G 107 0.71 77.50 -37.23
N LEU G 108 0.77 78.81 -37.44
CA LEU G 108 1.99 79.59 -37.39
C LEU G 108 2.28 80.07 -35.97
N ALA G 109 3.50 80.55 -35.79
CA ALA G 109 3.97 81.02 -34.49
C ALA G 109 4.89 82.21 -34.68
N PHE G 110 4.72 83.22 -33.85
CA PHE G 110 5.64 84.35 -33.77
C PHE G 110 5.38 85.11 -32.48
N LYS G 111 6.43 85.75 -31.96
CA LYS G 111 6.29 86.65 -30.83
C LYS G 111 7.38 87.71 -30.91
N GLU G 112 7.30 88.66 -29.99
CA GLU G 112 8.18 89.82 -29.99
C GLU G 112 8.26 90.35 -28.56
N SER G 113 9.22 91.24 -28.32
CA SER G 113 9.48 91.70 -26.98
C SER G 113 9.98 93.13 -26.99
N ARG G 114 10.01 93.72 -25.79
CA ARG G 114 10.51 95.08 -25.57
C ARG G 114 10.93 95.21 -24.11
N VAL G 115 12.09 95.82 -23.89
CA VAL G 115 12.71 95.91 -22.57
C VAL G 115 12.94 97.38 -22.24
N TRP G 116 12.61 97.78 -21.01
CA TRP G 116 12.90 99.11 -20.50
C TRP G 116 13.98 99.04 -19.44
N ASP G 117 15.08 99.77 -19.66
CA ASP G 117 16.22 99.74 -18.75
C ASP G 117 16.04 100.77 -17.63
N GLU G 118 17.01 100.80 -16.70
CA GLU G 118 16.85 101.54 -15.44
C GLU G 118 16.84 103.05 -15.66
N LYS G 119 17.64 103.54 -16.61
CA LYS G 119 17.76 104.97 -16.85
C LYS G 119 16.43 105.57 -17.31
N GLU G 120 15.82 104.98 -18.32
CA GLU G 120 14.59 105.54 -18.86
C GLU G 120 13.34 105.15 -18.07
N ILE G 121 13.47 104.70 -16.83
CA ILE G 121 12.32 104.47 -15.96
C ILE G 121 12.09 105.65 -15.03
N LEU G 122 13.14 106.14 -14.36
CA LEU G 122 12.98 107.23 -13.42
C LEU G 122 13.69 108.51 -13.85
N TYR G 123 14.14 108.61 -15.10
CA TYR G 123 14.70 109.85 -15.63
C TYR G 123 13.87 110.38 -16.79
N LEU G 124 12.53 110.26 -16.71
CA LEU G 124 11.69 111.02 -17.62
C LEU G 124 10.36 111.32 -16.95
N GLY G 125 9.95 112.58 -17.06
CA GLY G 125 8.64 113.03 -16.65
C GLY G 125 7.99 113.74 -17.79
N ARG G 126 7.01 114.60 -17.53
CA ARG G 126 6.42 115.37 -18.60
C ARG G 126 7.37 116.47 -19.06
N LEU G 127 7.02 117.13 -20.16
CA LEU G 127 7.86 118.15 -20.74
C LEU G 127 7.41 119.56 -20.37
N ALA G 128 6.27 119.71 -19.72
CA ALA G 128 5.76 121.03 -19.36
C ALA G 128 5.76 121.30 -17.87
N ASP G 129 5.45 120.32 -17.03
CA ASP G 129 5.41 120.54 -15.59
C ASP G 129 6.44 119.64 -14.89
N GLU G 130 6.40 119.64 -13.56
CA GLU G 130 7.29 118.82 -12.75
C GLU G 130 6.50 117.65 -12.16
N VAL G 131 7.00 116.43 -12.38
CA VAL G 131 6.32 115.20 -12.01
C VAL G 131 7.29 114.37 -11.19
N GLN G 132 6.75 113.56 -10.28
CA GLN G 132 7.54 112.78 -9.33
C GLN G 132 7.81 111.35 -9.82
N ALA G 133 8.07 111.20 -11.13
CA ALA G 133 8.63 110.00 -11.76
C ALA G 133 7.72 108.77 -11.58
N GLY G 134 6.55 108.86 -12.20
CA GLY G 134 5.68 107.72 -12.37
C GLY G 134 5.11 107.68 -13.77
N VAL G 135 5.88 108.21 -14.72
CA VAL G 135 5.39 108.45 -16.07
C VAL G 135 5.57 107.22 -16.97
N ILE G 136 6.52 106.33 -16.64
CA ILE G 136 6.69 105.11 -17.40
C ILE G 136 5.52 104.15 -17.19
N ASN G 137 4.82 104.25 -16.06
CA ASN G 137 3.58 103.51 -15.88
C ASN G 137 2.51 103.90 -16.90
N GLU G 138 2.56 105.14 -17.37
CA GLU G 138 1.73 105.56 -18.50
C GLU G 138 2.32 105.10 -19.83
N GLN G 139 3.65 105.11 -19.95
CA GLN G 139 4.28 104.77 -21.22
C GLN G 139 4.34 103.27 -21.46
N ILE G 140 4.35 102.45 -20.41
CA ILE G 140 4.26 101.01 -20.58
C ILE G 140 2.88 100.61 -21.08
N ALA G 141 1.83 101.22 -20.51
CA ALA G 141 0.46 100.87 -20.87
C ALA G 141 0.13 101.24 -22.32
N GLU G 142 0.77 102.27 -22.86
CA GLU G 142 0.56 102.63 -24.26
C GLU G 142 1.24 101.63 -25.18
N SER G 143 2.47 101.25 -24.86
CA SER G 143 3.16 100.23 -25.64
C SER G 143 2.57 98.84 -25.40
N LEU G 144 1.85 98.65 -24.30
CA LEU G 144 1.14 97.40 -24.07
C LEU G 144 -0.08 97.31 -24.98
N THR G 145 -0.59 98.45 -25.43
CA THR G 145 -1.71 98.49 -26.36
C THR G 145 -1.23 98.41 -27.81
N TRP G 146 -0.02 98.94 -28.07
CA TRP G 146 0.55 98.89 -29.41
C TRP G 146 0.90 97.48 -29.83
N LEU G 147 1.24 96.61 -28.87
CA LEU G 147 1.54 95.23 -29.23
C LEU G 147 0.28 94.41 -29.51
N MET G 148 -0.84 94.79 -28.91
CA MET G 148 -2.13 94.22 -29.32
C MET G 148 -2.51 94.64 -30.72
N ALA G 149 -2.17 95.85 -31.13
CA ALA G 149 -2.48 96.31 -32.48
C ALA G 149 -1.58 95.68 -33.51
N ARG G 150 -0.33 95.35 -33.14
CA ARG G 150 0.55 94.66 -34.07
C ARG G 150 0.10 93.23 -34.32
N MET G 151 -0.48 92.58 -33.31
CA MET G 151 -0.97 91.23 -33.51
C MET G 151 -2.26 91.22 -34.32
N ARG G 152 -3.10 92.24 -34.15
CA ARG G 152 -4.28 92.37 -35.00
C ARG G 152 -3.90 92.67 -36.44
N ASN G 153 -2.84 93.45 -36.64
CA ASN G 153 -2.41 93.76 -38.00
C ASN G 153 -1.76 92.58 -38.70
N ARG G 154 -1.26 91.59 -37.95
CA ARG G 154 -0.68 90.43 -38.60
C ARG G 154 -1.74 89.39 -38.93
N ARG G 155 -2.79 89.30 -38.11
CA ARG G 155 -3.95 88.48 -38.44
C ARG G 155 -4.63 88.95 -39.71
N ARG G 156 -4.77 90.27 -39.89
CA ARG G 156 -5.34 90.79 -41.12
C ARG G 156 -4.40 90.61 -42.30
N TRP G 157 -3.09 90.52 -42.04
CA TRP G 157 -2.14 90.30 -43.14
C TRP G 157 -2.22 88.86 -43.64
N LEU G 158 -2.30 87.90 -42.71
CA LEU G 158 -2.41 86.49 -43.08
C LEU G 158 -3.73 86.20 -43.78
N THR G 159 -4.80 86.84 -43.31
CA THR G 159 -6.10 86.71 -43.94
C THR G 159 -6.09 87.27 -45.36
N TRP G 160 -5.58 88.49 -45.52
CA TRP G 160 -5.58 89.12 -46.84
C TRP G 160 -4.62 88.44 -47.80
N GLN G 161 -3.57 87.78 -47.27
CA GLN G 161 -2.66 87.03 -48.12
C GLN G 161 -3.34 85.82 -48.74
N VAL G 162 -4.27 85.21 -48.00
CA VAL G 162 -5.12 84.16 -48.57
C VAL G 162 -6.11 84.75 -49.56
N MET G 163 -6.65 85.93 -49.24
CA MET G 163 -7.69 86.54 -50.06
C MET G 163 -7.15 86.98 -51.42
N ARG G 164 -5.87 87.29 -51.51
CA ARG G 164 -5.27 87.67 -52.78
C ARG G 164 -4.95 86.46 -53.64
N THR G 165 -4.26 85.46 -53.07
CA THR G 165 -3.76 84.34 -53.85
C THR G 165 -4.13 82.96 -53.31
N GLY G 166 -4.64 82.85 -52.09
CA GLY G 166 -4.75 81.53 -51.48
C GLY G 166 -3.43 80.94 -51.08
N ARG G 167 -2.40 81.78 -50.95
CA ARG G 167 -1.02 81.34 -50.79
C ARG G 167 -0.40 82.21 -49.71
N ILE G 168 -0.16 81.66 -48.53
CA ILE G 168 0.67 82.33 -47.54
C ILE G 168 2.12 82.21 -47.97
N THR G 169 2.74 83.33 -48.29
CA THR G 169 4.15 83.34 -48.66
C THR G 169 4.91 84.23 -47.68
N ILE G 170 5.87 83.64 -46.98
CA ILE G 170 6.76 84.35 -46.07
C ILE G 170 8.19 84.06 -46.50
N GLN G 171 8.95 85.11 -46.77
CA GLN G 171 10.30 85.03 -47.27
C GLN G 171 11.25 85.71 -46.30
N PRO G 172 12.58 85.47 -46.39
CA PRO G 172 13.50 86.16 -45.48
C PRO G 172 13.60 87.66 -45.71
N ASN G 173 13.85 88.05 -46.96
CA ASN G 173 13.96 89.47 -47.31
C ASN G 173 12.54 90.03 -47.34
N ASP G 174 12.05 90.45 -46.17
CA ASP G 174 10.65 90.77 -45.98
C ASP G 174 10.53 91.67 -44.77
N PRO G 175 9.58 92.61 -44.76
CA PRO G 175 9.34 93.39 -43.55
C PRO G 175 8.79 92.54 -42.43
N TYR G 176 9.20 92.89 -41.20
CA TYR G 176 8.76 92.28 -39.94
C TYR G 176 9.08 90.80 -39.87
N ASN G 177 10.17 90.39 -40.52
CA ASN G 177 10.64 89.01 -40.52
C ASN G 177 12.10 89.01 -40.13
N PRO G 178 12.42 89.12 -38.84
CA PRO G 178 13.82 89.17 -38.44
C PRO G 178 14.51 87.82 -38.53
N ASN G 179 13.78 86.74 -38.23
CA ASN G 179 14.35 85.40 -38.26
C ASN G 179 14.68 84.94 -39.66
N GLY G 180 13.98 85.46 -40.67
CA GLY G 180 14.25 85.07 -42.03
C GLY G 180 13.74 83.68 -42.35
N LEU G 181 12.48 83.43 -42.04
CA LEU G 181 11.91 82.10 -42.18
C LEU G 181 11.29 81.93 -43.56
N LYS G 182 10.98 80.67 -43.90
CA LYS G 182 10.36 80.32 -45.16
C LYS G 182 9.03 79.63 -44.89
N TYR G 183 7.97 80.13 -45.55
CA TYR G 183 6.67 79.49 -45.53
C TYR G 183 6.02 79.71 -46.89
N VAL G 184 5.63 78.63 -47.55
CA VAL G 184 4.81 78.68 -48.76
C VAL G 184 3.65 77.73 -48.51
N ILE G 185 2.55 78.27 -48.00
CA ILE G 185 1.39 77.47 -47.64
C ILE G 185 0.39 77.54 -48.77
N ASP G 186 0.08 76.38 -49.36
CA ASP G 186 -0.87 76.31 -50.47
C ASP G 186 -2.23 75.96 -49.89
N TYR G 187 -3.23 76.77 -50.19
CA TYR G 187 -4.58 76.29 -49.90
C TYR G 187 -5.16 75.63 -51.13
N GLY G 188 -6.36 75.09 -50.99
CA GLY G 188 -6.99 74.41 -52.10
C GLY G 188 -7.85 75.30 -52.94
N VAL G 189 -7.43 76.55 -53.16
CA VAL G 189 -8.20 77.49 -53.96
C VAL G 189 -7.92 77.20 -55.43
N THR G 190 -8.97 76.94 -56.19
CA THR G 190 -8.86 76.57 -57.59
C THR G 190 -9.17 77.76 -58.47
N ASP G 191 -8.23 78.09 -59.37
CA ASP G 191 -8.38 79.12 -60.40
C ASP G 191 -8.65 80.50 -59.79
N ILE G 192 -7.61 81.00 -59.11
CA ILE G 192 -7.69 82.29 -58.43
C ILE G 192 -7.87 83.41 -59.44
N GLU G 193 -7.29 83.28 -60.62
CA GLU G 193 -7.35 84.33 -61.63
C GLU G 193 -8.32 83.95 -62.74
N LEU G 194 -9.13 84.91 -63.15
CA LEU G 194 -10.03 84.75 -64.29
C LEU G 194 -9.31 85.07 -65.59
N PRO G 195 -9.55 84.31 -66.65
CA PRO G 195 -8.91 84.58 -67.93
C PRO G 195 -9.57 85.76 -68.64
N LEU G 196 -8.74 86.70 -69.07
CA LEU G 196 -9.19 87.86 -69.84
C LEU G 196 -8.02 88.37 -70.66
N PRO G 197 -7.88 87.93 -71.90
CA PRO G 197 -6.70 88.32 -72.69
C PRO G 197 -6.74 89.76 -73.17
N GLN G 198 -7.91 90.37 -73.24
CA GLN G 198 -8.05 91.77 -73.63
C GLN G 198 -8.92 92.49 -72.61
N LYS G 199 -8.42 93.60 -72.10
CA LYS G 199 -9.02 94.29 -70.97
C LYS G 199 -10.29 95.03 -71.41
N PHE G 200 -11.00 95.61 -70.45
CA PHE G 200 -12.16 96.40 -70.83
C PHE G 200 -11.77 97.78 -71.33
N ASP G 201 -10.61 98.28 -70.92
CA ASP G 201 -10.05 99.50 -71.51
C ASP G 201 -9.10 99.17 -72.65
N ALA G 202 -9.56 98.34 -73.60
CA ALA G 202 -8.70 97.95 -74.71
C ALA G 202 -8.78 98.97 -75.85
N LYS G 203 -9.98 99.11 -76.45
CA LYS G 203 -10.27 100.03 -77.55
C LYS G 203 -9.27 99.86 -78.70
N ASP G 204 -9.04 98.59 -79.06
CA ASP G 204 -7.96 98.26 -79.99
C ASP G 204 -8.26 98.72 -81.40
N GLY G 205 -9.53 98.71 -81.79
CA GLY G 205 -9.90 99.29 -83.06
C GLY G 205 -9.85 100.80 -83.02
N ASN G 206 -10.00 101.40 -84.20
CA ASN G 206 -10.07 102.85 -84.29
C ASN G 206 -11.35 103.39 -83.69
N GLY G 207 -12.39 102.57 -83.60
CA GLY G 207 -13.64 102.96 -82.97
C GLY G 207 -13.85 102.30 -81.63
N ASN G 208 -14.66 101.22 -81.63
CA ASN G 208 -15.18 100.65 -80.40
C ASN G 208 -14.12 99.78 -79.70
N SER G 209 -14.52 99.24 -78.56
CA SER G 209 -13.67 98.36 -77.76
C SER G 209 -13.72 96.95 -78.32
N ALA G 210 -13.23 96.00 -77.53
CA ALA G 210 -13.17 94.60 -77.95
C ALA G 210 -13.98 93.66 -77.08
N VAL G 211 -14.21 93.99 -75.81
CA VAL G 211 -14.86 93.08 -74.87
C VAL G 211 -16.04 93.80 -74.23
N ASP G 212 -17.21 93.16 -74.25
CA ASP G 212 -18.38 93.65 -73.55
C ASP G 212 -18.36 93.12 -72.12
N PRO G 213 -18.25 93.97 -71.10
CA PRO G 213 -18.21 93.46 -69.72
C PRO G 213 -19.54 92.95 -69.23
N ILE G 214 -20.66 93.46 -69.74
CA ILE G 214 -21.95 92.95 -69.31
C ILE G 214 -22.19 91.57 -69.92
N GLN G 215 -21.72 91.36 -71.15
CA GLN G 215 -21.76 90.02 -71.73
C GLN G 215 -20.74 89.10 -71.06
N TYR G 216 -19.66 89.68 -70.52
CA TYR G 216 -18.63 88.88 -69.87
C TYR G 216 -19.15 88.26 -68.57
N PHE G 217 -19.77 89.05 -67.71
CA PHE G 217 -20.29 88.50 -66.47
C PHE G 217 -21.57 87.71 -66.68
N ARG G 218 -22.28 87.95 -67.78
CA ARG G 218 -23.41 87.08 -68.13
C ARG G 218 -22.92 85.72 -68.59
N ASP G 219 -21.75 85.68 -69.23
CA ASP G 219 -21.18 84.42 -69.66
C ASP G 219 -20.64 83.62 -68.47
N LEU G 220 -20.21 84.31 -67.40
CA LEU G 220 -19.83 83.60 -66.18
C LEU G 220 -21.04 82.98 -65.50
N ILE G 221 -22.19 83.63 -65.58
CA ILE G 221 -23.41 83.06 -65.01
C ILE G 221 -23.94 81.95 -65.92
N LYS G 222 -23.79 82.12 -67.23
CA LYS G 222 -24.23 81.11 -68.18
C LYS G 222 -23.41 79.83 -68.07
N ALA G 223 -22.10 79.96 -67.85
CA ALA G 223 -21.25 78.79 -67.69
C ALA G 223 -21.39 78.13 -66.34
N ALA G 224 -22.13 78.72 -65.41
CA ALA G 224 -22.29 78.19 -64.06
C ALA G 224 -23.75 78.00 -63.71
N THR G 225 -24.54 77.50 -64.66
CA THR G 225 -25.94 77.17 -64.36
C THR G 225 -26.02 75.91 -63.52
N TYR G 226 -25.35 74.84 -63.96
CA TYR G 226 -25.31 73.60 -63.21
C TYR G 226 -24.13 73.55 -62.25
N PHE G 227 -23.41 74.66 -62.11
CA PHE G 227 -22.32 74.83 -61.16
C PHE G 227 -22.72 75.94 -60.22
N PRO G 228 -23.47 75.65 -59.15
CA PRO G 228 -24.03 76.72 -58.32
C PRO G 228 -22.99 77.48 -57.52
N ASP G 229 -21.88 76.84 -57.17
CA ASP G 229 -20.83 77.51 -56.43
C ASP G 229 -19.86 78.28 -57.32
N ARG G 230 -20.03 78.24 -58.64
CA ARG G 230 -19.21 79.02 -59.54
C ARG G 230 -19.91 80.26 -60.05
N ARG G 231 -21.18 80.49 -59.69
CA ARG G 231 -21.76 81.68 -60.27
C ARG G 231 -21.47 82.90 -59.40
N PRO G 232 -21.24 84.07 -60.01
CA PRO G 232 -20.99 85.26 -59.21
C PRO G 232 -22.24 85.81 -58.56
N VAL G 233 -22.04 86.43 -57.39
CA VAL G 233 -23.11 87.04 -56.61
C VAL G 233 -22.82 88.51 -56.35
N ALA G 234 -21.60 88.83 -55.94
CA ALA G 234 -21.21 90.20 -55.65
C ALA G 234 -19.82 90.47 -56.23
N ILE G 235 -19.49 91.76 -56.33
CA ILE G 235 -18.18 92.21 -56.77
C ILE G 235 -17.74 93.33 -55.82
N ILE G 236 -16.46 93.29 -55.42
CA ILE G 236 -15.87 94.37 -54.64
C ILE G 236 -14.72 94.96 -55.46
N VAL G 237 -14.81 96.26 -55.77
CA VAL G 237 -13.87 96.94 -56.65
C VAL G 237 -13.23 98.07 -55.85
N GLY G 238 -12.14 98.62 -56.38
CA GLY G 238 -11.55 99.82 -55.87
C GLY G 238 -12.17 101.07 -56.47
N PRO G 239 -11.41 102.17 -56.53
CA PRO G 239 -11.99 103.45 -56.95
C PRO G 239 -12.36 103.58 -58.43
N GLY G 240 -11.45 103.25 -59.34
CA GLY G 240 -11.61 103.66 -60.72
C GLY G 240 -12.39 102.71 -61.61
N PHE G 241 -13.63 102.42 -61.24
CA PHE G 241 -14.45 101.47 -61.98
C PHE G 241 -15.53 102.13 -62.81
N ASP G 242 -15.96 103.34 -62.45
CA ASP G 242 -16.89 104.10 -63.27
C ASP G 242 -16.25 104.53 -64.58
N GLU G 243 -14.97 104.92 -64.52
CA GLU G 243 -14.29 105.48 -65.67
C GLU G 243 -14.00 104.42 -66.73
N VAL G 244 -13.86 103.16 -66.31
CA VAL G 244 -13.62 102.08 -67.26
C VAL G 244 -14.88 101.77 -68.03
N LEU G 245 -16.02 101.74 -67.34
CA LEU G 245 -17.29 101.43 -67.98
C LEU G 245 -17.76 102.57 -68.89
N ALA G 246 -17.41 103.81 -68.56
CA ALA G 246 -17.90 104.94 -69.33
C ALA G 246 -17.21 105.10 -70.66
N ASP G 247 -15.93 104.71 -70.75
CA ASP G 247 -15.17 104.84 -71.98
C ASP G 247 -15.14 103.53 -72.79
N ASN G 248 -16.20 102.74 -72.71
CA ASN G 248 -16.17 101.36 -73.19
C ASN G 248 -16.82 101.19 -74.55
N THR G 249 -17.84 101.98 -74.88
CA THR G 249 -18.59 102.01 -76.15
C THR G 249 -19.41 100.76 -76.43
N PHE G 250 -19.31 99.73 -75.59
CA PHE G 250 -20.32 98.69 -75.49
C PHE G 250 -21.33 99.07 -74.41
N VAL G 251 -20.82 99.44 -73.23
CA VAL G 251 -21.64 99.90 -72.11
C VAL G 251 -22.38 101.17 -72.47
N GLN G 252 -21.77 102.02 -73.31
CA GLN G 252 -22.40 103.25 -73.76
C GLN G 252 -23.66 102.97 -74.56
N LYS G 253 -23.69 101.89 -75.33
CA LYS G 253 -24.90 101.52 -76.05
C LYS G 253 -25.97 100.97 -75.11
N TYR G 254 -25.56 100.40 -73.98
CA TYR G 254 -26.54 100.06 -72.95
C TYR G 254 -27.11 101.30 -72.28
N VAL G 255 -26.33 102.40 -72.26
CA VAL G 255 -26.84 103.66 -71.72
C VAL G 255 -27.84 104.28 -72.68
N GLU G 256 -27.53 104.23 -73.98
CA GLU G 256 -28.39 104.83 -75.00
C GLU G 256 -29.71 104.09 -75.17
N TYR G 257 -29.78 102.83 -74.75
CA TYR G 257 -31.03 102.10 -74.90
C TYR G 257 -32.05 102.49 -73.84
N GLU G 258 -31.62 102.74 -72.61
CA GLU G 258 -32.58 103.08 -71.57
C GLU G 258 -32.99 104.54 -71.56
N LYS G 259 -32.41 105.36 -72.43
CA LYS G 259 -32.88 106.72 -72.64
C LYS G 259 -33.53 106.92 -74.00
N GLY G 260 -33.61 105.87 -74.82
CA GLY G 260 -34.17 106.00 -76.14
C GLY G 260 -33.29 106.71 -77.14
N TRP G 261 -32.04 107.00 -76.77
CA TRP G 261 -31.11 107.69 -77.65
C TRP G 261 -30.62 106.74 -78.75
N VAL G 262 -30.09 107.34 -79.82
CA VAL G 262 -29.63 106.57 -80.97
C VAL G 262 -28.57 107.41 -81.67
N VAL G 263 -27.58 106.74 -82.27
CA VAL G 263 -26.47 107.42 -82.92
C VAL G 263 -26.25 106.86 -84.30
N GLY G 264 -25.53 107.59 -85.14
CA GLY G 264 -25.16 107.13 -86.46
C GLY G 264 -23.77 107.57 -86.85
N GLN G 265 -22.92 107.81 -85.83
CA GLN G 265 -21.54 108.30 -85.86
C GLN G 265 -21.44 109.75 -86.35
N ASN G 266 -22.54 110.42 -86.65
CA ASN G 266 -22.56 111.83 -87.03
C ASN G 266 -23.57 112.51 -86.12
N THR G 267 -24.38 111.70 -85.46
CA THR G 267 -25.33 112.17 -84.46
C THR G 267 -24.56 112.71 -83.26
N VAL G 268 -25.20 113.64 -82.54
CA VAL G 268 -24.64 114.27 -81.34
C VAL G 268 -24.32 113.23 -80.29
N GLN G 269 -23.03 113.10 -79.97
CA GLN G 269 -22.57 112.13 -78.99
C GLN G 269 -22.57 112.79 -77.62
N PRO G 270 -23.14 112.16 -76.60
CA PRO G 270 -23.26 112.79 -75.28
C PRO G 270 -21.90 112.97 -74.62
N PRO G 271 -21.75 113.95 -73.74
CA PRO G 271 -20.52 114.06 -72.96
C PRO G 271 -20.43 112.94 -71.93
N ARG G 272 -19.21 112.74 -71.42
CA ARG G 272 -18.90 111.57 -70.61
C ARG G 272 -19.64 111.51 -69.29
N GLU G 273 -20.09 112.64 -68.75
CA GLU G 273 -20.72 112.62 -67.44
C GLU G 273 -22.14 112.08 -67.47
N VAL G 274 -22.73 111.90 -68.65
CA VAL G 274 -23.95 111.11 -68.75
C VAL G 274 -23.59 109.62 -68.66
N TYR G 275 -22.48 109.25 -69.29
CA TYR G 275 -22.04 107.85 -69.30
C TYR G 275 -21.59 107.40 -67.92
N ARG G 276 -20.82 108.24 -67.22
CA ARG G 276 -20.31 107.86 -65.91
C ARG G 276 -21.41 107.82 -64.86
N GLN G 277 -22.46 108.63 -65.03
CA GLN G 277 -23.50 108.72 -64.01
C GLN G 277 -24.38 107.48 -64.01
N ALA G 278 -24.51 106.80 -65.14
CA ALA G 278 -25.36 105.62 -65.26
C ALA G 278 -24.56 104.34 -65.47
N ALA G 279 -23.26 104.36 -65.21
CA ALA G 279 -22.42 103.22 -65.53
C ALA G 279 -22.61 102.06 -64.56
N LEU G 280 -22.83 102.33 -63.28
CA LEU G 280 -23.02 101.23 -62.33
C LEU G 280 -24.44 100.70 -62.33
N ASP G 281 -25.43 101.57 -62.50
CA ASP G 281 -26.82 101.17 -62.37
C ASP G 281 -27.24 100.25 -63.51
N ILE G 282 -26.73 100.51 -64.71
CA ILE G 282 -26.98 99.61 -65.83
C ILE G 282 -26.14 98.36 -65.70
N PHE G 283 -24.96 98.47 -65.09
CA PHE G 283 -24.16 97.28 -64.81
C PHE G 283 -24.82 96.40 -63.76
N LYS G 284 -25.39 97.00 -62.72
CA LYS G 284 -26.06 96.21 -61.69
C LYS G 284 -27.37 95.61 -62.19
N ARG G 285 -28.03 96.27 -63.13
CA ARG G 285 -29.33 95.79 -63.60
C ARG G 285 -29.19 94.64 -64.58
N TYR G 286 -28.28 94.76 -65.54
CA TYR G 286 -28.15 93.76 -66.59
C TYR G 286 -27.27 92.60 -66.21
N THR G 287 -26.64 92.64 -65.04
CA THR G 287 -25.91 91.49 -64.51
C THR G 287 -26.51 90.92 -63.24
N GLY G 288 -27.32 91.70 -62.52
CA GLY G 288 -28.02 91.19 -61.37
C GLY G 288 -27.19 91.01 -60.12
N LEU G 289 -25.95 91.47 -60.12
CA LEU G 289 -25.04 91.27 -59.01
C LEU G 289 -24.78 92.59 -58.27
N GLU G 290 -24.18 92.46 -57.09
CA GLU G 290 -23.89 93.59 -56.23
C GLU G 290 -22.50 94.13 -56.53
N VAL G 291 -22.36 95.44 -56.40
CA VAL G 291 -21.06 96.11 -56.52
C VAL G 291 -20.83 96.92 -55.26
N MET G 292 -19.79 96.58 -54.52
CA MET G 292 -19.40 97.28 -53.30
C MET G 292 -18.05 97.94 -53.54
N VAL G 293 -18.04 99.27 -53.61
CA VAL G 293 -16.79 99.98 -53.84
C VAL G 293 -16.04 100.10 -52.52
N TYR G 294 -14.77 99.65 -52.52
CA TYR G 294 -13.92 99.66 -51.33
C TYR G 294 -12.61 100.34 -51.71
N ASP G 295 -12.61 101.67 -51.64
CA ASP G 295 -11.44 102.47 -51.99
C ASP G 295 -10.63 102.85 -50.76
N LYS G 296 -10.27 101.83 -49.99
CA LYS G 296 -9.48 102.01 -48.79
C LYS G 296 -8.00 102.05 -49.19
N THR G 297 -7.21 102.78 -48.41
CA THR G 297 -5.83 103.07 -48.79
C THR G 297 -4.87 102.68 -47.68
N TYR G 298 -3.60 102.53 -48.06
CA TYR G 298 -2.52 102.30 -47.11
C TYR G 298 -1.25 102.88 -47.68
N ARG G 299 -0.28 103.15 -46.82
CA ARG G 299 0.98 103.77 -47.21
C ARG G 299 2.11 102.74 -47.15
N ASP G 300 2.98 102.77 -48.16
CA ASP G 300 4.13 101.88 -48.22
C ASP G 300 5.26 102.42 -47.36
N GLN G 301 6.43 101.78 -47.46
CA GLN G 301 7.63 102.35 -46.85
C GLN G 301 8.22 103.42 -47.75
N ASP G 302 8.64 103.02 -48.96
CA ASP G 302 9.13 103.94 -49.99
C ASP G 302 8.19 103.79 -51.18
N GLY G 303 7.16 104.61 -51.20
CA GLY G 303 6.18 104.53 -52.27
C GLY G 303 5.00 105.44 -52.02
N SER G 304 4.17 105.63 -53.04
CA SER G 304 2.97 106.42 -52.89
C SER G 304 1.94 105.66 -52.04
N VAL G 305 0.86 106.36 -51.71
CA VAL G 305 -0.27 105.71 -51.05
C VAL G 305 -0.92 104.75 -52.04
N LYS G 306 -0.95 103.47 -51.68
CA LYS G 306 -1.55 102.46 -52.54
C LYS G 306 -2.90 102.02 -52.01
N TYR G 307 -3.76 101.57 -52.92
CA TYR G 307 -5.05 101.02 -52.55
C TYR G 307 -4.89 99.57 -52.16
N TRP G 308 -5.75 99.10 -51.25
CA TRP G 308 -5.71 97.71 -50.80
C TRP G 308 -6.03 96.77 -51.95
N ILE G 309 -7.20 96.94 -52.56
CA ILE G 309 -7.51 96.30 -53.83
C ILE G 309 -6.75 97.08 -54.90
N PRO G 310 -5.87 96.44 -55.67
CA PRO G 310 -5.09 97.17 -56.68
C PRO G 310 -5.99 97.74 -57.78
N VAL G 311 -5.39 98.64 -58.57
CA VAL G 311 -6.16 99.70 -59.22
C VAL G 311 -6.99 99.15 -60.37
N GLY G 312 -6.39 98.28 -61.19
CA GLY G 312 -7.15 97.67 -62.27
C GLY G 312 -7.58 96.24 -61.96
N GLU G 313 -8.01 95.98 -60.73
CA GLU G 313 -8.37 94.64 -60.31
C GLU G 313 -9.65 94.67 -59.48
N LEU G 314 -10.40 93.57 -59.53
CA LEU G 314 -11.58 93.39 -58.71
C LEU G 314 -11.69 91.94 -58.28
N ILE G 315 -12.44 91.70 -57.20
CA ILE G 315 -12.72 90.35 -56.77
C ILE G 315 -14.11 89.96 -57.24
N VAL G 316 -14.33 88.67 -57.42
CA VAL G 316 -15.61 88.13 -57.85
C VAL G 316 -16.05 87.14 -56.78
N LEU G 317 -17.01 87.53 -55.95
CA LEU G 317 -17.54 86.62 -54.96
C LEU G 317 -18.51 85.66 -55.61
N ASN G 318 -18.36 84.39 -55.27
CA ASN G 318 -19.22 83.31 -55.76
C ASN G 318 -20.37 83.14 -54.75
N GLN G 319 -21.02 81.97 -54.77
CA GLN G 319 -22.42 81.71 -54.40
C GLN G 319 -23.00 82.40 -53.16
N SER G 320 -22.18 82.81 -52.21
CA SER G 320 -22.68 83.60 -51.09
C SER G 320 -21.66 84.64 -50.69
N THR G 321 -22.11 85.61 -49.89
CA THR G 321 -21.27 86.70 -49.42
C THR G 321 -21.05 86.62 -47.91
N GLY G 322 -21.13 85.42 -47.34
CA GLY G 322 -21.01 85.25 -45.91
C GLY G 322 -19.56 85.09 -45.47
N PRO G 323 -19.37 84.52 -44.28
CA PRO G 323 -18.00 84.27 -43.80
C PRO G 323 -17.32 83.16 -44.58
N VAL G 324 -16.23 83.51 -45.26
CA VAL G 324 -15.52 82.59 -46.15
C VAL G 324 -14.30 82.11 -45.39
N GLY G 325 -14.45 81.03 -44.64
CA GLY G 325 -13.35 80.46 -43.91
C GLY G 325 -13.49 80.62 -42.41
N ARG G 326 -12.33 80.57 -41.73
CA ARG G 326 -12.27 80.67 -40.27
C ARG G 326 -10.82 80.96 -39.88
N PHE G 327 -10.65 81.72 -38.80
CA PHE G 327 -9.34 81.96 -38.21
C PHE G 327 -9.29 81.28 -36.86
N VAL G 328 -8.24 80.51 -36.60
CA VAL G 328 -8.17 79.66 -35.43
C VAL G 328 -6.96 80.06 -34.62
N TYR G 329 -7.19 80.43 -33.36
CA TYR G 329 -6.10 80.55 -32.41
C TYR G 329 -5.90 79.21 -31.73
N THR G 330 -4.65 78.83 -31.55
CA THR G 330 -4.31 77.60 -30.87
C THR G 330 -3.64 77.92 -29.54
N ALA G 331 -3.25 76.86 -28.83
CA ALA G 331 -2.87 77.01 -27.44
C ALA G 331 -1.44 77.47 -27.30
N HIS G 332 -1.18 78.21 -26.22
CA HIS G 332 0.16 78.55 -25.78
C HIS G 332 0.29 78.24 -24.30
N VAL G 333 1.48 78.48 -23.78
CA VAL G 333 1.80 78.17 -22.39
C VAL G 333 1.57 79.40 -21.53
N ALA G 334 0.79 79.26 -20.48
CA ALA G 334 0.64 80.23 -19.40
C ALA G 334 1.48 79.77 -18.21
N GLY G 335 1.28 80.41 -17.07
CA GLY G 335 1.99 79.97 -15.87
C GLY G 335 1.52 78.65 -15.28
N GLN G 336 1.70 78.47 -13.98
CA GLN G 336 1.19 77.29 -13.31
C GLN G 336 0.15 77.69 -12.27
N ARG G 337 -0.61 76.70 -11.81
CA ARG G 337 -1.63 76.93 -10.80
C ARG G 337 -1.35 76.18 -9.51
N ASN G 338 -1.17 74.87 -9.58
CA ASN G 338 -0.87 74.05 -8.41
C ASN G 338 0.24 73.06 -8.76
N GLY G 339 1.29 73.54 -9.40
CA GLY G 339 2.30 72.67 -9.95
C GLY G 339 1.94 72.08 -11.30
N LYS G 340 0.76 72.37 -11.82
CA LYS G 340 0.34 71.90 -13.13
C LYS G 340 0.47 73.03 -14.14
N VAL G 341 0.88 72.69 -15.36
CA VAL G 341 1.04 73.69 -16.40
C VAL G 341 -0.34 74.12 -16.90
N VAL G 342 -0.56 75.43 -16.95
CA VAL G 342 -1.82 76.02 -17.37
C VAL G 342 -1.65 76.53 -18.78
N TYR G 343 -2.69 76.41 -19.60
CA TYR G 343 -2.63 76.76 -21.01
C TYR G 343 -3.69 77.80 -21.34
N ALA G 344 -3.47 78.52 -22.44
CA ALA G 344 -4.39 79.54 -22.88
C ALA G 344 -4.31 79.67 -24.39
N THR G 345 -5.36 80.23 -24.98
CA THR G 345 -5.46 80.43 -26.42
C THR G 345 -5.61 81.92 -26.72
N GLY G 346 -5.25 82.30 -27.94
CA GLY G 346 -5.34 83.68 -28.36
C GLY G 346 -4.07 84.45 -28.08
N PRO G 347 -4.13 85.77 -28.13
CA PRO G 347 -2.96 86.58 -27.80
C PRO G 347 -2.72 86.66 -26.30
N TYR G 348 -1.47 86.85 -25.93
CA TYR G 348 -1.07 86.96 -24.53
C TYR G 348 -0.09 88.11 -24.35
N LEU G 349 0.05 88.53 -23.10
CA LEU G 349 1.00 89.58 -22.71
C LEU G 349 1.62 89.15 -21.39
N THR G 350 2.91 88.83 -21.40
CA THR G 350 3.60 88.41 -20.19
C THR G 350 4.40 89.56 -19.61
N VAL G 351 4.39 89.65 -18.28
CA VAL G 351 5.00 90.74 -17.53
C VAL G 351 6.20 90.19 -16.77
N LYS G 352 7.35 90.83 -16.94
CA LYS G 352 8.60 90.40 -16.30
C LYS G 352 9.18 91.56 -15.49
N ASP G 353 8.75 91.69 -14.24
CA ASP G 353 9.27 92.74 -13.38
C ASP G 353 10.59 92.28 -12.77
N HIS G 354 11.68 92.61 -13.46
CA HIS G 354 13.01 92.44 -12.89
C HIS G 354 13.47 93.73 -12.21
N LEU G 355 12.63 94.26 -11.34
CA LEU G 355 12.86 95.56 -10.70
C LEU G 355 13.73 95.45 -9.46
N GLN G 356 14.43 94.34 -9.28
CA GLN G 356 15.30 94.12 -8.14
C GLN G 356 16.70 93.69 -8.54
N ASP G 357 17.01 93.61 -9.84
CA ASP G 357 18.30 93.15 -10.28
C ASP G 357 19.35 94.25 -10.11
N ASP G 358 20.62 93.95 -10.46
CA ASP G 358 21.66 94.92 -10.17
C ASP G 358 21.63 96.07 -11.18
N PRO G 359 21.37 95.86 -12.47
CA PRO G 359 20.57 96.83 -13.20
C PRO G 359 19.13 96.37 -13.28
N PRO G 360 18.20 97.08 -12.67
CA PRO G 360 16.79 96.68 -12.75
C PRO G 360 16.21 97.03 -14.11
N TYR G 361 15.30 96.18 -14.58
CA TYR G 361 14.67 96.40 -15.88
C TYR G 361 13.28 95.78 -15.87
N TYR G 362 12.63 95.83 -17.02
CA TYR G 362 11.24 95.44 -17.14
C TYR G 362 11.00 95.06 -18.59
N ALA G 363 10.35 93.92 -18.81
CA ALA G 363 10.17 93.42 -20.17
C ALA G 363 8.75 92.91 -20.36
N ILE G 364 8.25 93.07 -21.59
CA ILE G 364 6.93 92.60 -21.99
C ILE G 364 7.10 91.77 -23.25
N ILE G 365 6.45 90.60 -23.31
CA ILE G 365 6.45 89.76 -24.50
C ILE G 365 5.01 89.61 -24.98
N ALA G 366 4.82 89.74 -26.28
CA ALA G 366 3.52 89.60 -26.93
C ALA G 366 3.61 88.61 -28.07
N GLY G 367 2.61 87.75 -28.18
CA GLY G 367 2.53 86.84 -29.32
C GLY G 367 1.25 86.04 -29.27
N PHE G 368 1.09 85.18 -30.25
CA PHE G 368 0.03 84.18 -30.28
C PHE G 368 0.42 83.07 -31.24
N HIS G 369 -0.47 82.11 -31.40
CA HIS G 369 -0.31 81.01 -32.34
C HIS G 369 -1.59 80.90 -33.14
N GLY G 370 -1.49 80.98 -34.46
CA GLY G 370 -2.70 80.90 -35.25
C GLY G 370 -2.42 80.86 -36.74
N LEU G 371 -3.49 80.59 -37.49
CA LEU G 371 -3.48 80.53 -38.95
C LEU G 371 -4.93 80.54 -39.41
N PRO G 372 -5.22 81.03 -40.61
CA PRO G 372 -6.58 80.94 -41.13
C PRO G 372 -6.86 79.60 -41.81
N GLN G 373 -8.15 79.27 -41.88
CA GLN G 373 -8.60 77.99 -42.37
C GLN G 373 -9.88 78.19 -43.17
N LEU G 374 -9.92 77.66 -44.40
CA LEU G 374 -11.12 77.75 -45.21
C LEU G 374 -12.14 76.73 -44.76
N SER G 375 -13.41 77.12 -44.79
CA SER G 375 -14.45 76.30 -44.18
C SER G 375 -15.03 75.28 -45.15
N GLY G 376 -15.61 75.74 -46.25
CA GLY G 376 -16.38 74.85 -47.07
C GLY G 376 -15.77 74.53 -48.43
N TYR G 377 -15.27 73.33 -48.59
CA TYR G 377 -14.87 72.85 -49.90
C TYR G 377 -16.05 72.08 -50.49
N ASN G 378 -15.84 71.47 -51.65
CA ASN G 378 -16.83 70.54 -52.17
C ASN G 378 -16.89 69.27 -51.33
N THR G 379 -18.10 68.78 -51.11
CA THR G 379 -18.32 67.41 -50.67
C THR G 379 -18.36 66.43 -51.84
N GLU G 380 -17.82 66.84 -52.97
CA GLU G 380 -17.64 66.07 -54.20
C GLU G 380 -16.16 66.13 -54.49
N ASP G 381 -15.76 65.89 -55.74
CA ASP G 381 -14.39 66.13 -56.20
C ASP G 381 -13.90 67.50 -55.77
N PHE G 382 -12.86 67.51 -54.93
CA PHE G 382 -12.58 68.61 -54.01
C PHE G 382 -12.06 69.84 -54.74
N SER G 383 -12.69 70.98 -54.48
CA SER G 383 -12.30 72.25 -55.08
C SER G 383 -12.91 73.38 -54.27
N PHE G 384 -12.17 74.47 -54.15
CA PHE G 384 -12.65 75.68 -53.48
C PHE G 384 -12.66 76.80 -54.51
N HIS G 385 -13.83 77.42 -54.67
CA HIS G 385 -13.94 78.65 -55.48
C HIS G 385 -15.11 79.47 -54.92
N ARG G 386 -14.79 80.34 -53.97
CA ARG G 386 -15.71 81.34 -53.45
C ARG G 386 -15.33 82.75 -53.88
N PHE G 387 -14.04 82.98 -54.10
CA PHE G 387 -13.54 84.26 -54.53
C PHE G 387 -12.51 84.03 -55.63
N LYS G 388 -12.46 84.96 -56.58
CA LYS G 388 -11.44 84.94 -57.62
C LYS G 388 -11.29 86.34 -58.19
N TRP G 389 -10.21 86.53 -58.93
CA TRP G 389 -9.69 87.84 -59.27
C TRP G 389 -9.75 88.10 -60.75
N LEU G 390 -9.94 89.37 -61.11
CA LEU G 390 -10.09 89.78 -62.50
C LEU G 390 -9.29 91.08 -62.68
N LYS G 391 -8.19 90.99 -63.42
CA LYS G 391 -7.47 92.18 -63.85
C LYS G 391 -8.25 92.75 -65.03
N TYR G 392 -9.09 93.74 -64.76
CA TYR G 392 -10.08 94.14 -65.75
C TYR G 392 -9.60 95.25 -66.67
N ALA G 393 -8.59 96.02 -66.27
CA ALA G 393 -8.09 97.11 -67.09
C ALA G 393 -6.65 97.40 -66.71
N ASN G 394 -6.00 98.22 -67.53
CA ASN G 394 -4.60 98.58 -67.33
C ASN G 394 -4.42 100.04 -66.96
N ASN G 395 -4.99 100.96 -67.74
CA ASN G 395 -4.76 102.40 -67.59
C ASN G 395 -5.91 102.99 -66.77
N VAL G 396 -5.85 102.76 -65.46
CA VAL G 396 -6.89 103.23 -64.56
C VAL G 396 -6.34 104.40 -63.75
N GLN G 397 -5.01 104.41 -63.55
CA GLN G 397 -4.38 105.49 -62.79
C GLN G 397 -4.43 106.84 -63.52
N SER G 398 -4.64 106.83 -64.83
CA SER G 398 -4.84 108.09 -65.55
C SER G 398 -6.18 108.74 -65.24
N TYR G 399 -7.13 107.98 -64.69
CA TYR G 399 -8.42 108.52 -64.32
C TYR G 399 -8.48 108.94 -62.86
N LEU G 400 -7.41 108.75 -62.10
CA LEU G 400 -7.44 109.03 -60.68
C LEU G 400 -6.63 110.28 -60.35
N PRO G 401 -7.07 111.08 -59.38
CA PRO G 401 -6.28 112.23 -58.96
C PRO G 401 -5.09 111.78 -58.13
N PRO G 402 -4.00 112.55 -58.14
CA PRO G 402 -2.83 112.16 -57.34
C PRO G 402 -3.05 112.43 -55.87
N PHE G 403 -2.08 111.96 -55.06
CA PHE G 403 -2.16 112.03 -53.62
C PHE G 403 -1.34 113.19 -53.07
N PRO G 404 -1.75 113.74 -51.93
CA PRO G 404 -0.90 114.71 -51.24
C PRO G 404 0.31 114.03 -50.65
N PRO G 405 1.40 114.77 -50.42
CA PRO G 405 2.53 114.19 -49.69
C PRO G 405 2.19 114.02 -48.22
N LYS G 406 3.04 113.25 -47.53
CA LYS G 406 2.76 112.92 -46.14
C LYS G 406 2.99 114.13 -45.25
N VAL G 407 2.01 114.41 -44.39
CA VAL G 407 2.10 115.54 -43.47
C VAL G 407 3.03 115.15 -42.33
N GLU G 408 4.08 115.95 -42.13
CA GLU G 408 5.04 115.69 -41.08
C GLU G 408 5.34 117.00 -40.36
N LEU G 409 5.33 116.96 -39.03
CA LEU G 409 5.62 118.14 -38.22
C LEU G 409 7.08 118.55 -38.35
N ASP H 2 -106.36 43.80 -82.46
CA ASP H 2 -105.07 43.33 -81.98
C ASP H 2 -104.46 44.29 -80.96
N LYS H 3 -104.81 44.10 -79.69
CA LYS H 3 -104.22 44.86 -78.60
C LYS H 3 -103.36 43.99 -77.69
N ILE H 4 -103.42 42.67 -77.85
CA ILE H 4 -102.96 41.76 -76.80
C ILE H 4 -101.45 41.53 -76.85
N GLN H 5 -100.93 41.01 -77.99
CA GLN H 5 -99.51 40.73 -78.20
C GLN H 5 -98.97 39.73 -77.17
N LEU H 6 -99.35 38.46 -77.38
CA LEU H 6 -99.07 37.35 -76.49
C LEU H 6 -97.56 37.12 -76.26
N PHE H 7 -97.27 36.23 -75.30
CA PHE H 7 -95.92 36.06 -74.75
C PHE H 7 -94.89 35.62 -75.78
N ARG H 8 -93.68 36.16 -75.64
CA ARG H 8 -92.52 35.79 -76.42
C ARG H 8 -91.31 35.78 -75.49
N THR H 9 -90.19 35.30 -76.01
CA THR H 9 -88.93 35.35 -75.29
C THR H 9 -88.06 36.47 -75.86
N ILE H 10 -87.26 37.07 -74.99
CA ILE H 10 -86.43 38.21 -75.35
C ILE H 10 -84.97 37.80 -75.51
N GLY H 11 -84.40 37.14 -74.50
CA GLY H 11 -83.03 36.69 -74.58
C GLY H 11 -82.76 35.55 -73.63
N ARG H 12 -81.71 34.79 -73.94
CA ARG H 12 -81.29 33.67 -73.11
C ARG H 12 -79.81 33.77 -72.81
N VAL H 13 -79.43 33.31 -71.63
CA VAL H 13 -78.05 33.36 -71.14
C VAL H 13 -77.68 31.98 -70.61
N GLN H 14 -76.55 31.45 -71.07
CA GLN H 14 -75.93 30.28 -70.47
C GLN H 14 -74.68 30.70 -69.72
N TYR H 15 -74.61 30.37 -68.44
CA TYR H 15 -73.44 30.62 -67.61
C TYR H 15 -72.86 29.29 -67.14
N TRP H 16 -71.66 28.98 -67.60
CA TRP H 16 -70.95 27.78 -67.18
C TRP H 16 -70.07 28.07 -65.96
N GLU H 17 -69.32 27.06 -65.56
CA GLU H 17 -68.31 27.16 -64.54
C GLU H 17 -66.95 27.37 -65.20
N ARG H 18 -65.88 27.31 -64.41
CA ARG H 18 -64.53 27.46 -64.93
C ARG H 18 -63.88 26.10 -65.13
N VAL H 19 -62.76 26.10 -65.83
CA VAL H 19 -62.00 24.89 -66.09
C VAL H 19 -61.39 24.40 -64.77
N PRO H 20 -61.72 23.20 -64.32
CA PRO H 20 -61.16 22.71 -63.05
C PRO H 20 -59.72 22.28 -63.22
N ARG H 21 -59.01 22.26 -62.09
CA ARG H 21 -57.60 21.92 -62.09
C ARG H 21 -57.21 21.41 -60.71
N LEU H 22 -56.07 20.72 -60.65
CA LEU H 22 -55.61 20.16 -59.39
C LEU H 22 -55.09 21.24 -58.46
N HIS H 23 -55.52 21.18 -57.20
CA HIS H 23 -55.10 22.11 -56.17
C HIS H 23 -53.62 21.95 -55.83
N ALA H 24 -53.15 20.71 -55.74
CA ALA H 24 -51.86 20.42 -55.13
C ALA H 24 -50.71 20.27 -56.12
N TYR H 25 -50.94 20.52 -57.40
CA TYR H 25 -49.85 20.41 -58.35
C TYR H 25 -49.11 21.72 -58.58
N GLY H 26 -49.75 22.85 -58.30
CA GLY H 26 -49.07 24.13 -58.37
C GLY H 26 -49.33 24.86 -59.66
N VAL H 27 -49.38 26.19 -59.58
CA VAL H 27 -49.64 27.05 -60.72
C VAL H 27 -48.35 27.78 -61.06
N PHE H 28 -48.12 28.00 -62.35
CA PHE H 28 -47.04 28.90 -62.76
C PHE H 28 -47.44 29.51 -64.08
N ALA H 29 -47.67 30.83 -64.08
CA ALA H 29 -48.12 31.53 -65.27
C ALA H 29 -47.27 32.77 -65.50
N LEU H 30 -47.14 33.14 -66.77
CA LEU H 30 -46.44 34.35 -67.21
C LEU H 30 -47.17 34.92 -68.42
N PRO H 31 -47.28 36.24 -68.53
CA PRO H 31 -48.00 36.82 -69.67
C PRO H 31 -47.13 36.89 -70.91
N PHE H 32 -47.80 36.87 -72.05
CA PHE H 32 -47.17 36.91 -73.36
C PHE H 32 -47.95 37.82 -74.28
N PRO H 33 -47.28 38.47 -75.23
CA PRO H 33 -48.00 39.20 -76.27
C PRO H 33 -48.67 38.24 -77.23
N MET H 34 -49.84 38.62 -77.70
CA MET H 34 -50.62 37.80 -78.60
C MET H 34 -50.25 38.10 -80.06
N ASP H 35 -50.35 37.08 -80.90
CA ASP H 35 -50.01 37.23 -82.30
C ASP H 35 -51.13 37.98 -83.02
N PRO H 36 -50.84 39.10 -83.67
CA PRO H 36 -51.92 39.84 -84.36
C PRO H 36 -52.44 39.15 -85.61
N ASP H 37 -51.68 38.22 -86.19
CA ASP H 37 -52.09 37.54 -87.41
C ASP H 37 -52.95 36.31 -87.15
N VAL H 38 -53.58 36.23 -85.98
CA VAL H 38 -54.43 35.12 -85.59
C VAL H 38 -55.82 35.65 -85.33
N GLU H 39 -56.83 35.01 -85.90
CA GLU H 39 -58.20 35.37 -85.59
C GLU H 39 -58.55 34.87 -84.19
N TRP H 40 -58.27 35.67 -83.17
CA TRP H 40 -58.48 35.26 -81.79
C TRP H 40 -59.93 35.27 -81.36
N GLY H 41 -60.87 35.58 -82.25
CA GLY H 41 -62.27 35.64 -81.90
C GLY H 41 -62.91 34.28 -81.74
N ASN H 42 -62.62 33.36 -82.66
CA ASN H 42 -63.22 32.03 -82.60
C ASN H 42 -62.47 31.07 -81.69
N TRP H 43 -61.34 31.50 -81.13
CA TRP H 43 -60.68 30.71 -80.10
C TRP H 43 -61.25 31.00 -78.72
N PHE H 44 -61.97 32.10 -78.56
CA PHE H 44 -62.60 32.47 -77.30
C PHE H 44 -64.11 32.51 -77.39
N ALA H 45 -64.68 32.02 -78.49
CA ALA H 45 -66.12 32.09 -78.72
C ALA H 45 -66.81 30.93 -78.02
N GLY H 46 -67.89 31.24 -77.31
CA GLY H 46 -68.68 30.23 -76.65
C GLY H 46 -68.54 30.30 -75.14
N PRO H 47 -69.61 29.92 -74.42
CA PRO H 47 -69.56 29.98 -72.95
C PRO H 47 -68.89 28.78 -72.31
N HIS H 48 -68.49 27.78 -73.08
CA HIS H 48 -68.03 26.53 -72.51
C HIS H 48 -66.63 26.67 -71.92
N PRO H 49 -66.33 25.91 -70.86
CA PRO H 49 -64.95 25.85 -70.35
C PRO H 49 -64.03 25.17 -71.36
N LYS H 50 -63.01 25.88 -71.80
CA LYS H 50 -62.19 25.41 -72.90
C LYS H 50 -60.76 25.90 -72.72
N ALA H 51 -59.80 25.02 -72.99
CA ALA H 51 -58.39 25.36 -72.94
C ALA H 51 -57.71 24.86 -74.21
N PHE H 52 -56.58 25.48 -74.54
CA PHE H 52 -55.84 25.10 -75.73
C PHE H 52 -54.39 25.51 -75.57
N LEU H 53 -53.54 24.97 -76.44
CA LEU H 53 -52.09 25.15 -76.35
C LEU H 53 -51.64 26.31 -77.21
N VAL H 54 -50.64 27.03 -76.72
CA VAL H 54 -50.05 28.14 -77.46
C VAL H 54 -48.57 27.86 -77.66
N SER H 55 -48.05 28.29 -78.80
CA SER H 55 -46.65 28.18 -79.13
C SER H 55 -46.08 29.57 -79.35
N VAL H 56 -44.79 29.73 -79.05
CA VAL H 56 -44.13 31.01 -79.15
C VAL H 56 -43.31 31.04 -80.44
N HIS H 57 -43.10 32.23 -80.98
CA HIS H 57 -42.17 32.39 -82.09
C HIS H 57 -40.76 32.50 -81.53
N PRO H 58 -39.84 31.60 -81.90
CA PRO H 58 -38.49 31.67 -81.33
C PRO H 58 -37.65 32.80 -81.89
N SER H 59 -37.94 33.26 -83.10
CA SER H 59 -37.18 34.31 -83.74
C SER H 59 -38.09 35.02 -84.73
N GLY H 60 -37.48 35.89 -85.56
CA GLY H 60 -38.22 36.61 -86.56
C GLY H 60 -38.75 37.94 -86.05
N PRO H 61 -39.55 38.62 -86.85
CA PRO H 61 -40.09 39.92 -86.43
C PRO H 61 -41.17 39.82 -85.36
N LYS H 62 -41.78 38.65 -85.18
CA LYS H 62 -42.83 38.47 -84.18
C LYS H 62 -42.37 37.58 -83.03
N ALA H 63 -41.10 37.69 -82.65
CA ALA H 63 -40.55 36.83 -81.60
C ALA H 63 -41.12 37.22 -80.24
N GLY H 64 -41.48 36.21 -79.45
CA GLY H 64 -42.14 36.41 -78.18
C GLY H 64 -43.65 36.43 -78.25
N HIS H 65 -44.23 36.52 -79.45
CA HIS H 65 -45.67 36.48 -79.61
C HIS H 65 -46.14 35.03 -79.63
N VAL H 66 -47.23 34.77 -78.90
CA VAL H 66 -47.79 33.42 -78.84
C VAL H 66 -48.97 33.31 -79.80
N TYR H 67 -49.11 32.13 -80.39
CA TYR H 67 -50.16 31.80 -81.32
C TYR H 67 -50.60 30.38 -81.00
N PRO H 68 -51.84 30.00 -81.34
CA PRO H 68 -52.30 28.65 -81.01
C PRO H 68 -51.55 27.58 -81.78
N THR H 69 -51.29 26.46 -81.11
CA THR H 69 -50.35 25.46 -81.59
C THR H 69 -50.87 24.73 -82.81
N ASP H 70 -50.09 24.73 -83.88
CA ASP H 70 -50.39 23.96 -85.08
C ASP H 70 -49.87 22.55 -84.88
N LEU H 71 -50.78 21.58 -84.72
CA LEU H 71 -50.38 20.21 -84.46
C LEU H 71 -49.81 19.51 -85.68
N SER H 72 -50.04 20.05 -86.87
CA SER H 72 -49.45 19.49 -88.08
C SER H 72 -48.10 20.11 -88.42
N ASP H 73 -47.62 21.04 -87.60
CA ASP H 73 -46.32 21.67 -87.77
C ASP H 73 -45.41 21.22 -86.64
N PRO H 74 -44.29 20.55 -86.92
CA PRO H 74 -43.41 20.11 -85.82
C PRO H 74 -42.73 21.26 -85.10
N ASP H 75 -42.50 22.39 -85.79
CA ASP H 75 -41.90 23.54 -85.14
C ASP H 75 -42.89 24.22 -84.20
N SER H 76 -44.18 24.20 -84.54
CA SER H 76 -45.19 24.68 -83.61
C SER H 76 -45.34 23.75 -82.42
N VAL H 77 -45.12 22.44 -82.64
CA VAL H 77 -45.13 21.48 -81.54
C VAL H 77 -43.90 21.68 -80.67
N ALA H 78 -42.73 21.92 -81.27
CA ALA H 78 -41.50 22.07 -80.51
C ALA H 78 -41.41 23.40 -79.77
N ASN H 79 -42.32 24.34 -80.02
CA ASN H 79 -42.26 25.66 -79.41
C ASN H 79 -43.42 25.90 -78.45
N VAL H 80 -44.05 24.85 -77.93
CA VAL H 80 -45.17 25.03 -77.01
C VAL H 80 -44.68 25.57 -75.69
N ILE H 81 -45.52 26.38 -75.04
CA ILE H 81 -45.10 27.11 -73.85
C ILE H 81 -46.15 26.93 -72.76
N GLY H 82 -47.33 26.44 -73.11
CA GLY H 82 -48.32 26.14 -72.10
C GLY H 82 -49.73 26.29 -72.65
N MET H 83 -50.67 26.47 -71.72
CA MET H 83 -52.09 26.54 -72.03
C MET H 83 -52.66 27.90 -71.67
N VAL H 84 -53.78 28.22 -72.32
CA VAL H 84 -54.64 29.33 -71.95
C VAL H 84 -55.91 28.72 -71.38
N LEU H 85 -56.21 29.01 -70.12
CA LEU H 85 -57.26 28.25 -69.43
C LEU H 85 -58.66 28.79 -69.71
N ASP H 86 -58.81 30.10 -69.88
CA ASP H 86 -60.11 30.68 -70.19
C ASP H 86 -59.91 31.96 -71.00
N GLY H 87 -61.02 32.56 -71.41
CA GLY H 87 -60.96 33.82 -72.11
C GLY H 87 -60.57 34.97 -71.19
N HIS H 88 -60.05 36.04 -71.80
CA HIS H 88 -59.51 37.14 -71.00
C HIS H 88 -59.99 38.50 -71.48
N ASP H 89 -61.08 38.56 -72.24
CA ASP H 89 -61.54 39.74 -72.98
C ASP H 89 -60.44 40.21 -73.95
N TYR H 90 -60.23 39.36 -74.96
CA TYR H 90 -59.23 39.56 -75.99
C TYR H 90 -59.41 40.85 -76.78
N GLU H 91 -60.63 41.40 -76.82
CA GLU H 91 -60.89 42.62 -77.58
C GLU H 91 -60.19 43.83 -76.94
N ALA H 92 -60.18 43.90 -75.61
CA ALA H 92 -59.56 45.04 -74.94
C ALA H 92 -58.05 44.89 -74.89
N ASP H 93 -57.55 43.72 -74.49
CA ASP H 93 -56.13 43.51 -74.24
C ASP H 93 -55.60 42.45 -75.20
N HIS H 94 -54.46 42.73 -75.81
CA HIS H 94 -53.77 41.79 -76.70
C HIS H 94 -52.57 41.15 -76.01
N ASN H 95 -52.69 40.89 -74.71
CA ASN H 95 -51.66 40.20 -73.94
C ASN H 95 -52.37 39.14 -73.10
N VAL H 96 -51.98 37.89 -73.27
CA VAL H 96 -52.69 36.77 -72.64
C VAL H 96 -51.79 36.14 -71.59
N THR H 97 -52.41 35.69 -70.50
CA THR H 97 -51.70 34.96 -69.46
C THR H 97 -51.62 33.49 -69.82
N VAL H 98 -50.41 32.97 -69.96
CA VAL H 98 -50.16 31.60 -70.38
C VAL H 98 -49.70 30.82 -69.17
N THR H 99 -50.39 29.73 -68.86
CA THR H 99 -50.06 28.89 -67.72
C THR H 99 -49.02 27.86 -68.15
N LEU H 100 -47.88 27.86 -67.48
CA LEU H 100 -46.77 26.98 -67.85
C LEU H 100 -46.81 25.66 -67.11
N ARG H 101 -47.29 25.64 -65.87
CA ARG H 101 -47.39 24.43 -65.07
C ARG H 101 -48.76 24.38 -64.40
N ALA H 102 -49.55 23.37 -64.74
CA ALA H 102 -50.84 23.14 -64.12
C ALA H 102 -51.21 21.67 -64.32
N ALA H 103 -52.46 21.33 -64.05
CA ALA H 103 -52.94 19.96 -64.15
C ALA H 103 -54.41 19.98 -64.53
N VAL H 104 -54.69 19.82 -65.81
CA VAL H 104 -56.03 20.02 -66.37
C VAL H 104 -56.57 18.67 -66.84
N PRO H 105 -57.84 18.34 -66.57
CA PRO H 105 -58.43 17.12 -67.14
C PRO H 105 -58.50 17.19 -68.65
N ILE H 106 -58.48 16.01 -69.28
CA ILE H 106 -58.38 15.94 -70.74
C ILE H 106 -59.67 16.29 -71.47
N GLU H 107 -60.77 16.45 -70.73
CA GLU H 107 -62.03 16.81 -71.36
C GLU H 107 -62.07 18.27 -71.78
N TYR H 108 -61.35 19.13 -71.07
CA TYR H 108 -61.46 20.57 -71.23
C TYR H 108 -60.38 21.14 -72.13
N VAL H 109 -59.70 20.31 -72.91
CA VAL H 109 -58.64 20.78 -73.80
C VAL H 109 -59.00 20.32 -75.21
N GLN H 110 -59.39 21.26 -76.05
CA GLN H 110 -59.64 21.01 -77.46
C GLN H 110 -58.83 22.00 -78.28
N GLN H 111 -58.18 21.52 -79.34
CA GLN H 111 -57.46 22.45 -80.20
C GLN H 111 -58.39 23.12 -81.20
N GLY H 112 -58.98 22.33 -82.09
CA GLY H 112 -59.71 22.92 -83.20
C GLY H 112 -61.03 23.55 -82.77
N ILE H 113 -61.45 24.56 -83.55
CA ILE H 113 -62.78 25.11 -83.37
C ILE H 113 -63.83 24.06 -83.74
N GLU H 114 -63.55 23.27 -84.77
CA GLU H 114 -64.36 22.11 -85.12
C GLU H 114 -63.95 20.92 -84.26
N ALA H 115 -64.22 21.05 -82.97
CA ALA H 115 -64.00 20.01 -81.99
C ALA H 115 -65.03 20.30 -80.92
N PRO H 116 -65.83 19.31 -80.51
CA PRO H 116 -66.91 19.56 -79.56
C PRO H 116 -66.36 19.88 -78.19
N PRO H 117 -66.99 20.80 -77.46
CA PRO H 117 -66.59 21.06 -76.08
C PRO H 117 -66.96 19.90 -75.18
N LEU H 118 -66.33 19.89 -74.00
CA LEU H 118 -66.54 18.93 -72.91
C LEU H 118 -66.22 17.49 -73.32
N GLN H 119 -65.38 17.31 -74.32
CA GLN H 119 -65.02 16.00 -74.84
C GLN H 119 -63.52 15.94 -75.06
N PRO H 120 -62.89 14.78 -74.86
CA PRO H 120 -61.44 14.68 -75.06
C PRO H 120 -61.06 14.79 -76.53
N ASP H 121 -60.11 15.67 -76.82
CA ASP H 121 -59.61 15.85 -78.17
C ASP H 121 -58.65 14.72 -78.52
N PRO H 122 -58.93 13.91 -79.54
CA PRO H 122 -58.00 12.82 -79.88
C PRO H 122 -56.75 13.31 -80.59
N ALA H 123 -56.73 14.53 -81.12
CA ALA H 123 -55.54 15.03 -81.78
C ALA H 123 -54.45 15.41 -80.77
N VAL H 124 -54.84 15.85 -79.58
CA VAL H 124 -53.86 16.16 -78.55
C VAL H 124 -53.28 14.88 -77.97
N LEU H 125 -54.13 13.87 -77.75
CA LEU H 125 -53.70 12.63 -77.11
C LEU H 125 -52.72 11.84 -77.96
N ASN H 126 -52.85 11.93 -79.28
CA ASN H 126 -51.93 11.21 -80.16
C ASN H 126 -50.64 11.95 -80.39
N ALA H 127 -50.55 13.22 -79.97
CA ALA H 127 -49.30 13.98 -80.03
C ALA H 127 -48.78 14.33 -78.66
N ALA H 128 -49.42 13.84 -77.59
CA ALA H 128 -49.04 14.20 -76.23
C ALA H 128 -47.60 13.84 -75.80
N PRO H 129 -46.92 12.80 -76.31
CA PRO H 129 -45.48 12.68 -75.98
C PRO H 129 -44.62 13.84 -76.48
N GLN H 130 -44.71 14.19 -77.76
CA GLN H 130 -43.86 15.27 -78.26
C GLN H 130 -44.39 16.66 -77.93
N LEU H 131 -45.58 16.77 -77.33
CA LEU H 131 -46.08 18.03 -76.79
C LEU H 131 -45.63 18.27 -75.35
N LYS H 132 -44.75 17.41 -74.83
CA LYS H 132 -44.27 17.43 -73.43
C LYS H 132 -45.45 17.33 -72.45
N LEU H 133 -46.42 16.50 -72.80
CA LEU H 133 -47.57 16.21 -71.97
C LEU H 133 -47.48 14.77 -71.47
N LYS H 134 -48.09 14.51 -70.31
CA LYS H 134 -48.13 13.16 -69.77
C LYS H 134 -49.54 12.89 -69.27
N VAL H 135 -50.27 12.03 -69.98
CA VAL H 135 -51.65 11.73 -69.66
C VAL H 135 -51.67 10.75 -68.48
N ILE H 136 -52.12 11.22 -67.33
CA ILE H 136 -52.22 10.41 -66.11
C ILE H 136 -53.59 10.66 -65.50
N LYS H 137 -54.37 9.59 -65.33
CA LYS H 137 -55.71 9.63 -64.72
C LYS H 137 -56.67 10.57 -65.44
N GLY H 138 -56.61 10.57 -66.76
CA GLY H 138 -57.47 11.45 -67.54
C GLY H 138 -57.13 12.92 -67.41
N HIS H 139 -55.88 13.24 -67.11
CA HIS H 139 -55.44 14.61 -66.89
C HIS H 139 -54.16 14.86 -67.66
N TYR H 140 -53.89 16.13 -67.96
CA TYR H 140 -52.62 16.52 -68.54
C TYR H 140 -51.73 17.08 -67.46
N PHE H 141 -50.52 16.56 -67.36
CA PHE H 141 -49.51 17.08 -66.45
C PHE H 141 -48.40 17.68 -67.29
N PHE H 142 -48.25 19.00 -67.19
CA PHE H 142 -47.30 19.73 -68.02
C PHE H 142 -46.56 20.74 -67.17
N ASP H 143 -45.32 20.98 -67.57
CA ASP H 143 -44.48 21.99 -66.92
C ASP H 143 -43.45 22.40 -67.97
N TYR H 144 -43.59 23.60 -68.50
CA TYR H 144 -42.70 24.07 -69.55
C TYR H 144 -41.60 24.95 -69.02
N THR H 145 -41.44 25.02 -67.69
CA THR H 145 -40.25 25.64 -67.12
C THR H 145 -39.03 24.76 -67.30
N ARG H 146 -39.23 23.45 -67.36
CA ARG H 146 -38.12 22.52 -67.55
C ARG H 146 -37.73 22.45 -69.02
N ASP I 2 -35.39 -36.98 -24.09
CA ASP I 2 -35.71 -35.56 -24.01
C ASP I 2 -37.09 -35.38 -23.41
N LYS I 3 -37.16 -34.58 -22.34
CA LYS I 3 -38.41 -34.43 -21.63
C LYS I 3 -38.75 -32.98 -21.24
N ILE I 4 -37.80 -32.04 -21.28
CA ILE I 4 -38.03 -30.70 -20.77
C ILE I 4 -38.21 -29.66 -21.88
N GLN I 5 -37.31 -29.66 -22.88
CA GLN I 5 -37.28 -28.66 -23.96
C GLN I 5 -37.12 -27.25 -23.37
N LEU I 6 -35.91 -27.00 -22.89
CA LEU I 6 -35.46 -25.94 -21.99
C LEU I 6 -36.01 -24.54 -22.25
N PHE I 7 -35.64 -23.92 -23.37
CA PHE I 7 -36.20 -22.63 -23.79
C PHE I 7 -35.94 -22.47 -25.28
N ARG I 8 -37.01 -22.23 -26.02
CA ARG I 8 -36.91 -21.90 -27.44
C ARG I 8 -37.76 -20.67 -27.69
N THR I 9 -37.22 -19.74 -28.46
CA THR I 9 -38.02 -18.61 -28.93
C THR I 9 -39.05 -19.10 -29.94
N ILE I 10 -40.32 -18.83 -29.66
CA ILE I 10 -41.41 -19.30 -30.50
C ILE I 10 -42.12 -18.16 -31.20
N GLY I 11 -41.69 -16.92 -31.01
CA GLY I 11 -42.28 -15.78 -31.68
C GLY I 11 -41.35 -14.59 -31.70
N ARG I 12 -41.23 -13.94 -32.85
CA ARG I 12 -40.36 -12.78 -32.99
C ARG I 12 -41.12 -11.67 -33.71
N VAL I 13 -41.04 -10.46 -33.19
CA VAL I 13 -41.64 -9.29 -33.80
C VAL I 13 -40.59 -8.19 -33.88
N GLN I 14 -40.34 -7.67 -35.07
CA GLN I 14 -39.50 -6.51 -35.28
C GLN I 14 -40.37 -5.32 -35.67
N TYR I 15 -40.16 -4.19 -35.01
CA TYR I 15 -40.93 -2.99 -35.30
C TYR I 15 -39.99 -1.88 -35.72
N TRP I 16 -40.12 -1.43 -36.95
CA TRP I 16 -39.23 -0.45 -37.57
C TRP I 16 -39.90 0.91 -37.64
N GLU I 17 -39.19 1.86 -38.24
CA GLU I 17 -39.71 3.17 -38.54
C GLU I 17 -39.92 3.30 -40.05
N ARG I 18 -40.75 4.26 -40.43
CA ARG I 18 -41.44 4.20 -41.73
C ARG I 18 -40.75 5.06 -42.78
N VAL I 19 -39.60 4.58 -43.26
CA VAL I 19 -38.93 4.93 -44.52
C VAL I 19 -38.78 6.44 -44.70
N PRO I 20 -37.79 7.07 -44.07
CA PRO I 20 -37.71 8.54 -44.09
C PRO I 20 -37.47 9.11 -45.48
N ARG I 21 -37.99 10.33 -45.69
CA ARG I 21 -37.80 11.03 -46.95
C ARG I 21 -37.54 12.50 -46.66
N LEU I 22 -37.09 13.21 -47.69
CA LEU I 22 -36.92 14.66 -47.62
C LEU I 22 -38.27 15.36 -47.47
N HIS I 23 -38.39 16.15 -46.41
CA HIS I 23 -39.56 16.97 -46.17
C HIS I 23 -39.77 18.01 -47.27
N ALA I 24 -38.70 18.61 -47.76
CA ALA I 24 -38.83 19.79 -48.60
C ALA I 24 -39.05 19.48 -50.07
N TYR I 25 -38.82 18.25 -50.51
CA TYR I 25 -38.90 17.97 -51.93
C TYR I 25 -40.33 17.84 -52.42
N GLY I 26 -41.28 17.51 -51.54
CA GLY I 26 -42.67 17.45 -51.92
C GLY I 26 -43.15 16.02 -52.14
N VAL I 27 -44.46 15.83 -51.97
CA VAL I 27 -45.11 14.54 -52.09
C VAL I 27 -46.23 14.67 -53.12
N PHE I 28 -46.35 13.68 -54.00
CA PHE I 28 -47.48 13.64 -54.91
C PHE I 28 -47.82 12.19 -55.20
N ALA I 29 -48.97 11.72 -54.70
CA ALA I 29 -49.34 10.32 -54.78
C ALA I 29 -50.76 10.18 -55.32
N LEU I 30 -50.97 9.11 -56.09
CA LEU I 30 -52.27 8.79 -56.70
C LEU I 30 -52.47 7.27 -56.64
N PRO I 31 -53.66 6.80 -56.25
CA PRO I 31 -53.88 5.36 -56.15
C PRO I 31 -54.07 4.70 -57.51
N PHE I 32 -53.56 3.50 -57.65
CA PHE I 32 -53.60 2.70 -58.87
C PHE I 32 -54.14 1.31 -58.56
N PRO I 33 -54.81 0.67 -59.52
CA PRO I 33 -55.24 -0.72 -59.31
C PRO I 33 -54.07 -1.69 -59.38
N MET I 34 -54.02 -2.60 -58.42
CA MET I 34 -52.94 -3.58 -58.37
C MET I 34 -53.21 -4.70 -59.38
N ASP I 35 -52.14 -5.18 -59.99
CA ASP I 35 -52.24 -6.28 -60.95
C ASP I 35 -52.58 -7.57 -60.21
N PRO I 36 -53.65 -8.27 -60.59
CA PRO I 36 -53.95 -9.55 -59.92
C PRO I 36 -53.01 -10.67 -60.29
N ASP I 37 -52.28 -10.56 -61.41
CA ASP I 37 -51.36 -11.61 -61.83
C ASP I 37 -50.00 -11.54 -61.15
N VAL I 38 -49.82 -10.63 -60.20
CA VAL I 38 -48.58 -10.48 -59.46
C VAL I 38 -48.79 -11.06 -58.08
N GLU I 39 -47.84 -11.87 -57.62
CA GLU I 39 -47.84 -12.37 -56.25
C GLU I 39 -47.35 -11.24 -55.36
N TRP I 40 -48.28 -10.47 -54.81
CA TRP I 40 -47.91 -9.32 -53.99
C TRP I 40 -47.51 -9.71 -52.57
N GLY I 41 -47.57 -10.99 -52.21
CA GLY I 41 -47.26 -11.38 -50.85
C GLY I 41 -45.79 -11.36 -50.52
N ASN I 42 -44.92 -11.51 -51.52
CA ASN I 42 -43.49 -11.48 -51.28
C ASN I 42 -42.86 -10.14 -51.67
N TRP I 43 -43.67 -9.11 -51.88
CA TRP I 43 -43.19 -7.75 -52.01
C TRP I 43 -43.49 -6.91 -50.78
N PHE I 44 -44.50 -7.30 -50.00
CA PHE I 44 -44.86 -6.64 -48.77
C PHE I 44 -44.46 -7.47 -47.55
N ALA I 45 -43.52 -8.39 -47.72
CA ALA I 45 -43.12 -9.30 -46.65
C ALA I 45 -41.92 -8.75 -45.90
N GLY I 46 -41.92 -8.94 -44.59
CA GLY I 46 -40.83 -8.49 -43.76
C GLY I 46 -41.11 -7.14 -43.15
N PRO I 47 -40.63 -6.91 -41.93
CA PRO I 47 -40.86 -5.62 -41.28
C PRO I 47 -39.96 -4.50 -41.77
N HIS I 48 -39.01 -4.80 -42.65
CA HIS I 48 -37.96 -3.86 -43.00
C HIS I 48 -38.51 -2.65 -43.75
N PRO I 49 -37.97 -1.47 -43.49
CA PRO I 49 -38.27 -0.31 -44.34
C PRO I 49 -37.79 -0.56 -45.76
N LYS I 50 -38.73 -0.59 -46.69
CA LYS I 50 -38.42 -1.09 -48.03
C LYS I 50 -39.38 -0.45 -49.01
N ALA I 51 -38.84 0.10 -50.09
CA ALA I 51 -39.63 0.68 -51.17
C ALA I 51 -39.15 0.09 -52.49
N PHE I 52 -40.03 0.12 -53.50
CA PHE I 52 -39.71 -0.49 -54.78
C PHE I 52 -40.51 0.18 -55.88
N LEU I 53 -40.01 0.05 -57.10
CA LEU I 53 -40.60 0.70 -58.26
C LEU I 53 -41.75 -0.12 -58.83
N VAL I 54 -42.73 0.58 -59.36
CA VAL I 54 -43.83 -0.05 -60.08
C VAL I 54 -43.93 0.55 -61.47
N SER I 55 -44.34 -0.27 -62.42
CA SER I 55 -44.62 0.17 -63.77
C SER I 55 -46.09 -0.10 -64.07
N VAL I 56 -46.68 0.73 -64.90
CA VAL I 56 -48.09 0.62 -65.25
C VAL I 56 -48.20 -0.03 -66.62
N HIS I 57 -49.23 -0.83 -66.83
CA HIS I 57 -49.50 -1.35 -68.16
C HIS I 57 -50.05 -0.23 -69.02
N PRO I 58 -49.38 0.13 -70.12
CA PRO I 58 -49.86 1.28 -70.92
C PRO I 58 -51.08 0.94 -71.75
N SER I 59 -51.22 -0.33 -72.12
CA SER I 59 -52.31 -0.76 -72.99
C SER I 59 -52.56 -2.24 -72.75
N GLY I 60 -53.48 -2.81 -73.51
CA GLY I 60 -53.86 -4.18 -73.35
C GLY I 60 -55.07 -4.34 -72.46
N PRO I 61 -55.37 -5.57 -72.03
CA PRO I 61 -56.54 -5.79 -71.18
C PRO I 61 -56.36 -5.30 -69.76
N LYS I 62 -55.15 -5.04 -69.31
CA LYS I 62 -54.89 -4.61 -67.95
C LYS I 62 -54.33 -3.19 -67.90
N ALA I 63 -54.75 -2.35 -68.83
CA ALA I 63 -54.25 -0.98 -68.89
C ALA I 63 -54.70 -0.18 -67.67
N GLY I 64 -53.75 0.48 -67.02
CA GLY I 64 -54.01 1.18 -65.78
C GLY I 64 -53.63 0.41 -64.54
N HIS I 65 -53.31 -0.87 -64.67
CA HIS I 65 -52.85 -1.68 -63.55
C HIS I 65 -51.34 -1.57 -63.41
N VAL I 66 -50.87 -1.66 -62.17
CA VAL I 66 -49.45 -1.51 -61.87
C VAL I 66 -48.88 -2.85 -61.41
N TYR I 67 -47.64 -3.09 -61.80
CA TYR I 67 -46.88 -4.29 -61.48
C TYR I 67 -45.47 -3.82 -61.13
N PRO I 68 -44.74 -4.58 -60.31
CA PRO I 68 -43.37 -4.17 -59.96
C PRO I 68 -42.45 -4.19 -61.16
N THR I 69 -41.51 -3.26 -61.17
CA THR I 69 -40.75 -2.95 -62.37
C THR I 69 -39.75 -4.06 -62.67
N ASP I 70 -39.87 -4.65 -63.85
CA ASP I 70 -38.87 -5.60 -64.35
C ASP I 70 -37.69 -4.78 -64.86
N LEU I 71 -36.54 -4.92 -64.21
CA LEU I 71 -35.37 -4.14 -64.60
C LEU I 71 -34.72 -4.69 -65.87
N SER I 72 -35.01 -5.93 -66.23
CA SER I 72 -34.47 -6.51 -67.45
C SER I 72 -35.34 -6.25 -68.67
N ASP I 73 -36.60 -5.89 -68.47
CA ASP I 73 -37.51 -5.58 -69.57
C ASP I 73 -37.40 -4.10 -69.91
N PRO I 74 -37.01 -3.74 -71.15
CA PRO I 74 -36.94 -2.32 -71.51
C PRO I 74 -38.28 -1.62 -71.56
N ASP I 75 -39.39 -2.35 -71.66
CA ASP I 75 -40.70 -1.72 -71.65
C ASP I 75 -41.20 -1.48 -70.25
N SER I 76 -40.89 -2.37 -69.31
CA SER I 76 -41.24 -2.13 -67.91
C SER I 76 -40.39 -1.01 -67.31
N VAL I 77 -39.17 -0.85 -67.81
CA VAL I 77 -38.35 0.30 -67.42
C VAL I 77 -38.94 1.58 -67.99
N ALA I 78 -39.41 1.54 -69.23
CA ALA I 78 -39.94 2.74 -69.87
C ALA I 78 -41.32 3.14 -69.36
N ASN I 79 -42.00 2.28 -68.61
CA ASN I 79 -43.37 2.54 -68.17
C ASN I 79 -43.47 2.75 -66.67
N VAL I 80 -42.36 3.17 -66.03
CA VAL I 80 -42.35 3.38 -64.59
C VAL I 80 -43.23 4.57 -64.21
N ILE I 81 -43.81 4.51 -63.03
CA ILE I 81 -44.76 5.53 -62.61
C ILE I 81 -44.45 6.00 -61.19
N GLY I 82 -43.61 5.26 -60.48
CA GLY I 82 -43.22 5.72 -59.16
C GLY I 82 -42.84 4.56 -58.25
N MET I 83 -42.89 4.85 -56.95
CA MET I 83 -42.54 3.90 -55.92
C MET I 83 -43.72 3.65 -54.99
N VAL I 84 -43.77 2.43 -54.46
CA VAL I 84 -44.62 2.11 -53.33
C VAL I 84 -43.73 2.18 -52.09
N LEU I 85 -43.93 3.21 -51.27
CA LEU I 85 -42.96 3.48 -50.21
C LEU I 85 -43.20 2.61 -48.98
N ASP I 86 -44.38 2.74 -48.37
CA ASP I 86 -44.58 2.19 -47.04
C ASP I 86 -44.78 0.68 -47.08
N GLY I 87 -45.84 0.23 -47.74
CA GLY I 87 -46.28 -1.14 -47.62
C GLY I 87 -47.79 -1.18 -47.47
N HIS I 88 -48.45 -1.95 -48.31
CA HIS I 88 -49.90 -1.89 -48.46
C HIS I 88 -50.55 -3.14 -47.89
N ASP I 89 -51.77 -2.96 -47.38
CA ASP I 89 -52.60 -4.06 -46.91
C ASP I 89 -53.20 -4.76 -48.14
N TYR I 90 -52.37 -5.60 -48.77
CA TYR I 90 -52.68 -6.18 -50.07
C TYR I 90 -53.77 -7.24 -49.99
N GLU I 91 -54.07 -7.74 -48.79
CA GLU I 91 -55.09 -8.77 -48.65
C GLU I 91 -56.48 -8.18 -48.84
N ALA I 92 -56.80 -7.12 -48.12
CA ALA I 92 -58.11 -6.51 -48.20
C ALA I 92 -58.29 -5.74 -49.50
N ASP I 93 -57.46 -4.71 -49.71
CA ASP I 93 -57.60 -3.84 -50.86
C ASP I 93 -56.63 -4.25 -51.97
N HIS I 94 -57.03 -4.00 -53.21
CA HIS I 94 -56.18 -4.21 -54.37
C HIS I 94 -55.92 -2.91 -55.10
N ASN I 95 -55.82 -1.81 -54.35
CA ASN I 95 -55.60 -0.47 -54.89
C ASN I 95 -54.50 0.18 -54.06
N VAL I 96 -53.29 0.21 -54.60
CA VAL I 96 -52.13 0.69 -53.85
C VAL I 96 -51.92 2.17 -54.15
N THR I 97 -51.49 2.93 -53.14
CA THR I 97 -51.17 4.33 -53.31
C THR I 97 -49.73 4.44 -53.78
N VAL I 98 -49.54 4.97 -54.99
CA VAL I 98 -48.23 5.04 -55.62
C VAL I 98 -47.73 6.47 -55.54
N THR I 99 -46.56 6.66 -54.96
CA THR I 99 -45.96 7.98 -54.85
C THR I 99 -45.24 8.32 -56.16
N LEU I 100 -45.64 9.41 -56.79
CA LEU I 100 -45.05 9.82 -58.04
C LEU I 100 -43.88 10.79 -57.87
N ARG I 101 -43.81 11.47 -56.73
CA ARG I 101 -42.71 12.40 -56.46
C ARG I 101 -42.35 12.36 -54.98
N ALA I 102 -41.13 11.92 -54.69
CA ALA I 102 -40.56 11.98 -53.35
C ALA I 102 -39.04 11.90 -53.49
N ALA I 103 -38.35 12.05 -52.37
CA ALA I 103 -36.89 11.95 -52.32
C ALA I 103 -36.49 10.98 -51.22
N VAL I 104 -35.97 9.82 -51.61
CA VAL I 104 -35.78 8.68 -50.72
C VAL I 104 -34.31 8.29 -50.73
N PRO I 105 -33.71 7.97 -49.57
CA PRO I 105 -32.32 7.50 -49.55
C PRO I 105 -32.15 6.16 -50.26
N ILE I 106 -30.93 5.91 -50.72
CA ILE I 106 -30.67 4.73 -51.55
C ILE I 106 -30.61 3.44 -50.76
N GLU I 107 -30.59 3.52 -49.43
CA GLU I 107 -30.50 2.32 -48.62
C GLU I 107 -31.80 1.55 -48.55
N TYR I 108 -32.92 2.18 -48.89
CA TYR I 108 -34.23 1.61 -48.64
C TYR I 108 -34.94 1.13 -49.91
N VAL I 109 -34.29 1.18 -51.05
CA VAL I 109 -34.92 0.83 -52.32
C VAL I 109 -34.23 -0.42 -52.84
N GLN I 110 -34.87 -1.57 -52.66
CA GLN I 110 -34.41 -2.84 -53.20
C GLN I 110 -35.49 -3.41 -54.09
N GLN I 111 -35.11 -3.86 -55.30
CA GLN I 111 -36.10 -4.46 -56.18
C GLN I 111 -36.35 -5.92 -55.85
N GLY I 112 -35.33 -6.76 -55.96
CA GLY I 112 -35.53 -8.19 -55.91
C GLY I 112 -35.91 -8.69 -54.53
N ILE I 113 -36.56 -9.84 -54.51
CA ILE I 113 -36.83 -10.53 -53.25
C ILE I 113 -35.53 -11.05 -52.66
N GLU I 114 -34.63 -11.52 -53.52
CA GLU I 114 -33.28 -11.88 -53.11
C GLU I 114 -32.38 -10.65 -53.17
N ALA I 115 -32.69 -9.69 -52.30
CA ALA I 115 -31.91 -8.47 -52.17
C ALA I 115 -31.87 -8.13 -50.68
N PRO I 116 -30.71 -7.81 -50.13
CA PRO I 116 -30.60 -7.55 -48.70
C PRO I 116 -31.27 -6.23 -48.33
N PRO I 117 -32.03 -6.20 -47.24
CA PRO I 117 -32.59 -4.94 -46.78
C PRO I 117 -31.50 -4.04 -46.19
N LEU I 118 -31.83 -2.76 -46.10
CA LEU I 118 -31.00 -1.68 -45.53
C LEU I 118 -29.68 -1.51 -46.28
N GLN I 119 -29.63 -1.94 -47.54
CA GLN I 119 -28.45 -1.80 -48.38
C GLN I 119 -28.89 -1.31 -49.75
N PRO I 120 -28.05 -0.56 -50.45
CA PRO I 120 -28.40 -0.13 -51.80
C PRO I 120 -28.41 -1.30 -52.78
N ASP I 121 -29.38 -1.28 -53.68
CA ASP I 121 -29.48 -2.28 -54.73
C ASP I 121 -28.61 -1.82 -55.89
N PRO I 122 -27.55 -2.54 -56.23
CA PRO I 122 -26.65 -2.06 -57.29
C PRO I 122 -27.23 -2.15 -58.69
N ALA I 123 -28.34 -2.86 -58.89
CA ALA I 123 -29.00 -2.84 -60.19
C ALA I 123 -29.79 -1.56 -60.40
N VAL I 124 -30.35 -1.00 -59.33
CA VAL I 124 -31.10 0.25 -59.45
C VAL I 124 -30.14 1.42 -59.69
N LEU I 125 -28.98 1.41 -59.01
CA LEU I 125 -27.97 2.44 -59.22
C LEU I 125 -27.38 2.36 -60.62
N ASN I 126 -27.29 1.16 -61.18
CA ASN I 126 -26.80 1.01 -62.55
C ASN I 126 -27.82 1.52 -63.55
N ALA I 127 -29.11 1.33 -63.27
CA ALA I 127 -30.17 1.65 -64.20
C ALA I 127 -30.82 3.00 -63.92
N ALA I 128 -30.27 3.77 -62.98
CA ALA I 128 -30.85 5.07 -62.63
C ALA I 128 -30.97 6.10 -63.76
N PRO I 129 -30.11 6.17 -64.79
CA PRO I 129 -30.44 7.04 -65.93
C PRO I 129 -31.72 6.65 -66.68
N GLN I 130 -31.84 5.39 -67.09
CA GLN I 130 -33.04 5.02 -67.83
C GLN I 130 -34.24 4.74 -66.93
N LEU I 131 -34.08 4.75 -65.61
CA LEU I 131 -35.22 4.72 -64.71
C LEU I 131 -35.69 6.11 -64.29
N LYS I 132 -35.06 7.15 -64.85
CA LYS I 132 -35.34 8.56 -64.52
C LYS I 132 -35.16 8.85 -63.04
N LEU I 133 -34.11 8.28 -62.46
CA LEU I 133 -33.70 8.54 -61.09
C LEU I 133 -32.41 9.35 -61.11
N LYS I 134 -32.22 10.20 -60.12
CA LYS I 134 -30.96 10.93 -60.00
C LYS I 134 -30.45 10.77 -58.58
N VAL I 135 -29.22 10.28 -58.46
CA VAL I 135 -28.61 10.03 -57.15
C VAL I 135 -27.83 11.26 -56.74
N ILE I 136 -28.24 11.85 -55.61
CA ILE I 136 -27.57 13.02 -55.02
C ILE I 136 -27.52 12.79 -53.52
N LYS I 137 -26.31 12.80 -52.95
CA LYS I 137 -26.06 12.64 -51.51
C LYS I 137 -26.60 11.32 -50.97
N GLY I 138 -26.56 10.28 -51.80
CA GLY I 138 -27.13 9.01 -51.41
C GLY I 138 -28.63 9.02 -51.29
N HIS I 139 -29.30 9.82 -52.12
CA HIS I 139 -30.76 9.90 -52.14
C HIS I 139 -31.22 9.83 -53.59
N TYR I 140 -32.32 9.13 -53.82
CA TYR I 140 -32.96 9.14 -55.12
C TYR I 140 -33.90 10.33 -55.22
N PHE I 141 -33.91 10.98 -56.37
CA PHE I 141 -34.83 12.06 -56.67
C PHE I 141 -35.65 11.67 -57.89
N PHE I 142 -36.96 11.55 -57.72
CA PHE I 142 -37.81 11.09 -58.82
C PHE I 142 -39.08 11.90 -58.84
N ASP I 143 -39.53 12.20 -60.06
CA ASP I 143 -40.83 12.81 -60.29
C ASP I 143 -41.31 12.26 -61.62
N TYR I 144 -42.35 11.42 -61.58
CA TYR I 144 -42.88 10.81 -62.79
C TYR I 144 -44.13 11.50 -63.27
N THR I 145 -44.38 12.73 -62.81
CA THR I 145 -45.37 13.57 -63.46
C THR I 145 -44.80 14.26 -64.69
N ARG I 146 -43.49 14.43 -64.75
CA ARG I 146 -42.86 14.98 -65.93
C ARG I 146 -42.63 13.86 -66.94
N ASP J 2 4.05 75.15 -45.92
CA ASP J 2 3.81 73.94 -46.68
C ASP J 2 3.14 72.93 -45.75
N LYS J 3 2.64 73.44 -44.62
CA LYS J 3 2.17 72.59 -43.54
C LYS J 3 0.65 72.52 -43.45
N ILE J 4 -0.03 72.52 -44.59
CA ILE J 4 -1.42 72.11 -44.70
C ILE J 4 -1.52 71.09 -45.81
N GLN J 5 -1.95 69.88 -45.46
CA GLN J 5 -2.21 68.82 -46.42
C GLN J 5 -3.70 68.85 -46.77
N LEU J 6 -4.01 68.85 -48.06
CA LEU J 6 -5.37 69.00 -48.54
C LEU J 6 -6.14 67.68 -48.37
N PHE J 7 -7.35 67.63 -48.90
CA PHE J 7 -8.16 66.42 -48.79
C PHE J 7 -7.59 65.30 -49.64
N ARG J 8 -7.71 64.08 -49.13
CA ARG J 8 -7.01 62.93 -49.69
C ARG J 8 -7.75 61.68 -49.23
N THR J 9 -8.29 60.91 -50.18
CA THR J 9 -9.12 59.76 -49.84
C THR J 9 -8.26 58.64 -49.25
N ILE J 10 -8.71 58.12 -48.10
CA ILE J 10 -7.97 57.11 -47.35
C ILE J 10 -8.79 55.84 -47.12
N GLY J 11 -9.91 55.69 -47.84
CA GLY J 11 -10.72 54.49 -47.71
C GLY J 11 -11.94 54.53 -48.62
N ARG J 12 -12.31 53.38 -49.19
CA ARG J 12 -13.44 53.34 -50.12
C ARG J 12 -14.03 51.94 -50.14
N VAL J 13 -15.35 51.85 -50.07
CA VAL J 13 -16.08 50.58 -50.06
C VAL J 13 -17.27 50.69 -51.01
N GLN J 14 -17.37 49.74 -51.95
CA GLN J 14 -18.59 49.54 -52.71
C GLN J 14 -19.43 48.45 -52.07
N TYR J 15 -20.74 48.62 -52.14
CA TYR J 15 -21.68 47.63 -51.62
C TYR J 15 -22.76 47.34 -52.66
N TRP J 16 -23.08 46.06 -52.82
CA TRP J 16 -24.06 45.62 -53.78
C TRP J 16 -25.12 44.77 -53.07
N GLU J 17 -26.26 44.63 -53.72
CA GLU J 17 -27.31 43.76 -53.23
C GLU J 17 -27.04 42.33 -53.68
N ARG J 18 -27.89 41.41 -53.28
CA ARG J 18 -27.70 40.01 -53.64
C ARG J 18 -28.22 39.76 -55.04
N VAL J 19 -27.92 38.58 -55.57
CA VAL J 19 -28.47 38.14 -56.85
C VAL J 19 -29.96 37.89 -56.65
N PRO J 20 -30.83 38.54 -57.41
CA PRO J 20 -32.26 38.31 -57.26
C PRO J 20 -32.69 37.00 -57.89
N ARG J 21 -33.83 36.50 -57.43
CA ARG J 21 -34.38 35.26 -57.96
C ARG J 21 -35.89 35.25 -57.76
N LEU J 22 -36.55 34.34 -58.48
CA LEU J 22 -37.99 34.19 -58.35
C LEU J 22 -38.38 33.56 -57.03
N HIS J 23 -39.29 34.23 -56.32
CA HIS J 23 -39.82 33.70 -55.06
C HIS J 23 -40.67 32.46 -55.29
N ALA J 24 -41.49 32.46 -56.34
CA ALA J 24 -42.51 31.44 -56.51
C ALA J 24 -41.99 30.15 -57.11
N TYR J 25 -40.73 30.11 -57.58
CA TYR J 25 -40.23 28.93 -58.23
C TYR J 25 -39.62 27.93 -57.25
N GLY J 26 -39.34 28.34 -56.03
CA GLY J 26 -38.90 27.41 -55.01
C GLY J 26 -37.38 27.35 -54.90
N VAL J 27 -36.91 26.97 -53.71
CA VAL J 27 -35.50 26.94 -53.39
C VAL J 27 -35.13 25.51 -53.00
N PHE J 28 -33.99 25.04 -53.50
CA PHE J 28 -33.45 23.77 -53.04
C PHE J 28 -31.93 23.82 -53.16
N ALA J 29 -31.23 23.66 -52.04
CA ALA J 29 -29.78 23.78 -52.01
C ALA J 29 -29.20 22.77 -51.04
N LEU J 30 -27.98 22.30 -51.35
CA LEU J 30 -27.22 21.38 -50.51
C LEU J 30 -25.74 21.75 -50.57
N PRO J 31 -25.02 21.62 -49.44
CA PRO J 31 -23.59 21.95 -49.45
C PRO J 31 -22.69 20.81 -49.86
N PHE J 32 -21.57 21.19 -50.48
CA PHE J 32 -20.57 20.32 -51.05
C PHE J 32 -19.19 20.79 -50.58
N PRO J 33 -18.22 19.89 -50.52
CA PRO J 33 -16.84 20.31 -50.28
C PRO J 33 -16.26 21.00 -51.50
N MET J 34 -15.36 21.93 -51.25
CA MET J 34 -14.74 22.70 -52.33
C MET J 34 -13.44 22.04 -52.75
N ASP J 35 -13.15 22.14 -54.04
CA ASP J 35 -11.96 21.51 -54.60
C ASP J 35 -10.72 22.28 -54.15
N PRO J 36 -9.74 21.63 -53.52
CA PRO J 36 -8.53 22.35 -53.09
C PRO J 36 -7.64 22.80 -54.24
N ASP J 37 -7.76 22.19 -55.42
CA ASP J 37 -6.93 22.56 -56.55
C ASP J 37 -7.50 23.73 -57.33
N VAL J 38 -8.60 24.32 -56.88
CA VAL J 38 -9.22 25.48 -57.51
C VAL J 38 -8.85 26.71 -56.71
N GLU J 39 -8.35 27.73 -57.40
CA GLU J 39 -8.16 29.04 -56.78
C GLU J 39 -9.51 29.70 -56.56
N TRP J 40 -10.09 29.54 -55.37
CA TRP J 40 -11.41 30.11 -55.10
C TRP J 40 -11.36 31.59 -54.77
N GLY J 41 -10.19 32.23 -54.86
CA GLY J 41 -10.08 33.64 -54.58
C GLY J 41 -10.64 34.51 -55.69
N ASN J 42 -10.31 34.20 -56.93
CA ASN J 42 -10.75 35.01 -58.06
C ASN J 42 -12.11 34.57 -58.61
N TRP J 43 -12.84 33.74 -57.87
CA TRP J 43 -14.24 33.48 -58.18
C TRP J 43 -15.17 34.23 -57.24
N PHE J 44 -14.70 34.53 -56.03
CA PHE J 44 -15.44 35.30 -55.05
C PHE J 44 -14.91 36.71 -54.92
N ALA J 45 -14.19 37.20 -55.93
CA ALA J 45 -13.55 38.50 -55.88
C ALA J 45 -14.43 39.56 -56.52
N GLY J 46 -14.45 40.74 -55.92
CA GLY J 46 -15.23 41.84 -56.42
C GLY J 46 -16.62 41.85 -55.81
N PRO J 47 -17.12 43.03 -55.44
CA PRO J 47 -18.40 43.11 -54.72
C PRO J 47 -19.63 42.88 -55.59
N HIS J 48 -19.46 42.68 -56.89
CA HIS J 48 -20.59 42.57 -57.81
C HIS J 48 -21.40 41.31 -57.54
N PRO J 49 -22.70 41.33 -57.80
CA PRO J 49 -23.50 40.11 -57.71
C PRO J 49 -23.17 39.18 -58.86
N LYS J 50 -22.86 37.93 -58.54
CA LYS J 50 -22.44 36.98 -59.55
C LYS J 50 -22.82 35.57 -59.11
N ALA J 51 -23.30 34.77 -60.05
CA ALA J 51 -23.52 33.35 -59.84
C ALA J 51 -22.78 32.59 -60.92
N PHE J 52 -22.37 31.36 -60.61
CA PHE J 52 -21.66 30.55 -61.59
C PHE J 52 -21.97 29.08 -61.34
N LEU J 53 -21.77 28.29 -62.39
CA LEU J 53 -22.10 26.87 -62.42
C LEU J 53 -20.94 26.05 -61.89
N VAL J 54 -21.25 25.02 -61.13
CA VAL J 54 -20.23 24.10 -60.64
C VAL J 54 -20.54 22.69 -61.11
N SER J 55 -19.47 21.96 -61.41
CA SER J 55 -19.54 20.53 -61.67
C SER J 55 -18.94 19.78 -60.50
N VAL J 56 -19.39 18.55 -60.29
CA VAL J 56 -18.89 17.72 -59.20
C VAL J 56 -18.01 16.63 -59.81
N HIS J 57 -17.04 16.17 -59.04
CA HIS J 57 -16.22 15.06 -59.47
C HIS J 57 -16.98 13.76 -59.22
N PRO J 58 -17.18 12.92 -60.24
CA PRO J 58 -17.94 11.68 -60.00
C PRO J 58 -17.16 10.62 -59.25
N SER J 59 -15.87 10.49 -59.53
CA SER J 59 -15.05 9.47 -58.91
C SER J 59 -13.62 9.97 -58.81
N GLY J 60 -12.75 9.16 -58.24
CA GLY J 60 -11.37 9.52 -58.03
C GLY J 60 -11.11 9.90 -56.60
N PRO J 61 -9.94 10.52 -56.34
CA PRO J 61 -9.64 10.94 -54.97
C PRO J 61 -10.43 12.15 -54.52
N LYS J 62 -10.98 12.92 -55.45
CA LYS J 62 -11.70 14.14 -55.13
C LYS J 62 -13.21 13.99 -55.33
N ALA J 63 -13.72 12.76 -55.18
CA ALA J 63 -15.13 12.50 -55.44
C ALA J 63 -16.00 13.14 -54.37
N GLY J 64 -16.95 13.97 -54.82
CA GLY J 64 -17.77 14.76 -53.93
C GLY J 64 -17.37 16.21 -53.85
N HIS J 65 -16.20 16.57 -54.38
CA HIS J 65 -15.76 17.96 -54.42
C HIS J 65 -16.28 18.62 -55.68
N VAL J 66 -16.51 19.93 -55.59
CA VAL J 66 -17.06 20.70 -56.69
C VAL J 66 -16.03 21.72 -57.18
N TYR J 67 -16.04 21.94 -58.49
CA TYR J 67 -15.17 22.86 -59.19
C TYR J 67 -16.02 23.66 -60.18
N PRO J 68 -15.61 24.88 -60.51
CA PRO J 68 -16.36 25.66 -61.50
C PRO J 68 -16.33 25.01 -62.86
N THR J 69 -17.47 25.09 -63.56
CA THR J 69 -17.70 24.29 -64.75
C THR J 69 -16.84 24.77 -65.92
N ASP J 70 -16.11 23.84 -66.51
CA ASP J 70 -15.36 24.10 -67.74
C ASP J 70 -16.31 23.86 -68.91
N LEU J 71 -16.67 24.94 -69.62
CA LEU J 71 -17.61 24.82 -70.71
C LEU J 71 -17.02 24.15 -71.94
N SER J 72 -15.69 24.08 -72.03
CA SER J 72 -15.03 23.40 -73.14
C SER J 72 -14.73 21.94 -72.84
N ASP J 73 -15.16 21.42 -71.69
CA ASP J 73 -14.95 20.03 -71.32
C ASP J 73 -16.32 19.36 -71.19
N PRO J 74 -16.68 18.44 -72.10
CA PRO J 74 -18.03 17.85 -72.06
C PRO J 74 -18.29 16.98 -70.85
N ASP J 75 -17.25 16.42 -70.23
CA ASP J 75 -17.46 15.68 -68.99
C ASP J 75 -17.70 16.61 -67.81
N SER J 76 -17.15 17.82 -67.88
CA SER J 76 -17.50 18.84 -66.89
C SER J 76 -18.90 19.38 -67.13
N VAL J 77 -19.35 19.39 -68.39
CA VAL J 77 -20.70 19.81 -68.71
C VAL J 77 -21.71 18.81 -68.18
N ALA J 78 -21.44 17.51 -68.36
CA ALA J 78 -22.36 16.47 -67.95
C ALA J 78 -22.36 16.20 -66.45
N ASN J 79 -21.56 16.93 -65.67
CA ASN J 79 -21.50 16.72 -64.23
C ASN J 79 -21.95 17.94 -63.44
N VAL J 80 -22.65 18.88 -64.07
CA VAL J 80 -23.08 20.10 -63.39
C VAL J 80 -24.14 19.77 -62.36
N ILE J 81 -24.14 20.52 -61.26
CA ILE J 81 -24.93 20.15 -60.10
C ILE J 81 -25.71 21.35 -59.59
N GLY J 82 -25.43 22.52 -60.13
CA GLY J 82 -26.19 23.69 -59.73
C GLY J 82 -25.36 24.95 -59.84
N MET J 83 -25.66 25.90 -58.96
CA MET J 83 -24.98 27.19 -58.96
C MET J 83 -24.57 27.59 -57.55
N VAL J 84 -23.58 28.46 -57.50
CA VAL J 84 -23.16 29.12 -56.27
C VAL J 84 -23.72 30.53 -56.29
N LEU J 85 -24.53 30.87 -55.30
CA LEU J 85 -25.16 32.19 -55.23
C LEU J 85 -24.48 33.04 -54.17
N ASP J 86 -24.03 34.22 -54.58
CA ASP J 86 -23.57 35.36 -53.76
C ASP J 86 -22.24 35.13 -53.05
N GLY J 87 -21.63 33.96 -53.13
CA GLY J 87 -20.33 33.74 -52.53
C GLY J 87 -20.29 33.66 -51.02
N HIS J 88 -19.17 33.19 -50.47
CA HIS J 88 -18.98 33.16 -49.03
C HIS J 88 -17.49 33.25 -48.75
N ASP J 89 -17.13 33.22 -47.46
CA ASP J 89 -15.73 33.29 -47.06
C ASP J 89 -15.08 31.93 -47.22
N TYR J 90 -14.33 31.76 -48.31
CA TYR J 90 -13.61 30.53 -48.61
C TYR J 90 -12.41 30.30 -47.71
N GLU J 91 -12.04 31.27 -46.88
CA GLU J 91 -10.89 31.12 -46.00
C GLU J 91 -11.25 30.35 -44.75
N ALA J 92 -12.31 30.77 -44.06
CA ALA J 92 -12.72 30.11 -42.82
C ALA J 92 -13.53 28.85 -43.05
N ASP J 93 -13.88 28.54 -44.29
CA ASP J 93 -14.69 27.36 -44.57
C ASP J 93 -14.42 26.92 -46.00
N HIS J 94 -14.32 25.61 -46.20
CA HIS J 94 -14.14 25.02 -47.52
C HIS J 94 -15.37 24.21 -47.93
N ASN J 95 -16.55 24.69 -47.58
CA ASN J 95 -17.80 24.00 -47.85
C ASN J 95 -18.81 25.02 -48.36
N VAL J 96 -19.06 25.01 -49.66
CA VAL J 96 -19.94 25.98 -50.30
C VAL J 96 -21.33 25.37 -50.45
N THR J 97 -22.35 26.20 -50.31
CA THR J 97 -23.74 25.77 -50.52
C THR J 97 -24.10 25.97 -51.98
N VAL J 98 -24.32 24.87 -52.68
CA VAL J 98 -24.68 24.89 -54.10
C VAL J 98 -26.20 24.87 -54.20
N THR J 99 -26.75 25.81 -54.95
CA THR J 99 -28.19 25.89 -55.15
C THR J 99 -28.57 25.02 -56.33
N LEU J 100 -29.45 24.05 -56.10
CA LEU J 100 -29.81 23.09 -57.12
C LEU J 100 -31.06 23.49 -57.89
N ARG J 101 -31.95 24.26 -57.28
CA ARG J 101 -33.15 24.73 -57.95
C ARG J 101 -33.38 26.21 -57.62
N ALA J 102 -33.30 27.06 -58.63
CA ALA J 102 -33.61 28.48 -58.51
C ALA J 102 -34.00 29.00 -59.88
N ALA J 103 -34.27 30.30 -59.95
CA ALA J 103 -34.61 30.96 -61.21
C ALA J 103 -33.96 32.34 -61.19
N VAL J 104 -32.91 32.50 -61.97
CA VAL J 104 -32.01 33.65 -61.88
C VAL J 104 -32.05 34.42 -63.19
N PRO J 105 -32.10 35.77 -63.18
CA PRO J 105 -31.95 36.54 -64.41
C PRO J 105 -30.59 36.29 -65.06
N ILE J 106 -30.56 36.40 -66.39
CA ILE J 106 -29.39 35.97 -67.14
C ILE J 106 -28.21 36.93 -67.06
N GLU J 107 -28.39 38.10 -66.45
CA GLU J 107 -27.29 39.05 -66.34
C GLU J 107 -26.32 38.69 -65.22
N TYR J 108 -26.76 37.92 -64.24
CA TYR J 108 -25.97 37.66 -63.04
C TYR J 108 -25.21 36.35 -63.11
N VAL J 109 -25.05 35.77 -64.29
CA VAL J 109 -24.36 34.50 -64.46
C VAL J 109 -23.22 34.70 -65.45
N GLN J 110 -21.99 34.47 -64.99
CA GLN J 110 -20.80 34.54 -65.82
C GLN J 110 -19.88 33.39 -65.47
N GLN J 111 -19.22 32.83 -66.50
CA GLN J 111 -18.27 31.74 -66.30
C GLN J 111 -16.82 32.20 -66.35
N GLY J 112 -16.44 32.95 -67.37
CA GLY J 112 -15.08 33.42 -67.46
C GLY J 112 -14.80 34.49 -66.41
N ILE J 113 -13.57 34.49 -65.90
CA ILE J 113 -13.11 35.61 -65.08
C ILE J 113 -12.97 36.84 -65.96
N GLU J 114 -12.58 36.65 -67.21
CA GLU J 114 -12.54 37.72 -68.21
C GLU J 114 -13.92 37.88 -68.87
N ALA J 115 -14.92 38.18 -68.03
CA ALA J 115 -16.28 38.40 -68.46
C ALA J 115 -16.83 39.51 -67.56
N PRO J 116 -17.51 40.51 -68.14
CA PRO J 116 -17.94 41.64 -67.33
C PRO J 116 -19.08 41.25 -66.41
N PRO J 117 -19.14 41.82 -65.21
CA PRO J 117 -20.30 41.62 -64.35
C PRO J 117 -21.52 42.35 -64.88
N LEU J 118 -22.69 41.92 -64.39
CA LEU J 118 -24.00 42.50 -64.69
C LEU J 118 -24.34 42.43 -66.18
N GLN J 119 -23.78 41.45 -66.89
CA GLN J 119 -24.03 41.26 -68.31
C GLN J 119 -24.21 39.78 -68.59
N PRO J 120 -25.06 39.42 -69.55
CA PRO J 120 -25.24 38.01 -69.91
C PRO J 120 -24.00 37.46 -70.61
N ASP J 121 -23.44 36.40 -70.04
CA ASP J 121 -22.31 35.71 -70.64
C ASP J 121 -22.80 34.93 -71.85
N PRO J 122 -22.33 35.24 -73.07
CA PRO J 122 -22.83 34.52 -74.25
C PRO J 122 -22.35 33.09 -74.35
N ALA J 123 -21.34 32.69 -73.57
CA ALA J 123 -20.95 31.29 -73.55
C ALA J 123 -21.97 30.45 -72.79
N VAL J 124 -22.63 31.04 -71.80
CA VAL J 124 -23.67 30.30 -71.08
C VAL J 124 -24.93 30.21 -71.93
N LEU J 125 -25.25 31.27 -72.68
CA LEU J 125 -26.39 31.23 -73.57
C LEU J 125 -26.17 30.32 -74.77
N ASN J 126 -24.92 30.09 -75.15
CA ASN J 126 -24.64 29.17 -76.24
C ASN J 126 -24.86 27.72 -75.80
N ALA J 127 -24.38 27.37 -74.61
CA ALA J 127 -24.49 26.02 -74.09
C ALA J 127 -25.69 25.84 -73.17
N ALA J 128 -26.72 26.67 -73.34
CA ALA J 128 -27.91 26.57 -72.49
C ALA J 128 -28.69 25.24 -72.55
N PRO J 129 -28.87 24.54 -73.73
CA PRO J 129 -29.58 23.25 -73.67
C PRO J 129 -28.86 22.15 -72.89
N GLN J 130 -27.60 21.90 -73.20
CA GLN J 130 -26.90 20.79 -72.57
C GLN J 130 -26.40 21.10 -71.15
N LEU J 131 -26.63 22.30 -70.65
CA LEU J 131 -26.45 22.61 -69.24
C LEU J 131 -27.77 22.57 -68.48
N LYS J 132 -28.84 22.10 -69.14
CA LYS J 132 -30.20 22.00 -68.58
C LYS J 132 -30.72 23.34 -68.09
N LEU J 133 -30.47 24.37 -68.89
CA LEU J 133 -30.97 25.72 -68.64
C LEU J 133 -32.00 26.08 -69.69
N LYS J 134 -33.10 26.71 -69.26
CA LYS J 134 -34.11 27.18 -70.19
C LYS J 134 -34.31 28.66 -69.98
N VAL J 135 -34.28 29.42 -71.07
CA VAL J 135 -34.34 30.87 -71.02
C VAL J 135 -35.78 31.30 -71.26
N ILE J 136 -36.45 31.76 -70.21
CA ILE J 136 -37.80 32.28 -70.28
C ILE J 136 -37.80 33.65 -69.63
N LYS J 137 -38.16 34.69 -70.41
CA LYS J 137 -38.29 36.08 -69.96
C LYS J 137 -36.98 36.62 -69.38
N GLY J 138 -35.87 36.28 -70.03
CA GLY J 138 -34.57 36.75 -69.56
C GLY J 138 -34.13 36.15 -68.26
N HIS J 139 -34.59 34.94 -67.94
CA HIS J 139 -34.20 34.24 -66.72
C HIS J 139 -33.75 32.83 -67.08
N TYR J 140 -32.82 32.29 -66.30
CA TYR J 140 -32.49 30.89 -66.38
C TYR J 140 -33.37 30.11 -65.43
N PHE J 141 -33.98 29.04 -65.92
CA PHE J 141 -34.70 28.10 -65.08
C PHE J 141 -33.91 26.81 -65.02
N PHE J 142 -33.63 26.34 -63.81
CA PHE J 142 -32.88 25.11 -63.64
C PHE J 142 -33.35 24.39 -62.39
N ASP J 143 -33.48 23.07 -62.53
CA ASP J 143 -33.69 22.16 -61.41
C ASP J 143 -32.81 20.96 -61.69
N TYR J 144 -31.80 20.75 -60.86
CA TYR J 144 -30.88 19.64 -61.04
C TYR J 144 -31.25 18.44 -60.20
N THR J 145 -32.44 18.42 -59.63
CA THR J 145 -32.98 17.20 -59.07
C THR J 145 -33.72 16.37 -60.10
N ARG J 146 -34.14 16.97 -61.21
CA ARG J 146 -34.77 16.23 -62.29
C ARG J 146 -33.69 15.74 -63.25
N ASP K 2 -62.61 -6.06 -52.40
CA ASP K 2 -62.74 -7.22 -51.53
C ASP K 2 -62.47 -6.86 -50.09
N LYS K 3 -63.25 -5.93 -49.54
CA LYS K 3 -63.05 -5.43 -48.19
C LYS K 3 -64.07 -5.98 -47.21
N ILE K 4 -64.75 -7.07 -47.56
CA ILE K 4 -65.85 -7.58 -46.74
C ILE K 4 -65.33 -8.68 -45.82
N GLN K 5 -64.79 -9.75 -46.41
CA GLN K 5 -64.25 -10.92 -45.73
C GLN K 5 -65.33 -11.60 -44.88
N LEU K 6 -66.25 -12.27 -45.59
CA LEU K 6 -67.32 -13.04 -44.99
C LEU K 6 -66.79 -14.19 -44.11
N PHE K 7 -67.72 -14.82 -43.39
CA PHE K 7 -67.38 -15.81 -42.36
C PHE K 7 -66.67 -17.03 -42.92
N ARG K 8 -65.68 -17.50 -42.18
CA ARG K 8 -64.99 -18.76 -42.44
C ARG K 8 -64.76 -19.47 -41.12
N THR K 9 -64.49 -20.76 -41.22
CA THR K 9 -64.01 -21.53 -40.08
C THR K 9 -62.49 -21.47 -40.08
N ILE K 10 -61.91 -20.92 -39.01
CA ILE K 10 -60.47 -20.75 -38.91
C ILE K 10 -59.82 -21.86 -38.10
N GLY K 11 -60.59 -22.77 -37.52
CA GLY K 11 -60.03 -23.87 -36.77
C GLY K 11 -61.09 -24.78 -36.19
N ARG K 12 -60.89 -26.08 -36.30
CA ARG K 12 -61.84 -27.08 -35.83
C ARG K 12 -61.21 -27.95 -34.76
N VAL K 13 -62.03 -28.41 -33.82
CA VAL K 13 -61.62 -29.33 -32.77
C VAL K 13 -62.63 -30.47 -32.71
N GLN K 14 -62.15 -31.70 -32.85
CA GLN K 14 -62.96 -32.89 -32.67
C GLN K 14 -62.54 -33.60 -31.40
N TYR K 15 -63.51 -33.94 -30.56
CA TYR K 15 -63.26 -34.70 -29.35
C TYR K 15 -64.06 -36.01 -29.42
N TRP K 16 -63.46 -37.07 -28.89
CA TRP K 16 -64.00 -38.41 -29.04
C TRP K 16 -64.07 -39.08 -27.67
N GLU K 17 -64.44 -40.35 -27.68
CA GLU K 17 -64.34 -41.25 -26.53
C GLU K 17 -63.31 -42.28 -26.96
N ARG K 18 -62.50 -42.75 -26.00
CA ARG K 18 -61.18 -43.31 -26.30
C ARG K 18 -61.14 -44.52 -27.23
N VAL K 19 -61.47 -45.70 -26.74
CA VAL K 19 -61.51 -46.96 -27.47
C VAL K 19 -62.38 -47.89 -26.63
N PRO K 20 -63.43 -48.48 -27.20
CA PRO K 20 -64.16 -49.51 -26.45
C PRO K 20 -63.33 -50.78 -26.34
N ARG K 21 -63.40 -51.41 -25.18
CA ARG K 21 -62.59 -52.60 -24.94
C ARG K 21 -63.36 -53.50 -23.99
N LEU K 22 -63.26 -54.80 -24.20
CA LEU K 22 -63.99 -55.76 -23.36
C LEU K 22 -63.42 -55.76 -21.95
N HIS K 23 -64.30 -55.47 -20.99
CA HIS K 23 -63.95 -55.48 -19.58
C HIS K 23 -63.45 -56.84 -19.13
N ALA K 24 -64.12 -57.91 -19.55
CA ALA K 24 -63.89 -59.23 -18.99
C ALA K 24 -62.65 -59.93 -19.56
N TYR K 25 -62.07 -59.44 -20.65
CA TYR K 25 -60.97 -60.15 -21.26
C TYR K 25 -59.61 -59.79 -20.65
N GLY K 26 -59.52 -58.64 -20.00
CA GLY K 26 -58.33 -58.30 -19.24
C GLY K 26 -57.37 -57.41 -20.00
N VAL K 27 -56.48 -56.76 -19.25
CA VAL K 27 -55.46 -55.88 -19.79
C VAL K 27 -54.11 -56.43 -19.36
N PHE K 28 -53.11 -56.31 -20.23
CA PHE K 28 -51.73 -56.55 -19.80
C PHE K 28 -50.82 -55.70 -20.67
N ALA K 29 -50.05 -54.82 -20.03
CA ALA K 29 -49.27 -53.84 -20.76
C ALA K 29 -47.88 -53.70 -20.16
N LEU K 30 -46.89 -53.49 -21.02
CA LEU K 30 -45.51 -53.26 -20.64
C LEU K 30 -44.94 -52.21 -21.58
N PRO K 31 -44.29 -51.17 -21.05
CA PRO K 31 -43.79 -50.10 -21.92
C PRO K 31 -42.45 -50.41 -22.56
N PHE K 32 -42.32 -50.16 -23.86
CA PHE K 32 -41.08 -50.43 -24.55
C PHE K 32 -40.53 -49.10 -25.06
N PRO K 33 -39.24 -49.01 -25.34
CA PRO K 33 -38.71 -47.81 -25.99
C PRO K 33 -39.12 -47.74 -27.45
N MET K 34 -39.23 -46.52 -27.95
CA MET K 34 -39.66 -46.27 -29.32
C MET K 34 -38.44 -46.18 -30.24
N ASP K 35 -38.69 -46.27 -31.51
CA ASP K 35 -37.61 -46.17 -32.48
C ASP K 35 -37.46 -44.71 -32.93
N PRO K 36 -36.27 -44.12 -32.81
CA PRO K 36 -36.09 -42.74 -33.29
C PRO K 36 -36.09 -42.61 -34.80
N ASP K 37 -35.91 -43.70 -35.53
CA ASP K 37 -35.90 -43.64 -36.99
C ASP K 37 -37.29 -43.60 -37.60
N VAL K 38 -38.33 -43.69 -36.79
CA VAL K 38 -39.71 -43.70 -37.25
C VAL K 38 -40.30 -42.32 -37.06
N GLU K 39 -40.96 -41.80 -38.10
CA GLU K 39 -41.75 -40.58 -37.94
C GLU K 39 -43.00 -40.90 -37.13
N TRP K 40 -42.95 -40.71 -35.82
CA TRP K 40 -44.08 -41.06 -34.98
C TRP K 40 -45.18 -40.03 -34.99
N GLY K 41 -45.01 -38.92 -35.72
CA GLY K 41 -46.00 -37.86 -35.73
C GLY K 41 -47.26 -38.20 -36.48
N ASN K 42 -47.11 -38.81 -37.66
CA ASN K 42 -48.27 -39.15 -38.47
C ASN K 42 -48.93 -40.46 -38.05
N TRP K 43 -48.39 -41.14 -37.04
CA TRP K 43 -49.05 -42.27 -36.42
C TRP K 43 -49.91 -41.88 -35.23
N PHE K 44 -49.60 -40.75 -34.60
CA PHE K 44 -50.39 -40.22 -33.49
C PHE K 44 -51.20 -39.00 -33.91
N ALA K 45 -51.39 -38.81 -35.21
CA ALA K 45 -52.13 -37.67 -35.73
C ALA K 45 -53.60 -38.03 -35.92
N GLY K 46 -54.45 -37.02 -35.81
CA GLY K 46 -55.88 -37.21 -35.96
C GLY K 46 -56.54 -37.40 -34.61
N PRO K 47 -57.66 -36.71 -34.38
CA PRO K 47 -58.34 -36.85 -33.09
C PRO K 47 -59.08 -38.16 -32.93
N HIS K 48 -59.34 -38.86 -34.03
CA HIS K 48 -60.17 -40.06 -34.03
C HIS K 48 -59.50 -41.20 -33.29
N PRO K 49 -60.28 -42.16 -32.78
CA PRO K 49 -59.70 -43.37 -32.20
C PRO K 49 -58.98 -44.22 -33.23
N LYS K 50 -57.79 -44.68 -32.87
CA LYS K 50 -57.02 -45.56 -33.72
C LYS K 50 -56.11 -46.42 -32.86
N ALA K 51 -56.00 -47.69 -33.19
CA ALA K 51 -55.01 -48.58 -32.63
C ALA K 51 -54.17 -49.15 -33.76
N PHE K 52 -52.92 -49.49 -33.46
CA PHE K 52 -52.04 -50.04 -34.48
C PHE K 52 -51.03 -50.96 -33.85
N LEU K 53 -50.54 -51.90 -34.65
CA LEU K 53 -49.63 -52.93 -34.21
C LEU K 53 -48.20 -52.43 -34.21
N VAL K 54 -47.41 -52.91 -33.24
CA VAL K 54 -45.99 -52.61 -33.17
C VAL K 54 -45.20 -53.90 -33.20
N SER K 55 -44.01 -53.82 -33.78
CA SER K 55 -43.08 -54.94 -33.81
C SER K 55 -41.79 -54.53 -33.12
N VAL K 56 -41.07 -55.50 -32.57
CA VAL K 56 -39.86 -55.24 -31.81
C VAL K 56 -38.67 -55.75 -32.60
N HIS K 57 -37.55 -55.05 -32.49
CA HIS K 57 -36.31 -55.54 -33.07
C HIS K 57 -35.73 -56.62 -32.17
N PRO K 58 -35.57 -57.85 -32.67
CA PRO K 58 -35.02 -58.91 -31.81
C PRO K 58 -33.54 -58.77 -31.54
N SER K 59 -32.80 -58.07 -32.40
CA SER K 59 -31.35 -57.95 -32.26
C SER K 59 -30.91 -56.65 -32.89
N GLY K 60 -29.61 -56.51 -33.10
CA GLY K 60 -29.04 -55.34 -33.71
C GLY K 60 -28.83 -54.22 -32.71
N PRO K 61 -28.46 -53.03 -33.21
CA PRO K 61 -28.25 -51.90 -32.30
C PRO K 61 -29.52 -51.29 -31.75
N LYS K 62 -30.67 -51.63 -32.30
CA LYS K 62 -31.96 -51.10 -31.86
C LYS K 62 -32.82 -52.16 -31.20
N ALA K 63 -32.19 -53.14 -30.55
CA ALA K 63 -32.92 -54.24 -29.94
C ALA K 63 -33.73 -53.77 -28.75
N GLY K 64 -34.98 -54.22 -28.68
CA GLY K 64 -35.89 -53.78 -27.65
C GLY K 64 -36.66 -52.53 -27.98
N HIS K 65 -36.52 -52.00 -29.19
CA HIS K 65 -37.28 -50.83 -29.63
C HIS K 65 -38.45 -51.26 -30.50
N VAL K 66 -39.55 -50.51 -30.40
CA VAL K 66 -40.75 -50.79 -31.18
C VAL K 66 -40.82 -49.87 -32.38
N TYR K 67 -41.46 -50.38 -33.43
CA TYR K 67 -41.73 -49.67 -34.67
C TYR K 67 -43.04 -50.22 -35.20
N PRO K 68 -43.81 -49.44 -35.95
CA PRO K 68 -45.09 -49.95 -36.47
C PRO K 68 -44.89 -51.07 -37.47
N THR K 69 -45.82 -52.03 -37.42
CA THR K 69 -45.61 -53.32 -38.06
C THR K 69 -45.75 -53.20 -39.57
N ASP K 70 -44.72 -53.65 -40.29
CA ASP K 70 -44.73 -53.70 -41.74
C ASP K 70 -45.42 -54.99 -42.15
N LEU K 71 -46.63 -54.88 -42.72
CA LEU K 71 -47.40 -56.06 -43.09
C LEU K 71 -46.87 -56.73 -44.36
N SER K 72 -45.97 -56.07 -45.10
CA SER K 72 -45.32 -56.69 -46.24
C SER K 72 -43.98 -57.32 -45.88
N ASP K 73 -43.47 -57.05 -44.69
CA ASP K 73 -42.22 -57.64 -44.22
C ASP K 73 -42.55 -58.83 -43.35
N PRO K 74 -42.13 -60.04 -43.71
CA PRO K 74 -42.49 -61.22 -42.89
C PRO K 74 -41.83 -61.23 -41.52
N ASP K 75 -40.66 -60.61 -41.38
CA ASP K 75 -40.00 -60.58 -40.08
C ASP K 75 -40.59 -59.51 -39.18
N SER K 76 -41.20 -58.47 -39.76
CA SER K 76 -41.92 -57.52 -38.95
C SER K 76 -43.25 -58.10 -38.48
N VAL K 77 -43.82 -59.01 -39.26
CA VAL K 77 -45.04 -59.70 -38.85
C VAL K 77 -44.72 -60.72 -37.76
N ALA K 78 -43.60 -61.44 -37.90
CA ALA K 78 -43.22 -62.46 -36.93
C ALA K 78 -42.78 -61.88 -35.60
N ASN K 79 -42.50 -60.58 -35.53
CA ASN K 79 -41.99 -59.96 -34.32
C ASN K 79 -42.98 -58.98 -33.68
N VAL K 80 -44.27 -59.16 -33.94
CA VAL K 80 -45.29 -58.33 -33.33
C VAL K 80 -45.33 -58.57 -31.82
N ILE K 81 -45.67 -57.54 -31.07
CA ILE K 81 -45.66 -57.66 -29.61
C ILE K 81 -46.94 -57.09 -29.02
N GLY K 82 -47.71 -56.35 -29.81
CA GLY K 82 -48.99 -55.87 -29.32
C GLY K 82 -49.45 -54.64 -30.06
N MET K 83 -50.41 -53.95 -29.45
CA MET K 83 -50.99 -52.74 -30.00
C MET K 83 -50.73 -51.55 -29.11
N VAL K 84 -50.68 -50.38 -29.73
CA VAL K 84 -50.72 -49.10 -29.03
C VAL K 84 -52.13 -48.56 -29.17
N LEU K 85 -52.75 -48.20 -28.05
CA LEU K 85 -54.14 -47.76 -28.03
C LEU K 85 -54.18 -46.28 -27.65
N ASP K 86 -54.54 -45.43 -28.62
CA ASP K 86 -54.78 -43.99 -28.44
C ASP K 86 -53.53 -43.28 -27.91
N GLY K 87 -52.52 -43.25 -28.78
CA GLY K 87 -51.13 -43.02 -28.39
C GLY K 87 -50.86 -41.71 -27.67
N HIS K 88 -49.67 -41.65 -27.11
CA HIS K 88 -49.32 -40.70 -26.07
C HIS K 88 -48.52 -39.55 -26.68
N ASP K 89 -48.00 -38.69 -25.80
CA ASP K 89 -47.14 -37.57 -26.18
C ASP K 89 -45.80 -38.11 -26.63
N TYR K 90 -45.64 -38.32 -27.94
CA TYR K 90 -44.37 -38.76 -28.50
C TYR K 90 -43.31 -37.67 -28.45
N GLU K 91 -43.70 -36.42 -28.25
CA GLU K 91 -42.80 -35.29 -28.22
C GLU K 91 -42.07 -35.16 -26.90
N ALA K 92 -42.78 -35.34 -25.78
CA ALA K 92 -42.17 -35.23 -24.46
C ALA K 92 -41.58 -36.53 -23.96
N ASP K 93 -41.86 -37.65 -24.62
CA ASP K 93 -41.39 -38.94 -24.15
C ASP K 93 -41.25 -39.89 -25.34
N HIS K 94 -40.29 -40.80 -25.26
CA HIS K 94 -40.04 -41.77 -26.31
C HIS K 94 -40.14 -43.20 -25.81
N ASN K 95 -41.01 -43.43 -24.82
CA ASN K 95 -41.25 -44.76 -24.29
C ASN K 95 -42.76 -44.95 -24.21
N VAL K 96 -43.31 -45.75 -25.13
CA VAL K 96 -44.75 -45.91 -25.26
C VAL K 96 -45.17 -47.17 -24.51
N THR K 97 -46.33 -47.11 -23.86
CA THR K 97 -46.92 -48.28 -23.25
C THR K 97 -47.56 -49.14 -24.32
N VAL K 98 -47.09 -50.37 -24.45
CA VAL K 98 -47.62 -51.32 -25.42
C VAL K 98 -48.54 -52.28 -24.69
N THR K 99 -49.77 -52.39 -25.19
CA THR K 99 -50.75 -53.32 -24.62
C THR K 99 -50.58 -54.67 -25.30
N LEU K 100 -50.34 -55.70 -24.49
CA LEU K 100 -50.06 -57.03 -25.02
C LEU K 100 -51.29 -57.93 -25.06
N ARG K 101 -52.29 -57.67 -24.22
CA ARG K 101 -53.50 -58.47 -24.21
C ARG K 101 -54.70 -57.55 -24.05
N ALA K 102 -55.58 -57.54 -25.04
CA ALA K 102 -56.81 -56.77 -25.00
C ALA K 102 -57.80 -57.37 -25.98
N ALA K 103 -59.00 -56.80 -26.02
CA ALA K 103 -60.02 -57.18 -27.00
C ALA K 103 -60.64 -55.90 -27.54
N VAL K 104 -60.36 -55.61 -28.81
CA VAL K 104 -60.71 -54.33 -29.43
C VAL K 104 -61.59 -54.61 -30.64
N PRO K 105 -62.66 -53.82 -30.88
CA PRO K 105 -63.42 -53.96 -32.12
C PRO K 105 -62.59 -53.71 -33.36
N ILE K 106 -62.97 -54.36 -34.45
CA ILE K 106 -62.17 -54.35 -35.67
C ILE K 106 -62.20 -53.03 -36.42
N GLU K 107 -63.05 -52.09 -36.01
CA GLU K 107 -63.18 -50.83 -36.71
C GLU K 107 -62.14 -49.80 -36.29
N TYR K 108 -61.40 -50.07 -35.22
CA TYR K 108 -60.50 -49.07 -34.64
C TYR K 108 -59.03 -49.39 -34.90
N VAL K 109 -58.74 -50.35 -35.78
CA VAL K 109 -57.38 -50.81 -36.03
C VAL K 109 -57.08 -50.61 -37.50
N GLN K 110 -56.18 -49.70 -37.81
CA GLN K 110 -55.71 -49.46 -39.18
C GLN K 110 -54.20 -49.34 -39.17
N GLN K 111 -53.56 -49.90 -40.20
CA GLN K 111 -52.12 -49.79 -40.34
C GLN K 111 -51.69 -48.65 -41.24
N GLY K 112 -52.34 -48.50 -42.39
CA GLY K 112 -51.93 -47.46 -43.32
C GLY K 112 -52.30 -46.08 -42.81
N ILE K 113 -51.42 -45.12 -43.07
CA ILE K 113 -51.79 -43.73 -42.91
C ILE K 113 -52.85 -43.36 -43.96
N GLU K 114 -52.71 -43.93 -45.15
CA GLU K 114 -53.76 -43.88 -46.17
C GLU K 114 -54.74 -45.02 -45.94
N ALA K 115 -55.48 -44.91 -44.83
CA ALA K 115 -56.53 -45.85 -44.50
C ALA K 115 -57.57 -45.03 -43.75
N PRO K 116 -58.85 -45.17 -44.09
CA PRO K 116 -59.86 -44.27 -43.52
C PRO K 116 -60.10 -44.59 -42.05
N PRO K 117 -60.39 -43.58 -41.25
CA PRO K 117 -60.71 -43.82 -39.84
C PRO K 117 -62.07 -44.48 -39.69
N LEU K 118 -62.22 -45.18 -38.56
CA LEU K 118 -63.47 -45.84 -38.14
C LEU K 118 -63.95 -46.89 -39.14
N GLN K 119 -63.03 -47.52 -39.85
CA GLN K 119 -63.35 -48.62 -40.74
C GLN K 119 -62.44 -49.79 -40.46
N PRO K 120 -62.89 -51.01 -40.71
CA PRO K 120 -61.98 -52.16 -40.61
C PRO K 120 -60.92 -52.11 -41.71
N ASP K 121 -59.67 -52.23 -41.31
CA ASP K 121 -58.57 -52.30 -42.26
C ASP K 121 -58.53 -53.70 -42.85
N PRO K 122 -58.73 -53.86 -44.17
CA PRO K 122 -58.73 -55.20 -44.75
C PRO K 122 -57.36 -55.86 -44.78
N ALA K 123 -56.28 -55.10 -44.64
CA ALA K 123 -54.95 -55.71 -44.59
C ALA K 123 -54.70 -56.38 -43.25
N VAL K 124 -55.30 -55.88 -42.18
CA VAL K 124 -55.17 -56.54 -40.88
C VAL K 124 -56.04 -57.79 -40.84
N LEU K 125 -57.23 -57.74 -41.45
CA LEU K 125 -58.11 -58.90 -41.50
C LEU K 125 -57.54 -60.01 -42.36
N ASN K 126 -56.86 -59.65 -43.45
CA ASN K 126 -56.24 -60.65 -44.31
C ASN K 126 -55.09 -61.35 -43.60
N ALA K 127 -54.23 -60.58 -42.92
CA ALA K 127 -53.06 -61.13 -42.26
C ALA K 127 -53.34 -61.60 -40.83
N ALA K 128 -54.61 -61.60 -40.43
CA ALA K 128 -54.96 -61.95 -39.05
C ALA K 128 -54.55 -63.33 -38.54
N PRO K 129 -54.46 -64.41 -39.34
CA PRO K 129 -53.87 -65.64 -38.77
C PRO K 129 -52.41 -65.52 -38.38
N GLN K 130 -51.54 -65.01 -39.25
CA GLN K 130 -50.12 -64.94 -38.92
C GLN K 130 -49.77 -63.71 -38.09
N LEU K 131 -50.72 -62.84 -37.78
CA LEU K 131 -50.52 -61.79 -36.79
C LEU K 131 -50.91 -62.24 -35.38
N LYS K 132 -51.28 -63.52 -35.22
CA LYS K 132 -51.80 -64.10 -33.98
C LYS K 132 -53.02 -63.34 -33.47
N LEU K 133 -53.89 -62.96 -34.39
CA LEU K 133 -55.17 -62.32 -34.11
C LEU K 133 -56.30 -63.29 -34.41
N LYS K 134 -57.42 -63.13 -33.72
CA LYS K 134 -58.59 -63.93 -34.02
C LYS K 134 -59.83 -63.05 -33.96
N VAL K 135 -60.60 -63.04 -35.04
CA VAL K 135 -61.78 -62.20 -35.14
C VAL K 135 -62.98 -63.01 -34.67
N ILE K 136 -63.59 -62.58 -33.56
CA ILE K 136 -64.77 -63.22 -32.99
C ILE K 136 -65.77 -62.12 -32.69
N LYS K 137 -66.91 -62.14 -33.39
CA LYS K 137 -67.99 -61.15 -33.28
C LYS K 137 -67.49 -59.72 -33.53
N GLY K 138 -66.72 -59.54 -34.60
CA GLY K 138 -66.23 -58.23 -34.95
C GLY K 138 -65.27 -57.62 -33.96
N HIS K 139 -64.39 -58.43 -33.37
CA HIS K 139 -63.44 -57.98 -32.37
C HIS K 139 -62.15 -58.75 -32.54
N TYR K 140 -61.02 -58.06 -32.42
CA TYR K 140 -59.74 -58.75 -32.39
C TYR K 140 -59.47 -59.25 -30.98
N PHE K 141 -59.15 -60.53 -30.86
CA PHE K 141 -58.68 -61.12 -29.62
C PHE K 141 -57.20 -61.45 -29.80
N PHE K 142 -56.36 -60.86 -28.97
CA PHE K 142 -54.93 -61.09 -29.06
C PHE K 142 -54.31 -61.17 -27.68
N ASP K 143 -53.21 -61.90 -27.59
CA ASP K 143 -52.39 -61.97 -26.40
C ASP K 143 -51.00 -62.39 -26.87
N TYR K 144 -50.00 -61.56 -26.62
CA TYR K 144 -48.65 -61.81 -27.10
C TYR K 144 -47.71 -62.25 -26.00
N THR K 145 -48.21 -62.44 -24.78
CA THR K 145 -47.45 -63.17 -23.78
C THR K 145 -47.43 -64.67 -24.05
N ARG K 146 -48.36 -65.17 -24.86
CA ARG K 146 -48.34 -66.56 -25.28
C ARG K 146 -47.55 -66.68 -26.56
N ASP L 2 -111.70 -108.88 -15.71
CA ASP L 2 -110.66 -107.98 -15.24
C ASP L 2 -111.27 -106.66 -14.78
N LYS L 3 -111.22 -106.38 -13.48
CA LYS L 3 -111.89 -105.21 -12.94
C LYS L 3 -111.04 -104.45 -11.92
N ILE L 4 -109.71 -104.66 -11.90
CA ILE L 4 -108.88 -104.22 -10.79
C ILE L 4 -107.80 -103.24 -11.24
N GLN L 5 -107.00 -103.62 -12.24
CA GLN L 5 -105.91 -102.80 -12.81
C GLN L 5 -104.86 -102.42 -11.74
N LEU L 6 -104.06 -103.42 -11.37
CA LEU L 6 -102.96 -103.29 -10.41
C LEU L 6 -101.95 -102.22 -10.84
N PHE L 7 -101.06 -101.88 -9.88
CA PHE L 7 -100.19 -100.70 -9.97
C PHE L 7 -99.27 -100.68 -11.18
N ARG L 8 -99.24 -99.53 -11.85
CA ARG L 8 -98.30 -99.23 -12.92
C ARG L 8 -97.73 -97.84 -12.68
N THR L 9 -96.60 -97.57 -13.31
CA THR L 9 -95.97 -96.25 -13.21
C THR L 9 -96.44 -95.37 -14.34
N ILE L 10 -96.76 -94.12 -14.01
CA ILE L 10 -97.25 -93.16 -15.00
C ILE L 10 -96.12 -92.32 -15.57
N GLY L 11 -95.33 -91.68 -14.70
CA GLY L 11 -94.27 -90.80 -15.16
C GLY L 11 -93.05 -90.91 -14.29
N ARG L 12 -91.92 -90.48 -14.86
CA ARG L 12 -90.61 -90.58 -14.22
C ARG L 12 -89.84 -89.29 -14.43
N VAL L 13 -89.25 -88.77 -13.36
CA VAL L 13 -88.43 -87.57 -13.41
C VAL L 13 -87.07 -87.90 -12.80
N GLN L 14 -86.01 -87.67 -13.57
CA GLN L 14 -84.63 -87.80 -13.09
C GLN L 14 -84.00 -86.42 -13.09
N TYR L 15 -83.67 -85.91 -11.90
CA TYR L 15 -83.07 -84.60 -11.75
C TYR L 15 -81.59 -84.73 -11.45
N TRP L 16 -80.77 -84.13 -12.31
CA TRP L 16 -79.32 -84.16 -12.19
C TRP L 16 -78.79 -82.80 -11.75
N GLU L 17 -77.59 -82.80 -11.19
CA GLU L 17 -76.87 -81.56 -10.97
C GLU L 17 -76.14 -81.15 -12.24
N ARG L 18 -75.67 -79.92 -12.27
CA ARG L 18 -75.13 -79.37 -13.50
C ARG L 18 -73.69 -79.84 -13.72
N VAL L 19 -73.18 -79.57 -14.92
CA VAL L 19 -71.83 -79.93 -15.33
C VAL L 19 -70.83 -79.15 -14.49
N PRO L 20 -69.97 -79.81 -13.72
CA PRO L 20 -69.00 -79.09 -12.89
C PRO L 20 -67.84 -78.58 -13.73
N ARG L 21 -67.26 -77.48 -13.28
CA ARG L 21 -66.11 -76.91 -13.97
C ARG L 21 -65.17 -76.30 -12.94
N LEU L 22 -63.94 -76.03 -13.37
CA LEU L 22 -62.98 -75.40 -12.48
C LEU L 22 -63.32 -73.94 -12.25
N HIS L 23 -63.40 -73.57 -10.98
CA HIS L 23 -63.67 -72.19 -10.59
C HIS L 23 -62.58 -71.24 -11.06
N ALA L 24 -61.33 -71.61 -10.84
CA ALA L 24 -60.22 -70.67 -10.96
C ALA L 24 -59.71 -70.49 -12.38
N TYR L 25 -60.26 -71.19 -13.36
CA TYR L 25 -59.72 -71.08 -14.71
C TYR L 25 -60.34 -69.93 -15.50
N GLY L 26 -61.56 -69.55 -15.20
CA GLY L 26 -62.15 -68.40 -15.86
C GLY L 26 -63.17 -68.79 -16.91
N VAL L 27 -64.18 -67.94 -17.08
CA VAL L 27 -65.30 -68.19 -17.96
C VAL L 27 -65.27 -67.16 -19.07
N PHE L 28 -65.57 -67.58 -20.29
CA PHE L 28 -65.79 -66.62 -21.37
C PHE L 28 -66.84 -67.19 -22.29
N ALA L 29 -67.96 -66.47 -22.42
CA ALA L 29 -69.13 -66.98 -23.10
C ALA L 29 -69.79 -65.89 -23.93
N LEU L 30 -70.17 -66.23 -25.16
CA LEU L 30 -70.85 -65.32 -26.08
C LEU L 30 -72.04 -66.03 -26.72
N PRO L 31 -73.17 -65.34 -26.85
CA PRO L 31 -74.33 -65.97 -27.50
C PRO L 31 -74.19 -65.97 -29.02
N PHE L 32 -74.52 -67.11 -29.62
CA PHE L 32 -74.40 -67.34 -31.04
C PHE L 32 -75.74 -67.80 -31.61
N PRO L 33 -76.04 -67.46 -32.87
CA PRO L 33 -77.26 -67.96 -33.51
C PRO L 33 -77.15 -69.44 -33.86
N MET L 34 -78.28 -70.14 -33.77
CA MET L 34 -78.32 -71.58 -33.98
C MET L 34 -78.68 -71.90 -35.42
N ASP L 35 -78.07 -72.96 -35.95
CA ASP L 35 -78.39 -73.44 -37.29
C ASP L 35 -79.78 -74.07 -37.30
N PRO L 36 -80.69 -73.62 -38.18
CA PRO L 36 -82.02 -74.25 -38.23
C PRO L 36 -82.02 -75.65 -38.80
N ASP L 37 -81.08 -76.01 -39.66
CA ASP L 37 -81.11 -77.31 -40.32
C ASP L 37 -80.63 -78.45 -39.44
N VAL L 38 -80.16 -78.16 -38.23
CA VAL L 38 -79.77 -79.18 -37.28
C VAL L 38 -80.97 -79.53 -36.43
N GLU L 39 -81.23 -80.82 -36.26
CA GLU L 39 -82.23 -81.28 -35.30
C GLU L 39 -81.69 -81.05 -33.90
N TRP L 40 -82.08 -79.95 -33.27
CA TRP L 40 -81.56 -79.65 -31.95
C TRP L 40 -82.28 -80.40 -30.83
N GLY L 41 -83.22 -81.28 -31.18
CA GLY L 41 -83.92 -82.03 -30.15
C GLY L 41 -83.07 -83.13 -29.54
N ASN L 42 -82.44 -83.94 -30.39
CA ASN L 42 -81.65 -85.06 -29.91
C ASN L 42 -80.23 -84.67 -29.49
N TRP L 43 -79.90 -83.38 -29.53
CA TRP L 43 -78.67 -82.88 -28.92
C TRP L 43 -78.91 -82.31 -27.53
N PHE L 44 -80.14 -81.93 -27.21
CA PHE L 44 -80.51 -81.52 -25.87
C PHE L 44 -81.40 -82.55 -25.19
N ALA L 45 -81.46 -83.76 -25.72
CA ALA L 45 -82.31 -84.80 -25.17
C ALA L 45 -81.64 -85.49 -24.00
N GLY L 46 -82.40 -85.73 -22.94
CA GLY L 46 -81.91 -86.47 -21.80
C GLY L 46 -81.70 -85.58 -20.58
N PRO L 47 -81.85 -86.16 -19.39
CA PRO L 47 -81.60 -85.39 -18.16
C PRO L 47 -80.13 -85.28 -17.81
N HIS L 48 -79.25 -86.02 -18.50
CA HIS L 48 -77.88 -86.19 -18.07
C HIS L 48 -77.07 -84.93 -18.29
N PRO L 49 -76.10 -84.65 -17.42
CA PRO L 49 -75.18 -83.53 -17.65
C PRO L 49 -74.28 -83.84 -18.84
N LYS L 50 -74.27 -82.94 -19.81
CA LYS L 50 -73.54 -83.20 -21.05
C LYS L 50 -73.11 -81.88 -21.67
N ALA L 51 -71.88 -81.86 -22.16
CA ALA L 51 -71.37 -80.77 -22.98
C ALA L 51 -70.93 -81.32 -24.32
N PHE L 52 -70.97 -80.48 -25.35
CA PHE L 52 -70.50 -80.88 -26.66
C PHE L 52 -69.94 -79.67 -27.38
N LEU L 53 -69.31 -79.92 -28.51
CA LEU L 53 -68.57 -78.92 -29.26
C LEU L 53 -69.41 -78.39 -30.41
N VAL L 54 -69.32 -77.08 -30.65
CA VAL L 54 -70.03 -76.44 -31.75
C VAL L 54 -69.03 -75.78 -32.67
N SER L 55 -69.22 -76.00 -33.97
CA SER L 55 -68.47 -75.29 -35.00
C SER L 55 -69.24 -74.06 -35.43
N VAL L 56 -68.64 -73.28 -36.32
CA VAL L 56 -69.28 -72.09 -36.86
C VAL L 56 -69.07 -72.08 -38.37
N HIS L 57 -70.09 -71.65 -39.10
CA HIS L 57 -69.93 -71.48 -40.53
C HIS L 57 -69.15 -70.21 -40.78
N PRO L 58 -68.02 -70.27 -41.46
CA PRO L 58 -67.24 -69.05 -41.70
C PRO L 58 -67.82 -68.17 -42.79
N SER L 59 -68.57 -68.77 -43.71
CA SER L 59 -69.09 -68.06 -44.86
C SER L 59 -70.43 -68.68 -45.25
N GLY L 60 -70.88 -68.39 -46.47
CA GLY L 60 -72.09 -68.95 -46.99
C GLY L 60 -73.33 -68.25 -46.48
N PRO L 61 -74.50 -68.79 -46.80
CA PRO L 61 -75.75 -68.17 -46.35
C PRO L 61 -76.02 -68.32 -44.86
N LYS L 62 -75.33 -69.22 -44.18
CA LYS L 62 -75.53 -69.47 -42.76
C LYS L 62 -74.33 -69.03 -41.93
N ALA L 63 -73.65 -67.98 -42.36
CA ALA L 63 -72.44 -67.52 -41.69
C ALA L 63 -72.78 -66.91 -40.34
N GLY L 64 -72.04 -67.31 -39.31
CA GLY L 64 -72.32 -66.89 -37.96
C GLY L 64 -73.22 -67.83 -37.18
N HIS L 65 -73.69 -68.91 -37.78
CA HIS L 65 -74.54 -69.88 -37.12
C HIS L 65 -73.70 -71.03 -36.58
N VAL L 66 -74.09 -71.55 -35.43
CA VAL L 66 -73.38 -72.67 -34.83
C VAL L 66 -74.16 -73.96 -35.02
N TYR L 67 -73.41 -75.05 -35.14
CA TYR L 67 -73.91 -76.38 -35.37
C TYR L 67 -72.92 -77.32 -34.70
N PRO L 68 -73.36 -78.50 -34.26
CA PRO L 68 -72.44 -79.39 -33.54
C PRO L 68 -71.38 -79.97 -34.46
N THR L 69 -70.21 -80.22 -33.87
CA THR L 69 -69.00 -80.43 -34.64
C THR L 69 -68.98 -81.81 -35.27
N ASP L 70 -68.80 -81.86 -36.58
CA ASP L 70 -68.55 -83.11 -37.30
C ASP L 70 -67.07 -83.44 -37.14
N LEU L 71 -66.79 -84.51 -36.40
CA LEU L 71 -65.39 -84.86 -36.14
C LEU L 71 -64.72 -85.48 -37.36
N SER L 72 -65.49 -86.14 -38.22
CA SER L 72 -64.93 -86.72 -39.43
C SER L 72 -64.60 -85.65 -40.47
N ASP L 73 -65.32 -84.53 -40.45
CA ASP L 73 -65.08 -83.46 -41.41
C ASP L 73 -63.96 -82.58 -40.89
N PRO L 74 -62.84 -82.42 -41.62
CA PRO L 74 -61.75 -81.56 -41.14
C PRO L 74 -62.11 -80.09 -41.09
N ASP L 75 -63.04 -79.65 -41.95
CA ASP L 75 -63.42 -78.24 -41.96
C ASP L 75 -64.25 -77.87 -40.74
N SER L 76 -65.08 -78.80 -40.26
CA SER L 76 -65.83 -78.56 -39.04
C SER L 76 -64.91 -78.58 -37.83
N VAL L 77 -63.89 -79.43 -37.85
CA VAL L 77 -62.91 -79.49 -36.77
C VAL L 77 -62.07 -78.22 -36.77
N ALA L 78 -61.74 -77.70 -37.95
CA ALA L 78 -60.96 -76.47 -38.04
C ALA L 78 -61.76 -75.23 -37.67
N ASN L 79 -63.08 -75.32 -37.58
CA ASN L 79 -63.94 -74.17 -37.31
C ASN L 79 -64.61 -74.24 -35.94
N VAL L 80 -64.01 -74.95 -34.99
CA VAL L 80 -64.61 -75.09 -33.67
C VAL L 80 -64.51 -73.77 -32.92
N ILE L 81 -65.52 -73.49 -32.10
CA ILE L 81 -65.61 -72.17 -31.46
C ILE L 81 -65.85 -72.26 -29.95
N GLY L 82 -66.33 -73.38 -29.41
CA GLY L 82 -66.53 -73.47 -27.99
C GLY L 82 -67.36 -74.69 -27.63
N MET L 83 -67.97 -74.61 -26.45
CA MET L 83 -68.85 -75.68 -25.96
C MET L 83 -70.17 -75.11 -25.48
N VAL L 84 -71.20 -75.95 -25.58
CA VAL L 84 -72.51 -75.69 -25.00
C VAL L 84 -72.61 -76.53 -23.73
N LEU L 85 -72.91 -75.88 -22.62
CA LEU L 85 -72.99 -76.53 -21.31
C LEU L 85 -74.41 -76.44 -20.79
N ASP L 86 -75.06 -77.59 -20.62
CA ASP L 86 -76.39 -77.74 -20.01
C ASP L 86 -77.46 -76.92 -20.74
N GLY L 87 -77.71 -77.33 -21.98
CA GLY L 87 -78.48 -76.61 -22.98
C GLY L 87 -79.81 -75.98 -22.60
N HIS L 88 -80.14 -74.89 -23.29
CA HIS L 88 -81.32 -74.09 -22.98
C HIS L 88 -82.52 -74.63 -23.76
N ASP L 89 -83.65 -73.97 -23.59
CA ASP L 89 -84.86 -74.32 -24.34
C ASP L 89 -84.71 -73.90 -25.80
N TYR L 90 -84.28 -74.85 -26.63
CA TYR L 90 -84.13 -74.64 -28.07
C TYR L 90 -85.46 -74.38 -28.77
N GLU L 91 -86.57 -74.75 -28.14
CA GLU L 91 -87.88 -74.55 -28.74
C GLU L 91 -88.24 -73.07 -28.77
N ALA L 92 -88.13 -72.39 -27.63
CA ALA L 92 -88.54 -71.00 -27.54
C ALA L 92 -87.50 -70.03 -28.09
N ASP L 93 -86.24 -70.43 -28.22
CA ASP L 93 -85.19 -69.53 -28.64
C ASP L 93 -84.19 -70.27 -29.53
N HIS L 94 -83.63 -69.55 -30.48
CA HIS L 94 -82.65 -70.10 -31.41
C HIS L 94 -81.31 -69.40 -31.27
N ASN L 95 -80.96 -69.03 -30.04
CA ASN L 95 -79.71 -68.33 -29.75
C ASN L 95 -79.13 -68.96 -28.49
N VAL L 96 -78.00 -69.65 -28.63
CA VAL L 96 -77.39 -70.41 -27.53
C VAL L 96 -76.14 -69.69 -27.05
N THR L 97 -75.95 -69.67 -25.73
CA THR L 97 -74.72 -69.17 -25.15
C THR L 97 -73.62 -70.23 -25.26
N VAL L 98 -72.56 -69.90 -25.98
CA VAL L 98 -71.45 -70.81 -26.23
C VAL L 98 -70.27 -70.41 -25.34
N THR L 99 -69.76 -71.35 -24.55
CA THR L 99 -68.64 -71.10 -23.67
C THR L 99 -67.35 -71.28 -24.44
N LEU L 100 -66.57 -70.19 -24.56
CA LEU L 100 -65.32 -70.21 -25.29
C LEU L 100 -64.12 -70.51 -24.42
N ARG L 101 -64.29 -70.51 -23.09
CA ARG L 101 -63.18 -70.79 -22.19
C ARG L 101 -63.75 -71.33 -20.89
N ALA L 102 -63.44 -72.59 -20.58
CA ALA L 102 -63.74 -73.20 -19.30
C ALA L 102 -62.82 -74.41 -19.15
N ALA L 103 -62.99 -75.15 -18.05
CA ALA L 103 -62.24 -76.38 -17.82
C ALA L 103 -63.22 -77.44 -17.33
N VAL L 104 -63.48 -78.44 -18.17
CA VAL L 104 -64.56 -79.39 -17.98
C VAL L 104 -63.95 -80.77 -17.87
N PRO L 105 -64.38 -81.61 -16.91
CA PRO L 105 -63.92 -83.00 -16.87
C PRO L 105 -64.31 -83.78 -18.12
N ILE L 106 -63.49 -84.77 -18.46
CA ILE L 106 -63.65 -85.49 -19.72
C ILE L 106 -64.82 -86.44 -19.73
N GLU L 107 -65.45 -86.68 -18.56
CA GLU L 107 -66.60 -87.56 -18.49
C GLU L 107 -67.82 -86.94 -19.15
N TYR L 108 -67.94 -85.61 -19.12
CA TYR L 108 -69.18 -84.93 -19.47
C TYR L 108 -69.22 -84.45 -20.90
N VAL L 109 -68.29 -84.89 -21.75
CA VAL L 109 -68.21 -84.43 -23.13
C VAL L 109 -68.40 -85.63 -24.04
N GLN L 110 -69.52 -85.69 -24.75
CA GLN L 110 -69.80 -86.73 -25.73
C GLN L 110 -70.35 -86.07 -26.98
N GLN L 111 -69.80 -86.43 -28.14
CA GLN L 111 -70.32 -85.87 -29.39
C GLN L 111 -71.54 -86.62 -29.88
N GLY L 112 -71.41 -87.91 -30.17
CA GLY L 112 -72.48 -88.63 -30.81
C GLY L 112 -73.69 -88.83 -29.91
N ILE L 113 -74.85 -88.92 -30.55
CA ILE L 113 -76.07 -89.25 -29.81
C ILE L 113 -76.01 -90.70 -29.36
N GLU L 114 -75.36 -91.56 -30.15
CA GLU L 114 -75.04 -92.92 -29.74
C GLU L 114 -73.70 -92.91 -29.00
N ALA L 115 -73.72 -92.30 -27.81
CA ALA L 115 -72.57 -92.26 -26.94
C ALA L 115 -73.12 -92.20 -25.52
N PRO L 116 -72.61 -93.05 -24.61
CA PRO L 116 -73.19 -93.12 -23.27
C PRO L 116 -72.85 -91.88 -22.45
N PRO L 117 -73.78 -91.41 -21.62
CA PRO L 117 -73.45 -90.30 -20.73
C PRO L 117 -72.52 -90.75 -19.62
N LEU L 118 -71.86 -89.75 -19.02
CA LEU L 118 -70.95 -89.89 -17.88
C LEU L 118 -69.75 -90.77 -18.21
N GLN L 119 -69.33 -90.79 -19.48
CA GLN L 119 -68.18 -91.55 -19.92
C GLN L 119 -67.40 -90.72 -20.93
N PRO L 120 -66.07 -90.87 -20.95
CA PRO L 120 -65.27 -90.14 -21.95
C PRO L 120 -65.48 -90.69 -23.34
N ASP L 121 -65.65 -89.78 -24.30
CA ASP L 121 -65.83 -90.15 -25.69
C ASP L 121 -64.47 -90.35 -26.33
N PRO L 122 -64.13 -91.57 -26.78
CA PRO L 122 -62.80 -91.80 -27.37
C PRO L 122 -62.60 -91.16 -28.73
N ALA L 123 -63.66 -90.68 -29.38
CA ALA L 123 -63.48 -89.90 -30.59
C ALA L 123 -63.04 -88.48 -30.29
N VAL L 124 -63.30 -87.99 -29.08
CA VAL L 124 -62.87 -86.64 -28.71
C VAL L 124 -61.44 -86.65 -28.21
N LEU L 125 -61.09 -87.66 -27.41
CA LEU L 125 -59.73 -87.78 -26.89
C LEU L 125 -58.72 -88.07 -27.98
N ASN L 126 -59.13 -88.79 -29.03
CA ASN L 126 -58.23 -89.04 -30.15
C ASN L 126 -58.00 -87.77 -30.96
N ALA L 127 -59.05 -86.96 -31.14
CA ALA L 127 -58.97 -85.76 -31.94
C ALA L 127 -58.65 -84.52 -31.11
N ALA L 128 -58.32 -84.69 -29.83
CA ALA L 128 -58.06 -83.55 -28.96
C ALA L 128 -56.92 -82.61 -29.36
N PRO L 129 -55.80 -83.02 -30.01
CA PRO L 129 -54.84 -81.99 -30.45
C PRO L 129 -55.36 -81.04 -31.52
N GLN L 130 -56.04 -81.55 -32.54
CA GLN L 130 -56.55 -80.66 -33.57
C GLN L 130 -57.90 -80.05 -33.21
N LEU L 131 -58.45 -80.35 -32.04
CA LEU L 131 -59.58 -79.62 -31.49
C LEU L 131 -59.17 -78.52 -30.54
N LYS L 132 -57.87 -78.30 -30.38
CA LYS L 132 -57.27 -77.33 -29.45
C LYS L 132 -57.72 -77.59 -28.01
N LEU L 133 -57.79 -78.87 -27.66
CA LEU L 133 -58.11 -79.32 -26.32
C LEU L 133 -56.85 -79.91 -25.71
N LYS L 134 -56.57 -79.55 -24.47
CA LYS L 134 -55.42 -80.13 -23.77
C LYS L 134 -55.94 -80.90 -22.56
N VAL L 135 -55.65 -82.20 -22.53
CA VAL L 135 -56.15 -83.08 -21.49
C VAL L 135 -55.14 -83.06 -20.35
N ILE L 136 -55.55 -82.53 -19.20
CA ILE L 136 -54.71 -82.41 -18.01
C ILE L 136 -55.56 -82.81 -16.81
N LYS L 137 -55.16 -83.86 -16.10
CA LYS L 137 -55.83 -84.37 -14.90
C LYS L 137 -57.29 -84.73 -15.16
N GLY L 138 -57.56 -85.35 -16.31
CA GLY L 138 -58.91 -85.74 -16.64
C GLY L 138 -59.85 -84.60 -16.94
N HIS L 139 -59.31 -83.42 -17.27
CA HIS L 139 -60.10 -82.26 -17.64
C HIS L 139 -59.68 -81.79 -19.02
N TYR L 140 -60.63 -81.24 -19.76
CA TYR L 140 -60.31 -80.52 -20.98
C TYR L 140 -60.07 -79.06 -20.66
N PHE L 141 -58.93 -78.55 -21.09
CA PHE L 141 -58.61 -77.13 -20.98
C PHE L 141 -58.71 -76.53 -22.37
N PHE L 142 -59.66 -75.62 -22.55
CA PHE L 142 -59.91 -75.06 -23.86
C PHE L 142 -60.12 -73.55 -23.73
N ASP L 143 -59.48 -72.82 -24.62
CA ASP L 143 -59.71 -71.39 -24.79
C ASP L 143 -59.69 -71.14 -26.28
N TYR L 144 -60.82 -70.75 -26.85
CA TYR L 144 -60.90 -70.54 -28.28
C TYR L 144 -60.75 -69.07 -28.64
N THR L 145 -60.52 -68.20 -27.66
CA THR L 145 -60.11 -66.84 -27.96
C THR L 145 -58.65 -66.77 -28.38
N ARG L 146 -57.84 -67.75 -28.03
CA ARG L 146 -56.44 -67.77 -28.49
C ARG L 146 -56.37 -68.44 -29.85
N ASP M 2 0.94 -74.66 22.96
CA ASP M 2 -0.32 -74.24 22.36
C ASP M 2 -1.48 -74.62 23.28
N LYS M 3 -1.98 -73.65 24.05
CA LYS M 3 -3.04 -73.94 25.02
C LYS M 3 -4.15 -72.91 25.01
N ILE M 4 -4.34 -72.19 23.89
CA ILE M 4 -5.39 -71.17 23.78
C ILE M 4 -6.43 -71.54 22.73
N GLN M 5 -6.01 -71.72 21.47
CA GLN M 5 -6.90 -71.92 20.32
C GLN M 5 -7.90 -70.78 20.15
N LEU M 6 -7.42 -69.64 19.63
CA LEU M 6 -8.18 -68.42 19.36
C LEU M 6 -9.39 -68.67 18.46
N PHE M 7 -10.22 -67.62 18.31
CA PHE M 7 -11.53 -67.67 17.66
C PHE M 7 -11.48 -68.22 16.24
N ARG M 8 -12.20 -69.31 16.02
CA ARG M 8 -12.45 -69.88 14.71
C ARG M 8 -13.95 -70.06 14.55
N THR M 9 -14.46 -69.73 13.36
CA THR M 9 -15.88 -69.88 13.10
C THR M 9 -16.27 -71.35 13.03
N ILE M 10 -17.53 -71.64 13.36
CA ILE M 10 -18.06 -73.00 13.37
C ILE M 10 -19.05 -73.22 12.23
N GLY M 11 -20.15 -72.48 12.24
CA GLY M 11 -21.22 -72.69 11.28
C GLY M 11 -21.57 -71.43 10.53
N ARG M 12 -22.11 -71.61 9.32
CA ARG M 12 -22.54 -70.52 8.47
C ARG M 12 -23.94 -70.83 7.94
N VAL M 13 -24.86 -69.89 8.08
CA VAL M 13 -26.23 -70.03 7.60
C VAL M 13 -26.54 -68.84 6.70
N GLN M 14 -26.68 -69.09 5.40
CA GLN M 14 -27.18 -68.09 4.48
C GLN M 14 -28.69 -68.22 4.38
N TYR M 15 -29.40 -67.10 4.41
CA TYR M 15 -30.83 -67.09 4.18
C TYR M 15 -31.17 -66.10 3.09
N TRP M 16 -31.80 -66.58 2.03
CA TRP M 16 -32.23 -65.79 0.90
C TRP M 16 -33.73 -65.51 1.01
N GLU M 17 -34.23 -64.74 0.04
CA GLU M 17 -35.66 -64.55 -0.15
C GLU M 17 -36.15 -65.50 -1.23
N ARG M 18 -37.42 -65.40 -1.57
CA ARG M 18 -38.01 -66.36 -2.48
C ARG M 18 -37.84 -65.90 -3.93
N VAL M 19 -38.20 -66.78 -4.85
CA VAL M 19 -38.21 -66.40 -6.27
C VAL M 19 -39.37 -65.45 -6.51
N PRO M 20 -39.14 -64.28 -7.06
CA PRO M 20 -40.26 -63.35 -7.33
C PRO M 20 -40.96 -63.71 -8.62
N ARG M 21 -42.18 -63.21 -8.75
CA ARG M 21 -42.95 -63.39 -9.97
C ARG M 21 -43.92 -62.24 -10.13
N LEU M 22 -44.48 -62.11 -11.34
CA LEU M 22 -45.47 -61.07 -11.60
C LEU M 22 -46.78 -61.37 -10.89
N HIS M 23 -47.19 -60.42 -10.04
CA HIS M 23 -48.51 -60.49 -9.42
C HIS M 23 -49.64 -60.45 -10.44
N ALA M 24 -49.51 -59.64 -11.48
CA ALA M 24 -50.63 -59.37 -12.36
C ALA M 24 -50.88 -60.47 -13.39
N TYR M 25 -50.00 -61.47 -13.48
CA TYR M 25 -50.13 -62.43 -14.57
C TYR M 25 -50.96 -63.65 -14.19
N GLY M 26 -51.09 -63.97 -12.93
CA GLY M 26 -51.95 -65.06 -12.54
C GLY M 26 -51.17 -66.33 -12.21
N VAL M 27 -51.76 -67.13 -11.34
CA VAL M 27 -51.14 -68.36 -10.83
C VAL M 27 -52.02 -69.53 -11.25
N PHE M 28 -51.38 -70.62 -11.67
CA PHE M 28 -52.12 -71.86 -11.88
C PHE M 28 -51.17 -73.01 -11.61
N ALA M 29 -51.45 -73.79 -10.55
CA ALA M 29 -50.55 -74.84 -10.11
C ALA M 29 -51.33 -76.07 -9.69
N LEU M 30 -50.84 -77.24 -10.08
CA LEU M 30 -51.44 -78.52 -9.74
C LEU M 30 -50.39 -79.48 -9.22
N PRO M 31 -50.65 -80.19 -8.14
CA PRO M 31 -49.66 -81.15 -7.61
C PRO M 31 -49.56 -82.38 -8.48
N PHE M 32 -48.34 -82.74 -8.86
CA PHE M 32 -48.07 -83.89 -9.68
C PHE M 32 -47.22 -84.88 -8.90
N PRO M 33 -47.26 -86.17 -9.24
CA PRO M 33 -46.34 -87.13 -8.62
C PRO M 33 -44.95 -87.04 -9.23
N MET M 34 -43.96 -87.46 -8.45
CA MET M 34 -42.56 -87.32 -8.82
C MET M 34 -42.00 -88.65 -9.31
N ASP M 35 -40.95 -88.57 -10.11
CA ASP M 35 -40.30 -89.75 -10.65
C ASP M 35 -39.27 -90.25 -9.63
N PRO M 36 -39.35 -91.51 -9.18
CA PRO M 36 -38.35 -92.02 -8.24
C PRO M 36 -36.96 -92.21 -8.85
N ASP M 37 -36.85 -92.37 -10.17
CA ASP M 37 -35.56 -92.62 -10.79
C ASP M 37 -34.69 -91.37 -10.86
N VAL M 38 -35.24 -90.20 -10.59
CA VAL M 38 -34.48 -88.96 -10.56
C VAL M 38 -33.93 -88.77 -9.15
N GLU M 39 -32.65 -88.47 -9.05
CA GLU M 39 -32.06 -88.06 -7.78
C GLU M 39 -32.48 -86.61 -7.53
N TRP M 40 -33.56 -86.43 -6.77
CA TRP M 40 -34.10 -85.10 -6.50
C TRP M 40 -33.30 -84.33 -5.46
N GLY M 41 -32.23 -84.91 -4.91
CA GLY M 41 -31.49 -84.23 -3.87
C GLY M 41 -30.65 -83.07 -4.40
N ASN M 42 -29.98 -83.27 -5.53
CA ASN M 42 -29.14 -82.24 -6.11
C ASN M 42 -29.93 -81.29 -7.01
N TRP M 43 -31.26 -81.36 -7.00
CA TRP M 43 -32.09 -80.38 -7.65
C TRP M 43 -32.69 -79.38 -6.68
N PHE M 44 -32.84 -79.77 -5.42
CA PHE M 44 -33.36 -78.89 -4.37
C PHE M 44 -32.27 -78.45 -3.40
N ALA M 45 -31.00 -78.56 -3.81
CA ALA M 45 -29.89 -78.30 -2.92
C ALA M 45 -29.40 -76.87 -3.05
N GLY M 46 -29.27 -76.19 -1.92
CA GLY M 46 -28.73 -74.85 -1.90
C GLY M 46 -29.69 -73.84 -1.29
N PRO M 47 -29.15 -72.74 -0.77
CA PRO M 47 -30.04 -71.71 -0.20
C PRO M 47 -30.58 -70.74 -1.24
N HIS M 48 -30.04 -70.78 -2.46
CA HIS M 48 -30.31 -69.77 -3.45
C HIS M 48 -31.74 -69.89 -4.00
N PRO M 49 -32.33 -68.78 -4.42
CA PRO M 49 -33.61 -68.84 -5.14
C PRO M 49 -33.39 -69.45 -6.52
N LYS M 50 -34.21 -70.45 -6.85
CA LYS M 50 -33.93 -71.25 -8.03
C LYS M 50 -35.22 -71.89 -8.52
N ALA M 51 -35.35 -72.01 -9.83
CA ALA M 51 -36.49 -72.65 -10.45
C ALA M 51 -36.02 -73.43 -11.67
N PHE M 52 -36.77 -74.45 -12.04
CA PHE M 52 -36.40 -75.30 -13.16
C PHE M 52 -37.65 -75.90 -13.78
N LEU M 53 -37.49 -76.46 -14.96
CA LEU M 53 -38.59 -76.98 -15.77
C LEU M 53 -38.73 -78.49 -15.57
N VAL M 54 -39.96 -78.94 -15.44
CA VAL M 54 -40.26 -80.36 -15.33
C VAL M 54 -41.06 -80.80 -16.53
N SER M 55 -40.89 -82.06 -16.91
CA SER M 55 -41.62 -82.68 -18.00
C SER M 55 -42.34 -83.92 -17.49
N VAL M 56 -43.46 -84.22 -18.10
CA VAL M 56 -44.30 -85.33 -17.66
C VAL M 56 -44.08 -86.51 -18.61
N HIS M 57 -44.27 -87.72 -18.11
CA HIS M 57 -44.31 -88.89 -18.97
C HIS M 57 -45.70 -89.03 -19.57
N PRO M 58 -45.84 -89.06 -20.88
CA PRO M 58 -47.17 -89.18 -21.48
C PRO M 58 -47.73 -90.60 -21.41
N SER M 59 -46.86 -91.61 -21.46
CA SER M 59 -47.28 -93.00 -21.44
C SER M 59 -46.27 -93.81 -20.64
N GLY M 60 -46.43 -95.12 -20.66
CA GLY M 60 -45.54 -96.01 -19.97
C GLY M 60 -45.95 -96.24 -18.53
N PRO M 61 -45.14 -96.98 -17.77
CA PRO M 61 -45.50 -97.29 -16.38
C PRO M 61 -45.31 -96.12 -15.43
N LYS M 62 -44.64 -95.05 -15.86
CA LYS M 62 -44.42 -93.88 -15.02
C LYS M 62 -45.19 -92.66 -15.55
N ALA M 63 -46.31 -92.92 -16.22
CA ALA M 63 -47.09 -91.83 -16.80
C ALA M 63 -47.77 -91.01 -15.72
N GLY M 64 -47.73 -89.69 -15.88
CA GLY M 64 -48.19 -88.78 -14.86
C GLY M 64 -47.13 -88.37 -13.86
N HIS M 65 -45.95 -88.97 -13.91
CA HIS M 65 -44.85 -88.60 -13.03
C HIS M 65 -43.96 -87.57 -13.73
N VAL M 66 -43.50 -86.59 -12.97
CA VAL M 66 -42.70 -85.52 -13.54
C VAL M 66 -41.22 -85.77 -13.26
N TYR M 67 -40.38 -85.26 -14.15
CA TYR M 67 -38.94 -85.34 -14.06
C TYR M 67 -38.39 -84.07 -14.66
N PRO M 68 -37.21 -83.62 -14.23
CA PRO M 68 -36.66 -82.36 -14.78
C PRO M 68 -36.29 -82.51 -16.25
N THR M 69 -36.52 -81.43 -16.99
CA THR M 69 -36.53 -81.48 -18.45
C THR M 69 -35.13 -81.68 -19.00
N ASP M 70 -34.95 -82.74 -19.77
CA ASP M 70 -33.73 -82.95 -20.52
C ASP M 70 -33.79 -82.10 -21.78
N LEU M 71 -32.89 -81.12 -21.89
CA LEU M 71 -32.94 -80.21 -23.03
C LEU M 71 -32.36 -80.81 -24.30
N SER M 72 -31.58 -81.88 -24.17
CA SER M 72 -31.05 -82.55 -25.37
C SER M 72 -32.04 -83.55 -25.95
N ASP M 73 -33.00 -84.00 -25.16
CA ASP M 73 -34.02 -84.93 -25.65
C ASP M 73 -35.23 -84.13 -26.09
N PRO M 74 -35.61 -84.18 -27.37
CA PRO M 74 -36.78 -83.42 -27.82
C PRO M 74 -38.09 -83.93 -27.27
N ASP M 75 -38.17 -85.19 -26.88
CA ASP M 75 -39.41 -85.71 -26.30
C ASP M 75 -39.63 -85.18 -24.89
N SER M 76 -38.54 -84.97 -24.14
CA SER M 76 -38.65 -84.27 -22.87
C SER M 76 -38.99 -82.80 -23.07
N VAL M 77 -38.51 -82.22 -24.18
CA VAL M 77 -38.84 -80.83 -24.51
C VAL M 77 -40.30 -80.71 -24.91
N ALA M 78 -40.81 -81.68 -25.67
CA ALA M 78 -42.19 -81.65 -26.13
C ALA M 78 -43.20 -82.00 -25.04
N ASN M 79 -42.76 -82.34 -23.84
CA ASN M 79 -43.66 -82.76 -22.76
C ASN M 79 -43.53 -81.88 -21.53
N VAL M 80 -43.06 -80.63 -21.69
CA VAL M 80 -42.89 -79.74 -20.54
C VAL M 80 -44.25 -79.33 -20.00
N ILE M 81 -44.32 -79.12 -18.69
CA ILE M 81 -45.61 -78.90 -18.06
C ILE M 81 -45.56 -77.70 -17.12
N GLY M 82 -44.36 -77.22 -16.80
CA GLY M 82 -44.27 -76.00 -16.01
C GLY M 82 -42.99 -75.95 -15.19
N MET M 83 -43.02 -75.11 -14.17
CA MET M 83 -41.88 -74.86 -13.31
C MET M 83 -42.18 -75.21 -11.85
N VAL M 84 -41.14 -75.65 -11.15
CA VAL M 84 -41.16 -75.79 -9.71
C VAL M 84 -40.48 -74.56 -9.12
N LEU M 85 -41.13 -73.91 -8.16
CA LEU M 85 -40.64 -72.66 -7.60
C LEU M 85 -40.33 -72.88 -6.12
N ASP M 86 -39.04 -72.82 -5.78
CA ASP M 86 -38.54 -72.88 -4.40
C ASP M 86 -38.96 -74.18 -3.70
N GLY M 87 -38.37 -75.27 -4.19
CA GLY M 87 -38.87 -76.62 -3.96
C GLY M 87 -38.96 -77.04 -2.50
N HIS M 88 -39.69 -78.12 -2.30
CA HIS M 88 -40.24 -78.54 -1.02
C HIS M 88 -39.40 -79.68 -0.44
N ASP M 89 -39.89 -80.29 0.64
CA ASP M 89 -39.27 -81.46 1.23
C ASP M 89 -39.47 -82.65 0.30
N TYR M 90 -38.44 -82.97 -0.49
CA TYR M 90 -38.51 -84.10 -1.41
C TYR M 90 -38.44 -85.44 -0.71
N GLU M 91 -38.06 -85.46 0.57
CA GLU M 91 -38.05 -86.70 1.34
C GLU M 91 -39.39 -86.95 2.03
N ALA M 92 -39.96 -85.93 2.64
CA ALA M 92 -41.21 -86.08 3.37
C ALA M 92 -42.42 -86.14 2.46
N ASP M 93 -42.26 -85.84 1.18
CA ASP M 93 -43.37 -85.86 0.24
C ASP M 93 -42.81 -86.08 -1.15
N HIS M 94 -43.39 -87.01 -1.89
CA HIS M 94 -42.99 -87.28 -3.27
C HIS M 94 -44.03 -86.77 -4.25
N ASN M 95 -44.69 -85.67 -3.90
CA ASN M 95 -45.70 -85.04 -4.74
C ASN M 95 -45.42 -83.55 -4.75
N VAL M 96 -44.91 -83.05 -5.86
CA VAL M 96 -44.47 -81.66 -5.98
C VAL M 96 -45.59 -80.84 -6.61
N THR M 97 -45.75 -79.61 -6.14
CA THR M 97 -46.68 -78.67 -6.77
C THR M 97 -46.01 -78.05 -7.99
N VAL M 98 -46.57 -78.30 -9.16
CA VAL M 98 -46.01 -77.81 -10.43
C VAL M 98 -46.83 -76.62 -10.88
N THR M 99 -46.18 -75.48 -11.07
CA THR M 99 -46.86 -74.27 -11.52
C THR M 99 -46.97 -74.29 -13.03
N LEU M 100 -48.20 -74.17 -13.54
CA LEU M 100 -48.43 -74.21 -14.97
C LEU M 100 -48.49 -72.84 -15.61
N ARG M 101 -48.76 -71.80 -14.83
CA ARG M 101 -48.83 -70.44 -15.36
C ARG M 101 -48.27 -69.47 -14.34
N ALA M 102 -47.19 -68.79 -14.69
CA ALA M 102 -46.56 -67.77 -13.86
C ALA M 102 -45.73 -66.87 -14.75
N ALA M 103 -44.93 -66.01 -14.14
CA ALA M 103 -44.05 -65.10 -14.89
C ALA M 103 -42.81 -64.82 -14.06
N VAL M 104 -41.70 -65.46 -14.42
CA VAL M 104 -40.51 -65.54 -13.58
C VAL M 104 -39.35 -64.81 -14.25
N PRO M 105 -38.56 -64.01 -13.51
CA PRO M 105 -37.33 -63.44 -14.09
C PRO M 105 -36.35 -64.50 -14.52
N ILE M 106 -35.57 -64.17 -15.56
CA ILE M 106 -34.72 -65.19 -16.21
C ILE M 106 -33.48 -65.53 -15.42
N GLU M 107 -33.13 -64.76 -14.39
CA GLU M 107 -31.94 -65.05 -13.61
C GLU M 107 -32.17 -66.17 -12.60
N TYR M 108 -33.41 -66.54 -12.35
CA TYR M 108 -33.75 -67.51 -11.33
C TYR M 108 -34.00 -68.90 -11.90
N VAL M 109 -33.75 -69.10 -13.19
CA VAL M 109 -34.09 -70.34 -13.88
C VAL M 109 -32.81 -70.94 -14.43
N GLN M 110 -32.35 -72.01 -13.79
CA GLN M 110 -31.16 -72.74 -14.24
C GLN M 110 -31.49 -74.22 -14.29
N GLN M 111 -31.19 -74.86 -15.42
CA GLN M 111 -31.43 -76.30 -15.52
C GLN M 111 -30.31 -77.09 -14.85
N GLY M 112 -29.09 -76.98 -15.37
CA GLY M 112 -28.03 -77.84 -14.90
C GLY M 112 -27.59 -77.54 -13.49
N ILE M 113 -27.09 -78.59 -12.81
CA ILE M 113 -26.49 -78.40 -11.50
C ILE M 113 -25.20 -77.63 -11.63
N GLU M 114 -24.45 -77.88 -12.70
CA GLU M 114 -23.28 -77.06 -13.05
C GLU M 114 -23.75 -75.85 -13.85
N ALA M 115 -24.46 -74.96 -13.14
CA ALA M 115 -24.92 -73.70 -13.68
C ALA M 115 -24.99 -72.79 -12.47
N PRO M 116 -24.38 -71.62 -12.53
CA PRO M 116 -24.34 -70.73 -11.36
C PRO M 116 -25.70 -70.16 -11.05
N PRO M 117 -26.04 -70.01 -9.77
CA PRO M 117 -27.32 -69.40 -9.41
C PRO M 117 -27.29 -67.91 -9.67
N LEU M 118 -28.51 -67.33 -9.73
CA LEU M 118 -28.76 -65.91 -9.93
C LEU M 118 -28.17 -65.39 -11.24
N GLN M 119 -28.14 -66.24 -12.26
CA GLN M 119 -27.63 -65.89 -13.57
C GLN M 119 -28.55 -66.48 -14.63
N PRO M 120 -28.63 -65.83 -15.79
CA PRO M 120 -29.40 -66.42 -16.89
C PRO M 120 -28.74 -67.67 -17.44
N ASP M 121 -29.58 -68.60 -17.93
CA ASP M 121 -29.10 -69.87 -18.43
C ASP M 121 -29.18 -69.85 -19.95
N PRO M 122 -28.05 -69.87 -20.66
CA PRO M 122 -28.11 -69.83 -22.13
C PRO M 122 -28.62 -71.11 -22.77
N ALA M 123 -28.72 -72.22 -22.03
CA ALA M 123 -29.34 -73.40 -22.58
C ALA M 123 -30.86 -73.27 -22.63
N VAL M 124 -31.45 -72.59 -21.64
CA VAL M 124 -32.89 -72.34 -21.65
C VAL M 124 -33.23 -71.29 -22.69
N LEU M 125 -32.42 -70.23 -22.78
CA LEU M 125 -32.68 -69.12 -23.70
C LEU M 125 -32.56 -69.53 -25.15
N ASN M 126 -31.69 -70.50 -25.45
CA ASN M 126 -31.57 -70.98 -26.82
C ASN M 126 -32.79 -71.80 -27.22
N ALA M 127 -33.34 -72.57 -26.29
CA ALA M 127 -34.44 -73.48 -26.59
C ALA M 127 -35.79 -72.94 -26.15
N ALA M 128 -35.85 -71.68 -25.72
CA ALA M 128 -37.11 -71.10 -25.28
C ALA M 128 -38.26 -71.05 -26.31
N PRO M 129 -38.05 -70.95 -27.62
CA PRO M 129 -39.20 -71.15 -28.53
C PRO M 129 -39.83 -72.54 -28.47
N GLN M 130 -39.05 -73.60 -28.63
CA GLN M 130 -39.64 -74.93 -28.62
C GLN M 130 -39.90 -75.46 -27.22
N LEU M 131 -39.58 -74.71 -26.17
CA LEU M 131 -40.06 -75.01 -24.84
C LEU M 131 -41.39 -74.32 -24.54
N LYS M 132 -41.93 -73.59 -25.52
CA LYS M 132 -43.15 -72.76 -25.39
C LYS M 132 -43.01 -71.73 -24.27
N LEU M 133 -41.80 -71.22 -24.09
CA LEU M 133 -41.52 -70.05 -23.27
C LEU M 133 -41.43 -68.81 -24.14
N LYS M 134 -41.53 -67.65 -23.52
CA LYS M 134 -41.33 -66.41 -24.25
C LYS M 134 -40.69 -65.38 -23.33
N VAL M 135 -39.56 -64.84 -23.77
CA VAL M 135 -38.78 -63.90 -22.97
C VAL M 135 -39.22 -62.48 -23.35
N ILE M 136 -39.88 -61.80 -22.42
CA ILE M 136 -40.28 -60.42 -22.62
C ILE M 136 -39.77 -59.62 -21.43
N LYS M 137 -38.75 -58.78 -21.69
CA LYS M 137 -38.17 -57.85 -20.71
C LYS M 137 -37.60 -58.57 -19.49
N GLY M 138 -36.77 -59.57 -19.74
CA GLY M 138 -36.08 -60.27 -18.68
C GLY M 138 -36.95 -61.18 -17.84
N HIS M 139 -38.10 -61.58 -18.35
CA HIS M 139 -39.00 -62.48 -17.65
C HIS M 139 -39.47 -63.56 -18.60
N TYR M 140 -39.71 -64.75 -18.06
CA TYR M 140 -40.31 -65.83 -18.84
C TYR M 140 -41.82 -65.78 -18.66
N PHE M 141 -42.55 -65.81 -19.77
CA PHE M 141 -44.00 -65.91 -19.75
C PHE M 141 -44.38 -67.30 -20.24
N PHE M 142 -45.11 -68.04 -19.41
CA PHE M 142 -45.49 -69.39 -19.79
C PHE M 142 -46.88 -69.71 -19.23
N ASP M 143 -47.65 -70.43 -20.02
CA ASP M 143 -48.92 -71.01 -19.60
C ASP M 143 -49.01 -72.35 -20.31
N TYR M 144 -49.04 -73.43 -19.54
CA TYR M 144 -49.06 -74.76 -20.11
C TYR M 144 -50.45 -75.39 -20.09
N THR M 145 -51.46 -74.61 -19.74
CA THR M 145 -52.83 -75.04 -19.99
C THR M 145 -53.19 -74.91 -21.46
N ARG M 146 -52.57 -73.96 -22.17
CA ARG M 146 -52.83 -73.80 -23.59
C ARG M 146 -52.04 -74.84 -24.37
N ASP N 2 69.49 23.22 51.27
CA ASP N 2 69.49 22.15 52.26
C ASP N 2 69.18 22.70 53.63
N LYS N 3 67.90 22.86 53.95
CA LYS N 3 67.51 23.37 55.26
C LYS N 3 66.62 22.40 56.02
N ILE N 4 66.35 21.21 55.47
CA ILE N 4 65.54 20.20 56.13
C ILE N 4 66.28 18.87 56.02
N GLN N 5 66.47 18.21 57.16
CA GLN N 5 66.98 16.86 57.19
C GLN N 5 65.82 15.90 57.26
N LEU N 6 65.84 14.86 56.43
CA LEU N 6 64.82 13.83 56.47
C LEU N 6 65.14 12.86 57.60
N PHE N 7 64.26 11.88 57.81
CA PHE N 7 64.48 10.90 58.88
C PHE N 7 65.67 10.01 58.58
N ARG N 8 66.57 9.90 59.56
CA ARG N 8 67.63 8.93 59.55
C ARG N 8 67.69 8.29 60.93
N THR N 9 68.04 7.01 60.98
CA THR N 9 68.01 6.29 62.23
C THR N 9 69.25 6.59 63.06
N ILE N 10 69.08 6.52 64.38
CA ILE N 10 70.17 6.75 65.33
C ILE N 10 70.48 5.48 66.11
N GLY N 11 69.53 4.98 66.87
CA GLY N 11 69.74 3.85 67.75
C GLY N 11 69.42 2.52 67.09
N ARG N 12 70.18 1.50 67.46
CA ARG N 12 70.05 0.15 66.89
C ARG N 12 70.28 -0.84 68.03
N VAL N 13 69.21 -1.27 68.68
CA VAL N 13 69.29 -2.19 69.81
C VAL N 13 68.64 -3.50 69.41
N GLN N 14 69.39 -4.60 69.54
CA GLN N 14 68.87 -5.95 69.33
C GLN N 14 68.96 -6.72 70.63
N TYR N 15 67.84 -7.31 71.06
CA TYR N 15 67.80 -8.06 72.31
C TYR N 15 67.47 -9.52 72.02
N TRP N 16 68.49 -10.36 71.99
CA TRP N 16 68.35 -11.79 71.81
C TRP N 16 68.01 -12.48 73.12
N GLU N 17 67.84 -13.79 73.06
CA GLU N 17 67.64 -14.63 74.24
C GLU N 17 68.94 -15.36 74.55
N ARG N 18 68.95 -16.06 75.67
CA ARG N 18 70.20 -16.68 76.10
C ARG N 18 70.36 -18.05 75.47
N VAL N 19 71.61 -18.52 75.46
CA VAL N 19 71.99 -19.80 74.87
C VAL N 19 71.28 -20.94 75.59
N PRO N 20 70.45 -21.72 74.90
CA PRO N 20 69.73 -22.80 75.57
C PRO N 20 70.64 -23.98 75.85
N ARG N 21 70.27 -24.73 76.89
CA ARG N 21 71.03 -25.93 77.23
C ARG N 21 70.06 -26.95 77.81
N LEU N 22 70.47 -28.22 77.75
CA LEU N 22 69.66 -29.31 78.30
C LEU N 22 69.50 -29.18 79.80
N HIS N 23 68.25 -29.14 80.25
CA HIS N 23 67.91 -29.07 81.66
C HIS N 23 68.40 -30.30 82.42
N ALA N 24 68.19 -31.48 81.85
CA ALA N 24 68.40 -32.71 82.59
C ALA N 24 69.86 -33.16 82.64
N TYR N 25 70.76 -32.47 81.95
CA TYR N 25 72.14 -32.94 81.91
C TYR N 25 72.97 -32.44 83.09
N GLY N 26 72.66 -31.26 83.61
CA GLY N 26 73.32 -30.77 84.79
C GLY N 26 74.36 -29.70 84.50
N VAL N 27 74.68 -28.93 85.53
CA VAL N 27 75.57 -27.77 85.42
C VAL N 27 76.75 -28.02 86.33
N PHE N 28 77.93 -27.55 85.91
CA PHE N 28 79.07 -27.45 86.81
C PHE N 28 79.97 -26.35 86.30
N ALA N 29 80.14 -25.29 87.09
CA ALA N 29 80.84 -24.10 86.64
C ALA N 29 81.72 -23.56 87.75
N LEU N 30 82.92 -23.12 87.39
CA LEU N 30 83.88 -22.55 88.32
C LEU N 30 84.46 -21.26 87.77
N PRO N 31 84.59 -20.23 88.60
CA PRO N 31 85.17 -18.96 88.14
C PRO N 31 86.69 -19.05 88.04
N PHE N 32 87.22 -18.66 86.87
CA PHE N 32 88.65 -18.60 86.63
C PHE N 32 89.09 -17.18 86.31
N PRO N 33 90.34 -16.83 86.58
CA PRO N 33 90.86 -15.53 86.15
C PRO N 33 91.11 -15.49 84.66
N MET N 34 91.04 -14.29 84.09
CA MET N 34 91.15 -14.08 82.66
C MET N 34 92.55 -13.62 82.28
N ASP N 35 92.96 -13.95 81.06
CA ASP N 35 94.27 -13.54 80.56
C ASP N 35 94.22 -12.07 80.14
N PRO N 36 95.09 -11.21 80.67
CA PRO N 36 95.09 -9.81 80.23
C PRO N 36 95.64 -9.60 78.84
N ASP N 37 96.43 -10.53 78.30
CA ASP N 37 96.97 -10.36 76.96
C ASP N 37 95.93 -10.57 75.87
N VAL N 38 94.78 -11.15 76.20
CA VAL N 38 93.73 -11.42 75.23
C VAL N 38 92.85 -10.19 75.11
N GLU N 39 92.60 -9.75 73.89
CA GLU N 39 91.62 -8.70 73.67
C GLU N 39 90.22 -9.28 73.84
N TRP N 40 89.65 -9.16 75.02
CA TRP N 40 88.34 -9.75 75.30
C TRP N 40 87.19 -8.94 74.75
N GLY N 41 87.46 -7.84 74.04
CA GLY N 41 86.37 -7.03 73.52
C GLY N 41 85.67 -7.69 72.34
N ASN N 42 86.45 -8.22 71.40
CA ASN N 42 85.85 -8.83 70.22
C ASN N 42 85.39 -10.26 70.46
N TRP N 43 85.58 -10.81 71.66
CA TRP N 43 85.00 -12.08 72.02
C TRP N 43 83.64 -11.94 72.63
N PHE N 44 83.40 -10.85 73.35
CA PHE N 44 82.08 -10.53 73.88
C PHE N 44 81.35 -9.51 73.05
N ALA N 45 81.81 -9.27 71.82
CA ALA N 45 81.18 -8.32 70.92
C ALA N 45 79.99 -8.97 70.21
N GLY N 46 78.88 -8.25 70.14
CA GLY N 46 77.71 -8.73 69.45
C GLY N 46 76.56 -9.00 70.40
N PRO N 47 75.33 -8.82 69.91
CA PRO N 47 74.16 -9.18 70.72
C PRO N 47 73.79 -10.65 70.61
N HIS N 48 74.47 -11.40 69.75
CA HIS N 48 74.04 -12.75 69.41
C HIS N 48 74.32 -13.71 70.55
N PRO N 49 73.53 -14.77 70.67
CA PRO N 49 73.89 -15.86 71.60
C PRO N 49 75.12 -16.60 71.08
N LYS N 50 76.15 -16.68 71.92
CA LYS N 50 77.38 -17.33 71.50
C LYS N 50 78.04 -17.99 72.69
N ALA N 51 78.59 -19.17 72.47
CA ALA N 51 79.53 -19.80 73.38
C ALA N 51 80.88 -19.93 72.69
N PHE N 52 81.93 -20.07 73.50
CA PHE N 52 83.25 -20.36 72.96
C PHE N 52 84.08 -21.08 74.02
N LEU N 53 84.99 -21.91 73.54
CA LEU N 53 85.86 -22.72 74.39
C LEU N 53 87.01 -21.89 74.94
N VAL N 54 87.41 -22.19 76.16
CA VAL N 54 88.58 -21.58 76.75
C VAL N 54 89.56 -22.67 77.18
N SER N 55 90.84 -22.39 77.03
CA SER N 55 91.91 -23.21 77.57
C SER N 55 92.45 -22.56 78.83
N VAL N 56 93.45 -23.19 79.43
CA VAL N 56 94.08 -22.66 80.63
C VAL N 56 95.59 -22.84 80.51
N HIS N 57 96.34 -21.86 80.97
CA HIS N 57 97.78 -21.97 81.02
C HIS N 57 98.16 -22.92 82.15
N PRO N 58 98.82 -24.05 81.87
CA PRO N 58 99.12 -25.00 82.94
C PRO N 58 100.31 -24.59 83.79
N SER N 59 101.17 -23.71 83.30
CA SER N 59 102.36 -23.30 84.03
C SER N 59 102.71 -21.88 83.62
N GLY N 60 103.92 -21.45 83.96
CA GLY N 60 104.44 -20.18 83.54
C GLY N 60 103.94 -19.02 84.38
N PRO N 61 104.19 -17.79 83.92
CA PRO N 61 103.79 -16.61 84.69
C PRO N 61 102.31 -16.31 84.63
N LYS N 62 101.55 -16.96 83.75
CA LYS N 62 100.12 -16.71 83.61
C LYS N 62 99.30 -17.95 83.92
N ALA N 63 99.81 -18.81 84.81
CA ALA N 63 99.17 -20.08 85.11
C ALA N 63 97.86 -19.87 85.84
N GLY N 64 96.84 -20.62 85.45
CA GLY N 64 95.51 -20.49 86.01
C GLY N 64 94.65 -19.45 85.35
N HIS N 65 95.12 -18.82 84.27
CA HIS N 65 94.35 -17.83 83.53
C HIS N 65 93.77 -18.48 82.28
N VAL N 66 92.55 -18.09 81.93
CA VAL N 66 91.88 -18.64 80.75
C VAL N 66 92.08 -17.71 79.57
N TYR N 67 92.08 -18.32 78.38
CA TYR N 67 92.21 -17.65 77.11
C TYR N 67 91.44 -18.50 76.10
N PRO N 68 90.91 -17.91 75.03
CA PRO N 68 90.13 -18.70 74.07
C PRO N 68 91.01 -19.69 73.34
N THR N 69 90.39 -20.80 72.95
CA THR N 69 91.14 -21.97 72.49
C THR N 69 91.63 -21.75 71.07
N ASP N 70 92.95 -21.80 70.89
CA ASP N 70 93.57 -21.83 69.58
C ASP N 70 93.41 -23.24 69.02
N LEU N 71 92.52 -23.40 68.03
CA LEU N 71 92.30 -24.73 67.47
C LEU N 71 93.45 -25.19 66.58
N SER N 72 94.30 -24.28 66.15
CA SER N 72 95.48 -24.65 65.36
C SER N 72 96.66 -25.06 66.22
N ASP N 73 96.54 -24.97 67.55
CA ASP N 73 97.60 -25.36 68.46
C ASP N 73 97.19 -26.63 69.19
N PRO N 74 97.94 -27.73 69.05
CA PRO N 74 97.59 -28.95 69.80
C PRO N 74 97.76 -28.82 71.30
N ASP N 75 98.61 -27.90 71.78
CA ASP N 75 98.76 -27.72 73.22
C ASP N 75 97.55 -27.01 73.81
N SER N 76 96.98 -26.05 73.09
CA SER N 76 95.79 -25.36 73.57
C SER N 76 94.54 -26.22 73.45
N VAL N 77 94.54 -27.19 72.55
CA VAL N 77 93.45 -28.15 72.48
C VAL N 77 93.52 -29.12 73.66
N ALA N 78 94.73 -29.51 74.05
CA ALA N 78 94.91 -30.44 75.16
C ALA N 78 94.64 -29.81 76.52
N ASN N 79 94.46 -28.50 76.61
CA ASN N 79 94.28 -27.80 77.87
C ASN N 79 92.91 -27.15 77.99
N VAL N 80 91.92 -27.62 77.21
CA VAL N 80 90.59 -27.02 77.26
C VAL N 80 89.91 -27.36 78.58
N ILE N 81 89.08 -26.44 79.07
CA ILE N 81 88.53 -26.59 80.41
C ILE N 81 87.02 -26.36 80.40
N GLY N 82 86.50 -25.79 79.34
CA GLY N 82 85.06 -25.62 79.26
C GLY N 82 84.67 -24.53 78.28
N MET N 83 83.48 -23.99 78.49
CA MET N 83 82.89 -22.96 77.65
C MET N 83 82.45 -21.77 78.47
N VAL N 84 82.51 -20.59 77.85
CA VAL N 84 81.90 -19.38 78.40
C VAL N 84 80.55 -19.22 77.72
N LEU N 85 79.49 -19.18 78.51
CA LEU N 85 78.13 -19.12 77.99
C LEU N 85 77.57 -17.72 78.25
N ASP N 86 77.31 -16.98 77.16
CA ASP N 86 76.65 -15.66 77.20
C ASP N 86 77.43 -14.65 78.04
N GLY N 87 78.60 -14.28 77.51
CA GLY N 87 79.65 -13.54 78.18
C GLY N 87 79.30 -12.33 79.04
N HIS N 88 80.12 -12.10 80.05
CA HIS N 88 79.82 -11.18 81.14
C HIS N 88 80.48 -9.83 80.89
N ASP N 89 80.41 -8.96 81.88
CA ASP N 89 81.06 -7.65 81.84
C ASP N 89 82.57 -7.84 81.97
N TYR N 90 83.26 -7.88 80.84
CA TYR N 90 84.71 -8.08 80.85
C TYR N 90 85.47 -6.84 81.29
N GLU N 91 84.81 -5.69 81.31
CA GLU N 91 85.48 -4.43 81.58
C GLU N 91 85.50 -4.11 83.07
N ALA N 92 84.40 -4.41 83.78
CA ALA N 92 84.36 -4.14 85.21
C ALA N 92 84.99 -5.26 86.03
N ASP N 93 85.04 -6.47 85.49
CA ASP N 93 85.57 -7.62 86.20
C ASP N 93 86.45 -8.41 85.24
N HIS N 94 87.43 -9.12 85.80
CA HIS N 94 88.35 -9.92 85.01
C HIS N 94 88.38 -11.36 85.46
N ASN N 95 87.24 -11.86 85.96
CA ASN N 95 87.13 -13.22 86.48
C ASN N 95 85.85 -13.82 85.89
N VAL N 96 86.01 -14.68 84.90
CA VAL N 96 84.87 -15.21 84.16
C VAL N 96 84.46 -16.55 84.75
N THR N 97 83.15 -16.81 84.75
CA THR N 97 82.61 -18.10 85.13
C THR N 97 82.65 -19.03 83.92
N VAL N 98 83.47 -20.08 84.00
CA VAL N 98 83.59 -21.07 82.94
C VAL N 98 82.71 -22.26 83.29
N THR N 99 81.82 -22.63 82.37
CA THR N 99 81.01 -23.83 82.55
C THR N 99 81.83 -25.05 82.16
N LEU N 100 81.96 -25.99 83.09
CA LEU N 100 82.75 -27.20 82.85
C LEU N 100 81.91 -28.40 82.45
N ARG N 101 80.58 -28.31 82.57
CA ARG N 101 79.72 -29.44 82.25
C ARG N 101 78.33 -28.92 81.89
N ALA N 102 77.97 -29.03 80.61
CA ALA N 102 76.66 -28.66 80.12
C ALA N 102 76.42 -29.35 78.78
N ALA N 103 75.28 -29.06 78.18
CA ALA N 103 74.88 -29.66 76.90
C ALA N 103 74.29 -28.58 76.02
N VAL N 104 75.03 -28.18 74.99
CA VAL N 104 74.73 -26.97 74.21
C VAL N 104 74.52 -27.37 72.75
N PRO N 105 73.54 -26.79 72.05
CA PRO N 105 73.41 -27.02 70.60
C PRO N 105 74.61 -26.53 69.82
N ILE N 106 74.78 -27.10 68.63
CA ILE N 106 75.97 -26.82 67.83
C ILE N 106 75.91 -25.49 67.10
N GLU N 107 74.75 -24.84 67.09
CA GLU N 107 74.58 -23.58 66.38
C GLU N 107 75.09 -22.39 67.16
N TYR N 108 75.51 -22.58 68.41
CA TYR N 108 75.81 -21.47 69.30
C TYR N 108 77.27 -21.41 69.70
N VAL N 109 78.13 -22.20 69.08
CA VAL N 109 79.54 -22.30 69.46
C VAL N 109 80.37 -21.94 68.25
N GLN N 110 81.03 -20.78 68.29
CA GLN N 110 81.95 -20.36 67.24
C GLN N 110 83.28 -19.98 67.87
N GLN N 111 84.37 -20.41 67.24
CA GLN N 111 85.71 -20.01 67.68
C GLN N 111 86.20 -18.76 66.96
N GLY N 112 86.13 -18.75 65.63
CA GLY N 112 86.61 -17.61 64.89
C GLY N 112 85.71 -16.40 65.10
N ILE N 113 86.32 -15.22 65.14
CA ILE N 113 85.54 -13.99 65.12
C ILE N 113 84.89 -13.83 63.75
N GLU N 114 85.59 -14.28 62.70
CA GLU N 114 85.02 -14.38 61.36
C GLU N 114 84.28 -15.71 61.21
N ALA N 115 83.19 -15.83 61.97
CA ALA N 115 82.31 -16.97 61.91
C ALA N 115 80.91 -16.41 62.15
N PRO N 116 79.94 -16.74 61.30
CA PRO N 116 78.61 -16.17 61.46
C PRO N 116 77.93 -16.75 62.68
N PRO N 117 77.10 -15.96 63.36
CA PRO N 117 76.31 -16.50 64.47
C PRO N 117 75.20 -17.39 63.97
N LEU N 118 74.67 -18.19 64.91
CA LEU N 118 73.54 -19.12 64.69
C LEU N 118 73.85 -20.18 63.63
N GLN N 119 75.12 -20.47 63.41
CA GLN N 119 75.54 -21.48 62.46
C GLN N 119 76.58 -22.38 63.08
N PRO N 120 76.62 -23.65 62.69
CA PRO N 120 77.65 -24.55 63.23
C PRO N 120 79.04 -24.18 62.72
N ASP N 121 79.99 -24.11 63.64
CA ASP N 121 81.38 -23.85 63.29
C ASP N 121 82.01 -25.15 62.83
N PRO N 122 82.43 -25.26 61.56
CA PRO N 122 82.98 -26.54 61.09
C PRO N 122 84.34 -26.88 61.67
N ALA N 123 85.06 -25.90 62.20
CA ALA N 123 86.33 -26.20 62.86
C ALA N 123 86.11 -26.84 64.22
N VAL N 124 85.01 -26.51 64.89
CA VAL N 124 84.72 -27.12 66.18
C VAL N 124 84.20 -28.54 66.00
N LEU N 125 83.37 -28.77 64.96
CA LEU N 125 82.91 -30.11 64.65
C LEU N 125 84.03 -31.03 64.20
N ASN N 126 85.04 -30.48 63.53
CA ASN N 126 86.13 -31.30 63.02
C ASN N 126 87.07 -31.72 64.15
N ALA N 127 87.30 -30.86 65.13
CA ALA N 127 88.20 -31.16 66.23
C ALA N 127 87.49 -31.68 67.45
N ALA N 128 86.18 -31.89 67.37
CA ALA N 128 85.41 -32.43 68.50
C ALA N 128 85.86 -33.80 69.03
N PRO N 129 86.48 -34.71 68.28
CA PRO N 129 87.14 -35.85 68.96
C PRO N 129 88.22 -35.47 69.95
N GLN N 130 89.14 -34.59 69.57
CA GLN N 130 90.23 -34.23 70.47
C GLN N 130 89.93 -33.03 71.35
N LEU N 131 88.73 -32.45 71.24
CA LEU N 131 88.26 -31.44 72.17
C LEU N 131 87.41 -32.02 73.29
N LYS N 132 87.27 -33.35 73.33
CA LYS N 132 86.41 -34.08 74.26
C LYS N 132 84.95 -33.62 74.16
N LEU N 133 84.48 -33.45 72.94
CA LEU N 133 83.10 -33.10 72.66
C LEU N 133 82.39 -34.28 72.02
N LYS N 134 81.14 -34.49 72.41
CA LYS N 134 80.34 -35.60 71.90
C LYS N 134 79.09 -34.99 71.24
N VAL N 135 78.99 -35.14 69.93
CA VAL N 135 77.89 -34.56 69.17
C VAL N 135 76.77 -35.60 69.09
N ILE N 136 75.66 -35.34 69.79
CA ILE N 136 74.50 -36.21 69.80
C ILE N 136 73.28 -35.34 69.56
N LYS N 137 72.54 -35.65 68.48
CA LYS N 137 71.28 -34.99 68.11
C LYS N 137 71.47 -33.49 67.88
N GLY N 138 72.62 -33.12 67.32
CA GLY N 138 72.93 -31.73 67.10
C GLY N 138 73.21 -30.94 68.36
N HIS N 139 73.87 -31.55 69.35
CA HIS N 139 74.20 -30.92 70.61
C HIS N 139 75.58 -31.36 71.05
N TYR N 140 76.36 -30.44 71.61
CA TYR N 140 77.65 -30.78 72.19
C TYR N 140 77.45 -31.23 73.63
N PHE N 141 77.99 -32.39 73.96
CA PHE N 141 78.07 -32.86 75.33
C PHE N 141 79.52 -32.77 75.79
N PHE N 142 79.76 -32.06 76.89
CA PHE N 142 81.10 -31.91 77.40
C PHE N 142 81.08 -31.95 78.93
N ASP N 143 82.16 -32.48 79.47
CA ASP N 143 82.41 -32.51 80.91
C ASP N 143 83.91 -32.57 81.08
N TYR N 144 84.48 -31.55 81.70
CA TYR N 144 85.93 -31.47 81.85
C TYR N 144 86.37 -31.73 83.28
N THR N 145 85.45 -32.12 84.15
CA THR N 145 85.85 -32.68 85.45
C THR N 145 86.49 -34.05 85.27
N ARG N 146 86.07 -34.80 84.26
CA ARG N 146 86.71 -36.07 83.95
C ARG N 146 87.92 -35.82 83.07
#